data_8RJA
#
_entry.id   8RJA
#
_cell.length_a   107.627
_cell.length_b   135.636
_cell.length_c   149.902
_cell.angle_alpha   90.00
_cell.angle_beta   90.49
_cell.angle_gamma   90.00
#
_symmetry.space_group_name_H-M   'P 1 21 1'
#
loop_
_entity.id
_entity.type
_entity.pdbx_description
1 polymer 'Formylmethanofuran dehydrogenase subunit A'
2 polymer 'Formylmethanofuran dehydrogenase subunit B'
3 polymer 'formylmethanofuran dehydrogenase'
4 polymer 'Formylmethanofuran dehydrogenase subunit D'
5 polymer 'Coenzyme F420 hydrogenase/dehydrogenase, beta subunit C terminus'
6 polymer 'NAD(P)H-quinone oxidoreductase subunit I, chloroplastic'
7 non-polymer 'ZINC ION'
8 non-polymer DI(HYDROXYETHYL)ETHER
9 non-polymer GLYCEROL
10 non-polymer 'ACETATE ION'
11 non-polymer 2-{2-[2-(2-{2-[2-(2-ETHOXY-ETHOXY)-ETHOXY]-ETHOXY}-ETHOXY)-ETHOXY]-ETHOXY}-ETHANOL
12 non-polymer 1,2-ETHANEDIOL
13 non-polymer 'CHLORIDE ION'
14 non-polymer 'IRON/SULFUR CLUSTER'
15 non-polymer 'TUNGSTEN ION'
16 non-polymer '2-AMINO-5,6-DIMERCAPTO-7-METHYL-3,7,8A,9-TETRAHYDRO-8-OXA-1,3,9,10-TETRAAZA-ANTHRACEN-4-ONE GUANOSINE DINUCLEOTIDE'
17 non-polymer 'HYDROSULFURIC ACID'
18 non-polymer 'FLAVIN-ADENINE DINUCLEOTIDE'
19 non-polymer 'SODIUM ION'
20 non-polymer 'TETRAETHYLENE GLYCOL'
21 water water
#
loop_
_entity_poly.entity_id
_entity_poly.type
_entity_poly.pdbx_seq_one_letter_code
_entity_poly.pdbx_strand_id
1 'polypeptide(L)'
;MSELLIKNGKVFDPINGVKGDLMDIAIKDGKIVESVSSGAKVIDASGMTVMAGGVDAHSHIAGGKVNVGRIMRPDDGRSG
LKPRTKITRPCSGYTVPNTFAMGYRYAELGYTTAFEAAIPILKARHTHEEFEDIPIIDKGGLTLFGSNWQVMDAVREGDL
EKLAAYVAWGLRASRGYGV(KCX)IVNPGGGEAWGFGKNVRGLDDPVPGFDVTPSEIILALARANEMLNLPHSIHLHCNR
LGTPGNYETTIETMRRLEKIKPSRDRQVVHVTHVTFNAWGGTHFGNFESKADAVAEYLNKSDHVTIDMGQLIFGNATTMT
ADGPVQYANARLLGAKWGNGDVELEDASGVVPLFYMRKMYVHDIMWAIGLELALLTNDPWQVLLTTDHPNGGPFVNYPEV
IALLMSAKKREEEIAKLSDKMQERTCLSGIDREFDWYDIAIKTRAAHAKILGLHEYGKGHLGVGADGDVTIYNINTESVD
PSVEHAAVKKAFQLPAYTIKGGEIVAKEGEITATPTGRTFWVDARVPEEYTTRMMKDLEWKFRKYYSVKMANYMVQDEYV
QHPVVLEAGVN
;
A,G
2 'polypeptide(L)'
;MVEITDAICSFCGSLCDDLTVKVEDNRIVDVRRACRLGAKKILGHERIPAPMIRDGSGELVEASYDEAIDRAAEILAGSK
RPLLYGWASTSCEAQSKGILLAEIIGGVIDNTASVCHGPSTLAVQEKGLPTASLGQMKNRADLVIFWGCNPVHAHPRHMS
RYSVYKKGFFLDRGRQNRKFVTVDVRMTDTAAISDEFIQIEQGSDYLIVSAIRALVNGKGDVVPETVAGVPKEELARVAE
MMTSCRFGMILYGMGLTQSRSKYKNIDIALSLINDLNTKTKFVITPMRGHYNVTGFGQVCSWQTGFPTVDLARGVPYYNP
GEMSANDLLMRDEVDSAMIIAGDAGAHFPAASIRNLAKVPLVQIDPYPNATTELANVVIPAAIVGIECEGTAYRMDGVSL
RMRKLVESDYLSDEEILDRIIEKVRVIKGE
;
B,H
3 'polypeptide(L)'
;MQTVTLTPRKSSKISVEAETITPDNFAGKTVEEIEKVTVWEGNNKTTLGEFFEVALDGSDTPENTKIVIEGSIPRVKRVG
EGMSAGIILINGDVDMHVGAKMRGGRITVKGNADSWAGREMKGGELIIEGNAEYYLGAGYRGESCGMRGGRITVFGNARD
YVGEHMCGGEIIIKGNAGLMPGISNNGGKIIIEGNTTMPGGEMKKGTIIINGRVDELVPVYQQEEDEELDGVSYKKYTGD
VVAGGKGTLYIKA
;
C,I
4 'polypeptide(L)'
;MKRDVNIVTGRTIKQGADIENKLSREYFEACARCEVGPEDLRALGISEGSNVRISTDFGSVVVPVALCEGNPTGIVFIPM
GPWANAVVNPDTHGCGMPGFKGVPGTIEPTDDTPLDLKSLMKLYKE
;
D,J
5 'polypeptide(L)'
;MMNGYDQLVEEVIDAGICVSCGNCAAVCPLQYISMEEKKPVQDREKRDEIEKRSGLACNDCNLCAMSCPRIEPTYFWQKR
ELKRMEHEGEVKAARTTYKPIQDVCQDGGIVTTLFKYLLDSGRVDGVVVSQYNGDYNPVPVLAKREDDLLRAAGTRYTVS
PAYSPLTDIKQLKDDGYERIAIVGTPCQIYALRKTQAIYNSQRLLIPHNIITFAIGLFCAEEFDDRILQDLEVDIADVTG
FDVKKEGLIISLKSGEKKIIPHEDLEEYVREGCKICSDFNSPYADISVGSVGSPPGWSTVIVRTETGREIYQKLLEKGLI
EETTVDEKGLKLIDKMAQKKINNAQTKIKERSNKESEEE
;
E,K
6 'polypeptide(L)'
;MANQMSFKKVKVSEECVGCGVCETVCPVNNLLEDGAEFDPDRAKLAIKVTNGEAAVDEEVCLTCGTCTFNCPSGAVYAEY
EPRAS
;
F,L
#
# COMPACT_ATOMS: atom_id res chain seq x y z
N SER A 2 -75.97 -9.27 -18.76
CA SER A 2 -76.43 -9.37 -20.15
C SER A 2 -76.37 -8.02 -20.86
N GLU A 3 -77.05 -6.98 -20.34
CA GLU A 3 -77.03 -5.68 -20.99
C GLU A 3 -76.54 -4.59 -20.04
N LEU A 4 -75.68 -3.69 -20.54
CA LEU A 4 -75.15 -2.60 -19.75
C LEU A 4 -75.15 -1.32 -20.58
N LEU A 5 -75.48 -0.21 -19.94
CA LEU A 5 -75.49 1.08 -20.62
C LEU A 5 -74.69 2.09 -19.80
N ILE A 6 -73.69 2.67 -20.45
CA ILE A 6 -72.87 3.74 -19.81
C ILE A 6 -73.31 5.06 -20.47
N LYS A 7 -73.90 5.96 -19.69
CA LYS A 7 -74.47 7.20 -20.29
C LYS A 7 -73.89 8.50 -19.72
N ASN A 8 -73.93 9.59 -20.50
CA ASN A 8 -73.50 10.93 -20.01
C ASN A 8 -71.99 10.97 -19.78
N GLY A 9 -71.24 10.10 -20.44
CA GLY A 9 -69.78 10.10 -20.29
C GLY A 9 -69.15 10.77 -21.50
N LYS A 10 -67.92 11.26 -21.34
CA LYS A 10 -67.18 11.85 -22.49
C LYS A 10 -66.28 10.75 -23.07
N VAL A 11 -66.58 10.29 -24.29
CA VAL A 11 -65.82 9.20 -24.90
C VAL A 11 -64.62 9.67 -25.71
N PHE A 12 -63.48 9.04 -25.47
CA PHE A 12 -62.26 9.32 -26.26
C PHE A 12 -61.88 7.99 -26.95
N ASP A 13 -62.28 7.82 -28.20
CA ASP A 13 -62.03 6.60 -28.96
C ASP A 13 -61.24 6.95 -30.21
N PRO A 14 -59.90 7.07 -30.12
CA PRO A 14 -59.11 7.43 -31.30
C PRO A 14 -59.24 6.53 -32.53
N ILE A 15 -59.46 5.21 -32.33
CA ILE A 15 -59.59 4.28 -33.47
C ILE A 15 -60.73 4.74 -34.40
N ASN A 16 -61.83 5.23 -33.81
CA ASN A 16 -63.00 5.70 -34.57
C ASN A 16 -63.13 7.23 -34.62
N GLY A 17 -62.08 7.95 -34.24
CA GLY A 17 -62.07 9.40 -34.27
C GLY A 17 -63.04 10.11 -33.34
N VAL A 18 -63.36 9.53 -32.18
CA VAL A 18 -64.26 10.19 -31.23
C VAL A 18 -63.38 10.99 -30.26
N LYS A 19 -63.35 12.34 -30.43
CA LYS A 19 -62.54 13.22 -29.59
C LYS A 19 -63.36 13.89 -28.49
N GLY A 20 -63.63 13.14 -27.43
CA GLY A 20 -64.35 13.65 -26.28
C GLY A 20 -65.80 14.02 -26.58
N ASP A 21 -66.58 13.07 -27.08
CA ASP A 21 -67.99 13.31 -27.37
C ASP A 21 -68.84 12.75 -26.26
N LEU A 22 -69.92 13.45 -25.89
CA LEU A 22 -70.81 12.94 -24.88
C LEU A 22 -71.72 11.95 -25.60
N MET A 23 -71.39 10.65 -25.53
CA MET A 23 -72.15 9.59 -26.18
C MET A 23 -72.24 8.40 -25.23
N ASP A 24 -73.34 7.64 -25.33
CA ASP A 24 -73.54 6.48 -24.48
C ASP A 24 -72.92 5.24 -25.12
N ILE A 25 -72.47 4.31 -24.29
CA ILE A 25 -71.87 3.06 -24.75
C ILE A 25 -72.82 1.95 -24.30
N ALA A 26 -73.34 1.18 -25.26
CA ALA A 26 -74.28 0.09 -25.00
C ALA A 26 -73.63 -1.26 -25.24
N ILE A 27 -73.75 -2.20 -24.29
CA ILE A 27 -73.14 -3.53 -24.40
C ILE A 27 -74.16 -4.63 -24.16
N LYS A 28 -74.16 -5.67 -25.01
CA LYS A 28 -75.05 -6.82 -24.86
C LYS A 28 -74.25 -8.07 -25.11
N ASP A 29 -74.24 -8.99 -24.14
CA ASP A 29 -73.52 -10.25 -24.26
C ASP A 29 -72.05 -10.07 -24.60
N GLY A 30 -71.37 -9.22 -23.84
CA GLY A 30 -69.94 -8.96 -24.00
C GLY A 30 -69.49 -8.20 -25.22
N LYS A 31 -70.42 -7.60 -25.99
CA LYS A 31 -70.04 -6.86 -27.19
C LYS A 31 -70.75 -5.52 -27.29
N ILE A 32 -70.05 -4.51 -27.82
CA ILE A 32 -70.65 -3.18 -27.97
C ILE A 32 -71.69 -3.26 -29.06
N VAL A 33 -72.90 -2.76 -28.76
CA VAL A 33 -74.05 -2.78 -29.66
C VAL A 33 -74.59 -1.35 -29.88
N GLU A 34 -75.47 -1.16 -30.88
CA GLU A 34 -76.04 0.15 -31.16
C GLU A 34 -77.00 0.58 -30.06
N SER A 35 -77.74 -0.36 -29.48
CA SER A 35 -78.70 -0.03 -28.41
C SER A 35 -79.02 -1.24 -27.55
N VAL A 36 -79.47 -0.97 -26.30
CA VAL A 36 -79.86 -2.03 -25.35
C VAL A 36 -81.29 -1.75 -24.86
N SER A 37 -81.89 -2.75 -24.22
CA SER A 37 -83.29 -2.60 -23.75
C SER A 37 -83.39 -1.76 -22.49
N SER A 38 -84.61 -1.43 -22.06
CA SER A 38 -84.86 -0.62 -20.88
C SER A 38 -84.42 -1.31 -19.58
N GLY A 39 -84.41 -2.63 -19.57
CA GLY A 39 -84.00 -3.40 -18.39
C GLY A 39 -82.49 -3.48 -18.22
N ALA A 40 -81.71 -2.84 -19.10
CA ALA A 40 -80.26 -2.91 -19.00
C ALA A 40 -79.76 -2.22 -17.75
N LYS A 41 -78.66 -2.72 -17.18
CA LYS A 41 -78.08 -2.09 -16.00
C LYS A 41 -77.48 -0.77 -16.50
N VAL A 42 -77.55 0.29 -15.71
CA VAL A 42 -77.06 1.60 -16.13
C VAL A 42 -75.99 2.17 -15.22
N ILE A 43 -74.93 2.73 -15.82
CA ILE A 43 -73.86 3.41 -15.10
C ILE A 43 -73.97 4.86 -15.58
N ASP A 44 -74.27 5.82 -14.69
CA ASP A 44 -74.35 7.22 -15.08
C ASP A 44 -72.92 7.79 -14.97
N ALA A 45 -72.24 7.92 -16.10
CA ALA A 45 -70.85 8.41 -16.19
C ALA A 45 -70.78 9.93 -16.32
N SER A 46 -71.74 10.66 -15.73
CA SER A 46 -71.74 12.12 -15.78
C SER A 46 -70.49 12.66 -15.12
N GLY A 47 -69.79 13.54 -15.81
CA GLY A 47 -68.55 14.14 -15.32
C GLY A 47 -67.38 13.18 -15.31
N MET A 48 -67.49 12.05 -16.04
CA MET A 48 -66.44 11.04 -16.10
C MET A 48 -65.96 10.84 -17.54
N THR A 49 -64.78 10.25 -17.70
CA THR A 49 -64.16 10.03 -19.00
C THR A 49 -64.20 8.54 -19.36
N VAL A 50 -64.72 8.23 -20.55
CA VAL A 50 -64.83 6.85 -21.01
C VAL A 50 -63.83 6.56 -22.11
N MET A 51 -63.08 5.47 -21.96
CA MET A 51 -62.10 5.05 -22.96
C MET A 51 -62.22 3.55 -23.16
N ALA A 52 -61.62 3.03 -24.24
CA ALA A 52 -61.63 1.59 -24.48
C ALA A 52 -60.77 0.94 -23.38
N GLY A 53 -60.99 -0.35 -23.12
CA GLY A 53 -60.20 -1.05 -22.11
C GLY A 53 -58.72 -0.96 -22.44
N GLY A 54 -57.90 -0.73 -21.43
CA GLY A 54 -56.46 -0.60 -21.65
C GLY A 54 -55.84 -1.79 -22.34
N VAL A 55 -54.90 -1.54 -23.26
CA VAL A 55 -54.19 -2.59 -23.99
C VAL A 55 -52.70 -2.36 -23.82
N ASP A 56 -51.96 -3.40 -23.39
CA ASP A 56 -50.52 -3.30 -23.21
C ASP A 56 -49.82 -4.23 -24.22
N ALA A 57 -49.19 -3.67 -25.25
CA ALA A 57 -48.54 -4.45 -26.30
C ALA A 57 -47.13 -4.96 -26.01
N HIS A 58 -46.53 -4.56 -24.89
CA HIS A 58 -45.18 -5.05 -24.55
C HIS A 58 -44.96 -5.06 -23.06
N SER A 59 -45.08 -6.25 -22.46
CA SER A 59 -44.87 -6.42 -21.04
C SER A 59 -44.41 -7.85 -20.76
N HIS A 60 -43.62 -8.05 -19.70
CA HIS A 60 -43.13 -9.39 -19.33
C HIS A 60 -44.05 -9.85 -18.20
N ILE A 61 -45.13 -10.53 -18.59
CA ILE A 61 -46.17 -10.98 -17.67
C ILE A 61 -46.22 -12.48 -17.40
N ALA A 62 -45.52 -13.30 -18.19
CA ALA A 62 -45.57 -14.75 -17.98
C ALA A 62 -44.38 -15.46 -18.63
N GLY A 63 -44.04 -16.62 -18.11
CA GLY A 63 -42.94 -17.41 -18.65
C GLY A 63 -41.80 -17.65 -17.69
N GLY A 64 -40.77 -18.32 -18.19
CA GLY A 64 -39.59 -18.66 -17.42
C GLY A 64 -38.85 -17.47 -16.86
N LYS A 65 -38.68 -16.41 -17.67
CA LYS A 65 -37.95 -15.23 -17.20
C LYS A 65 -38.63 -14.58 -16.02
N VAL A 66 -39.97 -14.45 -16.05
CA VAL A 66 -40.69 -13.84 -14.95
C VAL A 66 -40.58 -14.73 -13.73
N ASN A 67 -40.75 -16.06 -13.90
CA ASN A 67 -40.67 -16.96 -12.76
C ASN A 67 -39.27 -17.01 -12.16
N VAL A 68 -38.24 -16.87 -13.00
CA VAL A 68 -36.85 -16.82 -12.49
C VAL A 68 -36.74 -15.58 -11.59
N GLY A 69 -37.28 -14.45 -12.03
CA GLY A 69 -37.27 -13.22 -11.24
C GLY A 69 -37.99 -13.43 -9.93
N ARG A 70 -39.14 -14.11 -9.94
CA ARG A 70 -39.90 -14.37 -8.72
C ARG A 70 -39.11 -15.26 -7.76
N ILE A 71 -38.47 -16.33 -8.28
CA ILE A 71 -37.71 -17.26 -7.44
C ILE A 71 -36.50 -16.56 -6.83
N MET A 72 -35.69 -15.88 -7.65
CA MET A 72 -34.51 -15.21 -7.15
C MET A 72 -34.81 -13.98 -6.28
N ARG A 73 -36.05 -13.44 -6.31
CA ARG A 73 -36.42 -12.26 -5.55
C ARG A 73 -37.52 -12.47 -4.50
N PRO A 74 -37.30 -13.29 -3.44
CA PRO A 74 -38.33 -13.42 -2.40
C PRO A 74 -38.56 -12.09 -1.68
N ASP A 75 -37.54 -11.20 -1.72
CA ASP A 75 -37.62 -9.86 -1.12
C ASP A 75 -38.66 -9.01 -1.88
N ASP A 76 -38.74 -9.18 -3.21
CA ASP A 76 -39.72 -8.47 -4.04
C ASP A 76 -41.10 -9.05 -3.76
N GLY A 77 -41.18 -10.37 -3.65
CA GLY A 77 -42.41 -11.09 -3.35
C GLY A 77 -43.02 -10.60 -2.06
N ARG A 78 -42.18 -10.50 -1.02
CA ARG A 78 -42.58 -10.06 0.31
C ARG A 78 -43.07 -8.60 0.33
N SER A 79 -42.54 -7.76 -0.55
CA SER A 79 -42.90 -6.34 -0.62
C SER A 79 -44.33 -6.06 -1.11
N GLY A 80 -44.94 -6.98 -1.85
CA GLY A 80 -46.28 -6.77 -2.37
C GLY A 80 -47.28 -7.85 -1.96
N LEU A 81 -47.18 -8.36 -0.74
CA LEU A 81 -48.09 -9.40 -0.28
C LEU A 81 -49.43 -8.84 0.13
N LYS A 82 -50.51 -9.52 -0.26
CA LYS A 82 -51.85 -9.12 0.14
C LYS A 82 -52.64 -10.40 0.40
N PRO A 83 -53.34 -10.48 1.53
CA PRO A 83 -54.10 -11.70 1.83
C PRO A 83 -55.22 -12.00 0.84
N ARG A 84 -55.76 -13.21 0.93
CA ARG A 84 -56.88 -13.61 0.08
C ARG A 84 -58.15 -12.91 0.58
N THR A 85 -59.15 -12.79 -0.28
CA THR A 85 -60.45 -12.20 0.09
C THR A 85 -61.51 -13.19 -0.42
N LYS A 86 -62.79 -12.89 -0.21
CA LYS A 86 -63.84 -13.78 -0.69
C LYS A 86 -63.84 -13.85 -2.24
N ILE A 87 -63.28 -12.82 -2.92
CA ILE A 87 -63.24 -12.75 -4.38
C ILE A 87 -61.86 -13.04 -4.98
N THR A 88 -60.78 -12.76 -4.25
CA THR A 88 -59.42 -12.89 -4.78
C THR A 88 -58.52 -13.87 -4.06
N ARG A 89 -57.55 -14.41 -4.82
CA ARG A 89 -56.52 -15.30 -4.29
C ARG A 89 -55.41 -14.38 -3.73
N PRO A 90 -54.47 -14.86 -2.90
CA PRO A 90 -53.43 -13.95 -2.38
C PRO A 90 -52.54 -13.33 -3.47
N CYS A 91 -51.91 -12.20 -3.14
CA CYS A 91 -51.00 -11.49 -4.05
C CYS A 91 -49.59 -11.47 -3.50
N SER A 92 -48.63 -11.21 -4.40
CA SER A 92 -47.23 -11.11 -4.03
C SER A 92 -46.49 -10.27 -5.07
N GLY A 93 -45.31 -9.82 -4.71
CA GLY A 93 -44.43 -9.07 -5.59
C GLY A 93 -44.82 -7.67 -5.95
N TYR A 94 -43.87 -6.98 -6.59
CA TYR A 94 -44.03 -5.62 -7.06
C TYR A 94 -43.51 -5.60 -8.51
N THR A 95 -42.22 -5.92 -8.71
CA THR A 95 -41.64 -5.97 -10.06
C THR A 95 -42.03 -7.28 -10.74
N VAL A 96 -42.22 -8.35 -9.95
CA VAL A 96 -42.58 -9.66 -10.47
C VAL A 96 -43.79 -10.19 -9.68
N PRO A 97 -44.98 -9.60 -9.88
CA PRO A 97 -46.16 -10.10 -9.14
C PRO A 97 -46.49 -11.54 -9.51
N ASN A 98 -47.20 -12.26 -8.63
CA ASN A 98 -47.60 -13.63 -8.95
C ASN A 98 -48.68 -13.55 -10.06
N THR A 99 -49.01 -14.67 -10.70
CA THR A 99 -49.99 -14.67 -11.79
C THR A 99 -51.33 -14.02 -11.40
N PHE A 100 -51.79 -14.26 -10.16
CA PHE A 100 -53.06 -13.68 -9.71
C PHE A 100 -52.98 -12.16 -9.66
N ALA A 101 -51.96 -11.60 -8.99
CA ALA A 101 -51.81 -10.16 -8.90
C ALA A 101 -51.51 -9.54 -10.26
N MET A 102 -50.89 -10.28 -11.20
CA MET A 102 -50.61 -9.75 -12.54
C MET A 102 -51.93 -9.34 -13.19
N GLY A 103 -52.92 -10.23 -13.12
CA GLY A 103 -54.25 -9.96 -13.66
C GLY A 103 -55.04 -8.97 -12.83
N TYR A 104 -55.02 -9.10 -11.48
CA TYR A 104 -55.77 -8.17 -10.63
C TYR A 104 -55.27 -6.73 -10.80
N ARG A 105 -53.96 -6.52 -10.75
CA ARG A 105 -53.38 -5.18 -10.84
C ARG A 105 -53.62 -4.54 -12.21
N TYR A 106 -53.65 -5.34 -13.28
CA TYR A 106 -53.94 -4.80 -14.62
C TYR A 106 -55.39 -4.39 -14.66
N ALA A 107 -56.29 -5.23 -14.11
CA ALA A 107 -57.71 -4.93 -14.08
C ALA A 107 -57.96 -3.68 -13.24
N GLU A 108 -57.33 -3.58 -12.07
CA GLU A 108 -57.49 -2.42 -11.19
C GLU A 108 -57.02 -1.14 -11.87
N LEU A 109 -56.00 -1.23 -12.72
CA LEU A 109 -55.46 -0.09 -13.46
C LEU A 109 -56.33 0.29 -14.68
N GLY A 110 -57.29 -0.55 -15.04
CA GLY A 110 -58.18 -0.30 -16.18
C GLY A 110 -57.77 -1.02 -17.45
N TYR A 111 -56.87 -2.01 -17.35
CA TYR A 111 -56.40 -2.77 -18.50
C TYR A 111 -57.13 -4.08 -18.64
N THR A 112 -57.53 -4.42 -19.87
CA THR A 112 -58.27 -5.64 -20.19
C THR A 112 -57.47 -6.59 -21.10
N THR A 113 -56.36 -6.13 -21.70
CA THR A 113 -55.54 -6.96 -22.57
C THR A 113 -54.06 -6.62 -22.38
N ALA A 114 -53.21 -7.64 -22.29
CA ALA A 114 -51.76 -7.43 -22.15
C ALA A 114 -51.05 -8.56 -22.88
N PHE A 115 -49.96 -8.25 -23.58
CA PHE A 115 -49.23 -9.26 -24.35
C PHE A 115 -47.83 -9.50 -23.81
N GLU A 116 -47.42 -10.79 -23.74
CA GLU A 116 -46.10 -11.22 -23.28
C GLU A 116 -45.12 -10.80 -24.37
N ALA A 117 -44.07 -10.07 -24.00
CA ALA A 117 -43.09 -9.58 -24.96
C ALA A 117 -42.20 -10.64 -25.58
N ALA A 118 -41.97 -11.78 -24.90
CA ALA A 118 -41.07 -12.79 -25.45
C ALA A 118 -41.39 -14.20 -25.01
N ILE A 119 -41.74 -15.07 -25.97
CA ILE A 119 -41.99 -16.47 -25.67
C ILE A 119 -40.89 -17.30 -26.32
N PRO A 120 -40.05 -18.01 -25.52
CA PRO A 120 -39.07 -18.91 -26.15
C PRO A 120 -39.86 -20.13 -26.66
N ILE A 121 -39.57 -20.62 -27.87
CA ILE A 121 -40.35 -21.73 -28.43
C ILE A 121 -40.24 -23.00 -27.58
N LEU A 122 -39.01 -23.41 -27.24
CA LEU A 122 -38.80 -24.62 -26.45
C LEU A 122 -39.55 -24.60 -25.12
N LYS A 123 -39.59 -23.43 -24.43
CA LYS A 123 -40.26 -23.32 -23.14
C LYS A 123 -41.57 -22.54 -23.18
N ALA A 124 -42.31 -22.61 -24.30
CA ALA A 124 -43.60 -21.90 -24.44
C ALA A 124 -44.70 -22.50 -23.57
N ARG A 125 -44.59 -23.79 -23.23
CA ARG A 125 -45.57 -24.48 -22.40
C ARG A 125 -45.65 -23.81 -21.02
N HIS A 126 -44.49 -23.40 -20.47
CA HIS A 126 -44.46 -22.71 -19.18
C HIS A 126 -45.21 -21.38 -19.29
N THR A 127 -44.97 -20.61 -20.36
CA THR A 127 -45.67 -19.33 -20.55
C THR A 127 -47.19 -19.52 -20.58
N HIS A 128 -47.68 -20.50 -21.35
CA HIS A 128 -49.11 -20.75 -21.43
C HIS A 128 -49.68 -21.29 -20.13
N GLU A 129 -48.87 -22.03 -19.36
CA GLU A 129 -49.31 -22.53 -18.06
C GLU A 129 -49.57 -21.35 -17.11
N GLU A 130 -48.73 -20.31 -17.18
CA GLU A 130 -48.90 -19.13 -16.33
C GLU A 130 -50.05 -18.28 -16.84
N PHE A 131 -50.21 -18.19 -18.18
CA PHE A 131 -51.37 -17.47 -18.78
C PHE A 131 -52.68 -18.03 -18.20
N GLU A 132 -52.81 -19.35 -18.15
CA GLU A 132 -54.01 -20.00 -17.63
C GLU A 132 -54.31 -19.61 -16.19
N ASP A 133 -53.31 -19.11 -15.44
CA ASP A 133 -53.49 -18.68 -14.05
C ASP A 133 -53.57 -17.15 -13.88
N ILE A 134 -53.46 -16.37 -14.98
CA ILE A 134 -53.58 -14.92 -14.90
C ILE A 134 -55.08 -14.62 -15.08
N PRO A 135 -55.76 -14.08 -14.06
CA PRO A 135 -57.21 -13.82 -14.21
C PRO A 135 -57.58 -12.58 -15.02
N ILE A 136 -58.87 -12.55 -15.43
CA ILE A 136 -59.54 -11.38 -16.11
C ILE A 136 -59.04 -11.04 -17.52
N ILE A 137 -57.82 -10.56 -17.62
CA ILE A 137 -57.29 -10.02 -18.89
C ILE A 137 -57.19 -11.03 -20.03
N ASP A 138 -57.34 -10.52 -21.25
CA ASP A 138 -57.11 -11.33 -22.44
C ASP A 138 -55.60 -11.25 -22.62
N LYS A 139 -54.98 -12.32 -23.11
CA LYS A 139 -53.54 -12.41 -23.25
C LYS A 139 -53.09 -12.91 -24.61
N GLY A 140 -51.83 -12.66 -24.91
CA GLY A 140 -51.16 -13.09 -26.12
C GLY A 140 -49.66 -12.97 -25.90
N GLY A 141 -48.86 -13.38 -26.87
CA GLY A 141 -47.42 -13.28 -26.71
C GLY A 141 -46.68 -13.30 -28.03
N LEU A 142 -45.49 -12.71 -28.04
CA LEU A 142 -44.66 -12.65 -29.24
C LEU A 142 -43.56 -13.70 -29.09
N THR A 143 -43.39 -14.53 -30.12
CA THR A 143 -42.41 -15.62 -30.10
C THR A 143 -41.03 -15.16 -30.54
N LEU A 144 -39.97 -15.61 -29.84
CA LEU A 144 -38.60 -15.24 -30.15
C LEU A 144 -38.07 -15.95 -31.39
N PHE A 145 -37.41 -15.22 -32.29
CA PHE A 145 -36.85 -15.81 -33.54
C PHE A 145 -35.48 -15.22 -33.91
N GLY A 146 -34.97 -14.25 -33.14
CA GLY A 146 -33.73 -13.54 -33.48
C GLY A 146 -32.46 -14.38 -33.57
N SER A 147 -32.30 -15.38 -32.71
CA SER A 147 -31.05 -16.19 -32.70
C SER A 147 -31.39 -17.67 -32.93
N ASN A 148 -32.50 -17.93 -33.62
CA ASN A 148 -32.92 -19.30 -33.89
C ASN A 148 -32.05 -19.93 -34.98
N TRP A 149 -31.56 -21.16 -34.74
CA TRP A 149 -30.70 -21.86 -35.70
C TRP A 149 -31.41 -22.11 -37.03
N GLN A 150 -32.69 -22.52 -36.99
CA GLN A 150 -33.41 -22.77 -38.23
C GLN A 150 -33.63 -21.47 -39.01
N VAL A 151 -33.80 -20.35 -38.30
CA VAL A 151 -33.98 -19.04 -38.94
C VAL A 151 -32.67 -18.66 -39.63
N MET A 152 -31.55 -18.68 -38.88
CA MET A 152 -30.25 -18.30 -39.41
C MET A 152 -29.84 -19.20 -40.59
N ASP A 153 -30.20 -20.48 -40.54
CA ASP A 153 -29.90 -21.42 -41.65
C ASP A 153 -30.66 -20.98 -42.91
N ALA A 154 -31.95 -20.70 -42.78
CA ALA A 154 -32.77 -20.27 -43.92
C ALA A 154 -32.32 -18.92 -44.45
N VAL A 155 -31.84 -18.04 -43.56
CA VAL A 155 -31.34 -16.72 -43.95
C VAL A 155 -30.05 -16.88 -44.76
N ARG A 156 -29.18 -17.80 -44.35
CA ARG A 156 -27.93 -18.04 -45.05
C ARG A 156 -28.21 -18.58 -46.45
N GLU A 157 -29.21 -19.45 -46.58
CA GLU A 157 -29.58 -20.03 -47.87
C GLU A 157 -30.42 -19.08 -48.73
N GLY A 158 -30.82 -17.93 -48.19
CA GLY A 158 -31.67 -16.99 -48.91
C GLY A 158 -33.03 -17.59 -49.25
N ASP A 159 -33.44 -18.61 -48.48
CA ASP A 159 -34.71 -19.31 -48.70
C ASP A 159 -35.80 -18.72 -47.81
N LEU A 160 -36.43 -17.64 -48.28
CA LEU A 160 -37.51 -16.98 -47.52
C LEU A 160 -38.75 -17.86 -47.41
N GLU A 161 -39.00 -18.74 -48.40
CA GLU A 161 -40.14 -19.64 -48.34
C GLU A 161 -39.95 -20.63 -47.18
N LYS A 162 -38.72 -21.11 -46.98
CA LYS A 162 -38.38 -22.01 -45.88
C LYS A 162 -38.48 -21.26 -44.56
N LEU A 163 -38.03 -19.99 -44.52
CA LEU A 163 -38.10 -19.19 -43.30
C LEU A 163 -39.55 -18.94 -42.90
N ALA A 164 -40.42 -18.60 -43.86
CA ALA A 164 -41.83 -18.35 -43.58
C ALA A 164 -42.48 -19.62 -43.04
N ALA A 165 -42.08 -20.79 -43.56
CA ALA A 165 -42.63 -22.07 -43.08
C ALA A 165 -42.22 -22.31 -41.64
N TYR A 166 -40.97 -21.96 -41.28
CA TYR A 166 -40.52 -22.16 -39.92
C TYR A 166 -41.20 -21.16 -38.98
N VAL A 167 -41.37 -19.90 -39.40
CA VAL A 167 -42.02 -18.89 -38.56
C VAL A 167 -43.47 -19.31 -38.30
N ALA A 168 -44.18 -19.78 -39.34
CA ALA A 168 -45.56 -20.22 -39.18
C ALA A 168 -45.60 -21.44 -38.25
N TRP A 169 -44.65 -22.37 -38.39
CA TRP A 169 -44.59 -23.56 -37.55
C TRP A 169 -44.23 -23.18 -36.11
N GLY A 170 -43.28 -22.26 -35.94
CA GLY A 170 -42.84 -21.80 -34.64
C GLY A 170 -43.93 -21.07 -33.88
N LEU A 171 -44.75 -20.29 -34.59
CA LEU A 171 -45.86 -19.58 -33.96
C LEU A 171 -46.91 -20.59 -33.50
N ARG A 172 -47.15 -21.66 -34.26
CA ARG A 172 -48.10 -22.70 -33.88
C ARG A 172 -47.54 -23.54 -32.73
N ALA A 173 -46.25 -23.85 -32.76
CA ALA A 173 -45.60 -24.63 -31.71
C ALA A 173 -45.67 -23.89 -30.38
N SER A 174 -45.39 -22.58 -30.37
CA SER A 174 -45.40 -21.77 -29.17
C SER A 174 -46.75 -21.13 -28.88
N ARG A 175 -47.73 -21.25 -29.79
CA ARG A 175 -49.05 -20.59 -29.67
C ARG A 175 -48.81 -19.08 -29.47
N GLY A 176 -47.99 -18.54 -30.37
CA GLY A 176 -47.61 -17.13 -30.37
C GLY A 176 -48.47 -16.31 -31.31
N TYR A 177 -48.35 -14.99 -31.19
CA TYR A 177 -49.11 -14.02 -31.96
C TYR A 177 -48.25 -13.30 -33.00
N GLY A 178 -47.00 -13.00 -32.67
CA GLY A 178 -46.11 -12.30 -33.58
C GLY A 178 -44.66 -12.71 -33.52
N VAL A 179 -43.83 -12.03 -34.31
CA VAL A 179 -42.40 -12.31 -34.41
C VAL A 179 -41.59 -11.35 -33.54
N ILE A 181 -37.87 -10.18 -32.16
CA ILE A 181 -36.44 -10.25 -32.49
C ILE A 181 -35.66 -9.48 -31.42
N VAL A 182 -34.82 -10.18 -30.62
CA VAL A 182 -34.04 -9.55 -29.57
C VAL A 182 -32.57 -9.72 -29.87
N ASN A 183 -31.80 -8.60 -29.99
CA ASN A 183 -30.35 -8.63 -30.29
C ASN A 183 -30.05 -9.73 -31.32
N PRO A 184 -30.60 -9.60 -32.55
CA PRO A 184 -30.43 -10.69 -33.54
C PRO A 184 -28.98 -11.13 -33.72
N GLY A 185 -28.74 -12.43 -33.54
CA GLY A 185 -27.40 -13.00 -33.65
C GLY A 185 -26.66 -13.04 -32.33
N GLY A 186 -26.93 -12.05 -31.47
CA GLY A 186 -26.30 -11.94 -30.16
C GLY A 186 -26.52 -13.13 -29.25
N GLY A 187 -27.75 -13.65 -29.24
CA GLY A 187 -28.09 -14.82 -28.42
C GLY A 187 -27.26 -16.02 -28.82
N GLU A 188 -27.01 -16.18 -30.12
CA GLU A 188 -26.21 -17.27 -30.63
C GLU A 188 -24.75 -17.03 -30.23
N ALA A 189 -24.25 -15.80 -30.46
CA ALA A 189 -22.88 -15.43 -30.11
C ALA A 189 -22.64 -15.64 -28.60
N TRP A 190 -23.68 -15.41 -27.77
CA TRP A 190 -23.63 -15.60 -26.33
C TRP A 190 -23.43 -17.06 -25.95
N GLY A 191 -23.75 -17.99 -26.86
CA GLY A 191 -23.55 -19.42 -26.62
C GLY A 191 -22.12 -19.74 -26.24
N PHE A 192 -21.17 -18.90 -26.70
CA PHE A 192 -19.76 -19.06 -26.35
C PHE A 192 -19.22 -17.82 -25.60
N GLY A 193 -20.11 -17.06 -24.97
CA GLY A 193 -19.76 -15.88 -24.18
C GLY A 193 -19.45 -14.63 -24.96
N LYS A 194 -19.93 -14.52 -26.21
CA LYS A 194 -19.65 -13.35 -27.04
C LYS A 194 -20.95 -12.60 -27.39
N ASN A 195 -20.83 -11.54 -28.18
CA ASN A 195 -21.99 -10.77 -28.63
C ASN A 195 -21.70 -10.22 -30.02
N VAL A 196 -22.76 -9.88 -30.75
CA VAL A 196 -22.61 -9.27 -32.07
C VAL A 196 -22.27 -7.79 -31.83
N ARG A 197 -21.27 -7.26 -32.53
CA ARG A 197 -20.85 -5.87 -32.35
C ARG A 197 -21.69 -4.84 -33.14
N GLY A 198 -22.54 -5.32 -34.04
CA GLY A 198 -23.36 -4.42 -34.85
C GLY A 198 -24.17 -5.13 -35.89
N LEU A 199 -24.81 -4.36 -36.76
CA LEU A 199 -25.65 -4.89 -37.83
C LEU A 199 -24.93 -5.79 -38.82
N ASP A 200 -23.67 -5.50 -39.11
CA ASP A 200 -22.92 -6.29 -40.09
C ASP A 200 -21.88 -7.23 -39.49
N ASP A 201 -21.96 -7.53 -38.18
CA ASP A 201 -21.01 -8.44 -37.55
C ASP A 201 -21.46 -9.88 -37.79
N PRO A 202 -20.74 -10.69 -38.60
CA PRO A 202 -21.18 -12.08 -38.82
C PRO A 202 -21.37 -12.90 -37.54
N VAL A 203 -22.40 -13.75 -37.53
CA VAL A 203 -22.68 -14.61 -36.37
C VAL A 203 -21.75 -15.83 -36.45
N PRO A 204 -21.01 -16.18 -35.38
CA PRO A 204 -20.13 -17.36 -35.48
C PRO A 204 -20.89 -18.67 -35.72
N GLY A 205 -20.42 -19.47 -36.65
CA GLY A 205 -21.02 -20.77 -36.96
C GLY A 205 -22.22 -20.76 -37.90
N PHE A 206 -22.79 -19.59 -38.20
CA PHE A 206 -23.95 -19.53 -39.10
C PHE A 206 -23.72 -18.65 -40.33
N ASP A 207 -22.68 -17.83 -40.36
CA ASP A 207 -22.34 -17.00 -41.52
C ASP A 207 -23.48 -16.09 -41.99
N VAL A 208 -24.17 -15.46 -41.05
CA VAL A 208 -25.23 -14.49 -41.34
C VAL A 208 -24.98 -13.29 -40.44
N THR A 209 -25.53 -12.13 -40.79
CA THR A 209 -25.34 -10.93 -39.97
C THR A 209 -26.67 -10.53 -39.32
N PRO A 210 -26.65 -9.82 -38.17
CA PRO A 210 -27.92 -9.38 -37.58
C PRO A 210 -28.85 -8.69 -38.57
N SER A 211 -28.31 -7.83 -39.45
CA SER A 211 -29.11 -7.12 -40.45
C SER A 211 -29.83 -8.10 -41.37
N GLU A 212 -29.12 -9.13 -41.83
CA GLU A 212 -29.71 -10.14 -42.70
C GLU A 212 -30.87 -10.85 -41.99
N ILE A 213 -30.72 -11.12 -40.69
CA ILE A 213 -31.75 -11.79 -39.92
C ILE A 213 -32.99 -10.89 -39.80
N ILE A 214 -32.78 -9.60 -39.51
CA ILE A 214 -33.90 -8.66 -39.36
C ILE A 214 -34.69 -8.54 -40.68
N LEU A 215 -34.01 -8.27 -41.80
CA LEU A 215 -34.69 -8.10 -43.08
C LEU A 215 -35.40 -9.36 -43.55
N ALA A 216 -34.77 -10.53 -43.38
CA ALA A 216 -35.38 -11.78 -43.79
C ALA A 216 -36.62 -12.08 -42.95
N LEU A 217 -36.56 -11.86 -41.62
CA LEU A 217 -37.72 -12.12 -40.78
C LEU A 217 -38.84 -11.12 -41.09
N ALA A 218 -38.50 -9.86 -41.43
CA ALA A 218 -39.52 -8.87 -41.80
C ALA A 218 -40.19 -9.30 -43.10
N ARG A 219 -39.40 -9.81 -44.06
CA ARG A 219 -39.95 -10.28 -45.33
C ARG A 219 -40.85 -11.48 -45.10
N ALA A 220 -40.43 -12.43 -44.25
CA ALA A 220 -41.23 -13.62 -43.95
C ALA A 220 -42.52 -13.23 -43.23
N ASN A 221 -42.45 -12.24 -42.33
CA ASN A 221 -43.60 -11.73 -41.58
C ASN A 221 -44.64 -11.19 -42.55
N GLU A 222 -44.19 -10.50 -43.60
CA GLU A 222 -45.10 -9.94 -44.60
C GLU A 222 -45.59 -11.02 -45.56
N MET A 223 -44.79 -12.06 -45.85
CA MET A 223 -45.25 -13.14 -46.72
C MET A 223 -46.39 -13.89 -46.05
N LEU A 224 -46.34 -14.00 -44.71
CA LEU A 224 -47.37 -14.69 -43.94
C LEU A 224 -48.57 -13.79 -43.60
N ASN A 225 -48.58 -12.52 -44.07
CA ASN A 225 -49.67 -11.58 -43.81
C ASN A 225 -50.06 -11.57 -42.32
N LEU A 226 -49.06 -11.50 -41.44
CA LEU A 226 -49.34 -11.52 -40.00
C LEU A 226 -49.99 -10.22 -39.56
N PRO A 227 -50.84 -10.24 -38.50
CA PRO A 227 -51.50 -8.99 -38.09
C PRO A 227 -50.53 -7.94 -37.57
N HIS A 228 -49.51 -8.37 -36.82
CA HIS A 228 -48.51 -7.48 -36.26
C HIS A 228 -47.24 -7.51 -37.12
N SER A 229 -46.45 -6.43 -37.08
CA SER A 229 -45.18 -6.37 -37.80
C SER A 229 -44.13 -7.11 -36.95
N ILE A 230 -42.84 -7.10 -37.35
CA ILE A 230 -41.81 -7.70 -36.52
C ILE A 230 -41.65 -6.76 -35.29
N HIS A 231 -41.46 -7.35 -34.12
CA HIS A 231 -41.24 -6.57 -32.87
C HIS A 231 -39.73 -6.64 -32.63
N LEU A 232 -39.05 -5.50 -32.57
CA LEU A 232 -37.56 -5.56 -32.53
C LEU A 232 -36.90 -4.92 -31.31
N HIS A 233 -35.97 -5.64 -30.67
CA HIS A 233 -35.12 -5.11 -29.57
C HIS A 233 -33.76 -5.06 -30.27
N CYS A 234 -33.31 -3.86 -30.65
CA CYS A 234 -32.10 -3.74 -31.51
C CYS A 234 -30.79 -4.19 -30.86
N ASN A 235 -29.76 -4.36 -31.70
CA ASN A 235 -28.41 -4.72 -31.22
C ASN A 235 -27.79 -3.53 -30.50
N ARG A 236 -26.73 -3.79 -29.74
CA ARG A 236 -26.01 -2.74 -29.01
C ARG A 236 -26.89 -2.00 -28.01
N LEU A 237 -27.86 -2.70 -27.38
CA LEU A 237 -28.72 -2.07 -26.39
C LEU A 237 -27.89 -1.68 -25.16
N GLY A 238 -28.20 -0.56 -24.56
CA GLY A 238 -27.51 -0.09 -23.36
C GLY A 238 -26.04 0.21 -23.54
N THR A 239 -25.65 0.76 -24.70
CA THR A 239 -24.25 1.11 -24.94
C THR A 239 -24.22 2.55 -25.49
N PRO A 240 -23.41 3.48 -24.92
CA PRO A 240 -23.37 4.85 -25.46
C PRO A 240 -23.12 4.89 -26.97
N GLY A 241 -23.87 5.72 -27.66
CA GLY A 241 -23.74 5.87 -29.10
C GLY A 241 -24.56 4.91 -29.93
N ASN A 242 -25.39 4.06 -29.28
CA ASN A 242 -26.20 3.09 -29.99
C ASN A 242 -27.36 3.69 -30.79
N TYR A 243 -27.61 5.01 -30.68
CA TYR A 243 -28.69 5.64 -31.44
C TYR A 243 -28.46 5.49 -32.95
N GLU A 244 -27.19 5.43 -33.41
CA GLU A 244 -26.86 5.29 -34.82
C GLU A 244 -27.23 3.90 -35.34
N THR A 245 -27.07 2.86 -34.51
CA THR A 245 -27.43 1.50 -34.91
C THR A 245 -28.96 1.39 -35.02
N THR A 246 -29.66 1.96 -34.03
CA THR A 246 -31.12 1.96 -34.01
C THR A 246 -31.69 2.64 -35.27
N ILE A 247 -31.18 3.82 -35.63
CA ILE A 247 -31.66 4.53 -36.81
C ILE A 247 -31.28 3.77 -38.09
N GLU A 248 -30.04 3.26 -38.16
CA GLU A 248 -29.58 2.52 -39.33
C GLU A 248 -30.47 1.29 -39.59
N THR A 249 -30.87 0.60 -38.52
CA THR A 249 -31.73 -0.58 -38.63
C THR A 249 -33.09 -0.16 -39.23
N MET A 250 -33.63 0.96 -38.78
CA MET A 250 -34.91 1.46 -39.29
C MET A 250 -34.78 1.81 -40.77
N ARG A 251 -33.64 2.41 -41.18
CA ARG A 251 -33.37 2.80 -42.58
C ARG A 251 -33.35 1.59 -43.48
N ARG A 252 -32.70 0.51 -43.03
CA ARG A 252 -32.61 -0.70 -43.84
C ARG A 252 -33.95 -1.37 -44.04
N LEU A 253 -34.96 -1.04 -43.20
CA LEU A 253 -36.29 -1.62 -43.32
C LEU A 253 -37.26 -0.77 -44.15
N GLU A 254 -36.83 0.41 -44.62
CA GLU A 254 -37.69 1.28 -45.43
C GLU A 254 -38.11 0.57 -46.72
N LYS A 255 -37.22 -0.26 -47.28
CA LYS A 255 -37.45 -1.00 -48.53
C LYS A 255 -38.34 -2.23 -48.39
N ILE A 256 -38.83 -2.56 -47.19
CA ILE A 256 -39.70 -3.72 -47.00
C ILE A 256 -41.14 -3.25 -47.01
N LYS A 257 -41.96 -3.79 -47.93
CA LYS A 257 -43.36 -3.38 -48.02
C LYS A 257 -44.26 -4.13 -47.01
N PRO A 258 -45.13 -3.43 -46.24
CA PRO A 258 -46.06 -4.11 -45.33
C PRO A 258 -47.17 -4.85 -46.10
N SER A 259 -47.59 -6.01 -45.60
CA SER A 259 -48.68 -6.77 -46.21
C SER A 259 -50.05 -6.17 -45.85
N ARG A 260 -50.13 -5.43 -44.73
CA ARG A 260 -51.37 -4.78 -44.28
C ARG A 260 -51.09 -3.28 -44.04
N ASP A 261 -52.15 -2.48 -43.79
CA ASP A 261 -51.99 -1.05 -43.54
C ASP A 261 -51.48 -0.82 -42.12
N ARG A 262 -50.17 -0.97 -41.92
CA ARG A 262 -49.54 -0.79 -40.63
C ARG A 262 -48.03 -0.61 -40.81
N GLN A 263 -47.31 -0.42 -39.69
CA GLN A 263 -45.87 -0.27 -39.72
C GLN A 263 -45.22 -1.57 -40.22
N VAL A 264 -44.02 -1.48 -40.79
CA VAL A 264 -43.30 -2.68 -41.22
C VAL A 264 -42.43 -3.17 -40.04
N VAL A 265 -42.18 -2.31 -39.03
CA VAL A 265 -41.37 -2.69 -37.88
C VAL A 265 -41.80 -1.90 -36.67
N HIS A 266 -41.78 -2.53 -35.49
CA HIS A 266 -42.07 -1.85 -34.25
C HIS A 266 -40.81 -2.01 -33.42
N VAL A 267 -40.12 -0.92 -33.12
CA VAL A 267 -38.89 -0.99 -32.31
C VAL A 267 -39.30 -0.70 -30.88
N THR A 268 -39.07 -1.67 -29.99
CA THR A 268 -39.47 -1.57 -28.59
C THR A 268 -38.43 -0.90 -27.69
N HIS A 269 -38.92 -0.38 -26.54
CA HIS A 269 -38.15 0.28 -25.48
C HIS A 269 -36.95 1.09 -25.97
N VAL A 270 -37.23 2.09 -26.81
CA VAL A 270 -36.17 2.90 -27.39
C VAL A 270 -35.45 3.76 -26.34
N THR A 271 -35.95 3.82 -25.10
CA THR A 271 -35.20 4.54 -24.03
C THR A 271 -33.79 3.96 -23.93
N PHE A 272 -33.63 2.65 -24.08
CA PHE A 272 -32.35 1.96 -23.99
C PHE A 272 -31.59 1.88 -25.33
N ASN A 273 -32.12 2.47 -26.42
CA ASN A 273 -31.49 2.43 -27.74
C ASN A 273 -31.37 3.80 -28.43
N ALA A 274 -31.49 4.90 -27.68
CA ALA A 274 -31.35 6.25 -28.23
C ALA A 274 -30.25 6.97 -27.42
N TRP A 275 -29.14 6.26 -27.17
CA TRP A 275 -28.04 6.79 -26.39
C TRP A 275 -26.99 7.44 -27.26
N GLY A 276 -26.51 8.61 -26.83
CA GLY A 276 -25.45 9.34 -27.48
C GLY A 276 -24.15 9.16 -26.71
N GLY A 277 -23.10 9.84 -27.14
CA GLY A 277 -21.79 9.72 -26.51
C GLY A 277 -21.01 8.50 -26.98
N THR A 278 -19.83 8.29 -26.41
CA THR A 278 -18.95 7.17 -26.74
C THR A 278 -18.60 6.31 -25.51
N HIS A 279 -18.86 6.83 -24.30
CA HIS A 279 -18.62 6.14 -23.04
C HIS A 279 -19.57 6.75 -22.01
N PHE A 280 -19.61 6.22 -20.79
CA PHE A 280 -20.53 6.75 -19.79
C PHE A 280 -20.20 8.18 -19.36
N GLY A 281 -18.94 8.61 -19.49
CA GLY A 281 -18.54 9.95 -19.12
C GLY A 281 -19.25 11.04 -19.93
N ASN A 282 -19.25 10.91 -21.25
CA ASN A 282 -19.90 11.87 -22.15
C ASN A 282 -21.29 11.39 -22.61
N PHE A 283 -21.90 10.40 -21.92
CA PHE A 283 -23.21 9.87 -22.29
C PHE A 283 -24.24 10.99 -22.36
N GLU A 284 -25.10 10.98 -23.38
CA GLU A 284 -26.14 11.98 -23.54
C GLU A 284 -27.35 11.39 -24.23
N SER A 285 -28.50 12.06 -24.09
CA SER A 285 -29.75 11.59 -24.74
C SER A 285 -29.74 11.97 -26.23
N LYS A 286 -30.07 11.03 -27.10
CA LYS A 286 -30.17 11.35 -28.55
C LYS A 286 -31.58 11.03 -29.02
N ALA A 287 -32.56 11.19 -28.12
CA ALA A 287 -33.97 11.01 -28.52
C ALA A 287 -34.26 12.00 -29.66
N ASP A 288 -33.59 13.15 -29.65
CA ASP A 288 -33.84 14.15 -30.69
C ASP A 288 -33.48 13.62 -32.07
N ALA A 289 -32.39 12.85 -32.17
CA ALA A 289 -31.97 12.28 -33.45
C ALA A 289 -32.96 11.20 -33.91
N VAL A 290 -33.42 10.34 -32.97
CA VAL A 290 -34.38 9.29 -33.31
C VAL A 290 -35.73 9.89 -33.69
N ALA A 291 -36.19 10.89 -32.93
CA ALA A 291 -37.46 11.56 -33.21
C ALA A 291 -37.42 12.27 -34.55
N GLU A 292 -36.28 12.89 -34.91
CA GLU A 292 -36.12 13.56 -36.19
C GLU A 292 -36.30 12.55 -37.33
N TYR A 293 -35.70 11.36 -37.19
CA TYR A 293 -35.82 10.33 -38.21
C TYR A 293 -37.28 9.82 -38.25
N LEU A 294 -37.89 9.62 -37.09
CA LEU A 294 -39.27 9.15 -37.02
C LEU A 294 -40.22 10.16 -37.66
N ASN A 295 -39.96 11.46 -37.51
CA ASN A 295 -40.82 12.50 -38.08
C ASN A 295 -40.84 12.54 -39.62
N LYS A 296 -39.99 11.73 -40.26
CA LYS A 296 -39.91 11.64 -41.72
C LYS A 296 -40.01 10.17 -42.20
N SER A 297 -40.36 9.23 -41.29
CA SER A 297 -40.43 7.80 -41.59
C SER A 297 -41.71 7.18 -41.05
N ASP A 298 -42.69 6.97 -41.94
CA ASP A 298 -44.00 6.41 -41.58
C ASP A 298 -44.06 4.88 -41.53
N HIS A 299 -42.96 4.18 -41.75
CA HIS A 299 -42.94 2.71 -41.72
C HIS A 299 -42.55 2.14 -40.35
N VAL A 300 -42.26 3.00 -39.36
CA VAL A 300 -41.82 2.58 -38.03
C VAL A 300 -42.70 3.09 -36.90
N THR A 301 -42.90 2.24 -35.88
CA THR A 301 -43.59 2.60 -34.65
C THR A 301 -42.62 2.22 -33.54
N ILE A 302 -42.71 2.90 -32.41
CA ILE A 302 -41.79 2.64 -31.29
C ILE A 302 -42.55 2.71 -29.97
N ASP A 303 -41.98 2.17 -28.90
CA ASP A 303 -42.60 2.34 -27.56
C ASP A 303 -41.52 2.96 -26.67
N MET A 304 -41.93 3.71 -25.66
CA MET A 304 -40.98 4.46 -24.80
C MET A 304 -40.05 3.56 -23.98
N GLY A 305 -40.58 2.55 -23.29
CA GLY A 305 -39.75 1.76 -22.38
C GLY A 305 -39.33 2.67 -21.24
N GLN A 306 -40.24 3.61 -20.87
CA GLN A 306 -40.02 4.62 -19.85
C GLN A 306 -39.47 4.07 -18.55
N LEU A 307 -38.46 4.75 -18.03
CA LEU A 307 -37.84 4.36 -16.79
C LEU A 307 -38.67 4.95 -15.63
N ILE A 308 -38.79 4.20 -14.54
CA ILE A 308 -39.50 4.65 -13.36
C ILE A 308 -38.50 4.54 -12.22
N PHE A 309 -38.25 5.65 -11.51
CA PHE A 309 -37.30 5.65 -10.40
C PHE A 309 -37.78 4.69 -9.31
N GLY A 310 -36.89 3.80 -8.87
CA GLY A 310 -37.22 2.81 -7.84
C GLY A 310 -36.82 1.40 -8.22
N ASN A 311 -37.52 0.42 -7.66
CA ASN A 311 -37.22 -0.99 -7.93
C ASN A 311 -37.64 -1.43 -9.34
N ALA A 312 -36.82 -2.29 -9.94
CA ALA A 312 -37.09 -2.84 -11.27
C ALA A 312 -36.38 -4.20 -11.40
N THR A 313 -36.84 -5.03 -12.33
CA THR A 313 -36.21 -6.32 -12.56
C THR A 313 -36.04 -6.45 -14.05
N THR A 314 -34.79 -6.32 -14.53
CA THR A 314 -34.53 -6.43 -15.96
C THR A 314 -34.59 -7.89 -16.34
N MET A 315 -35.23 -8.17 -17.45
CA MET A 315 -35.38 -9.54 -17.94
C MET A 315 -35.58 -9.45 -19.43
N THR A 316 -34.74 -10.15 -20.17
CA THR A 316 -34.76 -10.08 -21.63
C THR A 316 -34.01 -11.25 -22.25
N ALA A 317 -34.21 -11.47 -23.56
CA ALA A 317 -33.48 -12.52 -24.26
C ALA A 317 -32.05 -12.02 -24.65
N ASP A 318 -31.65 -10.82 -24.18
CA ASP A 318 -30.35 -10.23 -24.45
C ASP A 318 -29.36 -10.64 -23.35
N GLY A 319 -28.95 -11.90 -23.39
CA GLY A 319 -28.01 -12.46 -22.42
C GLY A 319 -26.74 -11.66 -22.22
N PRO A 320 -26.06 -11.25 -23.30
CA PRO A 320 -24.80 -10.49 -23.13
C PRO A 320 -24.93 -9.20 -22.30
N VAL A 321 -25.91 -8.34 -22.60
CA VAL A 321 -26.06 -7.08 -21.85
C VAL A 321 -26.49 -7.34 -20.40
N GLN A 322 -27.21 -8.43 -20.13
CA GLN A 322 -27.63 -8.74 -18.76
C GLN A 322 -26.42 -9.09 -17.91
N TYR A 323 -25.50 -9.91 -18.44
CA TYR A 323 -24.31 -10.26 -17.69
C TYR A 323 -23.44 -9.02 -17.48
N ALA A 324 -23.22 -8.24 -18.55
CA ALA A 324 -22.42 -7.02 -18.47
C ALA A 324 -22.98 -6.03 -17.44
N ASN A 325 -24.30 -5.85 -17.41
CA ASN A 325 -24.92 -4.93 -16.45
C ASN A 325 -24.82 -5.49 -15.05
N ALA A 326 -25.02 -6.81 -14.87
CA ALA A 326 -24.92 -7.41 -13.55
C ALA A 326 -23.52 -7.26 -12.98
N ARG A 327 -22.47 -7.35 -13.83
CA ARG A 327 -21.09 -7.19 -13.36
C ARG A 327 -20.87 -5.75 -12.94
N LEU A 328 -21.38 -4.82 -13.74
CA LEU A 328 -21.26 -3.40 -13.48
C LEU A 328 -21.87 -3.02 -12.12
N LEU A 329 -23.01 -3.62 -11.78
CA LEU A 329 -23.72 -3.33 -10.53
C LEU A 329 -23.41 -4.27 -9.36
N GLY A 330 -22.73 -5.38 -9.62
CA GLY A 330 -22.46 -6.38 -8.58
C GLY A 330 -23.76 -7.00 -8.12
N ALA A 331 -24.75 -7.05 -9.03
CA ALA A 331 -26.09 -7.54 -8.77
C ALA A 331 -26.22 -9.06 -8.97
N LYS A 332 -27.37 -9.62 -8.54
CA LYS A 332 -27.70 -11.04 -8.74
C LYS A 332 -27.79 -11.21 -10.25
N TRP A 333 -27.39 -12.37 -10.77
CA TRP A 333 -27.42 -12.60 -12.20
C TRP A 333 -27.99 -13.96 -12.55
N GLY A 334 -29.12 -13.95 -13.25
CA GLY A 334 -29.77 -15.17 -13.71
C GLY A 334 -29.56 -15.30 -15.21
N ASN A 335 -29.13 -16.47 -15.66
CA ASN A 335 -28.91 -16.69 -17.09
C ASN A 335 -29.60 -17.99 -17.50
N GLY A 336 -30.17 -18.01 -18.70
CA GLY A 336 -30.85 -19.19 -19.19
C GLY A 336 -30.72 -19.38 -20.68
N ASP A 337 -29.57 -19.89 -21.13
CA ASP A 337 -29.38 -20.17 -22.56
C ASP A 337 -30.42 -21.20 -23.02
N VAL A 338 -31.07 -20.96 -24.16
CA VAL A 338 -32.07 -21.88 -24.70
C VAL A 338 -31.44 -22.54 -25.93
N GLU A 339 -31.14 -23.84 -25.82
CA GLU A 339 -30.52 -24.60 -26.90
C GLU A 339 -31.10 -24.34 -28.29
N LEU A 340 -30.24 -24.03 -29.26
CA LEU A 340 -30.62 -23.81 -30.66
C LEU A 340 -31.56 -22.64 -30.92
N GLU A 341 -31.95 -21.89 -29.89
CA GLU A 341 -32.94 -20.83 -30.09
C GLU A 341 -32.54 -19.40 -29.63
N ASP A 342 -32.29 -19.18 -28.32
CA ASP A 342 -31.99 -17.82 -27.86
C ASP A 342 -31.36 -17.80 -26.47
N ALA A 343 -31.05 -16.61 -25.97
CA ALA A 343 -30.43 -16.40 -24.67
C ALA A 343 -31.47 -15.80 -23.69
N SER A 344 -31.11 -15.66 -22.40
CA SER A 344 -32.01 -15.11 -21.40
C SER A 344 -31.21 -14.65 -20.20
N GLY A 345 -31.55 -13.49 -19.65
CA GLY A 345 -30.87 -12.96 -18.49
C GLY A 345 -31.81 -12.15 -17.62
N VAL A 346 -31.71 -12.30 -16.30
CA VAL A 346 -32.55 -11.58 -15.33
C VAL A 346 -31.63 -10.89 -14.32
N VAL A 347 -31.76 -9.57 -14.17
CA VAL A 347 -30.91 -8.80 -13.25
C VAL A 347 -31.74 -7.81 -12.42
N PRO A 348 -31.74 -7.90 -11.08
CA PRO A 348 -32.49 -6.91 -10.29
C PRO A 348 -31.82 -5.55 -10.37
N LEU A 349 -32.61 -4.49 -10.43
CA LEU A 349 -32.07 -3.14 -10.52
C LEU A 349 -32.84 -2.17 -9.64
N PHE A 350 -32.20 -1.02 -9.37
CA PHE A 350 -32.81 0.03 -8.59
C PHE A 350 -32.40 1.33 -9.25
N TYR A 351 -33.35 2.02 -9.86
CA TYR A 351 -33.06 3.29 -10.51
C TYR A 351 -33.16 4.39 -9.48
N MET A 352 -32.15 5.24 -9.41
CA MET A 352 -32.16 6.30 -8.42
C MET A 352 -31.87 7.66 -9.02
N ARG A 353 -32.53 8.66 -8.46
CA ARG A 353 -32.39 10.05 -8.88
C ARG A 353 -30.96 10.45 -8.53
N LYS A 354 -30.43 11.50 -9.18
CA LYS A 354 -29.04 11.99 -8.93
C LYS A 354 -27.95 11.01 -9.38
N MET A 355 -28.34 9.89 -10.02
CA MET A 355 -27.37 8.97 -10.65
C MET A 355 -27.44 9.40 -12.11
N TYR A 356 -26.55 10.31 -12.53
CA TYR A 356 -26.62 10.93 -13.85
C TYR A 356 -27.06 9.99 -15.01
N VAL A 357 -26.63 8.72 -15.03
CA VAL A 357 -27.03 7.79 -16.12
C VAL A 357 -28.53 7.51 -16.03
N HIS A 358 -29.06 7.34 -14.82
CA HIS A 358 -30.48 7.08 -14.62
C HIS A 358 -31.31 8.32 -14.95
N ASP A 359 -30.81 9.51 -14.60
CA ASP A 359 -31.52 10.77 -14.87
C ASP A 359 -31.67 10.98 -16.37
N ILE A 360 -30.60 10.71 -17.14
CA ILE A 360 -30.65 10.89 -18.60
C ILE A 360 -31.57 9.84 -19.20
N MET A 361 -31.48 8.58 -18.73
CA MET A 361 -32.34 7.51 -19.23
C MET A 361 -33.82 7.84 -19.01
N TRP A 362 -34.15 8.41 -17.85
CA TRP A 362 -35.51 8.79 -17.53
C TRP A 362 -36.03 9.84 -18.53
N ALA A 363 -35.17 10.77 -18.94
CA ALA A 363 -35.55 11.81 -19.89
C ALA A 363 -35.73 11.28 -21.31
N ILE A 364 -34.96 10.26 -21.72
CA ILE A 364 -35.03 9.74 -23.09
C ILE A 364 -36.46 9.32 -23.51
N GLY A 365 -37.13 8.52 -22.69
CA GLY A 365 -38.48 8.07 -22.99
C GLY A 365 -39.46 9.21 -23.22
N LEU A 366 -39.43 10.20 -22.32
CA LEU A 366 -40.31 11.36 -22.42
C LEU A 366 -39.92 12.17 -23.67
N GLU A 367 -38.62 12.37 -23.90
CA GLU A 367 -38.16 13.11 -25.08
C GLU A 367 -38.63 12.44 -26.37
N LEU A 368 -38.54 11.10 -26.44
CA LEU A 368 -38.98 10.38 -27.64
C LEU A 368 -40.45 10.63 -27.93
N ALA A 369 -41.31 10.55 -26.90
CA ALA A 369 -42.73 10.76 -27.09
C ALA A 369 -43.04 12.22 -27.45
N LEU A 370 -42.47 13.18 -26.71
CA LEU A 370 -42.74 14.59 -26.96
C LEU A 370 -42.12 15.16 -28.23
N LEU A 371 -40.97 14.64 -28.69
CA LEU A 371 -40.34 15.16 -29.90
C LEU A 371 -40.87 14.51 -31.19
N THR A 372 -41.55 13.35 -31.08
CA THR A 372 -42.12 12.69 -32.26
C THR A 372 -43.50 13.31 -32.45
N ASN A 373 -43.74 13.92 -33.61
CA ASN A 373 -45.01 14.60 -33.88
C ASN A 373 -46.22 13.68 -33.83
N ASP A 374 -46.15 12.54 -34.52
CA ASP A 374 -47.29 11.61 -34.58
C ASP A 374 -47.54 10.92 -33.23
N PRO A 375 -48.68 11.17 -32.54
CA PRO A 375 -48.91 10.49 -31.25
C PRO A 375 -49.04 8.97 -31.38
N TRP A 376 -49.46 8.48 -32.55
CA TRP A 376 -49.62 7.06 -32.80
C TRP A 376 -48.27 6.33 -32.93
N GLN A 377 -47.18 7.07 -33.21
CA GLN A 377 -45.86 6.48 -33.43
C GLN A 377 -45.09 6.12 -32.17
N VAL A 378 -45.45 6.68 -31.00
CA VAL A 378 -44.74 6.37 -29.76
C VAL A 378 -45.71 5.89 -28.68
N LEU A 379 -45.73 4.58 -28.44
CA LEU A 379 -46.62 3.99 -27.46
C LEU A 379 -46.07 4.15 -26.05
N LEU A 380 -46.96 4.22 -25.06
CA LEU A 380 -46.56 4.36 -23.68
C LEU A 380 -46.32 2.98 -23.09
N THR A 381 -45.10 2.73 -22.66
CA THR A 381 -44.73 1.47 -22.03
C THR A 381 -43.59 1.76 -21.06
N THR A 382 -43.34 0.80 -20.17
CA THR A 382 -42.20 0.87 -19.20
C THR A 382 -41.40 -0.42 -19.38
N ASP A 383 -41.66 -1.15 -20.46
CA ASP A 383 -41.00 -2.43 -20.72
C ASP A 383 -41.10 -3.25 -19.44
N HIS A 384 -42.29 -3.22 -18.81
CA HIS A 384 -42.53 -3.87 -17.49
C HIS A 384 -41.81 -5.21 -17.36
N PRO A 385 -41.06 -5.48 -16.27
CA PRO A 385 -40.66 -4.58 -15.20
C PRO A 385 -39.24 -4.00 -15.42
N ASN A 386 -38.73 -4.00 -16.67
CA ASN A 386 -37.37 -3.51 -17.00
C ASN A 386 -37.20 -2.02 -16.70
N GLY A 387 -38.07 -1.20 -17.26
CA GLY A 387 -38.06 0.24 -17.01
C GLY A 387 -38.72 0.51 -15.67
N GLY A 388 -39.75 -0.29 -15.37
CA GLY A 388 -40.50 -0.12 -14.10
C GLY A 388 -41.84 -0.85 -14.17
N PRO A 389 -42.42 -1.27 -13.03
CA PRO A 389 -43.70 -2.00 -13.02
C PRO A 389 -44.83 -1.20 -13.68
N PHE A 390 -45.70 -1.89 -14.42
CA PHE A 390 -46.79 -1.21 -15.18
C PHE A 390 -47.73 -0.42 -14.25
N VAL A 391 -47.78 -0.78 -12.96
CA VAL A 391 -48.63 0.01 -12.06
C VAL A 391 -48.21 1.50 -12.04
N ASN A 392 -47.02 1.83 -12.58
CA ASN A 392 -46.52 3.19 -12.63
C ASN A 392 -46.91 3.93 -13.92
N TYR A 393 -47.78 3.35 -14.78
CA TYR A 393 -48.21 4.02 -16.00
C TYR A 393 -48.85 5.40 -15.71
N PRO A 394 -49.67 5.57 -14.65
CA PRO A 394 -50.24 6.90 -14.37
C PRO A 394 -49.20 7.99 -14.17
N GLU A 395 -48.02 7.66 -13.62
CA GLU A 395 -46.95 8.64 -13.43
C GLU A 395 -46.47 9.10 -14.80
N VAL A 396 -46.32 8.16 -15.75
CA VAL A 396 -45.87 8.46 -17.11
C VAL A 396 -46.91 9.32 -17.80
N ILE A 397 -48.21 8.97 -17.65
CA ILE A 397 -49.30 9.74 -18.28
C ILE A 397 -49.25 11.18 -17.80
N ALA A 398 -49.18 11.38 -16.46
CA ALA A 398 -49.14 12.72 -15.88
C ALA A 398 -47.91 13.50 -16.35
N LEU A 399 -46.77 12.82 -16.55
CA LEU A 399 -45.57 13.49 -17.04
C LEU A 399 -45.77 13.96 -18.48
N LEU A 400 -46.43 13.15 -19.31
CA LEU A 400 -46.68 13.50 -20.70
C LEU A 400 -47.72 14.60 -20.85
N MET A 401 -48.65 14.74 -19.89
CA MET A 401 -49.68 15.78 -19.96
C MET A 401 -49.30 17.07 -19.22
N SER A 402 -48.21 17.07 -18.44
CA SER A 402 -47.85 18.25 -17.61
C SER A 402 -46.36 18.62 -17.69
N ALA A 403 -46.05 19.72 -18.37
CA ALA A 403 -44.68 20.23 -18.41
C ALA A 403 -44.29 20.76 -17.00
N LYS A 404 -45.28 21.01 -16.14
CA LYS A 404 -45.05 21.51 -14.79
C LYS A 404 -44.58 20.34 -13.94
N LYS A 405 -45.22 19.15 -14.08
CA LYS A 405 -44.81 17.96 -13.33
C LYS A 405 -43.40 17.58 -13.77
N ARG A 406 -43.13 17.63 -15.09
CA ARG A 406 -41.80 17.29 -15.62
C ARG A 406 -40.75 18.24 -15.01
N GLU A 407 -41.08 19.53 -14.91
CA GLU A 407 -40.20 20.54 -14.31
C GLU A 407 -39.89 20.20 -12.85
N GLU A 408 -40.92 19.81 -12.07
CA GLU A 408 -40.74 19.47 -10.66
C GLU A 408 -39.86 18.24 -10.50
N GLU A 409 -40.00 17.26 -11.40
CA GLU A 409 -39.22 16.04 -11.35
C GLU A 409 -37.77 16.30 -11.77
N ILE A 410 -37.56 17.16 -12.76
CA ILE A 410 -36.21 17.50 -13.22
C ILE A 410 -35.43 18.18 -12.08
N ALA A 411 -36.12 18.99 -11.27
CA ALA A 411 -35.50 19.69 -10.13
C ALA A 411 -34.95 18.70 -9.09
N LYS A 412 -35.47 17.46 -9.06
CA LYS A 412 -35.00 16.44 -8.11
C LYS A 412 -33.79 15.66 -8.66
N LEU A 413 -33.39 15.90 -9.92
CA LEU A 413 -32.29 15.18 -10.56
C LEU A 413 -30.99 15.96 -10.56
N SER A 414 -29.91 15.34 -11.09
CA SER A 414 -28.57 15.92 -11.20
C SER A 414 -28.54 17.10 -12.17
N ASP A 415 -27.55 17.98 -11.99
CA ASP A 415 -27.38 19.13 -12.92
C ASP A 415 -26.89 18.61 -14.28
N LYS A 416 -26.14 17.51 -14.28
CA LYS A 416 -25.58 16.97 -15.54
C LYS A 416 -26.70 16.53 -16.50
N MET A 417 -27.82 16.06 -15.93
CA MET A 417 -28.98 15.67 -16.77
C MET A 417 -29.35 16.83 -17.71
N GLN A 418 -29.50 18.03 -17.17
CA GLN A 418 -29.90 19.19 -17.98
C GLN A 418 -28.90 19.54 -19.08
N GLU A 419 -27.63 19.17 -18.89
CA GLU A 419 -26.57 19.44 -19.86
C GLU A 419 -26.51 18.35 -20.91
N ARG A 420 -27.10 17.17 -20.62
CA ARG A 420 -27.05 16.04 -21.54
C ARG A 420 -28.43 15.63 -22.06
N THR A 421 -29.44 16.50 -21.91
CA THR A 421 -30.80 16.24 -22.37
C THR A 421 -31.41 17.57 -22.83
N CYS A 422 -32.48 17.50 -23.62
CA CYS A 422 -33.18 18.71 -24.08
C CYS A 422 -34.63 18.76 -23.54
N LEU A 423 -34.98 17.88 -22.56
CA LEU A 423 -36.33 17.81 -22.00
C LEU A 423 -36.79 19.08 -21.28
N SER A 424 -35.88 19.79 -20.59
CA SER A 424 -36.26 21.00 -19.87
C SER A 424 -36.85 22.08 -20.78
N GLY A 425 -36.42 22.10 -22.04
CA GLY A 425 -36.92 23.06 -23.03
C GLY A 425 -38.15 22.61 -23.79
N ILE A 426 -38.73 21.46 -23.44
CA ILE A 426 -39.92 20.95 -24.12
C ILE A 426 -41.18 21.36 -23.35
N ASP A 427 -42.04 22.16 -23.97
CA ASP A 427 -43.28 22.62 -23.34
C ASP A 427 -44.52 21.82 -23.80
N ARG A 428 -44.39 21.00 -24.86
CA ARG A 428 -45.50 20.20 -25.38
C ARG A 428 -46.16 19.35 -24.29
N GLU A 429 -47.49 19.31 -24.31
CA GLU A 429 -48.28 18.53 -23.36
C GLU A 429 -49.30 17.74 -24.16
N PHE A 430 -49.37 16.42 -23.95
CA PHE A 430 -50.33 15.60 -24.67
C PHE A 430 -51.70 15.75 -24.04
N ASP A 431 -52.74 15.84 -24.88
CA ASP A 431 -54.10 15.98 -24.41
C ASP A 431 -54.73 14.59 -24.11
N TRP A 432 -55.99 14.57 -23.65
CA TRP A 432 -56.70 13.34 -23.30
C TRP A 432 -56.79 12.38 -24.48
N TYR A 433 -57.10 12.88 -25.66
CA TYR A 433 -57.21 12.06 -26.86
C TYR A 433 -55.88 11.36 -27.17
N ASP A 434 -54.75 12.09 -27.11
CA ASP A 434 -53.45 11.49 -27.40
C ASP A 434 -53.04 10.46 -26.36
N ILE A 435 -53.49 10.63 -25.10
CA ILE A 435 -53.21 9.65 -24.03
C ILE A 435 -54.00 8.38 -24.33
N ALA A 436 -55.23 8.51 -24.87
CA ALA A 436 -56.02 7.35 -25.25
C ALA A 436 -55.27 6.61 -26.38
N ILE A 437 -54.61 7.37 -27.29
CA ILE A 437 -53.83 6.78 -28.37
C ILE A 437 -52.68 5.96 -27.81
N LYS A 438 -51.87 6.59 -26.95
CA LYS A 438 -50.69 5.94 -26.38
C LYS A 438 -50.96 4.85 -25.35
N THR A 439 -52.19 4.73 -24.83
CA THR A 439 -52.51 3.73 -23.82
C THR A 439 -53.43 2.59 -24.28
N ARG A 440 -54.01 2.67 -25.50
CA ARG A 440 -54.88 1.58 -25.97
C ARG A 440 -55.02 1.50 -27.50
N ALA A 441 -55.45 2.59 -28.16
CA ALA A 441 -55.66 2.58 -29.61
C ALA A 441 -54.39 2.25 -30.41
N ALA A 442 -53.25 2.88 -30.08
CA ALA A 442 -52.01 2.59 -30.79
C ALA A 442 -51.52 1.18 -30.49
N HIS A 443 -51.71 0.69 -29.26
CA HIS A 443 -51.30 -0.67 -28.89
C HIS A 443 -52.08 -1.67 -29.74
N ALA A 444 -53.41 -1.48 -29.85
CA ALA A 444 -54.24 -2.39 -30.64
C ALA A 444 -53.93 -2.25 -32.13
N LYS A 445 -53.70 -1.02 -32.61
CA LYS A 445 -53.40 -0.78 -34.01
C LYS A 445 -52.09 -1.46 -34.45
N ILE A 446 -50.99 -1.28 -33.71
CA ILE A 446 -49.72 -1.89 -34.13
C ILE A 446 -49.82 -3.41 -34.15
N LEU A 447 -50.60 -4.00 -33.24
CA LEU A 447 -50.78 -5.45 -33.20
C LEU A 447 -51.84 -5.94 -34.19
N GLY A 448 -52.65 -5.04 -34.74
CA GLY A 448 -53.74 -5.42 -35.64
C GLY A 448 -54.95 -5.93 -34.88
N LEU A 449 -54.98 -5.78 -33.55
CA LEU A 449 -56.10 -6.23 -32.73
C LEU A 449 -57.32 -5.32 -32.82
N HIS A 450 -57.18 -4.09 -33.35
CA HIS A 450 -58.34 -3.19 -33.52
C HIS A 450 -59.36 -3.83 -34.47
N GLU A 451 -58.89 -4.67 -35.41
CA GLU A 451 -59.77 -5.35 -36.35
C GLU A 451 -60.37 -6.64 -35.75
N TYR A 452 -59.99 -6.98 -34.50
CA TYR A 452 -60.48 -8.17 -33.80
C TYR A 452 -61.20 -7.80 -32.48
N GLY A 453 -61.75 -6.58 -32.42
CA GLY A 453 -62.52 -6.11 -31.28
C GLY A 453 -61.82 -5.49 -30.08
N LYS A 454 -60.53 -5.13 -30.20
CA LYS A 454 -59.83 -4.51 -29.06
C LYS A 454 -59.40 -3.09 -29.33
N GLY A 455 -59.19 -2.34 -28.25
CA GLY A 455 -58.70 -0.97 -28.30
C GLY A 455 -59.66 0.09 -28.82
N HIS A 456 -60.94 -0.24 -28.97
CA HIS A 456 -61.92 0.75 -29.45
C HIS A 456 -63.31 0.46 -28.93
N LEU A 457 -64.21 1.44 -29.05
CA LEU A 457 -65.59 1.31 -28.57
C LEU A 457 -66.62 1.40 -29.69
N GLY A 458 -66.25 0.99 -30.89
CA GLY A 458 -67.18 0.98 -32.01
C GLY A 458 -68.12 -0.21 -31.91
N VAL A 459 -69.25 -0.18 -32.62
CA VAL A 459 -70.20 -1.30 -32.60
C VAL A 459 -69.51 -2.54 -33.18
N GLY A 460 -69.60 -3.65 -32.45
CA GLY A 460 -68.97 -4.91 -32.85
C GLY A 460 -67.72 -5.22 -32.05
N ALA A 461 -67.15 -4.24 -31.34
CA ALA A 461 -65.97 -4.45 -30.54
C ALA A 461 -66.32 -5.19 -29.24
N ASP A 462 -65.31 -5.74 -28.54
CA ASP A 462 -65.56 -6.41 -27.27
C ASP A 462 -65.92 -5.33 -26.25
N GLY A 463 -66.81 -5.66 -25.32
CA GLY A 463 -67.26 -4.74 -24.29
C GLY A 463 -66.23 -4.51 -23.20
N ASP A 464 -65.02 -4.06 -23.60
CA ASP A 464 -63.93 -3.77 -22.69
C ASP A 464 -63.88 -2.25 -22.60
N VAL A 465 -64.20 -1.71 -21.43
CA VAL A 465 -64.26 -0.26 -21.23
C VAL A 465 -63.58 0.16 -19.93
N THR A 466 -63.02 1.37 -19.90
CA THR A 466 -62.42 1.92 -18.70
C THR A 466 -63.11 3.28 -18.46
N ILE A 467 -63.63 3.50 -17.24
CA ILE A 467 -64.30 4.76 -16.89
C ILE A 467 -63.46 5.45 -15.84
N TYR A 468 -62.89 6.61 -16.18
CA TYR A 468 -62.05 7.36 -15.24
C TYR A 468 -62.84 8.47 -14.59
N ASN A 469 -62.68 8.63 -13.27
CA ASN A 469 -63.37 9.67 -12.52
C ASN A 469 -62.66 11.00 -12.68
N ILE A 470 -62.78 11.60 -13.86
CA ILE A 470 -62.15 12.88 -14.14
C ILE A 470 -62.98 13.62 -15.18
N ASN A 471 -63.25 14.91 -14.94
CA ASN A 471 -64.01 15.72 -15.88
C ASN A 471 -63.00 16.50 -16.70
N THR A 472 -62.87 16.15 -17.99
CA THR A 472 -61.91 16.82 -18.87
C THR A 472 -62.23 18.30 -19.09
N GLU A 473 -63.46 18.72 -18.81
CA GLU A 473 -63.83 20.13 -18.99
C GLU A 473 -63.49 20.99 -17.79
N SER A 474 -63.37 20.41 -16.60
CA SER A 474 -63.10 21.19 -15.39
C SER A 474 -61.73 20.97 -14.77
N VAL A 475 -60.94 20.02 -15.29
CA VAL A 475 -59.62 19.75 -14.72
C VAL A 475 -58.52 20.12 -15.72
N ASP A 476 -57.57 20.98 -15.31
CA ASP A 476 -56.44 21.38 -16.14
C ASP A 476 -55.38 20.30 -15.92
N PRO A 477 -55.12 19.43 -16.91
CA PRO A 477 -54.13 18.36 -16.68
C PRO A 477 -52.70 18.83 -16.48
N SER A 478 -52.39 20.07 -16.85
CA SER A 478 -51.05 20.62 -16.69
C SER A 478 -50.80 21.03 -15.24
N VAL A 479 -51.74 21.76 -14.64
CA VAL A 479 -51.61 22.23 -13.27
C VAL A 479 -51.98 21.13 -12.28
N GLU A 480 -53.11 20.45 -12.52
CA GLU A 480 -53.60 19.39 -11.64
C GLU A 480 -53.12 18.01 -12.09
N HIS A 481 -51.79 17.86 -12.22
CA HIS A 481 -51.20 16.58 -12.62
C HIS A 481 -51.39 15.51 -11.53
N ALA A 482 -51.45 15.92 -10.25
CA ALA A 482 -51.66 14.95 -9.16
C ALA A 482 -53.04 14.31 -9.31
N ALA A 483 -54.05 15.11 -9.69
CA ALA A 483 -55.41 14.60 -9.89
C ALA A 483 -55.46 13.66 -11.10
N VAL A 484 -54.71 13.99 -12.17
CA VAL A 484 -54.66 13.18 -13.39
C VAL A 484 -54.06 11.80 -13.04
N LYS A 485 -52.94 11.81 -12.31
CA LYS A 485 -52.27 10.56 -11.92
C LYS A 485 -53.21 9.67 -11.11
N LYS A 486 -53.92 10.23 -10.12
CA LYS A 486 -54.83 9.45 -9.29
C LYS A 486 -56.00 8.90 -10.10
N ALA A 487 -56.54 9.70 -11.03
CA ALA A 487 -57.67 9.26 -11.86
C ALA A 487 -57.27 8.06 -12.71
N PHE A 488 -56.09 8.11 -13.33
CA PHE A 488 -55.65 6.99 -14.17
C PHE A 488 -55.18 5.80 -13.32
N GLN A 489 -54.79 6.03 -12.07
CA GLN A 489 -54.36 4.95 -11.19
C GLN A 489 -55.56 4.16 -10.66
N LEU A 490 -56.66 4.85 -10.34
CA LEU A 490 -57.84 4.20 -9.79
C LEU A 490 -59.11 4.44 -10.62
N PRO A 491 -59.25 3.82 -11.81
CA PRO A 491 -60.48 4.05 -12.60
C PRO A 491 -61.74 3.71 -11.83
N ALA A 492 -62.80 4.49 -12.03
CA ALA A 492 -64.08 4.26 -11.36
C ALA A 492 -64.60 2.87 -11.68
N TYR A 493 -64.44 2.44 -12.94
CA TYR A 493 -64.89 1.12 -13.38
C TYR A 493 -63.95 0.55 -14.43
N THR A 494 -63.74 -0.75 -14.34
CA THR A 494 -63.00 -1.50 -15.38
C THR A 494 -64.00 -2.57 -15.84
N ILE A 495 -64.37 -2.55 -17.12
CA ILE A 495 -65.38 -3.48 -17.63
C ILE A 495 -64.72 -4.39 -18.66
N LYS A 496 -64.81 -5.71 -18.44
CA LYS A 496 -64.24 -6.70 -19.33
C LYS A 496 -65.39 -7.54 -19.86
N GLY A 497 -65.62 -7.48 -21.16
CA GLY A 497 -66.71 -8.22 -21.79
C GLY A 497 -68.08 -7.92 -21.21
N GLY A 498 -68.32 -6.65 -20.91
CA GLY A 498 -69.59 -6.21 -20.33
C GLY A 498 -69.73 -6.46 -18.84
N GLU A 499 -68.73 -7.11 -18.22
CA GLU A 499 -68.76 -7.41 -16.78
C GLU A 499 -67.86 -6.47 -16.00
N ILE A 500 -68.37 -5.83 -14.93
CA ILE A 500 -67.54 -4.95 -14.09
C ILE A 500 -66.57 -5.86 -13.33
N VAL A 501 -65.26 -5.69 -13.56
CA VAL A 501 -64.25 -6.51 -12.91
C VAL A 501 -63.48 -5.75 -11.82
N ALA A 502 -63.50 -4.42 -11.85
CA ALA A 502 -62.84 -3.62 -10.81
C ALA A 502 -63.54 -2.27 -10.65
N LYS A 503 -63.44 -1.72 -9.44
CA LYS A 503 -64.04 -0.43 -9.11
C LYS A 503 -63.12 0.29 -8.13
N GLU A 504 -62.58 1.45 -8.55
CA GLU A 504 -61.71 2.29 -7.72
C GLU A 504 -60.53 1.52 -7.10
N GLY A 505 -59.85 0.74 -7.93
CA GLY A 505 -58.70 -0.03 -7.50
C GLY A 505 -59.01 -1.32 -6.75
N GLU A 506 -60.27 -1.76 -6.72
CA GLU A 506 -60.63 -2.99 -6.02
C GLU A 506 -61.34 -3.98 -6.95
N ILE A 507 -60.88 -5.23 -6.97
CA ILE A 507 -61.48 -6.26 -7.83
C ILE A 507 -62.88 -6.59 -7.34
N THR A 508 -63.82 -6.73 -8.28
CA THR A 508 -65.22 -7.05 -7.98
C THR A 508 -65.64 -8.39 -8.58
N ALA A 509 -64.99 -8.82 -9.68
CA ALA A 509 -65.28 -10.10 -10.33
C ALA A 509 -64.01 -10.61 -11.02
N THR A 510 -63.82 -11.94 -11.05
CA THR A 510 -62.63 -12.53 -11.65
C THR A 510 -62.94 -13.50 -12.80
N PRO A 511 -63.53 -13.04 -13.93
CA PRO A 511 -63.77 -13.97 -15.03
C PRO A 511 -62.46 -14.45 -15.67
N THR A 512 -62.53 -15.47 -16.54
CA THR A 512 -61.35 -15.99 -17.22
C THR A 512 -61.20 -15.33 -18.58
N GLY A 513 -59.99 -14.88 -18.89
CA GLY A 513 -59.67 -14.26 -20.16
C GLY A 513 -59.30 -15.28 -21.23
N ARG A 514 -58.96 -14.80 -22.43
CA ARG A 514 -58.62 -15.68 -23.54
C ARG A 514 -57.20 -15.49 -24.05
N THR A 515 -56.68 -16.50 -24.75
CA THR A 515 -55.32 -16.44 -25.31
C THR A 515 -55.40 -16.26 -26.82
N PHE A 516 -54.83 -15.16 -27.33
CA PHE A 516 -54.81 -14.86 -28.74
C PHE A 516 -53.52 -15.39 -29.38
N TRP A 517 -53.64 -16.17 -30.46
CA TRP A 517 -52.48 -16.68 -31.18
C TRP A 517 -52.80 -16.75 -32.67
N VAL A 518 -51.78 -16.81 -33.52
CA VAL A 518 -51.96 -16.83 -34.96
C VAL A 518 -51.62 -18.17 -35.60
N ASP A 519 -52.56 -18.73 -36.35
CA ASP A 519 -52.34 -19.98 -37.08
C ASP A 519 -52.10 -19.58 -38.53
N ALA A 520 -50.83 -19.50 -38.94
CA ALA A 520 -50.45 -19.10 -40.29
C ALA A 520 -50.24 -20.31 -41.18
N ARG A 521 -50.85 -20.32 -42.36
CA ARG A 521 -50.72 -21.43 -43.29
C ARG A 521 -49.76 -21.13 -44.42
N VAL A 522 -49.01 -22.16 -44.84
CA VAL A 522 -48.03 -22.02 -45.93
C VAL A 522 -48.17 -23.22 -46.89
N PRO A 523 -47.81 -23.07 -48.17
CA PRO A 523 -47.88 -24.22 -49.09
C PRO A 523 -47.11 -25.44 -48.55
N GLU A 524 -47.68 -26.65 -48.70
CA GLU A 524 -47.08 -27.90 -48.23
C GLU A 524 -45.61 -28.07 -48.61
N GLU A 525 -45.21 -27.65 -49.82
CA GLU A 525 -43.81 -27.77 -50.24
C GLU A 525 -42.87 -26.97 -49.35
N TYR A 526 -43.29 -25.77 -48.92
CA TYR A 526 -42.45 -24.92 -48.06
C TYR A 526 -42.17 -25.67 -46.75
N THR A 527 -43.23 -26.25 -46.14
CA THR A 527 -43.09 -26.99 -44.90
C THR A 527 -42.26 -28.25 -45.07
N THR A 528 -42.49 -29.01 -46.15
CA THR A 528 -41.74 -30.24 -46.42
C THR A 528 -40.25 -29.94 -46.50
N ARG A 529 -39.87 -28.91 -47.26
CA ARG A 529 -38.48 -28.51 -47.41
C ARG A 529 -37.90 -28.10 -46.06
N MET A 530 -38.66 -27.32 -45.28
CA MET A 530 -38.25 -26.86 -43.95
C MET A 530 -38.09 -28.01 -42.96
N MET A 531 -39.04 -28.96 -42.97
CA MET A 531 -39.01 -30.11 -42.07
C MET A 531 -37.81 -31.04 -42.31
N LYS A 532 -37.22 -31.02 -43.51
CA LYS A 532 -36.03 -31.84 -43.78
C LYS A 532 -34.89 -31.38 -42.85
N ASP A 533 -34.73 -30.05 -42.71
CA ASP A 533 -33.71 -29.47 -41.85
C ASP A 533 -34.07 -29.55 -40.36
N LEU A 534 -35.32 -29.21 -40.00
CA LEU A 534 -35.73 -29.22 -38.59
C LEU A 534 -35.69 -30.62 -37.98
N GLU A 535 -36.13 -31.64 -38.73
CA GLU A 535 -36.10 -33.01 -38.23
C GLU A 535 -34.65 -33.44 -37.93
N TRP A 536 -33.69 -32.99 -38.74
CA TRP A 536 -32.28 -33.30 -38.53
C TRP A 536 -31.82 -32.67 -37.21
N LYS A 537 -32.21 -31.41 -36.95
CA LYS A 537 -31.85 -30.72 -35.71
C LYS A 537 -32.43 -31.46 -34.52
N PHE A 538 -33.66 -31.96 -34.63
CA PHE A 538 -34.30 -32.69 -33.53
C PHE A 538 -33.65 -34.07 -33.32
N ARG A 539 -33.10 -34.64 -34.40
CA ARG A 539 -32.46 -35.98 -34.31
C ARG A 539 -31.04 -35.88 -33.75
N LYS A 540 -30.35 -34.76 -33.95
CA LYS A 540 -28.92 -34.69 -33.54
C LYS A 540 -28.63 -33.69 -32.41
N TYR A 541 -29.29 -32.53 -32.40
CA TYR A 541 -28.89 -31.48 -31.43
C TYR A 541 -29.91 -31.25 -30.30
N TYR A 542 -31.21 -31.25 -30.59
CA TYR A 542 -32.16 -30.93 -29.52
C TYR A 542 -32.14 -32.02 -28.46
N SER A 543 -32.45 -31.65 -27.22
CA SER A 543 -32.47 -32.57 -26.09
C SER A 543 -33.89 -33.12 -25.80
N VAL A 544 -34.88 -32.78 -26.65
CA VAL A 544 -36.27 -33.23 -26.50
C VAL A 544 -36.75 -33.78 -27.85
N LYS A 545 -37.79 -34.62 -27.81
CA LYS A 545 -38.36 -35.22 -29.01
C LYS A 545 -39.31 -34.24 -29.65
N MET A 546 -39.31 -34.17 -30.98
CA MET A 546 -40.19 -33.25 -31.70
C MET A 546 -41.66 -33.50 -31.37
N ALA A 547 -42.05 -34.75 -31.11
CA ALA A 547 -43.43 -35.08 -30.77
C ALA A 547 -43.89 -34.53 -29.41
N ASN A 548 -42.94 -34.13 -28.55
CA ASN A 548 -43.25 -33.55 -27.24
C ASN A 548 -42.93 -32.04 -27.19
N TYR A 549 -42.49 -31.47 -28.31
CA TYR A 549 -42.04 -30.05 -28.37
C TYR A 549 -43.20 -29.04 -28.46
N MET A 550 -44.13 -29.23 -29.38
CA MET A 550 -45.20 -28.24 -29.59
C MET A 550 -46.18 -28.14 -28.42
N VAL A 551 -46.68 -26.93 -28.15
CA VAL A 551 -47.63 -26.70 -27.06
C VAL A 551 -48.96 -27.37 -27.46
N GLN A 552 -49.54 -28.13 -26.53
CA GLN A 552 -50.79 -28.85 -26.75
C GLN A 552 -52.01 -27.99 -26.38
N ASP A 553 -53.20 -28.39 -26.88
CA ASP A 553 -54.45 -27.67 -26.63
C ASP A 553 -54.79 -27.56 -25.14
N GLU A 554 -54.32 -28.49 -24.32
CA GLU A 554 -54.60 -28.47 -22.88
C GLU A 554 -54.05 -27.21 -22.18
N TYR A 555 -53.05 -26.55 -22.78
CA TYR A 555 -52.46 -25.33 -22.21
C TYR A 555 -53.09 -24.04 -22.75
N VAL A 556 -54.02 -24.16 -23.72
CA VAL A 556 -54.72 -23.01 -24.30
C VAL A 556 -56.20 -23.39 -24.32
N GLN A 557 -56.84 -23.28 -23.15
CA GLN A 557 -58.23 -23.67 -22.98
C GLN A 557 -59.26 -22.68 -23.50
N HIS A 558 -58.90 -21.41 -23.70
CA HIS A 558 -59.83 -20.41 -24.20
C HIS A 558 -59.15 -19.63 -25.31
N PRO A 559 -58.96 -20.23 -26.48
CA PRO A 559 -58.24 -19.53 -27.55
C PRO A 559 -59.08 -18.66 -28.47
N VAL A 560 -58.39 -17.69 -29.07
CA VAL A 560 -58.97 -16.85 -30.14
C VAL A 560 -57.93 -16.98 -31.26
N VAL A 561 -58.15 -17.92 -32.17
CA VAL A 561 -57.20 -18.22 -33.22
C VAL A 561 -57.37 -17.30 -34.41
N LEU A 562 -56.34 -16.52 -34.72
CA LEU A 562 -56.37 -15.61 -35.86
C LEU A 562 -55.83 -16.38 -37.05
N GLU A 563 -56.46 -16.24 -38.22
CA GLU A 563 -56.01 -16.96 -39.41
C GLU A 563 -55.14 -16.03 -40.25
N ALA A 564 -54.01 -16.54 -40.73
CA ALA A 564 -53.08 -15.77 -41.55
C ALA A 564 -52.31 -16.77 -42.44
N GLY A 565 -51.41 -16.30 -43.30
CA GLY A 565 -50.64 -17.20 -44.17
C GLY A 565 -50.40 -16.64 -45.55
N VAL A 566 -49.73 -17.43 -46.39
CA VAL A 566 -49.42 -17.05 -47.75
C VAL A 566 -50.72 -16.86 -48.56
N ASN A 567 -50.75 -15.83 -49.41
CA ASN A 567 -51.90 -15.51 -50.25
C ASN A 567 -52.26 -16.65 -51.21
N VAL B 2 -49.49 -52.57 -28.83
CA VAL B 2 -49.25 -51.25 -29.41
C VAL B 2 -47.98 -50.66 -28.85
N GLU B 3 -47.29 -49.86 -29.65
CA GLU B 3 -46.08 -49.20 -29.19
C GLU B 3 -46.37 -47.72 -29.03
N ILE B 4 -46.10 -47.16 -27.84
CA ILE B 4 -46.32 -45.74 -27.59
C ILE B 4 -44.96 -45.07 -27.65
N THR B 5 -44.75 -44.19 -28.64
CA THR B 5 -43.48 -43.51 -28.83
C THR B 5 -43.46 -42.17 -28.10
N ASP B 6 -42.26 -41.62 -27.90
CA ASP B 6 -42.07 -40.32 -27.24
C ASP B 6 -42.63 -40.29 -25.82
N ALA B 7 -42.63 -41.44 -25.13
CA ALA B 7 -43.10 -41.52 -23.75
C ALA B 7 -42.06 -40.86 -22.85
N ILE B 8 -42.49 -40.38 -21.67
CA ILE B 8 -41.60 -39.69 -20.76
C ILE B 8 -41.39 -40.44 -19.46
N CYS B 9 -40.12 -40.58 -19.03
CA CYS B 9 -39.81 -41.27 -17.79
C CYS B 9 -40.34 -40.46 -16.61
N SER B 10 -40.74 -41.17 -15.57
CA SER B 10 -41.34 -40.51 -14.37
C SER B 10 -40.47 -40.78 -13.15
N PHE B 11 -39.15 -40.89 -13.32
CA PHE B 11 -38.28 -41.23 -12.16
C PHE B 11 -37.33 -40.08 -11.79
N CYS B 12 -36.39 -39.74 -12.67
CA CYS B 12 -35.36 -38.71 -12.27
C CYS B 12 -35.49 -37.39 -13.05
N GLY B 13 -34.83 -36.34 -12.57
CA GLY B 13 -34.85 -35.02 -13.17
C GLY B 13 -34.36 -34.96 -14.60
N SER B 14 -33.74 -36.05 -15.11
CA SER B 14 -33.30 -36.05 -16.50
C SER B 14 -34.56 -36.04 -17.40
N LEU B 15 -35.71 -36.52 -16.89
CA LEU B 15 -36.99 -36.54 -17.60
C LEU B 15 -36.83 -36.94 -19.06
N CYS B 16 -36.24 -38.12 -19.30
CA CYS B 16 -36.02 -38.64 -20.64
C CYS B 16 -37.34 -38.79 -21.37
N ASP B 17 -37.49 -38.10 -22.50
CA ASP B 17 -38.73 -38.12 -23.26
C ASP B 17 -38.65 -38.92 -24.57
N ASP B 18 -37.67 -39.82 -24.71
CA ASP B 18 -37.50 -40.62 -25.93
C ASP B 18 -37.81 -42.10 -25.71
N LEU B 19 -38.63 -42.45 -24.70
CA LEU B 19 -38.92 -43.84 -24.44
C LEU B 19 -40.04 -44.34 -25.34
N THR B 20 -40.00 -45.62 -25.68
CA THR B 20 -41.05 -46.26 -26.46
C THR B 20 -41.51 -47.38 -25.56
N VAL B 21 -42.81 -47.50 -25.36
CA VAL B 21 -43.37 -48.48 -24.47
C VAL B 21 -44.29 -49.43 -25.21
N LYS B 22 -44.05 -50.75 -25.05
CA LYS B 22 -44.87 -51.78 -25.66
C LYS B 22 -45.98 -52.13 -24.67
N VAL B 23 -47.25 -52.02 -25.08
CA VAL B 23 -48.39 -52.32 -24.21
C VAL B 23 -49.20 -53.45 -24.82
N GLU B 24 -49.47 -54.52 -24.04
CA GLU B 24 -50.27 -55.65 -24.48
C GLU B 24 -51.29 -55.97 -23.39
N ASP B 25 -52.59 -55.95 -23.73
CA ASP B 25 -53.67 -56.22 -22.78
C ASP B 25 -53.57 -55.26 -21.58
N ASN B 26 -53.37 -53.97 -21.88
CA ASN B 26 -53.27 -52.92 -20.87
C ASN B 26 -52.16 -53.15 -19.83
N ARG B 27 -51.08 -53.84 -20.22
CA ARG B 27 -49.94 -54.09 -19.33
C ARG B 27 -48.69 -53.72 -20.10
N ILE B 28 -47.78 -53.01 -19.44
CA ILE B 28 -46.53 -52.62 -20.08
C ILE B 28 -45.63 -53.84 -20.14
N VAL B 29 -45.22 -54.23 -21.35
CA VAL B 29 -44.37 -55.41 -21.57
C VAL B 29 -42.90 -55.00 -21.70
N ASP B 30 -42.59 -54.03 -22.56
CA ASP B 30 -41.21 -53.59 -22.79
C ASP B 30 -41.10 -52.07 -22.73
N VAL B 31 -39.94 -51.59 -22.28
CA VAL B 31 -39.64 -50.17 -22.17
C VAL B 31 -38.32 -49.96 -22.90
N ARG B 32 -38.34 -49.23 -24.01
CA ARG B 32 -37.14 -49.00 -24.81
C ARG B 32 -36.32 -47.81 -24.32
N ARG B 33 -34.99 -47.96 -24.30
CA ARG B 33 -34.01 -46.93 -23.92
C ARG B 33 -34.05 -46.46 -22.46
N ALA B 34 -35.04 -46.87 -21.65
CA ALA B 34 -35.07 -46.45 -20.25
C ALA B 34 -33.98 -47.15 -19.46
N CYS B 35 -33.38 -46.47 -18.48
CA CYS B 35 -32.35 -47.09 -17.64
C CYS B 35 -33.04 -48.02 -16.63
N ARG B 36 -32.28 -48.74 -15.80
CA ARG B 36 -32.88 -49.65 -14.81
C ARG B 36 -33.88 -48.96 -13.90
N LEU B 37 -33.56 -47.74 -13.46
CA LEU B 37 -34.44 -47.01 -12.55
C LEU B 37 -35.78 -46.70 -13.20
N GLY B 38 -35.75 -46.25 -14.44
CA GLY B 38 -36.97 -45.91 -15.17
C GLY B 38 -37.76 -47.13 -15.56
N ALA B 39 -37.08 -48.17 -16.05
CA ALA B 39 -37.73 -49.40 -16.45
C ALA B 39 -38.46 -50.06 -15.29
N LYS B 40 -37.85 -50.06 -14.09
CA LYS B 40 -38.48 -50.67 -12.92
C LYS B 40 -39.75 -49.93 -12.53
N LYS B 41 -39.72 -48.60 -12.57
CA LYS B 41 -40.89 -47.79 -12.22
C LYS B 41 -42.00 -48.01 -13.25
N ILE B 42 -41.66 -47.92 -14.53
CA ILE B 42 -42.66 -48.07 -15.58
C ILE B 42 -43.23 -49.50 -15.61
N LEU B 43 -42.40 -50.53 -15.35
CA LEU B 43 -42.89 -51.90 -15.35
C LEU B 43 -43.80 -52.19 -14.14
N GLY B 44 -43.70 -51.39 -13.08
CA GLY B 44 -44.56 -51.50 -11.90
C GLY B 44 -44.19 -52.55 -10.87
N HIS B 45 -44.85 -52.46 -9.71
CA HIS B 45 -44.71 -53.36 -8.57
C HIS B 45 -46.11 -53.68 -8.01
N GLU B 46 -46.21 -54.39 -6.88
CA GLU B 46 -47.51 -54.71 -6.29
C GLU B 46 -48.04 -53.43 -5.67
N ARG B 47 -49.21 -52.98 -6.09
CA ARG B 47 -49.76 -51.73 -5.59
C ARG B 47 -50.86 -51.85 -4.56
N ILE B 48 -51.25 -50.70 -3.96
CA ILE B 48 -52.29 -50.66 -2.92
C ILE B 48 -53.59 -50.94 -3.67
N PRO B 49 -54.32 -52.03 -3.38
CA PRO B 49 -55.51 -52.36 -4.15
C PRO B 49 -56.68 -51.40 -3.90
N ALA B 50 -56.80 -50.87 -2.68
CA ALA B 50 -57.97 -50.04 -2.36
C ALA B 50 -57.71 -49.04 -1.23
N PRO B 51 -58.57 -48.01 -1.07
CA PRO B 51 -58.43 -47.05 0.01
C PRO B 51 -58.58 -47.75 1.37
N MET B 52 -58.00 -47.15 2.40
CA MET B 52 -58.06 -47.75 3.72
C MET B 52 -58.06 -46.68 4.81
N ILE B 53 -58.71 -46.99 5.94
CA ILE B 53 -58.76 -46.11 7.09
C ILE B 53 -58.38 -46.97 8.30
N ARG B 54 -57.50 -46.45 9.18
CA ARG B 54 -57.09 -47.19 10.37
C ARG B 54 -58.21 -47.07 11.41
N ASP B 55 -58.60 -48.22 12.00
CA ASP B 55 -59.66 -48.31 13.00
C ASP B 55 -59.08 -48.21 14.43
N GLY B 56 -59.92 -48.35 15.45
CA GLY B 56 -59.47 -48.29 16.84
C GLY B 56 -58.46 -49.38 17.16
N SER B 57 -58.64 -50.56 16.57
CA SER B 57 -57.72 -51.68 16.76
C SER B 57 -56.29 -51.36 16.29
N GLY B 58 -56.13 -50.30 15.49
CA GLY B 58 -54.83 -49.92 14.98
C GLY B 58 -54.49 -50.63 13.68
N GLU B 59 -55.52 -51.16 12.98
CA GLU B 59 -55.35 -51.89 11.73
C GLU B 59 -55.98 -51.13 10.56
N LEU B 60 -55.38 -51.24 9.36
CA LEU B 60 -55.91 -50.56 8.18
C LEU B 60 -57.00 -51.40 7.53
N VAL B 61 -58.26 -50.94 7.68
CA VAL B 61 -59.43 -51.60 7.11
C VAL B 61 -59.77 -50.97 5.77
N GLU B 62 -60.20 -51.76 4.77
CA GLU B 62 -60.58 -51.22 3.47
C GLU B 62 -61.75 -50.26 3.61
N ALA B 63 -61.76 -49.22 2.79
CA ALA B 63 -62.82 -48.22 2.82
C ALA B 63 -63.05 -47.70 1.41
N SER B 64 -64.20 -47.06 1.17
CA SER B 64 -64.50 -46.52 -0.14
C SER B 64 -63.66 -45.26 -0.37
N TYR B 65 -63.54 -44.81 -1.63
CA TYR B 65 -62.78 -43.59 -1.92
C TYR B 65 -63.45 -42.39 -1.23
N ASP B 66 -64.78 -42.35 -1.21
CA ASP B 66 -65.47 -41.24 -0.55
C ASP B 66 -65.25 -41.24 0.96
N GLU B 67 -65.23 -42.42 1.58
CA GLU B 67 -65.03 -42.51 3.03
C GLU B 67 -63.62 -42.02 3.37
N ALA B 68 -62.60 -42.45 2.60
CA ALA B 68 -61.22 -42.03 2.87
C ALA B 68 -61.04 -40.56 2.59
N ILE B 69 -61.63 -40.05 1.49
CA ILE B 69 -61.52 -38.63 1.15
C ILE B 69 -62.23 -37.78 2.21
N ASP B 70 -63.43 -38.20 2.64
CA ASP B 70 -64.15 -37.45 3.66
C ASP B 70 -63.35 -37.44 4.96
N ARG B 71 -62.71 -38.57 5.34
CA ARG B 71 -61.90 -38.61 6.55
C ARG B 71 -60.70 -37.69 6.41
N ALA B 72 -60.10 -37.62 5.21
CA ALA B 72 -58.96 -36.75 4.96
C ALA B 72 -59.40 -35.28 5.07
N ALA B 73 -60.54 -34.93 4.48
CA ALA B 73 -61.06 -33.57 4.52
C ALA B 73 -61.34 -33.15 5.96
N GLU B 74 -61.95 -34.03 6.75
CA GLU B 74 -62.26 -33.73 8.15
C GLU B 74 -60.98 -33.51 8.94
N ILE B 75 -59.96 -34.35 8.72
CA ILE B 75 -58.69 -34.22 9.41
C ILE B 75 -58.03 -32.87 9.10
N LEU B 76 -57.95 -32.53 7.81
CA LEU B 76 -57.29 -31.31 7.36
C LEU B 76 -58.05 -30.03 7.73
N ALA B 77 -59.37 -30.02 7.55
CA ALA B 77 -60.17 -28.85 7.87
C ALA B 77 -60.18 -28.57 9.38
N GLY B 78 -60.12 -29.61 10.19
CA GLY B 78 -60.11 -29.47 11.63
C GLY B 78 -58.75 -29.20 12.24
N SER B 79 -57.72 -28.94 11.41
CA SER B 79 -56.37 -28.69 11.92
C SER B 79 -55.96 -27.22 11.93
N LYS B 80 -55.10 -26.85 12.88
CA LYS B 80 -54.56 -25.50 13.03
C LYS B 80 -53.16 -25.38 12.40
N ARG B 81 -52.44 -26.50 12.24
CA ARG B 81 -51.12 -26.49 11.64
C ARG B 81 -50.98 -27.72 10.72
N PRO B 82 -51.78 -27.79 9.66
CA PRO B 82 -51.67 -28.95 8.74
C PRO B 82 -50.48 -28.81 7.81
N LEU B 83 -49.78 -29.93 7.55
CA LEU B 83 -48.63 -29.95 6.66
C LEU B 83 -48.94 -30.85 5.46
N LEU B 84 -48.71 -30.36 4.24
CA LEU B 84 -48.92 -31.14 3.03
C LEU B 84 -47.56 -31.29 2.38
N TYR B 85 -46.94 -32.47 2.50
CA TYR B 85 -45.60 -32.72 1.99
C TYR B 85 -45.53 -33.78 0.88
N GLY B 86 -44.50 -33.68 0.04
CA GLY B 86 -44.23 -34.60 -1.07
C GLY B 86 -44.27 -33.83 -2.37
N TRP B 87 -45.28 -34.10 -3.20
CA TRP B 87 -45.55 -33.41 -4.46
C TRP B 87 -44.55 -33.61 -5.60
N ALA B 88 -43.28 -33.82 -5.28
CA ALA B 88 -42.24 -33.98 -6.29
C ALA B 88 -42.47 -35.12 -7.31
N SER B 89 -43.28 -36.14 -6.96
CA SER B 89 -43.54 -37.24 -7.87
C SER B 89 -44.95 -37.21 -8.47
N THR B 90 -45.62 -36.04 -8.48
CA THR B 90 -46.93 -35.90 -9.12
C THR B 90 -46.84 -34.75 -10.14
N SER B 91 -47.91 -34.52 -10.91
CA SER B 91 -47.94 -33.49 -11.95
C SER B 91 -48.14 -32.07 -11.40
N CYS B 92 -47.85 -31.08 -12.25
CA CYS B 92 -48.02 -29.67 -11.90
C CYS B 92 -49.51 -29.35 -11.68
N GLU B 93 -50.40 -30.03 -12.41
CA GLU B 93 -51.84 -29.82 -12.26
C GLU B 93 -52.25 -30.23 -10.86
N ALA B 94 -51.71 -31.35 -10.35
CA ALA B 94 -52.03 -31.81 -9.00
C ALA B 94 -51.34 -30.90 -7.97
N GLN B 95 -50.12 -30.43 -8.25
CA GLN B 95 -49.42 -29.52 -7.34
C GLN B 95 -50.21 -28.23 -7.17
N SER B 96 -50.81 -27.72 -8.26
CA SER B 96 -51.64 -26.52 -8.22
C SER B 96 -52.82 -26.72 -7.27
N LYS B 97 -53.45 -27.91 -7.31
CA LYS B 97 -54.56 -28.23 -6.43
C LYS B 97 -54.11 -28.34 -4.97
N GLY B 98 -52.89 -28.81 -4.75
CA GLY B 98 -52.34 -28.89 -3.40
C GLY B 98 -52.13 -27.49 -2.83
N ILE B 99 -51.71 -26.54 -3.68
CA ILE B 99 -51.50 -25.15 -3.25
C ILE B 99 -52.85 -24.52 -2.91
N LEU B 100 -53.89 -24.80 -3.72
CA LEU B 100 -55.22 -24.26 -3.44
C LEU B 100 -55.75 -24.88 -2.14
N LEU B 101 -55.52 -26.18 -1.93
CA LEU B 101 -55.99 -26.84 -0.70
C LEU B 101 -55.26 -26.23 0.52
N ALA B 102 -53.95 -25.99 0.41
CA ALA B 102 -53.16 -25.38 1.49
C ALA B 102 -53.75 -24.03 1.88
N GLU B 103 -54.20 -23.25 0.88
CA GLU B 103 -54.77 -21.94 1.14
C GLU B 103 -56.10 -22.05 1.89
N ILE B 104 -56.98 -22.96 1.48
CA ILE B 104 -58.28 -23.13 2.12
C ILE B 104 -58.14 -23.62 3.56
N ILE B 105 -57.22 -24.55 3.82
CA ILE B 105 -57.04 -25.07 5.19
C ILE B 105 -56.03 -24.27 6.03
N GLY B 106 -55.39 -23.25 5.44
CA GLY B 106 -54.40 -22.45 6.15
C GLY B 106 -53.21 -23.29 6.58
N GLY B 107 -52.73 -24.12 5.66
CA GLY B 107 -51.63 -25.03 5.96
C GLY B 107 -50.29 -24.69 5.33
N VAL B 108 -49.32 -25.55 5.62
CA VAL B 108 -47.97 -25.43 5.07
C VAL B 108 -47.82 -26.47 3.99
N ILE B 109 -47.40 -26.06 2.81
CA ILE B 109 -47.19 -27.00 1.71
C ILE B 109 -45.70 -27.01 1.40
N ASP B 110 -45.06 -28.17 1.57
CA ASP B 110 -43.63 -28.30 1.36
C ASP B 110 -43.31 -29.41 0.35
N ASN B 111 -42.32 -29.13 -0.51
CA ASN B 111 -41.85 -30.05 -1.54
C ASN B 111 -40.71 -30.92 -0.97
N THR B 112 -40.24 -31.93 -1.73
CA THR B 112 -39.10 -32.72 -1.28
C THR B 112 -37.83 -31.81 -1.33
N ALA B 113 -37.94 -30.61 -1.94
CA ALA B 113 -36.84 -29.66 -2.04
C ALA B 113 -36.26 -29.31 -0.68
N SER B 114 -37.07 -29.25 0.38
CA SER B 114 -36.57 -28.93 1.72
C SER B 114 -35.42 -29.86 2.14
N VAL B 115 -35.46 -31.13 1.72
CA VAL B 115 -34.42 -32.13 2.03
C VAL B 115 -33.52 -32.44 0.82
N CYS B 116 -33.61 -31.61 -0.24
CA CYS B 116 -32.86 -31.85 -1.46
C CYS B 116 -32.18 -30.56 -2.02
N HIS B 117 -32.77 -29.88 -3.04
CA HIS B 117 -32.13 -28.67 -3.60
C HIS B 117 -32.70 -27.36 -3.04
N GLY B 118 -33.37 -27.41 -1.88
CA GLY B 118 -33.88 -26.23 -1.20
C GLY B 118 -32.73 -25.26 -0.93
N PRO B 119 -31.61 -25.77 -0.38
CA PRO B 119 -30.44 -24.89 -0.19
C PRO B 119 -29.96 -24.26 -1.49
N SER B 120 -30.14 -24.93 -2.64
CA SER B 120 -29.74 -24.37 -3.94
C SER B 120 -30.63 -23.16 -4.24
N THR B 121 -31.94 -23.27 -3.97
CA THR B 121 -32.86 -22.17 -4.19
C THR B 121 -32.48 -21.01 -3.26
N LEU B 122 -32.12 -21.31 -2.00
CA LEU B 122 -31.69 -20.27 -1.07
C LEU B 122 -30.45 -19.55 -1.60
N ALA B 123 -29.52 -20.29 -2.22
CA ALA B 123 -28.32 -19.70 -2.79
C ALA B 123 -28.68 -18.86 -4.03
N VAL B 124 -29.61 -19.33 -4.85
CA VAL B 124 -30.07 -18.62 -6.05
C VAL B 124 -30.75 -17.31 -5.63
N GLN B 125 -31.44 -17.31 -4.49
CA GLN B 125 -32.08 -16.11 -3.98
C GLN B 125 -31.07 -15.08 -3.48
N GLU B 126 -29.79 -15.48 -3.35
CA GLU B 126 -28.71 -14.62 -2.90
C GLU B 126 -27.91 -14.11 -4.10
N LYS B 127 -27.66 -14.98 -5.10
CA LYS B 127 -26.81 -14.62 -6.24
C LYS B 127 -27.38 -14.75 -7.65
N GLY B 128 -28.48 -15.49 -7.81
CA GLY B 128 -29.04 -15.72 -9.14
C GLY B 128 -28.42 -16.98 -9.72
N LEU B 129 -29.11 -17.66 -10.63
CA LEU B 129 -28.59 -18.91 -11.21
C LEU B 129 -28.09 -18.79 -12.65
N PRO B 130 -26.78 -18.84 -12.93
CA PRO B 130 -26.29 -18.81 -14.31
C PRO B 130 -26.36 -20.20 -14.96
N THR B 131 -27.51 -20.54 -15.58
CA THR B 131 -27.66 -21.88 -16.16
C THR B 131 -27.97 -21.88 -17.68
N ALA B 132 -28.33 -23.04 -18.24
CA ALA B 132 -28.66 -23.25 -19.64
C ALA B 132 -29.49 -24.52 -19.79
N SER B 133 -30.25 -24.64 -20.88
CA SER B 133 -31.01 -25.86 -21.13
C SER B 133 -30.00 -26.97 -21.45
N LEU B 134 -30.30 -28.23 -21.10
CA LEU B 134 -29.37 -29.33 -21.28
C LEU B 134 -28.80 -29.50 -22.69
N GLY B 135 -29.53 -29.08 -23.71
CA GLY B 135 -29.06 -29.16 -25.09
C GLY B 135 -27.89 -28.22 -25.35
N GLN B 136 -27.77 -27.13 -24.58
CA GLN B 136 -26.67 -26.19 -24.75
C GLN B 136 -25.35 -26.86 -24.38
N MET B 137 -25.29 -27.53 -23.23
CA MET B 137 -24.08 -28.21 -22.80
C MET B 137 -23.79 -29.40 -23.72
N LYS B 138 -24.84 -30.09 -24.19
CA LYS B 138 -24.68 -31.23 -25.09
C LYS B 138 -23.97 -30.81 -26.37
N ASN B 139 -24.32 -29.65 -26.90
CA ASN B 139 -23.75 -29.16 -28.14
C ASN B 139 -22.47 -28.34 -28.01
N ARG B 140 -22.14 -27.81 -26.81
CA ARG B 140 -20.95 -26.95 -26.66
C ARG B 140 -19.97 -27.24 -25.53
N ALA B 141 -20.38 -27.92 -24.45
CA ALA B 141 -19.49 -28.13 -23.30
C ALA B 141 -18.24 -28.98 -23.54
N ASP B 142 -17.06 -28.36 -23.48
CA ASP B 142 -15.79 -29.08 -23.59
C ASP B 142 -15.21 -29.35 -22.19
N LEU B 143 -15.83 -28.79 -21.12
CA LEU B 143 -15.41 -29.03 -19.74
C LEU B 143 -16.70 -29.24 -18.93
N VAL B 144 -16.80 -30.37 -18.22
CA VAL B 144 -17.96 -30.69 -17.42
C VAL B 144 -17.49 -31.16 -16.05
N ILE B 145 -17.91 -30.51 -14.97
CA ILE B 145 -17.50 -30.91 -13.63
C ILE B 145 -18.70 -31.45 -12.85
N PHE B 146 -18.61 -32.69 -12.37
CA PHE B 146 -19.68 -33.28 -11.56
C PHE B 146 -19.23 -33.05 -10.12
N TRP B 147 -19.82 -32.05 -9.45
CA TRP B 147 -19.45 -31.69 -8.08
C TRP B 147 -20.48 -32.17 -7.07
N GLY B 148 -20.12 -33.18 -6.28
CA GLY B 148 -21.03 -33.68 -5.26
C GLY B 148 -22.25 -34.36 -5.82
N CYS B 149 -22.12 -35.01 -6.98
CA CYS B 149 -23.21 -35.74 -7.60
C CYS B 149 -22.63 -37.02 -8.22
N ASN B 150 -23.40 -38.11 -8.14
CA ASN B 150 -23.00 -39.40 -8.68
C ASN B 150 -23.97 -39.80 -9.81
N PRO B 151 -23.94 -39.11 -10.97
CA PRO B 151 -24.89 -39.43 -12.05
C PRO B 151 -24.90 -40.88 -12.54
N VAL B 152 -23.79 -41.62 -12.37
CA VAL B 152 -23.74 -43.02 -12.81
C VAL B 152 -24.83 -43.84 -12.07
N HIS B 153 -25.12 -43.48 -10.81
CA HIS B 153 -26.13 -44.17 -10.02
C HIS B 153 -27.44 -43.38 -9.85
N ALA B 154 -27.39 -42.03 -9.89
CA ALA B 154 -28.57 -41.18 -9.68
C ALA B 154 -29.27 -40.65 -10.96
N HIS B 155 -28.54 -40.39 -12.04
CA HIS B 155 -29.13 -39.90 -13.30
C HIS B 155 -28.43 -40.74 -14.37
N PRO B 156 -28.74 -42.05 -14.43
CA PRO B 156 -28.00 -42.96 -15.32
C PRO B 156 -27.82 -42.56 -16.79
N ARG B 157 -28.83 -41.98 -17.44
CA ARG B 157 -28.69 -41.61 -18.85
C ARG B 157 -28.24 -40.17 -19.08
N HIS B 158 -27.93 -39.41 -18.02
CA HIS B 158 -27.50 -38.01 -18.18
C HIS B 158 -26.25 -37.92 -19.05
N MET B 159 -25.25 -38.77 -18.78
CA MET B 159 -24.01 -38.75 -19.54
C MET B 159 -24.20 -39.14 -21.00
N SER B 160 -25.02 -40.15 -21.28
CA SER B 160 -25.26 -40.58 -22.65
C SER B 160 -26.23 -39.70 -23.43
N ARG B 161 -27.07 -38.92 -22.75
CA ARG B 161 -28.07 -38.08 -23.41
C ARG B 161 -27.68 -36.61 -23.49
N TYR B 162 -26.98 -36.06 -22.49
CA TYR B 162 -26.67 -34.63 -22.52
C TYR B 162 -25.28 -34.18 -22.11
N SER B 163 -24.64 -34.84 -21.14
CA SER B 163 -23.40 -34.30 -20.51
C SER B 163 -22.06 -34.76 -21.10
N VAL B 164 -21.93 -35.96 -21.67
CA VAL B 164 -20.55 -36.39 -22.09
C VAL B 164 -20.43 -37.12 -23.43
N TYR B 165 -21.07 -38.27 -23.59
CA TYR B 165 -20.82 -39.14 -24.78
C TYR B 165 -21.53 -38.70 -26.07
N LYS B 166 -22.44 -37.75 -25.97
CA LYS B 166 -23.15 -37.31 -27.16
C LYS B 166 -22.30 -36.42 -28.03
N LYS B 167 -22.50 -36.53 -29.34
CA LYS B 167 -21.80 -35.67 -30.28
C LYS B 167 -22.67 -34.43 -30.41
N GLY B 168 -22.03 -33.27 -30.42
CA GLY B 168 -22.72 -31.99 -30.51
C GLY B 168 -22.42 -31.27 -31.80
N PHE B 169 -23.18 -30.20 -32.08
CA PHE B 169 -22.96 -29.41 -33.28
C PHE B 169 -21.54 -28.84 -33.31
N PHE B 170 -21.00 -28.48 -32.12
CA PHE B 170 -19.65 -27.94 -31.98
C PHE B 170 -18.66 -28.97 -31.40
N LEU B 171 -19.08 -30.24 -31.25
CA LEU B 171 -18.23 -31.32 -30.71
C LEU B 171 -18.50 -32.56 -31.56
N ASP B 172 -17.86 -32.62 -32.75
CA ASP B 172 -18.04 -33.71 -33.73
C ASP B 172 -17.67 -35.14 -33.29
N ARG B 173 -16.98 -35.30 -32.17
CA ARG B 173 -16.57 -36.64 -31.71
C ARG B 173 -17.30 -37.09 -30.45
N GLY B 174 -17.63 -36.16 -29.57
CA GLY B 174 -18.33 -36.48 -28.33
C GLY B 174 -17.41 -36.43 -27.13
N ARG B 175 -17.31 -37.53 -26.37
CA ARG B 175 -16.48 -37.61 -25.17
C ARG B 175 -15.03 -37.18 -25.40
N GLN B 176 -14.46 -37.50 -26.57
CA GLN B 176 -13.08 -37.11 -26.87
C GLN B 176 -12.91 -35.59 -27.02
N ASN B 177 -14.00 -34.85 -27.31
CA ASN B 177 -13.95 -33.39 -27.41
C ASN B 177 -14.12 -32.73 -26.04
N ARG B 178 -14.35 -33.51 -24.98
CA ARG B 178 -14.58 -32.95 -23.66
C ARG B 178 -13.65 -33.54 -22.59
N LYS B 179 -13.51 -32.79 -21.48
CA LYS B 179 -12.75 -33.19 -20.30
C LYS B 179 -13.76 -33.11 -19.16
N PHE B 180 -14.07 -34.25 -18.54
CA PHE B 180 -14.98 -34.23 -17.36
C PHE B 180 -14.21 -34.50 -16.07
N VAL B 181 -14.61 -33.80 -15.02
CA VAL B 181 -13.97 -33.92 -13.71
C VAL B 181 -15.02 -34.22 -12.66
N THR B 182 -14.64 -34.90 -11.58
CA THR B 182 -15.58 -35.18 -10.49
C THR B 182 -14.95 -34.73 -9.19
N VAL B 183 -15.72 -34.05 -8.33
CA VAL B 183 -15.24 -33.60 -7.04
C VAL B 183 -16.13 -34.32 -6.03
N ASP B 184 -15.53 -35.18 -5.18
CA ASP B 184 -16.28 -35.94 -4.20
C ASP B 184 -15.37 -36.32 -3.02
N VAL B 185 -15.95 -36.89 -1.97
CA VAL B 185 -15.20 -37.33 -0.79
C VAL B 185 -14.79 -38.81 -0.89
N ARG B 186 -15.36 -39.55 -1.84
CA ARG B 186 -15.06 -40.96 -2.06
C ARG B 186 -14.98 -41.19 -3.56
N MET B 187 -14.20 -42.18 -3.98
CA MET B 187 -14.07 -42.50 -5.40
C MET B 187 -15.31 -43.26 -5.85
N THR B 188 -16.28 -42.53 -6.43
CA THR B 188 -17.53 -43.10 -6.94
C THR B 188 -17.31 -43.67 -8.35
N ASP B 189 -18.31 -44.35 -8.91
CA ASP B 189 -18.21 -44.87 -10.28
C ASP B 189 -18.15 -43.69 -11.28
N THR B 190 -18.74 -42.53 -10.91
CA THR B 190 -18.68 -41.35 -11.77
C THR B 190 -17.21 -40.87 -11.81
N ALA B 191 -16.56 -40.84 -10.64
CA ALA B 191 -15.17 -40.39 -10.53
C ALA B 191 -14.18 -41.31 -11.24
N ALA B 192 -14.39 -42.63 -11.15
CA ALA B 192 -13.50 -43.61 -11.78
C ALA B 192 -13.33 -43.41 -13.28
N ILE B 193 -14.41 -43.04 -13.98
CA ILE B 193 -14.39 -42.86 -15.43
C ILE B 193 -14.03 -41.44 -15.89
N SER B 194 -13.83 -40.51 -14.96
CA SER B 194 -13.52 -39.14 -15.30
C SER B 194 -12.07 -38.90 -15.71
N ASP B 195 -11.82 -37.76 -16.39
CA ASP B 195 -10.44 -37.38 -16.76
C ASP B 195 -9.68 -37.05 -15.46
N GLU B 196 -10.36 -36.45 -14.48
CA GLU B 196 -9.74 -36.08 -13.22
C GLU B 196 -10.70 -36.29 -12.05
N PHE B 197 -10.18 -36.74 -10.88
CA PHE B 197 -10.99 -36.90 -9.68
C PHE B 197 -10.33 -36.11 -8.56
N ILE B 198 -11.03 -35.08 -8.02
CA ILE B 198 -10.51 -34.27 -6.93
C ILE B 198 -11.14 -34.76 -5.66
N GLN B 199 -10.42 -35.61 -4.89
CA GLN B 199 -10.97 -36.12 -3.64
C GLN B 199 -10.75 -35.05 -2.59
N ILE B 200 -11.83 -34.57 -1.99
CA ILE B 200 -11.75 -33.52 -0.98
C ILE B 200 -12.23 -34.07 0.38
N GLU B 201 -11.94 -33.33 1.45
CA GLU B 201 -12.36 -33.73 2.80
C GLU B 201 -13.84 -33.42 2.95
N GLN B 202 -14.55 -34.22 3.74
CA GLN B 202 -15.98 -34.04 3.98
C GLN B 202 -16.29 -32.68 4.54
N GLY B 203 -17.26 -31.99 3.93
CA GLY B 203 -17.68 -30.69 4.42
C GLY B 203 -16.69 -29.57 4.21
N SER B 204 -15.79 -29.71 3.21
CA SER B 204 -14.78 -28.69 2.93
C SER B 204 -15.04 -27.91 1.62
N ASP B 205 -16.15 -28.19 0.94
CA ASP B 205 -16.45 -27.54 -0.35
C ASP B 205 -16.41 -26.02 -0.35
N TYR B 206 -16.97 -25.36 0.68
CA TYR B 206 -16.97 -23.90 0.72
C TYR B 206 -15.54 -23.34 0.69
N LEU B 207 -14.62 -23.98 1.42
CA LEU B 207 -13.19 -23.53 1.43
C LEU B 207 -12.58 -23.79 0.05
N ILE B 208 -12.80 -24.97 -0.52
CA ILE B 208 -12.20 -25.35 -1.80
C ILE B 208 -12.66 -24.38 -2.89
N VAL B 209 -13.97 -24.11 -2.96
CA VAL B 209 -14.52 -23.21 -3.97
C VAL B 209 -14.02 -21.78 -3.71
N SER B 210 -13.95 -21.35 -2.44
CA SER B 210 -13.45 -20.02 -2.11
C SER B 210 -12.01 -19.83 -2.60
N ALA B 211 -11.16 -20.86 -2.42
CA ALA B 211 -9.77 -20.80 -2.85
C ALA B 211 -9.66 -20.83 -4.38
N ILE B 212 -10.46 -21.67 -5.05
CA ILE B 212 -10.45 -21.74 -6.51
C ILE B 212 -10.86 -20.39 -7.09
N ARG B 213 -11.92 -19.78 -6.51
CA ARG B 213 -12.39 -18.46 -6.97
C ARG B 213 -11.29 -17.43 -6.77
N ALA B 214 -10.57 -17.48 -5.64
CA ALA B 214 -9.47 -16.54 -5.39
C ALA B 214 -8.40 -16.69 -6.48
N LEU B 215 -8.10 -17.92 -6.87
CA LEU B 215 -7.09 -18.17 -7.89
C LEU B 215 -7.57 -17.72 -9.27
N VAL B 216 -8.86 -17.89 -9.56
CA VAL B 216 -9.44 -17.46 -10.83
C VAL B 216 -9.34 -15.94 -10.93
N ASN B 217 -9.58 -15.23 -9.82
CA ASN B 217 -9.52 -13.76 -9.78
C ASN B 217 -8.10 -13.19 -9.65
N GLY B 218 -7.08 -14.05 -9.65
CA GLY B 218 -5.69 -13.62 -9.54
C GLY B 218 -5.29 -13.17 -8.15
N LYS B 219 -5.93 -13.74 -7.12
CA LYS B 219 -5.65 -13.40 -5.73
C LYS B 219 -5.09 -14.63 -4.99
N GLY B 220 -4.28 -15.44 -5.68
CA GLY B 220 -3.69 -16.63 -5.10
C GLY B 220 -2.85 -16.37 -3.88
N ASP B 221 -2.33 -15.14 -3.74
CA ASP B 221 -1.48 -14.79 -2.60
C ASP B 221 -2.20 -14.96 -1.25
N VAL B 222 -3.54 -14.86 -1.23
CA VAL B 222 -4.29 -15.05 0.02
C VAL B 222 -4.65 -16.52 0.26
N VAL B 223 -4.38 -17.41 -0.71
CA VAL B 223 -4.68 -18.83 -0.58
C VAL B 223 -3.47 -19.52 0.06
N PRO B 224 -3.67 -20.26 1.18
CA PRO B 224 -2.51 -20.94 1.81
C PRO B 224 -1.99 -22.12 0.98
N GLU B 225 -0.86 -22.71 1.41
CA GLU B 225 -0.25 -23.84 0.69
C GLU B 225 -1.16 -25.05 0.59
N THR B 226 -1.98 -25.32 1.61
CA THR B 226 -2.92 -26.43 1.57
C THR B 226 -4.26 -25.92 2.13
N VAL B 227 -5.37 -26.26 1.46
CA VAL B 227 -6.72 -25.88 1.87
C VAL B 227 -7.46 -27.18 2.12
N ALA B 228 -7.83 -27.46 3.38
CA ALA B 228 -8.55 -28.68 3.74
C ALA B 228 -7.87 -29.94 3.13
N GLY B 229 -6.56 -30.06 3.30
CA GLY B 229 -5.80 -31.19 2.81
C GLY B 229 -5.48 -31.20 1.32
N VAL B 230 -6.04 -30.26 0.53
CA VAL B 230 -5.77 -30.21 -0.90
C VAL B 230 -4.62 -29.22 -1.19
N PRO B 231 -3.54 -29.62 -1.89
CA PRO B 231 -2.47 -28.65 -2.17
C PRO B 231 -2.94 -27.48 -3.04
N LYS B 232 -2.35 -26.31 -2.81
CA LYS B 232 -2.67 -25.11 -3.56
C LYS B 232 -2.41 -25.30 -5.05
N GLU B 233 -1.34 -26.00 -5.40
CA GLU B 233 -0.98 -26.26 -6.79
C GLU B 233 -2.07 -27.06 -7.51
N GLU B 234 -2.78 -27.96 -6.80
CA GLU B 234 -3.87 -28.73 -7.42
C GLU B 234 -5.04 -27.79 -7.67
N LEU B 235 -5.34 -26.91 -6.71
CA LEU B 235 -6.44 -25.95 -6.87
C LEU B 235 -6.14 -25.00 -8.02
N ALA B 236 -4.87 -24.62 -8.21
CA ALA B 236 -4.46 -23.75 -9.30
C ALA B 236 -4.68 -24.44 -10.64
N ARG B 237 -4.41 -25.76 -10.70
CA ARG B 237 -4.61 -26.56 -11.91
C ARG B 237 -6.09 -26.63 -12.26
N VAL B 238 -6.96 -26.76 -11.24
CA VAL B 238 -8.41 -26.82 -11.46
C VAL B 238 -8.86 -25.48 -12.03
N ALA B 239 -8.41 -24.38 -11.40
CA ALA B 239 -8.75 -23.03 -11.86
C ALA B 239 -8.30 -22.84 -13.30
N GLU B 240 -7.10 -23.37 -13.66
CA GLU B 240 -6.56 -23.28 -15.02
C GLU B 240 -7.47 -24.00 -16.01
N MET B 241 -7.96 -25.20 -15.66
CA MET B 241 -8.88 -25.94 -16.54
C MET B 241 -10.16 -25.14 -16.73
N MET B 242 -10.64 -24.48 -15.67
CA MET B 242 -11.88 -23.74 -15.76
C MET B 242 -11.77 -22.52 -16.67
N THR B 243 -10.67 -21.76 -16.54
CA THR B 243 -10.44 -20.55 -17.35
C THR B 243 -9.96 -20.82 -18.77
N SER B 244 -9.40 -22.01 -19.05
CA SER B 244 -8.89 -22.33 -20.37
C SER B 244 -9.92 -23.03 -21.29
N CYS B 245 -11.06 -23.47 -20.75
CA CYS B 245 -12.07 -24.13 -21.57
C CYS B 245 -12.85 -23.10 -22.41
N ARG B 246 -13.53 -23.59 -23.46
CA ARG B 246 -14.34 -22.76 -24.36
C ARG B 246 -15.77 -22.61 -23.80
N PHE B 247 -16.29 -23.68 -23.18
CA PHE B 247 -17.62 -23.70 -22.59
C PHE B 247 -17.58 -24.70 -21.43
N GLY B 248 -17.71 -24.20 -20.21
CA GLY B 248 -17.69 -25.05 -19.03
C GLY B 248 -19.06 -25.16 -18.39
N MET B 249 -19.29 -26.28 -17.68
CA MET B 249 -20.55 -26.50 -16.99
C MET B 249 -20.29 -27.25 -15.70
N ILE B 250 -20.90 -26.80 -14.59
CA ILE B 250 -20.78 -27.50 -13.31
C ILE B 250 -22.13 -28.14 -13.05
N LEU B 251 -22.14 -29.45 -12.82
CA LEU B 251 -23.35 -30.19 -12.50
C LEU B 251 -23.14 -30.62 -11.07
N TYR B 252 -23.93 -30.09 -10.14
CA TYR B 252 -23.74 -30.41 -8.72
C TYR B 252 -24.97 -31.05 -8.10
N GLY B 253 -24.76 -31.78 -7.00
CA GLY B 253 -25.84 -32.46 -6.31
C GLY B 253 -25.83 -32.36 -4.80
N MET B 254 -26.33 -33.42 -4.16
CA MET B 254 -26.47 -33.52 -2.71
C MET B 254 -25.18 -33.32 -1.92
N GLY B 255 -24.04 -33.49 -2.57
CA GLY B 255 -22.76 -33.28 -1.90
C GLY B 255 -22.55 -31.86 -1.43
N LEU B 256 -23.26 -30.89 -2.03
CA LEU B 256 -23.16 -29.48 -1.65
C LEU B 256 -24.37 -29.05 -0.83
N THR B 257 -25.56 -29.54 -1.15
CA THR B 257 -26.77 -29.11 -0.45
C THR B 257 -26.93 -29.73 0.95
N GLN B 258 -26.53 -31.00 1.14
CA GLN B 258 -26.71 -31.67 2.44
C GLN B 258 -25.46 -31.72 3.31
N SER B 259 -24.31 -31.29 2.80
CA SER B 259 -23.06 -31.29 3.55
C SER B 259 -22.96 -29.99 4.38
N ARG B 260 -21.91 -29.87 5.22
CA ARG B 260 -21.71 -28.69 6.06
C ARG B 260 -21.77 -27.37 5.28
N SER B 261 -22.36 -26.32 5.88
CA SER B 261 -22.50 -24.99 5.29
C SER B 261 -23.77 -24.84 4.45
N LYS B 262 -24.32 -25.97 3.97
CA LYS B 262 -25.57 -26.03 3.21
C LYS B 262 -25.60 -25.08 2.00
N TYR B 263 -26.54 -24.14 1.97
CA TYR B 263 -26.69 -23.25 0.79
C TYR B 263 -25.43 -22.41 0.57
N LYS B 264 -24.63 -22.20 1.61
CA LYS B 264 -23.38 -21.41 1.50
C LYS B 264 -22.46 -22.06 0.45
N ASN B 265 -22.55 -23.38 0.29
CA ASN B 265 -21.72 -24.11 -0.71
C ASN B 265 -22.10 -23.74 -2.14
N ILE B 266 -23.40 -23.56 -2.42
CA ILE B 266 -23.88 -23.27 -3.76
C ILE B 266 -23.67 -21.79 -4.09
N ASP B 267 -23.96 -20.86 -3.16
CA ASP B 267 -23.79 -19.45 -3.49
C ASP B 267 -22.31 -19.10 -3.78
N ILE B 268 -21.32 -19.75 -3.10
CA ILE B 268 -19.91 -19.47 -3.46
C ILE B 268 -19.64 -20.02 -4.88
N ALA B 269 -20.26 -21.17 -5.24
CA ALA B 269 -20.11 -21.75 -6.57
C ALA B 269 -20.79 -20.85 -7.61
N LEU B 270 -21.90 -20.19 -7.25
CA LEU B 270 -22.60 -19.28 -8.18
C LEU B 270 -21.71 -18.05 -8.40
N SER B 271 -21.00 -17.59 -7.35
CA SER B 271 -20.07 -16.47 -7.48
C SER B 271 -18.87 -16.89 -8.34
N LEU B 272 -18.42 -18.15 -8.23
CA LEU B 272 -17.31 -18.64 -9.03
C LEU B 272 -17.73 -18.65 -10.51
N ILE B 273 -18.94 -19.11 -10.81
CA ILE B 273 -19.44 -19.15 -12.19
C ILE B 273 -19.58 -17.75 -12.74
N ASN B 274 -20.04 -16.81 -11.92
CA ASN B 274 -20.18 -15.41 -12.32
C ASN B 274 -18.79 -14.86 -12.67
N ASP B 275 -17.80 -15.05 -11.79
CA ASP B 275 -16.44 -14.58 -12.02
C ASP B 275 -15.81 -15.25 -13.24
N LEU B 276 -16.06 -16.56 -13.41
CA LEU B 276 -15.50 -17.28 -14.54
C LEU B 276 -15.98 -16.72 -15.88
N ASN B 277 -17.17 -16.10 -15.91
CA ASN B 277 -17.69 -15.53 -17.16
C ASN B 277 -16.94 -14.26 -17.59
N THR B 278 -15.95 -13.84 -16.80
CA THR B 278 -15.05 -12.72 -17.20
C THR B 278 -13.87 -13.29 -18.00
N LYS B 279 -13.71 -14.62 -18.06
CA LYS B 279 -12.62 -15.31 -18.74
C LYS B 279 -13.12 -16.16 -19.91
N THR B 280 -14.21 -16.91 -19.72
CA THR B 280 -14.77 -17.79 -20.76
C THR B 280 -16.28 -18.03 -20.50
N LYS B 281 -16.96 -18.84 -21.33
CA LYS B 281 -18.37 -19.14 -21.15
C LYS B 281 -18.49 -20.24 -20.10
N PHE B 282 -19.28 -20.00 -19.04
CA PHE B 282 -19.45 -21.00 -17.99
C PHE B 282 -20.88 -20.93 -17.44
N VAL B 283 -21.47 -22.10 -17.20
CA VAL B 283 -22.82 -22.23 -16.66
C VAL B 283 -22.82 -23.28 -15.53
N ILE B 284 -23.93 -23.40 -14.82
CA ILE B 284 -24.06 -24.35 -13.72
C ILE B 284 -25.49 -24.83 -13.64
N THR B 285 -25.69 -26.09 -13.25
CA THR B 285 -27.04 -26.64 -13.16
C THR B 285 -27.17 -27.58 -11.97
N PRO B 286 -28.20 -27.38 -11.14
CA PRO B 286 -28.42 -28.32 -10.03
C PRO B 286 -29.01 -29.62 -10.61
N MET B 287 -28.44 -30.77 -10.26
CA MET B 287 -28.95 -32.06 -10.75
C MET B 287 -30.21 -32.42 -9.95
N ARG B 288 -31.36 -31.83 -10.35
CA ARG B 288 -32.65 -32.01 -9.67
C ARG B 288 -33.05 -33.49 -9.57
N GLY B 289 -33.51 -33.90 -8.39
CA GLY B 289 -33.85 -35.27 -8.07
C GLY B 289 -35.00 -35.93 -8.80
N HIS B 290 -36.21 -35.78 -8.27
CA HIS B 290 -37.40 -36.40 -8.86
C HIS B 290 -37.77 -35.78 -10.21
N TYR B 291 -38.52 -36.52 -11.02
CA TYR B 291 -38.92 -36.06 -12.34
C TYR B 291 -39.73 -34.76 -12.30
N ASN B 292 -40.39 -34.43 -11.17
CA ASN B 292 -41.15 -33.19 -11.08
C ASN B 292 -40.92 -32.40 -9.79
N VAL B 293 -39.76 -32.53 -9.16
CA VAL B 293 -39.44 -31.66 -7.98
C VAL B 293 -39.35 -30.22 -8.49
N THR B 294 -38.79 -30.03 -9.69
CA THR B 294 -38.64 -28.70 -10.30
C THR B 294 -40.01 -28.08 -10.55
N GLY B 295 -40.97 -28.89 -10.96
CA GLY B 295 -42.31 -28.42 -11.26
C GLY B 295 -43.04 -27.78 -10.09
N PHE B 296 -42.89 -28.34 -8.87
CA PHE B 296 -43.56 -27.76 -7.71
C PHE B 296 -43.04 -26.36 -7.43
N GLY B 297 -41.72 -26.20 -7.44
CA GLY B 297 -41.11 -24.90 -7.21
C GLY B 297 -41.56 -23.88 -8.25
N GLN B 298 -41.80 -24.32 -9.48
CA GLN B 298 -42.24 -23.43 -10.54
C GLN B 298 -43.68 -22.99 -10.30
N VAL B 299 -44.59 -23.95 -10.05
CA VAL B 299 -46.00 -23.65 -9.83
C VAL B 299 -46.19 -22.80 -8.58
N CYS B 300 -45.60 -23.21 -7.46
CA CYS B 300 -45.73 -22.48 -6.21
C CYS B 300 -45.22 -21.06 -6.34
N SER B 301 -44.12 -20.86 -7.08
CA SER B 301 -43.56 -19.53 -7.24
C SER B 301 -44.44 -18.62 -8.09
N TRP B 302 -44.99 -19.12 -9.21
CA TRP B 302 -45.83 -18.25 -10.04
C TRP B 302 -47.20 -18.00 -9.42
N GLN B 303 -47.67 -18.88 -8.52
CA GLN B 303 -48.98 -18.69 -7.88
C GLN B 303 -48.90 -17.97 -6.53
N THR B 304 -47.79 -18.10 -5.80
CA THR B 304 -47.67 -17.49 -4.46
C THR B 304 -46.51 -16.50 -4.34
N GLY B 305 -45.53 -16.60 -5.23
CA GLY B 305 -44.34 -15.76 -5.20
C GLY B 305 -43.13 -16.45 -4.61
N PHE B 306 -43.33 -17.65 -4.01
CA PHE B 306 -42.25 -18.40 -3.35
C PHE B 306 -42.25 -19.89 -3.75
N PRO B 307 -41.10 -20.60 -3.73
CA PRO B 307 -41.04 -22.01 -4.15
C PRO B 307 -41.79 -22.92 -3.16
N THR B 308 -41.83 -22.56 -1.87
CA THR B 308 -42.55 -23.32 -0.82
C THR B 308 -43.31 -22.26 0.01
N VAL B 309 -44.41 -22.63 0.64
CA VAL B 309 -45.21 -21.56 1.31
C VAL B 309 -46.00 -22.01 2.55
N ASP B 310 -46.18 -21.08 3.49
CA ASP B 310 -47.02 -21.30 4.68
C ASP B 310 -48.20 -20.33 4.49
N LEU B 311 -49.40 -20.85 4.33
CA LEU B 311 -50.57 -20.01 4.11
C LEU B 311 -51.49 -19.92 5.33
N ALA B 312 -50.93 -20.06 6.54
CA ALA B 312 -51.71 -20.02 7.77
C ALA B 312 -52.54 -18.75 7.94
N ARG B 313 -51.98 -17.58 7.60
CA ARG B 313 -52.69 -16.32 7.76
C ARG B 313 -53.37 -15.82 6.47
N GLY B 314 -53.69 -16.74 5.56
CA GLY B 314 -54.34 -16.39 4.30
C GLY B 314 -53.46 -15.59 3.36
N VAL B 315 -52.15 -15.60 3.59
CA VAL B 315 -51.19 -14.86 2.77
C VAL B 315 -49.90 -15.68 2.67
N PRO B 316 -49.22 -15.73 1.51
CA PRO B 316 -47.98 -16.51 1.43
C PRO B 316 -46.90 -16.10 2.41
N TYR B 317 -46.27 -17.07 3.07
CA TYR B 317 -45.16 -16.82 3.97
C TYR B 317 -44.08 -17.86 3.66
N TYR B 318 -42.88 -17.40 3.32
CA TYR B 318 -41.79 -18.31 2.96
C TYR B 318 -40.57 -18.07 3.80
N ASN B 319 -40.07 -19.13 4.44
CA ASN B 319 -38.86 -19.05 5.24
C ASN B 319 -38.37 -20.44 5.61
N PRO B 320 -37.57 -21.10 4.74
CA PRO B 320 -37.03 -22.41 5.13
C PRO B 320 -36.26 -22.27 6.45
N GLY B 321 -36.32 -23.30 7.28
CA GLY B 321 -35.69 -23.25 8.60
C GLY B 321 -36.72 -22.95 9.68
N GLU B 322 -37.92 -22.53 9.25
CA GLU B 322 -39.04 -22.21 10.12
C GLU B 322 -40.30 -22.98 9.67
N MET B 323 -40.56 -22.98 8.35
CA MET B 323 -41.79 -23.63 7.81
C MET B 323 -41.48 -24.82 6.88
N SER B 324 -40.29 -25.42 6.96
CA SER B 324 -40.02 -26.64 6.16
C SER B 324 -40.54 -27.87 6.93
N ALA B 325 -40.82 -28.96 6.23
CA ALA B 325 -41.38 -30.18 6.86
C ALA B 325 -40.59 -30.55 8.13
N ASN B 326 -39.29 -30.77 7.99
CA ASN B 326 -38.51 -31.22 9.15
C ASN B 326 -38.35 -30.16 10.23
N ASP B 327 -38.48 -28.86 9.88
CA ASP B 327 -38.40 -27.81 10.88
C ASP B 327 -39.64 -27.91 11.78
N LEU B 328 -40.81 -28.06 11.16
CA LEU B 328 -42.08 -28.15 11.88
C LEU B 328 -42.18 -29.44 12.67
N LEU B 329 -41.71 -30.57 12.10
CA LEU B 329 -41.78 -31.85 12.80
C LEU B 329 -40.81 -31.89 13.96
N MET B 330 -39.58 -31.36 13.78
CA MET B 330 -38.61 -31.34 14.87
C MET B 330 -39.13 -30.46 16.02
N ARG B 331 -39.87 -29.38 15.70
CA ARG B 331 -40.47 -28.52 16.71
C ARG B 331 -41.77 -29.13 17.29
N ASP B 332 -42.27 -30.23 16.68
CA ASP B 332 -43.48 -30.92 17.12
C ASP B 332 -44.67 -29.99 17.13
N GLU B 333 -44.79 -29.17 16.08
CA GLU B 333 -45.90 -28.21 15.99
C GLU B 333 -46.95 -28.59 14.94
N VAL B 334 -46.76 -29.70 14.21
CA VAL B 334 -47.73 -30.15 13.22
C VAL B 334 -48.83 -30.94 13.94
N ASP B 335 -50.11 -30.67 13.64
CA ASP B 335 -51.22 -31.41 14.27
C ASP B 335 -51.89 -32.39 13.29
N SER B 336 -51.59 -32.28 12.00
CA SER B 336 -52.09 -33.20 10.96
C SER B 336 -51.17 -33.11 9.75
N ALA B 337 -51.07 -34.19 8.97
CA ALA B 337 -50.20 -34.18 7.80
C ALA B 337 -50.76 -35.01 6.66
N MET B 338 -50.45 -34.60 5.43
CA MET B 338 -50.81 -35.34 4.23
C MET B 338 -49.48 -35.58 3.52
N ILE B 339 -49.16 -36.84 3.25
CA ILE B 339 -47.95 -37.20 2.54
C ILE B 339 -48.44 -37.70 1.19
N ILE B 340 -48.12 -36.97 0.12
CA ILE B 340 -48.54 -37.33 -1.23
C ILE B 340 -47.33 -37.32 -2.15
N ALA B 341 -47.16 -38.39 -2.96
CA ALA B 341 -46.06 -38.49 -3.92
C ALA B 341 -44.69 -38.28 -3.24
N GLY B 342 -44.56 -38.85 -2.04
CA GLY B 342 -43.33 -38.75 -1.25
C GLY B 342 -43.36 -39.75 -0.12
N ASP B 343 -42.19 -40.23 0.32
CA ASP B 343 -42.13 -41.19 1.42
C ASP B 343 -41.37 -40.61 2.61
N ALA B 344 -42.05 -39.82 3.45
CA ALA B 344 -41.46 -39.20 4.62
C ALA B 344 -40.90 -40.21 5.62
N GLY B 345 -41.65 -41.27 5.91
CA GLY B 345 -41.26 -42.31 6.85
C GLY B 345 -39.92 -42.95 6.57
N ALA B 346 -39.57 -43.11 5.30
CA ALA B 346 -38.31 -43.73 4.89
C ALA B 346 -37.21 -42.73 4.64
N HIS B 347 -37.54 -41.46 4.34
CA HIS B 347 -36.53 -40.49 3.97
C HIS B 347 -36.38 -39.27 4.88
N PHE B 348 -36.99 -39.29 6.05
CA PHE B 348 -36.79 -38.20 7.06
C PHE B 348 -35.97 -38.76 8.24
N PRO B 349 -35.20 -37.95 8.99
CA PRO B 349 -34.51 -38.46 10.19
C PRO B 349 -35.48 -39.07 11.20
N ALA B 350 -35.01 -40.02 12.00
CA ALA B 350 -35.84 -40.68 13.00
C ALA B 350 -36.58 -39.73 13.94
N ALA B 351 -35.91 -38.67 14.41
CA ALA B 351 -36.53 -37.73 15.34
C ALA B 351 -37.77 -37.07 14.75
N SER B 352 -37.75 -36.78 13.45
CA SER B 352 -38.91 -36.17 12.80
C SER B 352 -40.05 -37.19 12.69
N ILE B 353 -39.71 -38.44 12.39
CA ILE B 353 -40.75 -39.50 12.24
C ILE B 353 -41.44 -39.73 13.60
N ARG B 354 -40.66 -39.75 14.68
CA ARG B 354 -41.25 -39.97 16.01
C ARG B 354 -42.38 -38.97 16.29
N ASN B 355 -42.26 -37.75 15.78
CA ASN B 355 -43.29 -36.73 15.98
C ASN B 355 -44.39 -36.88 14.94
N LEU B 356 -44.02 -37.20 13.69
CA LEU B 356 -45.02 -37.40 12.63
C LEU B 356 -45.93 -38.59 12.94
N ALA B 357 -45.39 -39.62 13.62
CA ALA B 357 -46.17 -40.82 13.97
C ALA B 357 -47.26 -40.55 15.01
N LYS B 358 -47.25 -39.38 15.67
CA LYS B 358 -48.26 -39.05 16.69
C LYS B 358 -49.40 -38.18 16.17
N VAL B 359 -49.43 -37.85 14.87
CA VAL B 359 -50.48 -36.98 14.32
C VAL B 359 -51.31 -37.68 13.25
N PRO B 360 -52.59 -37.30 13.03
CA PRO B 360 -53.35 -37.94 11.95
C PRO B 360 -52.63 -37.73 10.62
N LEU B 361 -52.42 -38.81 9.87
CA LEU B 361 -51.69 -38.72 8.61
C LEU B 361 -52.47 -39.33 7.47
N VAL B 362 -52.58 -38.59 6.37
CA VAL B 362 -53.27 -39.05 5.16
C VAL B 362 -52.17 -39.33 4.15
N GLN B 363 -52.19 -40.50 3.52
CA GLN B 363 -51.19 -40.85 2.52
C GLN B 363 -51.87 -41.02 1.18
N ILE B 364 -51.39 -40.32 0.15
CA ILE B 364 -51.91 -40.48 -1.20
C ILE B 364 -50.73 -41.04 -1.98
N ASP B 365 -50.76 -42.34 -2.27
CA ASP B 365 -49.66 -42.99 -2.94
C ASP B 365 -50.11 -44.30 -3.60
N PRO B 366 -49.55 -44.65 -4.76
CA PRO B 366 -49.94 -45.90 -5.42
C PRO B 366 -49.35 -47.16 -4.78
N TYR B 367 -48.22 -47.05 -4.06
CA TYR B 367 -47.56 -48.21 -3.47
C TYR B 367 -47.43 -48.17 -1.95
N PRO B 368 -47.43 -49.34 -1.28
CA PRO B 368 -47.23 -49.33 0.18
C PRO B 368 -45.75 -49.11 0.49
N ASN B 369 -45.45 -48.19 1.40
CA ASN B 369 -44.06 -47.89 1.73
C ASN B 369 -43.92 -47.67 3.25
N ALA B 370 -42.87 -46.99 3.72
CA ALA B 370 -42.68 -46.75 5.15
C ALA B 370 -43.73 -45.81 5.72
N THR B 371 -44.17 -44.80 4.96
CA THR B 371 -45.20 -43.88 5.42
C THR B 371 -46.51 -44.61 5.71
N THR B 372 -46.82 -45.66 4.94
CA THR B 372 -48.05 -46.42 5.13
C THR B 372 -48.14 -46.99 6.56
N GLU B 373 -47.00 -47.28 7.18
CA GLU B 373 -46.98 -47.80 8.55
C GLU B 373 -47.48 -46.77 9.57
N LEU B 374 -47.43 -45.46 9.22
CA LEU B 374 -47.87 -44.37 10.10
C LEU B 374 -49.17 -43.72 9.63
N ALA B 375 -49.71 -44.14 8.47
CA ALA B 375 -50.91 -43.55 7.91
C ALA B 375 -52.22 -43.97 8.56
N ASN B 376 -53.10 -42.98 8.82
CA ASN B 376 -54.42 -43.21 9.36
C ASN B 376 -55.41 -43.38 8.19
N VAL B 377 -55.14 -42.71 7.05
CA VAL B 377 -55.94 -42.81 5.83
C VAL B 377 -54.95 -43.07 4.71
N VAL B 378 -55.25 -44.04 3.83
CA VAL B 378 -54.40 -44.39 2.70
C VAL B 378 -55.28 -44.35 1.46
N ILE B 379 -54.90 -43.55 0.47
CA ILE B 379 -55.67 -43.42 -0.77
C ILE B 379 -54.82 -43.83 -1.97
N PRO B 380 -55.07 -44.97 -2.64
CA PRO B 380 -54.25 -45.31 -3.83
C PRO B 380 -54.52 -44.31 -4.95
N ALA B 381 -53.49 -43.98 -5.73
CA ALA B 381 -53.66 -43.02 -6.82
C ALA B 381 -53.08 -43.55 -8.14
N ALA B 382 -53.61 -43.05 -9.27
CA ALA B 382 -53.11 -43.44 -10.58
C ALA B 382 -51.78 -42.72 -10.76
N ILE B 383 -50.78 -43.41 -11.36
CA ILE B 383 -49.44 -42.86 -11.50
C ILE B 383 -49.31 -41.95 -12.72
N VAL B 384 -48.79 -40.73 -12.49
CA VAL B 384 -48.56 -39.76 -13.55
C VAL B 384 -47.41 -40.30 -14.44
N GLY B 385 -47.56 -40.17 -15.75
CA GLY B 385 -46.58 -40.65 -16.70
C GLY B 385 -46.75 -42.11 -17.08
N ILE B 386 -47.73 -42.79 -16.45
CA ILE B 386 -48.01 -44.19 -16.74
C ILE B 386 -49.50 -44.38 -16.97
N GLU B 387 -50.33 -44.00 -15.99
CA GLU B 387 -51.79 -44.15 -16.05
C GLU B 387 -52.54 -42.86 -16.32
N CYS B 388 -51.87 -41.70 -16.26
CA CYS B 388 -52.54 -40.43 -16.54
C CYS B 388 -51.56 -39.37 -17.01
N GLU B 389 -52.08 -38.41 -17.76
CA GLU B 389 -51.30 -37.30 -18.28
C GLU B 389 -51.03 -36.27 -17.18
N GLY B 390 -50.13 -35.34 -17.46
CA GLY B 390 -49.75 -34.28 -16.53
C GLY B 390 -48.55 -33.53 -17.03
N THR B 391 -48.21 -32.40 -16.41
CA THR B 391 -47.05 -31.62 -16.82
C THR B 391 -45.96 -31.79 -15.78
N ALA B 392 -44.72 -31.95 -16.24
CA ALA B 392 -43.57 -32.09 -15.36
C ALA B 392 -42.44 -31.20 -15.87
N TYR B 393 -41.56 -30.78 -14.96
CA TYR B 393 -40.45 -29.92 -15.32
C TYR B 393 -39.13 -30.66 -15.21
N ARG B 394 -38.34 -30.65 -16.29
CA ARG B 394 -37.03 -31.29 -16.32
C ARG B 394 -36.09 -30.48 -15.43
N MET B 395 -34.98 -31.08 -15.00
CA MET B 395 -34.01 -30.42 -14.12
C MET B 395 -33.53 -29.05 -14.62
N ASP B 396 -33.64 -28.79 -15.92
CA ASP B 396 -33.20 -27.51 -16.51
C ASP B 396 -34.34 -26.52 -16.75
N GLY B 397 -35.51 -26.76 -16.18
CA GLY B 397 -36.65 -25.88 -16.32
C GLY B 397 -37.50 -26.09 -17.56
N VAL B 398 -37.17 -27.08 -18.42
CA VAL B 398 -37.99 -27.33 -19.61
C VAL B 398 -39.18 -28.16 -19.18
N SER B 399 -40.41 -27.70 -19.45
CA SER B 399 -41.61 -28.44 -19.07
C SER B 399 -42.08 -29.28 -20.24
N LEU B 400 -42.51 -30.51 -19.94
CA LEU B 400 -43.00 -31.44 -20.94
C LEU B 400 -44.29 -32.07 -20.44
N ARG B 401 -45.13 -32.56 -21.35
CA ARG B 401 -46.37 -33.19 -20.97
C ARG B 401 -46.18 -34.70 -20.86
N MET B 402 -46.36 -35.22 -19.65
CA MET B 402 -46.24 -36.66 -19.38
C MET B 402 -47.31 -37.38 -20.18
N ARG B 403 -46.99 -38.58 -20.68
CA ARG B 403 -47.93 -39.34 -21.50
C ARG B 403 -48.60 -40.48 -20.74
N LYS B 404 -49.86 -40.75 -21.07
CA LYS B 404 -50.64 -41.83 -20.49
C LYS B 404 -50.31 -43.07 -21.32
N LEU B 405 -49.86 -44.14 -20.67
CA LEU B 405 -49.46 -45.37 -21.34
C LEU B 405 -50.48 -46.49 -21.20
N VAL B 406 -51.13 -46.59 -20.04
CA VAL B 406 -52.13 -47.64 -19.80
C VAL B 406 -53.38 -47.04 -19.14
N GLU B 407 -54.51 -47.75 -19.22
CA GLU B 407 -55.76 -47.33 -18.62
C GLU B 407 -55.79 -47.80 -17.17
N SER B 408 -56.53 -47.08 -16.32
CA SER B 408 -56.61 -47.44 -14.91
C SER B 408 -57.96 -47.06 -14.32
N ASP B 409 -58.40 -47.80 -13.30
CA ASP B 409 -59.65 -47.51 -12.60
C ASP B 409 -59.36 -46.77 -11.26
N TYR B 410 -58.07 -46.46 -10.99
CA TYR B 410 -57.67 -45.72 -9.79
C TYR B 410 -57.87 -44.23 -10.07
N LEU B 411 -58.09 -43.43 -9.02
CA LEU B 411 -58.28 -41.99 -9.21
C LEU B 411 -56.95 -41.29 -9.30
N SER B 412 -56.85 -40.28 -10.17
CA SER B 412 -55.61 -39.52 -10.32
C SER B 412 -55.48 -38.58 -9.12
N ASP B 413 -54.27 -38.06 -8.89
CA ASP B 413 -54.04 -37.11 -7.78
C ASP B 413 -54.93 -35.88 -7.94
N GLU B 414 -55.10 -35.43 -9.19
CA GLU B 414 -55.95 -34.28 -9.49
C GLU B 414 -57.37 -34.54 -9.00
N GLU B 415 -57.93 -35.70 -9.32
CA GLU B 415 -59.28 -36.05 -8.92
C GLU B 415 -59.42 -36.20 -7.41
N ILE B 416 -58.45 -36.86 -6.75
CA ILE B 416 -58.51 -37.04 -5.29
C ILE B 416 -58.49 -35.67 -4.60
N LEU B 417 -57.61 -34.78 -5.06
CA LEU B 417 -57.50 -33.46 -4.46
C LEU B 417 -58.73 -32.61 -4.76
N ASP B 418 -59.33 -32.74 -5.96
CA ASP B 418 -60.56 -31.99 -6.28
C ASP B 418 -61.68 -32.37 -5.32
N ARG B 419 -61.76 -33.66 -4.96
CA ARG B 419 -62.78 -34.15 -4.05
C ARG B 419 -62.50 -33.68 -2.62
N ILE B 420 -61.22 -33.68 -2.18
CA ILE B 420 -60.87 -33.20 -0.84
C ILE B 420 -61.24 -31.71 -0.74
N ILE B 421 -60.89 -30.93 -1.78
CA ILE B 421 -61.17 -29.49 -1.80
C ILE B 421 -62.67 -29.21 -1.67
N GLU B 422 -63.50 -29.93 -2.42
CA GLU B 422 -64.95 -29.74 -2.35
C GLU B 422 -65.47 -30.00 -0.94
N LYS B 423 -65.04 -31.11 -0.33
CA LYS B 423 -65.49 -31.47 1.01
C LYS B 423 -64.99 -30.50 2.06
N VAL B 424 -63.74 -30.05 1.92
CA VAL B 424 -63.17 -29.08 2.86
C VAL B 424 -63.94 -27.76 2.76
N ARG B 425 -64.29 -27.33 1.55
CA ARG B 425 -65.04 -26.08 1.35
C ARG B 425 -66.39 -26.13 2.06
N VAL B 426 -67.04 -27.31 2.07
CA VAL B 426 -68.34 -27.44 2.75
C VAL B 426 -68.12 -27.27 4.26
N ILE B 427 -67.09 -27.92 4.80
CA ILE B 427 -66.78 -27.82 6.23
C ILE B 427 -66.45 -26.37 6.60
N LYS B 428 -65.63 -25.69 5.78
CA LYS B 428 -65.21 -24.30 6.04
C LYS B 428 -66.30 -23.25 5.77
N GLY B 429 -67.35 -23.63 5.04
CA GLY B 429 -68.40 -22.68 4.71
C GLY B 429 -68.08 -21.81 3.51
N GLU B 430 -67.13 -22.21 2.67
CA GLU B 430 -66.75 -21.44 1.48
C GLU B 430 -67.52 -21.98 0.27
N MET C 1 -44.84 5.09 35.26
CA MET C 1 -44.73 4.33 34.02
C MET C 1 -45.86 3.31 33.90
N GLN C 2 -46.11 2.77 32.68
CA GLN C 2 -47.15 1.79 32.48
C GLN C 2 -46.50 0.43 32.45
N THR C 3 -46.99 -0.52 33.27
CA THR C 3 -46.42 -1.86 33.30
C THR C 3 -47.48 -2.88 32.98
N VAL C 4 -47.28 -3.66 31.92
CA VAL C 4 -48.22 -4.71 31.51
C VAL C 4 -47.57 -6.05 31.78
N THR C 5 -48.16 -6.86 32.66
CA THR C 5 -47.62 -8.17 32.98
C THR C 5 -48.46 -9.27 32.34
N LEU C 6 -47.87 -10.02 31.41
CA LEU C 6 -48.54 -11.11 30.70
C LEU C 6 -48.06 -12.45 31.26
N THR C 7 -48.97 -13.24 31.83
CA THR C 7 -48.62 -14.53 32.39
C THR C 7 -49.18 -15.68 31.54
N PRO C 8 -48.30 -16.48 30.89
CA PRO C 8 -48.81 -17.61 30.08
C PRO C 8 -49.88 -18.44 30.80
N ARG C 9 -51.06 -18.55 30.20
CA ARG C 9 -52.20 -19.33 30.80
C ARG C 9 -52.49 -20.56 29.95
N LYS C 10 -51.48 -21.08 29.24
CA LYS C 10 -51.63 -22.24 28.35
C LYS C 10 -50.24 -22.69 27.88
N SER C 11 -50.16 -23.79 27.11
CA SER C 11 -48.88 -24.26 26.59
C SER C 11 -49.08 -24.96 25.24
N SER C 12 -49.79 -24.30 24.30
CA SER C 12 -50.02 -24.89 22.97
C SER C 12 -48.68 -25.22 22.29
N LYS C 13 -48.69 -26.28 21.48
CA LYS C 13 -47.49 -26.69 20.77
C LYS C 13 -47.40 -25.98 19.41
N ILE C 14 -48.51 -25.39 18.95
CA ILE C 14 -48.55 -24.68 17.69
C ILE C 14 -47.96 -23.29 17.86
N SER C 15 -47.13 -22.87 16.90
CA SER C 15 -46.49 -21.56 16.93
C SER C 15 -47.53 -20.45 16.90
N VAL C 16 -47.38 -19.47 17.79
CA VAL C 16 -48.27 -18.32 17.89
C VAL C 16 -47.52 -17.09 17.43
N GLU C 17 -48.01 -16.39 16.40
CA GLU C 17 -47.37 -15.17 15.93
C GLU C 17 -48.01 -14.02 16.67
N ALA C 18 -47.22 -13.30 17.47
CA ALA C 18 -47.74 -12.20 18.27
C ALA C 18 -46.93 -10.92 18.06
N GLU C 19 -46.81 -10.49 16.80
CA GLU C 19 -46.09 -9.25 16.47
C GLU C 19 -46.74 -8.01 17.11
N THR C 20 -47.95 -8.18 17.69
CA THR C 20 -48.69 -7.10 18.34
C THR C 20 -48.26 -6.88 19.81
N ILE C 21 -47.32 -7.68 20.34
CA ILE C 21 -46.86 -7.47 21.71
C ILE C 21 -45.71 -6.48 21.62
N THR C 22 -46.04 -5.19 21.67
CA THR C 22 -45.03 -4.12 21.59
C THR C 22 -45.44 -3.00 22.55
N PRO C 23 -44.50 -2.33 23.25
CA PRO C 23 -44.90 -1.19 24.11
C PRO C 23 -45.66 -0.13 23.30
N ASP C 24 -45.39 -0.06 21.98
CA ASP C 24 -46.06 0.87 21.08
C ASP C 24 -47.55 0.58 20.98
N ASN C 25 -47.93 -0.69 20.86
CA ASN C 25 -49.33 -1.08 20.73
C ASN C 25 -50.04 -1.13 22.08
N PHE C 26 -49.32 -1.47 23.14
CA PHE C 26 -49.96 -1.63 24.46
C PHE C 26 -50.17 -0.28 25.16
N ALA C 27 -49.47 0.76 24.71
CA ALA C 27 -49.51 2.06 25.41
C ALA C 27 -50.90 2.68 25.41
N GLY C 28 -51.45 2.98 26.59
CA GLY C 28 -52.74 3.67 26.70
C GLY C 28 -53.96 2.76 26.65
N LYS C 29 -53.74 1.46 26.61
CA LYS C 29 -54.84 0.52 26.43
C LYS C 29 -55.30 -0.05 27.77
N THR C 30 -56.59 -0.48 27.83
CA THR C 30 -57.21 -1.10 29.01
C THR C 30 -56.79 -2.58 29.01
N VAL C 31 -56.96 -3.29 30.14
CA VAL C 31 -56.64 -4.72 30.23
C VAL C 31 -57.44 -5.47 29.14
N GLU C 32 -58.73 -5.12 28.97
CA GLU C 32 -59.57 -5.76 27.97
C GLU C 32 -59.09 -5.47 26.56
N GLU C 33 -58.67 -4.23 26.29
CA GLU C 33 -58.16 -3.88 24.96
C GLU C 33 -56.89 -4.66 24.67
N ILE C 34 -56.03 -4.88 25.69
CA ILE C 34 -54.80 -5.64 25.53
C ILE C 34 -55.16 -7.13 25.36
N GLU C 35 -56.20 -7.61 26.05
CA GLU C 35 -56.65 -9.01 25.94
C GLU C 35 -57.21 -9.29 24.54
N LYS C 36 -57.86 -8.29 23.92
CA LYS C 36 -58.43 -8.44 22.58
C LYS C 36 -57.40 -8.21 21.44
N VAL C 37 -56.12 -8.05 21.78
CA VAL C 37 -55.06 -7.88 20.79
C VAL C 37 -54.96 -9.18 19.96
N THR C 38 -54.94 -9.07 18.64
CA THR C 38 -54.89 -10.24 17.77
C THR C 38 -53.56 -10.97 17.74
N VAL C 39 -53.61 -12.30 17.90
CA VAL C 39 -52.46 -13.20 17.80
C VAL C 39 -52.91 -14.34 16.88
N TRP C 40 -51.97 -15.02 16.22
CA TRP C 40 -52.32 -16.11 15.31
C TRP C 40 -51.72 -17.43 15.76
N GLU C 41 -52.56 -18.36 16.24
CA GLU C 41 -52.10 -19.69 16.66
C GLU C 41 -52.22 -20.55 15.40
N GLY C 42 -51.17 -20.51 14.57
CA GLY C 42 -51.16 -21.22 13.31
C GLY C 42 -52.13 -20.51 12.39
N ASN C 43 -53.16 -21.21 11.92
CA ASN C 43 -54.18 -20.61 11.07
C ASN C 43 -55.38 -20.08 11.89
N ASN C 44 -55.30 -20.14 13.22
CA ASN C 44 -56.38 -19.72 14.11
C ASN C 44 -56.21 -18.28 14.58
N LYS C 45 -56.95 -17.35 13.96
CA LYS C 45 -56.90 -15.95 14.33
C LYS C 45 -57.63 -15.83 15.67
N THR C 46 -56.92 -15.48 16.73
CA THR C 46 -57.52 -15.39 18.06
C THR C 46 -57.02 -14.13 18.82
N THR C 47 -57.18 -14.09 20.16
CA THR C 47 -56.80 -12.94 20.97
C THR C 47 -55.69 -13.29 21.96
N LEU C 48 -54.93 -12.28 22.37
CA LEU C 48 -53.83 -12.44 23.31
C LEU C 48 -54.33 -13.00 24.65
N GLY C 49 -55.49 -12.56 25.09
CA GLY C 49 -56.10 -13.00 26.35
C GLY C 49 -56.24 -14.51 26.47
N GLU C 50 -56.47 -15.19 25.33
CA GLU C 50 -56.60 -16.64 25.32
C GLU C 50 -55.30 -17.35 25.71
N PHE C 51 -54.14 -16.68 25.54
CA PHE C 51 -52.84 -17.25 25.88
C PHE C 51 -52.19 -16.62 27.10
N PHE C 52 -52.64 -15.43 27.54
CA PHE C 52 -52.02 -14.76 28.69
C PHE C 52 -53.01 -14.09 29.62
N GLU C 53 -52.71 -14.15 30.93
CA GLU C 53 -53.51 -13.36 31.90
C GLU C 53 -52.89 -11.96 31.86
N VAL C 54 -53.70 -10.95 31.59
CA VAL C 54 -53.22 -9.57 31.43
C VAL C 54 -53.45 -8.73 32.69
N ALA C 55 -52.37 -8.15 33.24
CA ALA C 55 -52.46 -7.30 34.42
C ALA C 55 -51.83 -5.96 34.06
N LEU C 56 -52.59 -4.87 34.21
CA LEU C 56 -52.10 -3.53 33.87
C LEU C 56 -51.91 -2.66 35.11
N ASP C 57 -50.89 -1.80 35.06
CA ASP C 57 -50.59 -0.85 36.13
C ASP C 57 -50.16 0.45 35.48
N GLY C 58 -51.11 1.35 35.27
CA GLY C 58 -50.86 2.66 34.71
C GLY C 58 -51.23 2.85 33.26
N SER C 59 -50.95 4.06 32.75
CA SER C 59 -51.21 4.44 31.37
C SER C 59 -50.23 5.54 30.99
N ASP C 60 -49.25 5.24 30.13
CA ASP C 60 -48.25 6.22 29.73
C ASP C 60 -47.92 6.04 28.23
N THR C 61 -46.88 6.71 27.76
CA THR C 61 -46.46 6.62 26.37
C THR C 61 -45.65 5.36 26.11
N PRO C 62 -45.50 4.91 24.85
CA PRO C 62 -44.67 3.72 24.59
C PRO C 62 -43.29 3.75 25.25
N GLU C 63 -42.62 4.91 25.25
CA GLU C 63 -41.29 5.04 25.86
C GLU C 63 -41.32 4.68 27.35
N ASN C 64 -42.41 5.03 28.04
CA ASN C 64 -42.58 4.74 29.46
C ASN C 64 -43.47 3.52 29.70
N THR C 65 -43.53 2.58 28.74
CA THR C 65 -44.33 1.36 28.89
C THR C 65 -43.36 0.18 28.98
N LYS C 66 -43.58 -0.69 29.97
CA LYS C 66 -42.73 -1.88 30.17
C LYS C 66 -43.61 -3.13 30.20
N ILE C 67 -43.32 -4.11 29.35
CA ILE C 67 -44.08 -5.35 29.28
C ILE C 67 -43.26 -6.44 29.94
N VAL C 68 -43.85 -7.19 30.87
CA VAL C 68 -43.16 -8.26 31.57
C VAL C 68 -43.87 -9.56 31.29
N ILE C 69 -43.19 -10.53 30.67
CA ILE C 69 -43.79 -11.83 30.38
C ILE C 69 -43.28 -12.78 31.45
N GLU C 70 -44.15 -13.18 32.37
CA GLU C 70 -43.80 -14.06 33.48
C GLU C 70 -43.87 -15.53 33.10
N GLY C 71 -42.78 -16.02 32.54
CA GLY C 71 -42.68 -17.42 32.14
C GLY C 71 -42.06 -17.59 30.78
N SER C 72 -41.70 -18.82 30.43
CA SER C 72 -41.11 -19.10 29.12
C SER C 72 -42.21 -19.12 28.08
N ILE C 73 -41.92 -18.57 26.90
CA ILE C 73 -42.84 -18.52 25.77
C ILE C 73 -42.05 -19.03 24.55
N PRO C 74 -41.67 -20.33 24.54
CA PRO C 74 -40.86 -20.85 23.42
C PRO C 74 -41.63 -21.06 22.12
N ARG C 75 -42.92 -20.73 22.09
CA ARG C 75 -43.73 -20.86 20.87
C ARG C 75 -44.44 -19.57 20.48
N VAL C 76 -44.06 -18.42 21.08
CA VAL C 76 -44.63 -17.13 20.76
C VAL C 76 -43.59 -16.37 19.94
N LYS C 77 -43.89 -16.12 18.66
CA LYS C 77 -42.97 -15.46 17.74
C LYS C 77 -43.26 -13.97 17.53
N ARG C 78 -42.27 -13.26 17.00
CA ARG C 78 -42.34 -11.85 16.64
C ARG C 78 -42.63 -10.91 17.80
N VAL C 79 -42.29 -11.31 19.03
CA VAL C 79 -42.51 -10.46 20.20
C VAL C 79 -41.61 -9.23 20.07
N GLY C 80 -42.18 -8.04 20.22
CA GLY C 80 -41.43 -6.81 20.12
C GLY C 80 -41.11 -6.37 18.71
N GLU C 81 -41.67 -7.04 17.69
CA GLU C 81 -41.38 -6.70 16.30
C GLU C 81 -41.76 -5.26 15.95
N GLY C 82 -40.81 -4.52 15.39
CA GLY C 82 -41.02 -3.14 14.99
C GLY C 82 -41.16 -2.13 16.11
N MET C 83 -40.93 -2.53 17.37
CA MET C 83 -41.08 -1.58 18.49
C MET C 83 -40.08 -0.43 18.37
N SER C 84 -40.51 0.78 18.73
CA SER C 84 -39.68 1.97 18.65
C SER C 84 -39.21 2.48 20.00
N ALA C 85 -39.78 2.02 21.11
CA ALA C 85 -39.38 2.46 22.45
C ALA C 85 -39.99 1.53 23.52
N GLY C 86 -39.67 1.76 24.80
CA GLY C 86 -40.20 0.93 25.88
C GLY C 86 -39.32 -0.23 26.23
N ILE C 87 -39.81 -1.10 27.11
CA ILE C 87 -39.05 -2.26 27.56
C ILE C 87 -39.92 -3.50 27.51
N ILE C 88 -39.31 -4.64 27.16
CA ILE C 88 -39.97 -5.94 27.17
C ILE C 88 -39.02 -6.82 27.95
N LEU C 89 -39.47 -7.37 29.07
CA LEU C 89 -38.67 -8.26 29.88
C LEU C 89 -39.30 -9.64 29.77
N ILE C 90 -38.59 -10.63 29.25
CA ILE C 90 -39.12 -11.99 29.13
C ILE C 90 -38.42 -12.85 30.17
N ASN C 91 -39.20 -13.39 31.14
CA ASN C 91 -38.64 -14.22 32.19
C ASN C 91 -38.62 -15.68 31.76
N GLY C 92 -37.87 -15.97 30.71
CA GLY C 92 -37.73 -17.32 30.19
C GLY C 92 -37.32 -17.33 28.73
N ASP C 93 -37.57 -18.46 28.06
CA ASP C 93 -37.22 -18.61 26.66
C ASP C 93 -38.23 -17.89 25.75
N VAL C 94 -37.86 -17.66 24.49
CA VAL C 94 -38.71 -16.99 23.51
C VAL C 94 -38.54 -17.66 22.14
N ASP C 95 -39.60 -17.64 21.32
CA ASP C 95 -39.53 -18.24 20.00
C ASP C 95 -38.83 -17.30 18.99
N MET C 96 -38.97 -17.57 17.69
CA MET C 96 -38.30 -16.82 16.64
C MET C 96 -38.74 -15.37 16.48
N HIS C 97 -37.88 -14.58 15.80
CA HIS C 97 -38.11 -13.19 15.45
C HIS C 97 -38.28 -12.22 16.63
N VAL C 98 -37.67 -12.51 17.79
CA VAL C 98 -37.78 -11.59 18.95
C VAL C 98 -37.06 -10.29 18.57
N GLY C 99 -37.74 -9.17 18.74
CA GLY C 99 -37.17 -7.87 18.41
C GLY C 99 -36.91 -7.64 16.93
N ALA C 100 -37.54 -8.44 16.06
CA ALA C 100 -37.35 -8.29 14.62
C ALA C 100 -37.72 -6.88 14.16
N LYS C 101 -36.91 -6.26 13.32
CA LYS C 101 -37.17 -4.91 12.80
C LYS C 101 -37.30 -3.85 13.90
N MET C 102 -36.87 -4.11 15.15
CA MET C 102 -37.02 -3.10 16.20
C MET C 102 -36.15 -1.88 15.92
N ARG C 103 -36.71 -0.69 16.16
CA ARG C 103 -36.05 0.60 15.90
C ARG C 103 -35.56 1.31 17.18
N GLY C 104 -36.05 0.90 18.33
CA GLY C 104 -35.69 1.51 19.60
C GLY C 104 -36.16 0.71 20.79
N GLY C 105 -35.83 1.18 21.98
CA GLY C 105 -36.23 0.50 23.21
C GLY C 105 -35.29 -0.62 23.59
N ARG C 106 -35.72 -1.51 24.48
CA ARG C 106 -34.88 -2.63 24.91
C ARG C 106 -35.69 -3.88 25.20
N ILE C 107 -35.17 -5.04 24.81
CA ILE C 107 -35.80 -6.33 25.07
C ILE C 107 -34.77 -7.17 25.81
N THR C 108 -35.11 -7.66 27.01
CA THR C 108 -34.21 -8.53 27.76
C THR C 108 -34.84 -9.91 27.85
N VAL C 109 -34.17 -10.91 27.30
CA VAL C 109 -34.63 -12.29 27.31
C VAL C 109 -33.82 -13.01 28.37
N LYS C 110 -34.46 -13.44 29.46
CA LYS C 110 -33.76 -14.12 30.55
C LYS C 110 -33.29 -15.53 30.17
N GLY C 111 -33.95 -16.15 29.20
CA GLY C 111 -33.59 -17.48 28.76
C GLY C 111 -32.98 -17.49 27.38
N ASN C 112 -33.24 -18.56 26.63
CA ASN C 112 -32.72 -18.71 25.28
C ASN C 112 -33.67 -18.08 24.26
N ALA C 113 -33.12 -17.68 23.11
CA ALA C 113 -33.91 -17.11 22.03
C ALA C 113 -33.78 -18.01 20.82
N ASP C 114 -34.89 -18.23 20.10
CA ASP C 114 -34.85 -19.09 18.91
C ASP C 114 -34.28 -18.30 17.71
N SER C 115 -34.32 -18.90 16.51
CA SER C 115 -33.75 -18.30 15.31
C SER C 115 -34.32 -16.93 14.91
N TRP C 116 -33.49 -16.15 14.19
CA TRP C 116 -33.84 -14.81 13.69
C TRP C 116 -34.08 -13.79 14.80
N ALA C 117 -33.39 -13.96 15.94
CA ALA C 117 -33.52 -13.01 17.04
C ALA C 117 -32.83 -11.71 16.65
N GLY C 118 -33.60 -10.63 16.62
CA GLY C 118 -33.11 -9.31 16.25
C GLY C 118 -32.87 -9.14 14.77
N ARG C 119 -33.53 -9.96 13.94
CA ARG C 119 -33.34 -9.84 12.49
C ARG C 119 -33.79 -8.48 11.99
N GLU C 120 -33.04 -7.90 11.04
CA GLU C 120 -33.39 -6.60 10.46
C GLU C 120 -33.52 -5.50 11.52
N MET C 121 -32.76 -5.61 12.63
CA MET C 121 -32.80 -4.61 13.70
C MET C 121 -32.30 -3.29 13.14
N LYS C 122 -33.03 -2.22 13.41
CA LYS C 122 -32.65 -0.89 12.94
C LYS C 122 -32.07 -0.03 14.08
N GLY C 123 -32.45 -0.33 15.31
CA GLY C 123 -31.99 0.39 16.49
C GLY C 123 -32.46 -0.26 17.77
N GLY C 124 -32.12 0.33 18.89
CA GLY C 124 -32.52 -0.20 20.19
C GLY C 124 -31.53 -1.20 20.75
N GLU C 125 -31.95 -1.98 21.74
CA GLU C 125 -31.08 -2.94 22.40
C GLU C 125 -31.77 -4.28 22.63
N LEU C 126 -31.10 -5.39 22.31
CA LEU C 126 -31.63 -6.72 22.52
C LEU C 126 -30.61 -7.47 23.36
N ILE C 127 -31.02 -7.96 24.52
CA ILE C 127 -30.14 -8.71 25.41
C ILE C 127 -30.69 -10.10 25.60
N ILE C 128 -29.88 -11.12 25.37
CA ILE C 128 -30.29 -12.50 25.57
C ILE C 128 -29.33 -13.07 26.59
N GLU C 129 -29.84 -13.46 27.76
CA GLU C 129 -29.00 -13.99 28.84
C GLU C 129 -28.59 -15.43 28.56
N GLY C 130 -29.45 -16.19 27.88
CA GLY C 130 -29.15 -17.57 27.52
C GLY C 130 -28.44 -17.65 26.18
N ASN C 131 -28.78 -18.66 25.38
CA ASN C 131 -28.19 -18.87 24.06
C ASN C 131 -29.14 -18.41 22.94
N ALA C 132 -28.62 -18.31 21.71
CA ALA C 132 -29.41 -17.93 20.55
C ALA C 132 -29.28 -19.02 19.50
N GLU C 133 -30.30 -19.20 18.65
CA GLU C 133 -30.26 -20.21 17.61
C GLU C 133 -29.61 -19.64 16.33
N TYR C 134 -30.16 -19.93 15.14
CA TYR C 134 -29.59 -19.47 13.89
C TYR C 134 -30.00 -18.05 13.55
N TYR C 135 -29.28 -17.44 12.61
CA TYR C 135 -29.59 -16.11 12.09
C TYR C 135 -29.76 -15.02 13.15
N LEU C 136 -28.87 -14.98 14.13
CA LEU C 136 -28.92 -13.94 15.15
C LEU C 136 -28.50 -12.63 14.49
N GLY C 137 -29.36 -11.62 14.54
CA GLY C 137 -29.07 -10.34 13.93
C GLY C 137 -28.85 -10.40 12.44
N ALA C 138 -29.50 -11.36 11.77
CA ALA C 138 -29.40 -11.54 10.32
C ALA C 138 -30.59 -10.81 9.61
N GLY C 139 -30.85 -11.07 8.33
CA GLY C 139 -31.95 -10.45 7.60
C GLY C 139 -32.95 -11.47 7.12
N TYR C 140 -33.72 -11.11 6.10
CA TYR C 140 -34.70 -12.02 5.52
C TYR C 140 -34.15 -12.57 4.21
N ARG C 141 -34.68 -13.70 3.74
CA ARG C 141 -34.23 -14.38 2.52
C ARG C 141 -34.21 -13.45 1.31
N GLY C 142 -33.07 -13.41 0.61
CA GLY C 142 -32.91 -12.61 -0.59
C GLY C 142 -32.64 -11.12 -0.40
N GLU C 143 -32.73 -10.62 0.84
CA GLU C 143 -32.47 -9.21 1.09
C GLU C 143 -30.97 -8.96 1.14
N SER C 144 -30.50 -7.89 0.48
CA SER C 144 -29.09 -7.55 0.50
C SER C 144 -28.69 -6.95 1.86
N CYS C 145 -29.65 -6.42 2.64
CA CYS C 145 -29.36 -5.81 3.93
C CYS C 145 -30.18 -6.46 5.03
N GLY C 146 -29.51 -6.78 6.13
CA GLY C 146 -30.16 -7.37 7.29
C GLY C 146 -30.20 -6.36 8.41
N MET C 147 -29.40 -6.57 9.45
CA MET C 147 -29.33 -5.66 10.57
C MET C 147 -28.72 -4.34 10.11
N ARG C 148 -29.32 -3.20 10.48
CA ARG C 148 -28.80 -1.89 10.06
C ARG C 148 -28.34 -1.02 11.23
N GLY C 149 -28.76 -1.34 12.45
CA GLY C 149 -28.38 -0.59 13.64
C GLY C 149 -28.80 -1.32 14.90
N GLY C 150 -28.53 -0.70 16.05
CA GLY C 150 -28.87 -1.28 17.34
C GLY C 150 -27.75 -2.15 17.88
N ARG C 151 -28.00 -2.80 19.02
CA ARG C 151 -27.00 -3.65 19.64
C ARG C 151 -27.63 -4.91 20.18
N ILE C 152 -27.06 -6.08 19.83
CA ILE C 152 -27.54 -7.37 20.31
C ILE C 152 -26.42 -7.98 21.16
N THR C 153 -26.73 -8.40 22.38
CA THR C 153 -25.74 -9.01 23.25
C THR C 153 -26.25 -10.36 23.72
N VAL C 154 -25.54 -11.43 23.36
CA VAL C 154 -25.91 -12.79 23.76
C VAL C 154 -24.87 -13.22 24.78
N PHE C 155 -25.31 -13.60 25.99
CA PHE C 155 -24.36 -14.02 27.03
C PHE C 155 -23.90 -15.46 26.85
N GLY C 156 -24.69 -16.28 26.19
CA GLY C 156 -24.36 -17.67 25.91
C GLY C 156 -23.79 -17.82 24.52
N ASN C 157 -24.09 -18.96 23.89
CA ASN C 157 -23.62 -19.26 22.55
C ASN C 157 -24.65 -18.89 21.48
N ALA C 158 -24.20 -18.76 20.24
CA ALA C 158 -25.07 -18.48 19.11
C ALA C 158 -24.75 -19.52 18.04
N ARG C 159 -25.73 -19.87 17.20
CA ARG C 159 -25.50 -20.90 16.19
C ARG C 159 -24.98 -20.32 14.86
N ASP C 160 -25.28 -20.92 13.70
CA ASP C 160 -24.73 -20.45 12.44
C ASP C 160 -25.38 -19.18 11.88
N TYR C 161 -24.69 -18.56 10.90
CA TYR C 161 -25.16 -17.36 10.19
C TYR C 161 -25.38 -16.12 11.08
N VAL C 162 -24.54 -15.92 12.09
CA VAL C 162 -24.64 -14.76 12.96
C VAL C 162 -24.35 -13.50 12.14
N GLY C 163 -25.25 -12.53 12.17
CA GLY C 163 -25.07 -11.27 11.46
C GLY C 163 -24.97 -11.38 9.95
N GLU C 164 -25.68 -12.35 9.35
CA GLU C 164 -25.67 -12.52 7.91
C GLU C 164 -26.21 -11.25 7.22
N HIS C 165 -25.45 -10.68 6.28
CA HIS C 165 -25.84 -9.46 5.56
C HIS C 165 -25.96 -8.24 6.47
N MET C 166 -25.15 -8.18 7.53
CA MET C 166 -25.15 -7.06 8.47
C MET C 166 -24.68 -5.79 7.74
N CYS C 167 -25.34 -4.64 7.99
CA CYS C 167 -24.99 -3.36 7.36
C CYS C 167 -24.68 -2.25 8.41
N GLY C 168 -24.78 -2.58 9.68
CA GLY C 168 -24.54 -1.63 10.76
C GLY C 168 -24.92 -2.22 12.10
N GLY C 169 -24.76 -1.43 13.14
CA GLY C 169 -25.06 -1.89 14.49
C GLY C 169 -23.95 -2.75 15.06
N GLU C 170 -24.21 -3.41 16.18
CA GLU C 170 -23.19 -4.24 16.83
C GLU C 170 -23.77 -5.52 17.40
N ILE C 171 -23.02 -6.62 17.29
CA ILE C 171 -23.44 -7.92 17.83
C ILE C 171 -22.31 -8.38 18.73
N ILE C 172 -22.64 -8.76 19.96
CA ILE C 172 -21.65 -9.25 20.91
C ILE C 172 -22.12 -10.61 21.40
N ILE C 173 -21.28 -11.63 21.23
CA ILE C 173 -21.58 -12.99 21.68
C ILE C 173 -20.54 -13.32 22.72
N LYS C 174 -20.96 -13.55 23.96
CA LYS C 174 -20.02 -13.86 25.03
C LYS C 174 -19.53 -15.31 24.96
N GLY C 175 -20.32 -16.20 24.39
CA GLY C 175 -19.95 -17.61 24.23
C GLY C 175 -19.33 -17.86 22.87
N ASN C 176 -19.61 -19.02 22.31
CA ASN C 176 -19.11 -19.41 21.00
C ASN C 176 -20.15 -19.09 19.93
N ALA C 177 -19.71 -19.06 18.68
CA ALA C 177 -20.61 -18.81 17.56
C ALA C 177 -20.45 -19.96 16.58
N GLY C 178 -21.54 -20.30 15.92
CA GLY C 178 -21.55 -21.39 14.95
C GLY C 178 -20.81 -21.06 13.68
N LEU C 179 -21.13 -21.77 12.62
CA LEU C 179 -20.48 -21.61 11.33
C LEU C 179 -20.77 -20.26 10.67
N MET C 180 -19.73 -19.70 10.07
CA MET C 180 -19.80 -18.50 9.26
C MET C 180 -20.45 -17.24 9.84
N PRO C 181 -19.91 -16.68 10.93
CA PRO C 181 -20.45 -15.39 11.42
C PRO C 181 -19.94 -14.27 10.50
N GLY C 182 -20.75 -13.23 10.31
CA GLY C 182 -20.37 -12.10 9.48
C GLY C 182 -20.41 -12.29 7.97
N ILE C 183 -21.28 -13.17 7.46
CA ILE C 183 -21.38 -13.40 6.01
C ILE C 183 -21.77 -12.09 5.32
N SER C 184 -21.07 -11.72 4.23
CA SER C 184 -21.36 -10.51 3.47
C SER C 184 -21.51 -9.26 4.35
N ASN C 185 -20.74 -9.16 5.43
CA ASN C 185 -20.82 -8.01 6.33
C ASN C 185 -20.52 -6.74 5.56
N ASN C 186 -21.34 -5.70 5.74
CA ASN C 186 -21.19 -4.46 5.01
C ASN C 186 -21.39 -3.25 5.94
N GLY C 187 -20.64 -3.21 7.03
CA GLY C 187 -20.71 -2.09 7.97
C GLY C 187 -20.93 -2.46 9.42
N GLY C 188 -21.20 -3.73 9.69
CA GLY C 188 -21.46 -4.17 11.06
C GLY C 188 -20.21 -4.52 11.83
N LYS C 189 -20.30 -4.49 13.15
CA LYS C 189 -19.19 -4.86 14.02
C LYS C 189 -19.66 -6.06 14.82
N ILE C 190 -18.98 -7.20 14.67
CA ILE C 190 -19.30 -8.44 15.37
C ILE C 190 -18.19 -8.78 16.33
N ILE C 191 -18.53 -9.14 17.56
CA ILE C 191 -17.56 -9.53 18.57
C ILE C 191 -17.95 -10.91 19.11
N ILE C 192 -17.03 -11.87 19.02
CA ILE C 192 -17.27 -13.21 19.53
C ILE C 192 -16.17 -13.46 20.55
N GLU C 193 -16.53 -13.60 21.82
CA GLU C 193 -15.52 -13.80 22.89
C GLU C 193 -15.01 -15.25 22.85
N GLY C 194 -15.84 -16.17 22.37
CA GLY C 194 -15.46 -17.58 22.28
C GLY C 194 -14.89 -18.00 20.95
N ASN C 195 -15.16 -19.26 20.57
CA ASN C 195 -14.66 -19.85 19.32
C ASN C 195 -15.68 -19.80 18.19
N THR C 196 -15.20 -19.95 16.95
CA THR C 196 -16.04 -19.97 15.75
C THR C 196 -15.22 -20.51 14.56
N THR C 197 -15.80 -20.56 13.34
CA THR C 197 -15.06 -21.01 12.17
C THR C 197 -15.61 -20.34 10.92
N MET C 198 -14.73 -20.20 9.92
CA MET C 198 -15.06 -19.63 8.60
C MET C 198 -15.77 -18.28 8.71
N PRO C 199 -15.21 -17.31 9.44
CA PRO C 199 -15.84 -16.00 9.56
C PRO C 199 -15.62 -15.05 8.38
N GLY C 200 -16.58 -14.16 8.17
CA GLY C 200 -16.51 -13.11 7.14
C GLY C 200 -16.45 -13.51 5.68
N GLY C 201 -17.19 -14.53 5.28
CA GLY C 201 -17.24 -14.94 3.89
C GLY C 201 -17.90 -13.86 3.05
N GLU C 202 -17.18 -13.34 2.06
CA GLU C 202 -17.67 -12.28 1.17
C GLU C 202 -17.92 -10.94 1.87
N MET C 203 -17.23 -10.71 2.99
CA MET C 203 -17.34 -9.42 3.70
C MET C 203 -16.84 -8.31 2.77
N LYS C 204 -17.52 -7.17 2.78
CA LYS C 204 -17.12 -6.03 1.97
C LYS C 204 -16.53 -4.94 2.86
N LYS C 205 -17.09 -4.75 4.06
CA LYS C 205 -16.61 -3.74 5.01
C LYS C 205 -17.13 -4.12 6.40
N GLY C 206 -16.53 -3.59 7.46
CA GLY C 206 -16.94 -3.89 8.81
C GLY C 206 -15.81 -4.46 9.63
N THR C 207 -16.13 -4.95 10.84
CA THR C 207 -15.11 -5.50 11.72
C THR C 207 -15.61 -6.75 12.43
N ILE C 208 -14.79 -7.80 12.45
CA ILE C 208 -15.13 -9.05 13.14
C ILE C 208 -14.00 -9.31 14.13
N ILE C 209 -14.32 -9.40 15.43
CA ILE C 209 -13.30 -9.65 16.45
C ILE C 209 -13.62 -10.96 17.14
N ILE C 210 -12.66 -11.90 17.12
CA ILE C 210 -12.83 -13.19 17.75
C ILE C 210 -11.74 -13.36 18.79
N ASN C 211 -12.13 -13.56 20.06
CA ASN C 211 -11.15 -13.74 21.13
C ASN C 211 -10.77 -15.21 21.34
N GLY C 212 -11.57 -16.13 20.82
CA GLY C 212 -11.29 -17.55 20.93
C GLY C 212 -10.59 -18.08 19.70
N ARG C 213 -10.66 -19.38 19.49
CA ARG C 213 -10.02 -20.03 18.37
C ARG C 213 -10.91 -20.07 17.13
N VAL C 214 -10.30 -19.81 15.96
CA VAL C 214 -11.00 -19.88 14.68
C VAL C 214 -10.47 -21.17 14.06
N ASP C 215 -11.29 -22.22 14.04
CA ASP C 215 -10.87 -23.52 13.51
C ASP C 215 -10.36 -23.44 12.08
N GLU C 216 -11.14 -22.81 11.19
CA GLU C 216 -10.75 -22.68 9.78
C GLU C 216 -11.00 -21.28 9.29
N LEU C 217 -10.07 -20.76 8.50
CA LEU C 217 -10.23 -19.41 7.92
C LEU C 217 -10.63 -19.58 6.45
N VAL C 218 -11.51 -18.72 5.95
CA VAL C 218 -11.85 -18.77 4.50
C VAL C 218 -10.61 -18.27 3.73
N PRO C 219 -10.10 -19.01 2.73
CA PRO C 219 -8.87 -18.62 2.02
C PRO C 219 -9.07 -17.39 1.11
N VAL C 220 -9.56 -16.28 1.67
CA VAL C 220 -9.81 -15.04 0.92
C VAL C 220 -9.35 -13.81 1.69
N TYR C 221 -8.55 -13.99 2.77
CA TYR C 221 -8.10 -12.89 3.60
C TYR C 221 -6.60 -12.65 3.50
N GLN C 222 -6.20 -11.38 3.47
CA GLN C 222 -4.79 -11.01 3.41
C GLN C 222 -4.33 -10.70 4.82
N GLN C 223 -3.38 -11.48 5.34
CA GLN C 223 -2.88 -11.26 6.69
C GLN C 223 -2.09 -9.97 6.73
N GLU C 224 -2.30 -9.18 7.78
CA GLU C 224 -1.63 -7.91 7.99
C GLU C 224 -0.71 -8.05 9.22
N GLU C 225 -0.01 -6.98 9.60
CA GLU C 225 0.84 -7.01 10.77
C GLU C 225 -0.05 -7.07 12.01
N ASP C 226 0.32 -7.86 13.02
CA ASP C 226 -0.46 -7.99 14.26
C ASP C 226 -0.70 -6.61 14.87
N GLU C 227 -1.87 -6.40 15.48
CA GLU C 227 -2.20 -5.11 16.07
C GLU C 227 -2.71 -5.27 17.50
N GLU C 228 -2.39 -4.32 18.37
CA GLU C 228 -2.82 -4.37 19.75
C GLU C 228 -4.09 -3.56 19.94
N LEU C 229 -5.15 -4.20 20.44
CA LEU C 229 -6.40 -3.51 20.73
C LEU C 229 -6.51 -3.47 22.24
N ASP C 230 -6.29 -2.28 22.83
CA ASP C 230 -6.31 -2.08 24.28
C ASP C 230 -5.25 -2.94 25.00
N GLY C 231 -4.08 -3.06 24.40
CA GLY C 231 -2.98 -3.83 24.97
C GLY C 231 -2.97 -5.31 24.64
N VAL C 232 -4.06 -5.83 24.04
CA VAL C 232 -4.15 -7.25 23.68
C VAL C 232 -3.68 -7.44 22.24
N SER C 233 -2.69 -8.32 22.02
CA SER C 233 -2.19 -8.56 20.67
C SER C 233 -3.19 -9.40 19.89
N TYR C 234 -3.55 -8.94 18.69
CA TYR C 234 -4.47 -9.64 17.82
C TYR C 234 -3.84 -9.89 16.47
N LYS C 235 -4.18 -11.00 15.82
CA LYS C 235 -3.72 -11.28 14.47
C LYS C 235 -4.74 -10.48 13.62
N LYS C 236 -4.28 -9.72 12.62
CA LYS C 236 -5.17 -8.89 11.82
C LYS C 236 -5.19 -9.34 10.37
N TYR C 237 -6.38 -9.32 9.74
CA TYR C 237 -6.55 -9.70 8.34
C TYR C 237 -7.49 -8.73 7.65
N THR C 238 -7.35 -8.58 6.33
CA THR C 238 -8.22 -7.70 5.55
C THR C 238 -8.88 -8.55 4.47
N GLY C 239 -10.17 -8.37 4.29
CA GLY C 239 -10.92 -9.12 3.30
C GLY C 239 -12.41 -8.91 3.45
N ASP C 240 -13.23 -9.65 2.68
CA ASP C 240 -12.84 -10.67 1.68
C ASP C 240 -12.19 -9.99 0.48
N VAL C 241 -10.95 -10.35 0.17
CA VAL C 241 -10.26 -9.71 -0.97
C VAL C 241 -10.85 -10.13 -2.33
N VAL C 242 -11.34 -11.36 -2.43
CA VAL C 242 -11.91 -11.84 -3.69
C VAL C 242 -13.19 -11.06 -4.00
N ALA C 243 -13.94 -10.69 -2.96
CA ALA C 243 -15.18 -9.91 -3.13
C ALA C 243 -14.91 -8.39 -3.20
N GLY C 244 -13.66 -7.98 -3.30
CA GLY C 244 -13.31 -6.57 -3.32
C GLY C 244 -13.48 -5.88 -1.98
N GLY C 245 -13.62 -6.66 -0.93
CA GLY C 245 -13.83 -6.15 0.42
C GLY C 245 -12.58 -5.65 1.09
N LYS C 246 -12.77 -4.77 2.08
CA LYS C 246 -11.66 -4.24 2.86
C LYS C 246 -11.97 -4.25 4.36
N GLY C 247 -12.91 -5.08 4.78
CA GLY C 247 -13.25 -5.21 6.19
C GLY C 247 -12.09 -5.80 6.97
N THR C 248 -12.11 -5.68 8.30
CA THR C 248 -11.03 -6.19 9.13
C THR C 248 -11.48 -7.34 10.01
N LEU C 249 -10.66 -8.40 10.05
CA LEU C 249 -10.94 -9.56 10.86
C LEU C 249 -9.81 -9.70 11.88
N TYR C 250 -10.13 -9.58 13.17
CA TYR C 250 -9.16 -9.68 14.25
C TYR C 250 -9.35 -10.99 14.98
N ILE C 251 -8.27 -11.77 15.13
CA ILE C 251 -8.30 -13.03 15.85
C ILE C 251 -7.22 -12.97 16.92
N LYS C 252 -7.59 -13.10 18.19
CA LYS C 252 -6.63 -13.02 19.29
C LYS C 252 -5.48 -14.03 19.13
N ALA C 253 -4.28 -13.52 19.36
CA ALA C 253 -3.08 -14.38 19.27
C ALA C 253 -2.84 -15.02 20.64
N LYS D 2 29.81 40.19 -26.67
CA LYS D 2 29.09 39.29 -25.77
C LYS D 2 30.03 38.23 -25.22
N ARG D 3 29.92 37.93 -23.92
CA ARG D 3 30.77 36.92 -23.31
C ARG D 3 30.01 36.06 -22.33
N ASP D 4 30.29 34.76 -22.37
CA ASP D 4 29.60 33.80 -21.46
C ASP D 4 30.19 33.89 -20.06
N VAL D 5 29.34 34.03 -19.05
CA VAL D 5 29.79 34.15 -17.66
C VAL D 5 28.88 33.35 -16.71
N ASN D 6 29.35 33.18 -15.46
CA ASN D 6 28.62 32.50 -14.40
C ASN D 6 28.49 33.55 -13.31
N ILE D 7 27.26 34.02 -13.05
CA ILE D 7 27.02 35.08 -12.09
C ILE D 7 26.94 34.59 -10.65
N VAL D 8 27.63 35.30 -9.77
CA VAL D 8 27.63 35.04 -8.34
C VAL D 8 27.13 36.33 -7.71
N THR D 9 26.23 36.25 -6.73
CA THR D 9 25.73 37.43 -6.03
C THR D 9 26.11 37.25 -4.56
N GLY D 10 26.25 38.35 -3.83
CA GLY D 10 26.64 38.26 -2.43
C GLY D 10 26.85 39.58 -1.73
N ARG D 11 27.52 39.53 -0.58
CA ARG D 11 27.78 40.69 0.25
C ARG D 11 28.99 41.52 -0.14
N THR D 12 28.90 42.81 0.21
CA THR D 12 29.91 43.84 -0.02
C THR D 12 29.79 44.82 1.14
N ILE D 13 30.90 45.23 1.80
CA ILE D 13 30.83 46.15 2.94
C ILE D 13 30.01 47.41 2.62
N LYS D 14 30.18 47.97 1.41
CA LYS D 14 29.45 49.17 1.02
C LYS D 14 27.96 48.90 0.79
N GLN D 15 27.62 47.68 0.36
CA GLN D 15 26.24 47.27 0.13
C GLN D 15 25.51 47.15 1.47
N GLY D 16 26.18 46.62 2.49
CA GLY D 16 25.61 46.47 3.82
C GLY D 16 25.55 47.75 4.61
N ALA D 17 26.52 48.66 4.39
CA ALA D 17 26.59 49.92 5.10
C ALA D 17 25.38 50.83 4.84
N ASP D 18 24.73 50.70 3.68
CA ASP D 18 23.57 51.51 3.36
C ASP D 18 22.34 50.65 3.01
N ILE D 19 22.27 49.43 3.56
CA ILE D 19 21.16 48.50 3.31
C ILE D 19 19.83 49.02 3.87
N GLU D 20 19.87 49.89 4.89
CA GLU D 20 18.65 50.49 5.46
C GLU D 20 18.39 51.89 4.89
N ASN D 21 19.13 52.27 3.81
CA ASN D 21 19.02 53.56 3.14
C ASN D 21 19.00 53.26 1.63
N LYS D 22 18.10 52.34 1.23
CA LYS D 22 18.00 51.87 -0.15
C LYS D 22 17.57 52.91 -1.19
N LEU D 23 17.02 54.05 -0.78
CA LEU D 23 16.62 55.08 -1.74
C LEU D 23 17.74 56.09 -2.02
N SER D 24 18.90 55.95 -1.35
CA SER D 24 20.03 56.86 -1.51
C SER D 24 20.96 56.47 -2.65
N ARG D 25 21.76 57.43 -3.11
CA ARG D 25 22.73 57.19 -4.16
C ARG D 25 23.86 56.28 -3.67
N GLU D 26 24.13 56.25 -2.35
CA GLU D 26 25.16 55.36 -1.81
C GLU D 26 24.76 53.91 -2.02
N TYR D 27 23.48 53.59 -1.81
CA TYR D 27 23.01 52.22 -2.01
C TYR D 27 23.06 51.86 -3.49
N PHE D 28 22.61 52.77 -4.36
CA PHE D 28 22.64 52.55 -5.80
C PHE D 28 24.07 52.31 -6.29
N GLU D 29 25.03 53.10 -5.81
CA GLU D 29 26.42 52.96 -6.22
C GLU D 29 27.02 51.63 -5.76
N ALA D 30 26.59 51.14 -4.60
CA ALA D 30 27.11 49.89 -4.04
C ALA D 30 26.46 48.64 -4.61
N CYS D 31 25.19 48.71 -5.08
CA CYS D 31 24.51 47.52 -5.58
C CYS D 31 24.29 47.48 -7.09
N ALA D 32 24.25 48.63 -7.77
CA ALA D 32 24.09 48.64 -9.21
C ALA D 32 25.49 48.60 -9.82
N ARG D 33 26.12 47.43 -9.79
CA ARG D 33 27.47 47.25 -10.31
C ARG D 33 27.77 45.76 -10.51
N CYS D 34 28.75 45.47 -11.36
CA CYS D 34 29.16 44.10 -11.68
C CYS D 34 30.69 44.03 -11.63
N GLU D 35 31.23 43.20 -10.72
CA GLU D 35 32.68 43.03 -10.59
C GLU D 35 33.10 41.93 -11.53
N VAL D 36 34.12 42.20 -12.36
CA VAL D 36 34.61 41.28 -13.37
C VAL D 36 36.14 41.14 -13.29
N GLY D 37 36.67 39.99 -13.69
CA GLY D 37 38.10 39.73 -13.66
C GLY D 37 38.85 40.45 -14.78
N PRO D 38 40.19 40.39 -14.80
CA PRO D 38 40.95 41.11 -15.84
C PRO D 38 40.79 40.59 -17.27
N GLU D 39 40.71 39.27 -17.48
CA GLU D 39 40.56 38.73 -18.84
C GLU D 39 39.22 39.15 -19.45
N ASP D 40 38.12 39.03 -18.68
CA ASP D 40 36.81 39.37 -19.20
C ASP D 40 36.72 40.88 -19.52
N LEU D 41 37.27 41.75 -18.65
CA LEU D 41 37.24 43.19 -18.90
C LEU D 41 38.02 43.53 -20.17
N ARG D 42 39.18 42.88 -20.40
CA ARG D 42 40.00 43.11 -21.58
C ARG D 42 39.26 42.67 -22.82
N ALA D 43 38.70 41.47 -22.78
CA ALA D 43 37.95 40.93 -23.91
C ALA D 43 36.72 41.79 -24.22
N LEU D 44 36.12 42.42 -23.20
CA LEU D 44 34.97 43.30 -23.43
C LEU D 44 35.38 44.57 -24.18
N GLY D 45 36.63 45.00 -24.02
CA GLY D 45 37.16 46.19 -24.67
C GLY D 45 36.62 47.48 -24.09
N ILE D 46 36.25 47.47 -22.80
CA ILE D 46 35.70 48.66 -22.15
C ILE D 46 36.45 48.99 -20.87
N SER D 47 36.32 50.23 -20.41
CA SER D 47 36.98 50.68 -19.20
C SER D 47 36.06 50.54 -17.98
N GLU D 48 36.65 50.63 -16.77
CA GLU D 48 35.86 50.55 -15.53
C GLU D 48 34.89 51.72 -15.50
N GLY D 49 33.65 51.47 -15.10
CA GLY D 49 32.64 52.51 -15.06
C GLY D 49 31.70 52.46 -16.25
N SER D 50 32.12 51.83 -17.35
CA SER D 50 31.28 51.71 -18.54
C SER D 50 30.14 50.74 -18.25
N ASN D 51 28.96 51.00 -18.79
CA ASN D 51 27.81 50.15 -18.55
C ASN D 51 27.84 48.87 -19.37
N VAL D 52 27.31 47.80 -18.77
CA VAL D 52 27.24 46.48 -19.38
C VAL D 52 25.83 45.94 -19.13
N ARG D 53 25.39 45.04 -20.00
CA ARG D 53 24.09 44.40 -19.84
C ARG D 53 24.35 42.94 -19.47
N ILE D 54 23.87 42.51 -18.29
CA ILE D 54 24.02 41.12 -17.86
C ILE D 54 22.68 40.46 -18.18
N SER D 55 22.69 39.39 -18.96
CA SER D 55 21.46 38.72 -19.34
C SER D 55 21.48 37.24 -19.01
N THR D 56 20.38 36.74 -18.45
CA THR D 56 20.20 35.32 -18.12
C THR D 56 18.85 34.90 -18.73
N ASP D 57 18.52 33.60 -18.66
CA ASP D 57 17.23 33.13 -19.16
C ASP D 57 16.07 33.68 -18.29
N PHE D 58 16.38 34.37 -17.17
CA PHE D 58 15.36 34.88 -16.25
C PHE D 58 15.20 36.40 -16.23
N GLY D 59 16.08 37.12 -16.90
CA GLY D 59 16.00 38.57 -16.95
C GLY D 59 17.28 39.23 -17.42
N SER D 60 17.27 40.56 -17.47
CA SER D 60 18.43 41.33 -17.90
C SER D 60 18.53 42.62 -17.09
N VAL D 61 19.75 43.07 -16.79
CA VAL D 61 19.96 44.29 -16.01
C VAL D 61 21.18 45.04 -16.55
N VAL D 62 21.13 46.38 -16.50
CA VAL D 62 22.23 47.24 -16.96
C VAL D 62 22.85 47.87 -15.72
N VAL D 63 24.16 47.69 -15.54
CA VAL D 63 24.89 48.23 -14.40
C VAL D 63 26.33 48.59 -14.79
N PRO D 64 26.97 49.59 -14.15
CA PRO D 64 28.37 49.89 -14.47
C PRO D 64 29.29 48.70 -14.16
N VAL D 65 30.36 48.56 -14.94
CA VAL D 65 31.31 47.46 -14.74
C VAL D 65 32.43 47.91 -13.79
N ALA D 66 33.03 46.96 -13.07
CA ALA D 66 34.11 47.23 -12.14
C ALA D 66 35.09 46.07 -12.16
N LEU D 67 36.35 46.32 -11.84
CA LEU D 67 37.37 45.28 -11.86
C LEU D 67 37.59 44.66 -10.48
N CYS D 68 37.73 43.34 -10.45
CA CYS D 68 38.07 42.61 -9.25
C CYS D 68 39.12 41.60 -9.69
N GLU D 69 40.37 41.82 -9.27
CA GLU D 69 41.48 40.95 -9.64
C GLU D 69 41.36 39.53 -9.08
N GLY D 70 40.52 39.34 -8.07
CA GLY D 70 40.32 38.02 -7.48
C GLY D 70 39.32 37.16 -8.22
N ASN D 71 38.62 37.72 -9.22
CA ASN D 71 37.62 36.97 -9.97
C ASN D 71 38.24 36.18 -11.14
N PRO D 72 38.14 34.84 -11.16
CA PRO D 72 38.68 34.10 -12.30
C PRO D 72 37.86 34.33 -13.56
N THR D 73 38.41 34.00 -14.74
CA THR D 73 37.69 34.19 -16.01
C THR D 73 36.38 33.41 -15.99
N GLY D 74 35.31 34.05 -16.44
CA GLY D 74 33.99 33.44 -16.45
C GLY D 74 33.17 33.71 -15.20
N ILE D 75 33.77 34.30 -14.15
CA ILE D 75 33.05 34.59 -12.91
C ILE D 75 32.81 36.07 -12.76
N VAL D 76 31.54 36.48 -12.69
CA VAL D 76 31.17 37.89 -12.48
C VAL D 76 30.38 37.96 -11.18
N PHE D 77 30.46 39.08 -10.48
CA PHE D 77 29.78 39.24 -9.21
C PHE D 77 28.92 40.47 -9.16
N ILE D 78 27.65 40.32 -8.80
CA ILE D 78 26.75 41.45 -8.66
C ILE D 78 26.37 41.51 -7.19
N PRO D 79 26.61 42.62 -6.45
CA PRO D 79 26.22 42.63 -5.03
C PRO D 79 24.74 42.34 -4.87
N MET D 80 24.36 41.65 -3.77
CA MET D 80 22.95 41.34 -3.54
C MET D 80 22.11 42.62 -3.51
N GLY D 81 20.93 42.55 -4.09
CA GLY D 81 20.04 43.70 -4.18
C GLY D 81 19.09 43.56 -5.34
N PRO D 82 18.27 44.59 -5.63
CA PRO D 82 17.31 44.46 -6.73
C PRO D 82 17.93 44.31 -8.12
N TRP D 83 19.12 44.87 -8.35
CA TRP D 83 19.76 44.76 -9.66
C TRP D 83 20.20 43.32 -9.89
N ALA D 84 20.81 42.69 -8.88
CA ALA D 84 21.22 41.31 -8.98
C ALA D 84 19.99 40.40 -9.11
N ASN D 85 18.95 40.67 -8.31
CA ASN D 85 17.74 39.86 -8.32
C ASN D 85 16.88 40.02 -9.57
N ALA D 86 17.30 40.84 -10.53
CA ALA D 86 16.58 40.98 -11.79
C ALA D 86 17.03 39.87 -12.78
N VAL D 87 18.17 39.19 -12.51
CA VAL D 87 18.70 38.14 -13.39
C VAL D 87 18.87 36.78 -12.72
N VAL D 88 18.70 36.67 -11.39
CA VAL D 88 18.87 35.39 -10.69
C VAL D 88 17.79 34.36 -11.08
N ASN D 89 18.04 33.06 -10.82
CA ASN D 89 17.11 32.00 -11.13
C ASN D 89 15.99 31.97 -10.08
N PRO D 90 14.71 32.24 -10.45
CA PRO D 90 13.65 32.23 -9.45
C PRO D 90 13.17 30.86 -9.01
N ASP D 91 13.66 29.77 -9.64
CA ASP D 91 13.25 28.42 -9.24
C ASP D 91 13.68 28.18 -7.79
N THR D 92 12.79 27.59 -6.98
CA THR D 92 13.09 27.37 -5.56
C THR D 92 13.75 26.02 -5.26
N HIS D 93 14.10 25.24 -6.29
CA HIS D 93 14.81 23.97 -6.17
C HIS D 93 14.24 23.00 -5.14
N GLY D 94 12.91 22.96 -5.01
CA GLY D 94 12.24 22.06 -4.10
C GLY D 94 12.50 22.31 -2.62
N CYS D 95 13.14 23.42 -2.26
CA CYS D 95 13.42 23.70 -0.86
C CYS D 95 13.23 25.18 -0.46
N GLY D 96 12.58 25.97 -1.32
CA GLY D 96 12.32 27.38 -1.03
C GLY D 96 13.49 28.31 -1.27
N MET D 97 14.58 27.80 -1.84
CA MET D 97 15.77 28.61 -2.07
C MET D 97 15.96 28.96 -3.54
N PRO D 98 15.83 30.23 -3.95
CA PRO D 98 16.11 30.57 -5.35
C PRO D 98 17.61 30.37 -5.67
N GLY D 99 17.95 30.41 -6.95
CA GLY D 99 19.33 30.26 -7.38
C GLY D 99 20.04 31.60 -7.37
N PHE D 100 20.54 32.01 -6.19
CA PHE D 100 21.22 33.30 -6.05
C PHE D 100 22.67 33.25 -6.51
N LYS D 101 23.35 32.10 -6.38
CA LYS D 101 24.75 31.98 -6.74
C LYS D 101 24.98 30.90 -7.79
N GLY D 102 25.63 31.28 -8.89
CA GLY D 102 25.96 30.36 -9.97
C GLY D 102 24.91 30.33 -11.06
N VAL D 103 24.59 31.50 -11.61
CA VAL D 103 23.59 31.58 -12.65
C VAL D 103 24.27 31.77 -14.00
N PRO D 104 24.08 30.87 -14.99
CA PRO D 104 24.72 31.08 -16.29
C PRO D 104 24.11 32.30 -16.97
N GLY D 105 24.94 33.10 -17.60
CA GLY D 105 24.47 34.30 -18.30
C GLY D 105 25.49 34.83 -19.26
N THR D 106 25.24 36.04 -19.76
CA THR D 106 26.13 36.72 -20.69
C THR D 106 26.33 38.16 -20.26
N ILE D 107 27.50 38.71 -20.57
CA ILE D 107 27.84 40.09 -20.25
C ILE D 107 28.24 40.76 -21.57
N GLU D 108 27.78 41.98 -21.82
CA GLU D 108 28.12 42.68 -23.06
C GLU D 108 28.08 44.19 -22.86
N PRO D 109 28.95 44.99 -23.53
CA PRO D 109 28.84 46.46 -23.36
C PRO D 109 27.49 46.96 -23.84
N THR D 110 27.03 48.11 -23.32
CA THR D 110 25.76 48.67 -23.73
C THR D 110 25.75 50.18 -23.67
N ASP D 111 24.93 50.80 -24.53
CA ASP D 111 24.74 52.25 -24.55
C ASP D 111 23.59 52.63 -23.60
N ASP D 112 22.85 51.63 -23.06
CA ASP D 112 21.74 51.85 -22.14
C ASP D 112 22.27 52.31 -20.77
N THR D 113 21.36 52.82 -19.93
CA THR D 113 21.68 53.36 -18.60
C THR D 113 21.07 52.57 -17.44
N PRO D 114 21.77 52.43 -16.30
CA PRO D 114 21.15 51.73 -15.16
C PRO D 114 19.84 52.38 -14.72
N LEU D 115 18.95 51.60 -14.13
CA LEU D 115 17.69 52.12 -13.62
C LEU D 115 17.81 52.29 -12.12
N ASP D 116 17.24 53.37 -11.59
CA ASP D 116 17.27 53.58 -10.14
C ASP D 116 16.31 52.57 -9.49
N LEU D 117 16.38 52.41 -8.17
CA LEU D 117 15.54 51.43 -7.47
C LEU D 117 14.03 51.57 -7.71
N LYS D 118 13.49 52.79 -7.62
CA LYS D 118 12.05 53.00 -7.82
C LYS D 118 11.61 52.61 -9.24
N SER D 119 12.40 52.93 -10.28
CA SER D 119 12.06 52.56 -11.65
C SER D 119 12.07 51.04 -11.81
N LEU D 120 13.03 50.33 -11.16
CA LEU D 120 13.10 48.86 -11.26
C LEU D 120 11.86 48.26 -10.64
N MET D 121 11.50 48.74 -9.44
CA MET D 121 10.34 48.20 -8.75
C MET D 121 9.06 48.50 -9.53
N LYS D 122 9.01 49.62 -10.27
CA LYS D 122 7.85 49.99 -11.07
C LYS D 122 7.63 49.01 -12.22
N LEU D 123 8.69 48.35 -12.70
CA LEU D 123 8.56 47.38 -13.78
C LEU D 123 7.83 46.11 -13.31
N TYR D 124 7.89 45.80 -12.00
CA TYR D 124 7.23 44.61 -11.46
C TYR D 124 5.76 44.87 -11.09
N LYS D 125 5.31 46.14 -11.10
CA LYS D 125 3.92 46.47 -10.80
C LYS D 125 3.12 46.38 -12.10
N MET E 1 53.34 28.55 12.42
CA MET E 1 53.60 29.55 13.45
C MET E 1 54.94 30.23 13.17
N MET E 2 54.97 31.56 13.33
CA MET E 2 56.18 32.37 13.15
C MET E 2 56.50 33.03 14.47
N ASN E 3 57.78 33.18 14.79
CA ASN E 3 58.19 33.80 16.05
C ASN E 3 59.28 34.87 15.87
N GLY E 4 59.12 35.68 14.82
CA GLY E 4 60.02 36.79 14.49
C GLY E 4 61.50 36.54 14.61
N TYR E 5 62.20 37.41 15.37
CA TYR E 5 63.64 37.28 15.55
C TYR E 5 64.02 36.01 16.27
N ASP E 6 63.20 35.55 17.22
CA ASP E 6 63.50 34.31 17.95
C ASP E 6 63.49 33.12 16.99
N GLN E 7 62.62 33.16 15.96
CA GLN E 7 62.55 32.10 14.95
C GLN E 7 63.81 32.17 14.08
N LEU E 8 64.25 33.40 13.72
CA LEU E 8 65.45 33.58 12.91
C LEU E 8 66.67 33.04 13.66
N VAL E 9 66.73 33.23 14.98
CA VAL E 9 67.86 32.74 15.77
C VAL E 9 67.89 31.21 15.75
N GLU E 10 66.76 30.57 16.06
CA GLU E 10 66.69 29.11 16.12
C GLU E 10 66.79 28.40 14.77
N GLU E 11 66.15 28.93 13.73
CA GLU E 11 66.13 28.29 12.42
C GLU E 11 67.10 28.81 11.37
N VAL E 12 67.77 29.96 11.60
CA VAL E 12 68.67 30.51 10.57
C VAL E 12 70.06 30.91 11.13
N ILE E 13 70.11 31.86 12.07
CA ILE E 13 71.37 32.39 12.62
C ILE E 13 72.14 31.30 13.37
N ASP E 14 71.58 30.78 14.47
CA ASP E 14 72.26 29.73 15.24
C ASP E 14 72.29 28.41 14.44
N ALA E 15 71.41 28.24 13.45
CA ALA E 15 71.42 27.05 12.59
C ALA E 15 72.63 27.07 11.65
N GLY E 16 73.26 28.24 11.48
CA GLY E 16 74.44 28.43 10.66
C GLY E 16 74.19 28.72 9.19
N ILE E 17 72.95 28.96 8.80
CA ILE E 17 72.61 29.21 7.39
C ILE E 17 72.26 30.67 7.05
N CYS E 18 72.51 31.62 7.97
CA CYS E 18 72.24 33.04 7.71
C CYS E 18 73.14 33.52 6.58
N VAL E 19 72.58 34.22 5.60
CA VAL E 19 73.36 34.73 4.47
C VAL E 19 73.86 36.17 4.73
N SER E 20 73.67 36.69 5.97
CA SER E 20 74.08 38.05 6.36
C SER E 20 73.65 39.11 5.33
N CYS E 21 72.38 39.09 4.93
CA CYS E 21 71.88 40.06 3.96
C CYS E 21 71.53 41.39 4.64
N GLY E 22 71.05 41.32 5.87
CA GLY E 22 70.66 42.50 6.62
C GLY E 22 69.20 42.89 6.44
N ASN E 23 68.41 42.09 5.69
CA ASN E 23 67.01 42.43 5.47
C ASN E 23 66.20 42.51 6.75
N CYS E 24 66.48 41.60 7.71
CA CYS E 24 65.78 41.61 8.99
C CYS E 24 65.99 42.95 9.71
N ALA E 25 67.22 43.50 9.64
CA ALA E 25 67.54 44.79 10.25
C ALA E 25 66.84 45.94 9.53
N ALA E 26 66.62 45.83 8.22
CA ALA E 26 65.98 46.86 7.42
C ALA E 26 64.45 46.90 7.48
N VAL E 27 63.79 45.85 8.01
CA VAL E 27 62.32 45.83 8.09
C VAL E 27 61.81 46.05 9.49
N CYS E 28 62.61 45.76 10.53
CA CYS E 28 62.13 45.91 11.89
C CYS E 28 61.59 47.32 12.18
N PRO E 29 60.27 47.47 12.41
CA PRO E 29 59.75 48.81 12.68
C PRO E 29 60.24 49.42 14.01
N LEU E 30 60.82 48.59 14.90
CA LEU E 30 61.31 49.06 16.18
C LEU E 30 62.83 49.17 16.26
N GLN E 31 63.52 48.97 15.12
CA GLN E 31 64.99 49.05 15.06
C GLN E 31 65.67 48.17 16.11
N TYR E 32 65.17 46.95 16.28
CA TYR E 32 65.72 46.01 17.25
C TYR E 32 66.97 45.33 16.70
N ILE E 33 66.99 45.06 15.40
CA ILE E 33 68.09 44.32 14.79
C ILE E 33 69.10 45.21 14.07
N SER E 34 70.39 44.89 14.21
CA SER E 34 71.50 45.61 13.58
C SER E 34 72.57 44.61 13.15
N MET E 35 73.35 44.96 12.14
CA MET E 35 74.43 44.08 11.66
C MET E 35 75.74 44.46 12.32
N GLU E 36 76.32 43.53 13.09
CA GLU E 36 77.59 43.74 13.78
C GLU E 36 78.57 42.68 13.30
N GLU E 37 79.66 43.10 12.62
CA GLU E 37 80.66 42.20 12.08
C GLU E 37 80.02 41.26 11.06
N LYS E 38 79.08 41.79 10.26
CA LYS E 38 78.38 41.04 9.23
C LYS E 38 77.52 39.91 9.79
N LYS E 39 76.97 40.09 11.01
CA LYS E 39 76.11 39.09 11.63
C LYS E 39 74.91 39.79 12.29
N PRO E 40 73.71 39.20 12.22
CA PRO E 40 72.53 39.84 12.82
C PRO E 40 72.51 39.81 14.35
N VAL E 41 72.36 40.99 14.99
CA VAL E 41 72.33 41.10 16.45
C VAL E 41 71.10 41.90 16.89
N GLN E 42 70.46 41.52 18.02
CA GLN E 42 69.27 42.19 18.53
C GLN E 42 69.61 42.97 19.78
N ASP E 43 69.01 44.16 19.94
CA ASP E 43 69.19 44.98 21.13
C ASP E 43 68.17 44.47 22.14
N ARG E 44 68.57 43.45 22.91
CA ARG E 44 67.69 42.82 23.90
C ARG E 44 67.29 43.77 25.03
N GLU E 45 68.16 44.71 25.41
CA GLU E 45 67.82 45.67 26.46
C GLU E 45 66.67 46.57 25.98
N LYS E 46 66.71 46.97 24.70
CA LYS E 46 65.68 47.82 24.12
C LYS E 46 64.37 47.04 24.03
N ARG E 47 64.44 45.77 23.62
CA ARG E 47 63.25 44.92 23.50
C ARG E 47 62.58 44.73 24.85
N ASP E 48 63.37 44.47 25.89
CA ASP E 48 62.83 44.27 27.23
C ASP E 48 62.13 45.52 27.76
N GLU E 49 62.67 46.71 27.44
CA GLU E 49 62.07 47.97 27.89
C GLU E 49 60.74 48.22 27.18
N ILE E 50 60.68 47.94 25.87
CA ILE E 50 59.46 48.14 25.09
C ILE E 50 58.40 47.15 25.56
N GLU E 51 58.78 45.88 25.75
CA GLU E 51 57.83 44.85 26.17
C GLU E 51 57.31 45.06 27.59
N LYS E 52 58.15 45.56 28.50
CA LYS E 52 57.73 45.81 29.88
C LYS E 52 56.73 46.96 29.99
N ARG E 53 56.88 47.97 29.14
CA ARG E 53 56.03 49.15 29.19
C ARG E 53 54.91 49.18 28.15
N SER E 54 55.09 48.52 27.01
CA SER E 54 54.11 48.57 25.93
C SER E 54 53.62 47.24 25.37
N GLY E 55 54.16 46.12 25.83
CA GLY E 55 53.70 44.81 25.38
C GLY E 55 54.54 44.08 24.36
N LEU E 56 54.06 42.89 23.96
CA LEU E 56 54.76 42.02 23.03
C LEU E 56 54.61 42.49 21.58
N ALA E 57 55.46 43.44 21.19
CA ALA E 57 55.40 44.00 19.84
C ALA E 57 55.81 43.06 18.72
N CYS E 58 56.50 41.96 19.03
CA CYS E 58 56.91 41.00 18.02
C CYS E 58 55.81 39.96 17.73
N ASN E 59 54.94 39.69 18.73
CA ASN E 59 53.89 38.67 18.65
C ASN E 59 53.15 38.56 17.31
N ASP E 60 52.48 39.62 16.88
CA ASP E 60 51.74 39.58 15.61
C ASP E 60 52.40 40.45 14.54
N CYS E 61 53.73 40.55 14.60
CA CYS E 61 54.51 41.32 13.63
C CYS E 61 55.18 40.30 12.70
N ASN E 62 56.26 39.63 13.16
CA ASN E 62 57.01 38.64 12.40
C ASN E 62 57.49 39.15 11.03
N LEU E 63 57.66 40.48 10.89
CA LEU E 63 58.10 41.05 9.62
C LEU E 63 59.53 40.62 9.29
N CYS E 64 60.40 40.48 10.32
CA CYS E 64 61.79 40.05 10.10
C CYS E 64 61.82 38.62 9.57
N ALA E 65 61.02 37.72 10.16
CA ALA E 65 60.99 36.33 9.70
C ALA E 65 60.39 36.21 8.29
N MET E 66 59.36 37.01 8.00
CA MET E 66 58.71 37.00 6.68
C MET E 66 59.62 37.59 5.58
N SER E 67 60.65 38.34 5.96
CA SER E 67 61.58 38.98 5.03
C SER E 67 62.88 38.19 4.84
N CYS E 68 63.18 37.20 5.70
CA CYS E 68 64.43 36.46 5.63
C CYS E 68 64.48 35.50 4.44
N PRO E 69 65.54 35.55 3.60
CA PRO E 69 65.60 34.63 2.46
C PRO E 69 65.74 33.16 2.86
N ARG E 70 66.08 32.88 4.13
CA ARG E 70 66.22 31.52 4.61
C ARG E 70 64.99 30.99 5.34
N ILE E 71 63.87 31.71 5.29
CA ILE E 71 62.62 31.29 5.89
C ILE E 71 61.69 31.04 4.70
N GLU E 72 61.13 29.85 4.57
CA GLU E 72 60.26 29.56 3.43
C GLU E 72 58.93 30.29 3.58
N PRO E 73 58.39 30.86 2.49
CA PRO E 73 57.08 31.52 2.60
C PRO E 73 55.99 30.51 3.00
N THR E 74 55.05 30.93 3.86
CA THR E 74 53.98 30.03 4.31
C THR E 74 52.57 30.52 3.97
N TYR E 75 52.35 31.86 3.93
CA TYR E 75 51.02 32.41 3.65
C TYR E 75 50.73 32.53 2.16
N PHE E 76 49.46 32.31 1.81
CA PHE E 76 49.00 32.38 0.43
C PHE E 76 49.42 33.65 -0.31
N TRP E 77 49.18 34.83 0.30
CA TRP E 77 49.49 36.10 -0.33
C TRP E 77 50.97 36.25 -0.72
N GLN E 78 51.89 36.00 0.23
CA GLN E 78 53.32 36.13 -0.07
C GLN E 78 53.73 35.19 -1.20
N LYS E 79 53.24 33.94 -1.17
CA LYS E 79 53.56 32.96 -2.21
C LYS E 79 53.05 33.43 -3.56
N ARG E 80 51.83 33.93 -3.60
CA ARG E 80 51.21 34.43 -4.82
C ARG E 80 51.99 35.61 -5.41
N GLU E 81 52.35 36.59 -4.57
CA GLU E 81 53.08 37.77 -5.02
C GLU E 81 54.49 37.42 -5.50
N LEU E 82 55.18 36.51 -4.80
CA LEU E 82 56.53 36.10 -5.19
C LEU E 82 56.50 35.44 -6.57
N LYS E 83 55.49 34.58 -6.84
CA LYS E 83 55.38 33.92 -8.14
C LYS E 83 55.22 34.95 -9.26
N ARG E 84 54.47 36.01 -8.98
CA ARG E 84 54.22 37.09 -9.94
C ARG E 84 55.50 37.94 -10.17
N MET E 85 56.50 37.82 -9.27
CA MET E 85 57.75 38.57 -9.38
C MET E 85 58.84 37.76 -10.10
N GLU E 86 58.66 36.43 -10.25
CA GLU E 86 59.62 35.59 -10.97
C GLU E 86 59.45 35.93 -12.45
N HIS E 87 60.51 36.38 -13.14
CA HIS E 87 60.42 36.74 -14.56
C HIS E 87 61.58 36.20 -15.39
N GLU E 88 61.26 35.62 -16.54
CA GLU E 88 62.28 35.13 -17.47
C GLU E 88 62.71 36.37 -18.28
N GLY E 89 63.92 36.35 -18.81
CA GLY E 89 64.43 37.49 -19.58
C GLY E 89 65.19 37.11 -20.83
N GLU E 90 65.51 38.11 -21.65
CA GLU E 90 66.28 37.88 -22.88
C GLU E 90 67.75 37.91 -22.51
N VAL E 91 68.50 36.89 -22.95
CA VAL E 91 69.93 36.81 -22.65
C VAL E 91 70.70 37.55 -23.72
N LYS E 92 71.60 38.46 -23.30
CA LYS E 92 72.45 39.25 -24.18
C LYS E 92 73.87 39.33 -23.58
N ALA E 93 74.82 39.89 -24.33
CA ALA E 93 76.18 40.08 -23.84
C ALA E 93 76.52 41.54 -24.10
N ALA E 94 77.06 42.22 -23.08
CA ALA E 94 77.35 43.64 -23.21
C ALA E 94 78.69 44.02 -22.58
N ARG E 95 79.23 45.17 -22.99
CA ARG E 95 80.49 45.70 -22.50
C ARG E 95 80.42 47.21 -22.48
N THR E 96 80.99 47.85 -21.45
CA THR E 96 80.98 49.32 -21.35
C THR E 96 81.84 49.97 -22.43
N THR E 97 81.57 51.25 -22.70
CA THR E 97 82.32 52.08 -23.66
C THR E 97 83.14 53.16 -22.90
N TYR E 98 82.93 53.28 -21.57
CA TYR E 98 83.61 54.23 -20.71
C TYR E 98 84.84 53.54 -20.13
N LYS E 99 86.05 53.93 -20.58
CA LYS E 99 87.27 53.29 -20.12
C LYS E 99 87.49 53.32 -18.60
N PRO E 100 87.24 54.43 -17.86
CA PRO E 100 87.46 54.40 -16.41
C PRO E 100 86.77 53.22 -15.71
N ILE E 101 85.63 52.75 -16.26
CA ILE E 101 84.92 51.61 -15.68
C ILE E 101 85.63 50.32 -16.11
N GLN E 102 86.00 50.20 -17.39
CA GLN E 102 86.69 48.99 -17.86
C GLN E 102 87.99 48.69 -17.11
N ASP E 103 88.63 49.74 -16.57
CA ASP E 103 89.88 49.57 -15.82
C ASP E 103 89.69 48.95 -14.44
N VAL E 104 88.46 49.02 -13.89
CA VAL E 104 88.17 48.50 -12.55
C VAL E 104 87.10 47.38 -12.53
N CYS E 105 86.25 47.30 -13.57
CA CYS E 105 85.18 46.31 -13.62
C CYS E 105 85.65 44.86 -13.65
N GLN E 106 84.74 43.93 -13.33
CA GLN E 106 85.05 42.50 -13.31
C GLN E 106 85.00 41.92 -14.71
N ASP E 107 83.94 42.23 -15.46
CA ASP E 107 83.79 41.71 -16.82
C ASP E 107 83.55 42.86 -17.81
N GLY E 108 82.30 43.18 -18.12
CA GLY E 108 81.97 44.25 -19.05
C GLY E 108 81.65 45.58 -18.39
N GLY E 109 81.51 45.58 -17.07
CA GLY E 109 81.20 46.80 -16.33
C GLY E 109 79.79 47.31 -16.58
N ILE E 110 78.83 46.39 -16.75
CA ILE E 110 77.45 46.78 -17.00
C ILE E 110 76.77 47.28 -15.74
N VAL E 111 77.10 46.69 -14.59
CA VAL E 111 76.49 47.12 -13.32
C VAL E 111 76.92 48.57 -13.03
N THR E 112 78.23 48.84 -13.05
CA THR E 112 78.75 50.17 -12.77
C THR E 112 78.22 51.18 -13.78
N THR E 113 78.14 50.80 -15.07
CA THR E 113 77.64 51.68 -16.12
C THR E 113 76.16 52.00 -15.92
N LEU E 114 75.35 50.99 -15.62
CA LEU E 114 73.91 51.21 -15.42
C LEU E 114 73.68 52.16 -14.24
N PHE E 115 74.35 51.91 -13.12
CA PHE E 115 74.22 52.76 -11.93
C PHE E 115 74.75 54.17 -12.18
N LYS E 116 75.79 54.31 -13.02
CA LYS E 116 76.33 55.63 -13.35
C LYS E 116 75.25 56.39 -14.15
N TYR E 117 74.62 55.73 -15.15
CA TYR E 117 73.57 56.36 -15.94
C TYR E 117 72.37 56.74 -15.07
N LEU E 118 71.91 55.84 -14.19
CA LEU E 118 70.77 56.13 -13.33
C LEU E 118 71.01 57.36 -12.45
N LEU E 119 72.25 57.57 -12.01
CA LEU E 119 72.57 58.73 -11.17
C LEU E 119 72.70 59.98 -12.05
N ASP E 120 73.45 59.89 -13.16
CA ASP E 120 73.65 61.03 -14.07
C ASP E 120 72.33 61.50 -14.68
N SER E 121 71.40 60.57 -14.92
CA SER E 121 70.10 60.90 -15.49
C SER E 121 69.09 61.40 -14.45
N GLY E 122 69.41 61.28 -13.17
CA GLY E 122 68.52 61.70 -12.09
C GLY E 122 67.39 60.74 -11.84
N ARG E 123 67.45 59.51 -12.37
CA ARG E 123 66.39 58.52 -12.15
C ARG E 123 66.45 57.96 -10.73
N VAL E 124 67.62 58.01 -10.07
CA VAL E 124 67.76 57.55 -8.69
C VAL E 124 68.62 58.54 -7.92
N ASP E 125 68.42 58.62 -6.61
CA ASP E 125 69.17 59.51 -5.74
C ASP E 125 70.40 58.82 -5.12
N GLY E 126 70.40 57.49 -5.09
CA GLY E 126 71.50 56.72 -4.53
C GLY E 126 71.44 55.27 -4.98
N VAL E 127 72.55 54.56 -4.81
CA VAL E 127 72.64 53.15 -5.19
C VAL E 127 73.41 52.37 -4.14
N VAL E 128 73.01 51.12 -3.89
CA VAL E 128 73.74 50.31 -2.93
C VAL E 128 74.76 49.50 -3.71
N VAL E 129 76.04 49.71 -3.39
CA VAL E 129 77.14 49.02 -4.04
C VAL E 129 78.04 48.43 -2.93
N SER E 130 79.00 47.59 -3.31
CA SER E 130 79.91 46.94 -2.38
C SER E 130 81.32 47.46 -2.53
N GLN E 131 81.75 48.31 -1.60
CA GLN E 131 83.11 48.84 -1.59
C GLN E 131 83.96 47.83 -0.76
N TYR E 132 85.22 48.15 -0.46
CA TYR E 132 86.07 47.25 0.31
C TYR E 132 87.18 48.03 1.02
N ASN E 133 87.64 47.53 2.17
CA ASN E 133 88.70 48.16 2.94
C ASN E 133 90.07 47.62 2.48
N GLY E 134 91.15 47.98 3.19
CA GLY E 134 92.50 47.54 2.85
C GLY E 134 92.67 46.03 2.87
N ASP E 135 92.00 45.34 3.79
CA ASP E 135 92.07 43.88 3.88
C ASP E 135 91.06 43.18 2.96
N TYR E 136 90.44 43.93 2.01
CA TYR E 136 89.43 43.45 1.08
C TYR E 136 88.15 42.96 1.76
N ASN E 137 87.87 43.44 2.98
CA ASN E 137 86.64 43.09 3.67
C ASN E 137 85.57 43.96 3.02
N PRO E 138 84.50 43.40 2.42
CA PRO E 138 83.48 44.25 1.78
C PRO E 138 82.85 45.26 2.72
N VAL E 139 82.45 46.40 2.16
CA VAL E 139 81.82 47.49 2.91
C VAL E 139 80.64 47.97 2.09
N PRO E 140 79.39 47.54 2.40
CA PRO E 140 78.24 48.03 1.61
C PRO E 140 78.04 49.52 1.86
N VAL E 141 77.78 50.29 0.79
CA VAL E 141 77.58 51.73 0.91
C VAL E 141 76.44 52.19 0.01
N LEU E 142 75.82 53.32 0.34
CA LEU E 142 74.78 53.91 -0.49
C LEU E 142 75.49 55.06 -1.21
N ALA E 143 75.94 54.80 -2.45
CA ALA E 143 76.71 55.75 -3.25
C ALA E 143 75.88 56.68 -4.13
N LYS E 144 76.46 57.85 -4.44
CA LYS E 144 75.87 58.89 -5.29
C LYS E 144 76.91 59.43 -6.31
N ARG E 145 78.21 59.36 -6.00
CA ARG E 145 79.25 59.86 -6.90
C ARG E 145 79.89 58.74 -7.72
N GLU E 146 80.39 59.08 -8.90
CA GLU E 146 81.08 58.15 -9.79
C GLU E 146 82.30 57.57 -9.09
N ASP E 147 83.02 58.40 -8.31
CA ASP E 147 84.20 57.94 -7.57
C ASP E 147 83.85 56.75 -6.66
N ASP E 148 82.71 56.83 -5.97
CA ASP E 148 82.25 55.75 -5.09
C ASP E 148 81.87 54.50 -5.88
N LEU E 149 81.35 54.67 -7.10
CA LEU E 149 80.96 53.54 -7.94
C LEU E 149 82.19 52.82 -8.46
N LEU E 150 83.20 53.58 -8.89
CA LEU E 150 84.43 52.99 -9.40
C LEU E 150 85.15 52.22 -8.28
N ARG E 151 85.10 52.73 -7.05
CA ARG E 151 85.70 52.06 -5.88
C ARG E 151 84.97 50.75 -5.51
N ALA E 152 83.80 50.48 -6.13
CA ALA E 152 82.99 49.30 -5.86
C ALA E 152 82.97 48.32 -7.04
N ALA E 153 83.45 48.76 -8.22
CA ALA E 153 83.52 47.89 -9.39
C ALA E 153 84.39 46.67 -9.04
N GLY E 154 84.17 45.57 -9.72
CA GLY E 154 84.91 44.35 -9.41
C GLY E 154 84.06 43.46 -8.53
N THR E 155 84.58 42.28 -8.23
CA THR E 155 83.85 41.29 -7.44
C THR E 155 84.63 40.80 -6.22
N ARG E 156 83.96 40.74 -5.06
CA ARG E 156 84.54 40.20 -3.83
C ARG E 156 83.70 38.97 -3.51
N TYR E 157 84.35 37.86 -3.13
CA TYR E 157 83.64 36.62 -2.87
C TYR E 157 83.28 36.36 -1.40
N THR E 158 83.31 37.41 -0.56
CA THR E 158 82.87 37.30 0.83
C THR E 158 81.57 38.13 0.91
N VAL E 159 80.87 38.06 2.04
CA VAL E 159 79.53 38.72 2.14
C VAL E 159 79.59 40.24 2.25
N SER E 160 78.64 40.92 1.61
CA SER E 160 78.50 42.37 1.66
C SER E 160 77.01 42.64 1.93
N PRO E 161 76.60 42.78 3.21
CA PRO E 161 75.17 42.99 3.52
C PRO E 161 74.56 44.19 2.81
N ALA E 162 73.90 43.95 1.67
CA ALA E 162 73.28 45.02 0.88
C ALA E 162 72.29 45.88 1.64
N TYR E 163 71.60 45.32 2.65
CA TYR E 163 70.61 46.08 3.41
C TYR E 163 71.18 46.86 4.60
N SER E 164 72.46 46.68 4.96
CA SER E 164 73.03 47.45 6.09
C SER E 164 72.95 48.97 5.84
N PRO E 165 73.25 49.50 4.63
CA PRO E 165 73.13 50.94 4.42
C PRO E 165 71.68 51.43 4.38
N LEU E 166 70.68 50.54 4.53
CA LEU E 166 69.27 50.94 4.46
C LEU E 166 68.48 50.63 5.72
N THR E 167 69.15 50.51 6.87
CA THR E 167 68.48 50.21 8.12
C THR E 167 67.81 51.42 8.78
N ASP E 168 68.12 52.64 8.32
CA ASP E 168 67.54 53.86 8.89
C ASP E 168 66.65 54.57 7.86
N ILE E 169 65.42 54.08 7.68
CA ILE E 169 64.50 54.67 6.71
C ILE E 169 64.21 56.15 6.98
N LYS E 170 64.08 56.55 8.24
CA LYS E 170 63.82 57.96 8.57
C LYS E 170 64.98 58.84 8.10
N GLN E 171 66.24 58.40 8.31
CA GLN E 171 67.41 59.17 7.88
C GLN E 171 67.50 59.24 6.37
N LEU E 172 67.12 58.16 5.67
CA LEU E 172 67.16 58.15 4.21
C LEU E 172 66.18 59.20 3.66
N LYS E 173 64.97 59.26 4.21
CA LYS E 173 63.98 60.23 3.76
C LYS E 173 64.42 61.65 4.12
N ASP E 174 65.03 61.84 5.31
CA ASP E 174 65.54 63.14 5.75
C ASP E 174 66.68 63.62 4.83
N ASP E 175 67.50 62.69 4.33
CA ASP E 175 68.60 63.02 3.43
C ASP E 175 68.17 63.20 1.97
N GLY E 176 66.88 63.04 1.68
CA GLY E 176 66.35 63.23 0.32
C GLY E 176 66.40 62.02 -0.59
N TYR E 177 66.58 60.81 -0.03
CA TYR E 177 66.60 59.59 -0.84
C TYR E 177 65.18 59.12 -1.12
N GLU E 178 64.67 59.44 -2.31
CA GLU E 178 63.31 59.09 -2.73
C GLU E 178 63.32 57.83 -3.60
N ARG E 179 64.39 57.64 -4.39
CA ARG E 179 64.51 56.49 -5.28
C ARG E 179 65.90 55.90 -5.15
N ILE E 180 66.02 54.58 -5.00
CA ILE E 180 67.30 53.90 -4.85
C ILE E 180 67.35 52.66 -5.72
N ALA E 181 68.52 52.35 -6.30
CA ALA E 181 68.71 51.12 -7.05
C ALA E 181 69.72 50.31 -6.26
N ILE E 182 69.66 48.97 -6.34
CA ILE E 182 70.58 48.14 -5.57
C ILE E 182 71.14 47.01 -6.41
N VAL E 183 72.33 46.56 -6.06
CA VAL E 183 72.97 45.40 -6.68
C VAL E 183 73.22 44.42 -5.55
N GLY E 184 73.03 43.14 -5.82
CA GLY E 184 73.25 42.13 -4.80
C GLY E 184 73.24 40.71 -5.34
N THR E 185 73.56 39.77 -4.47
CA THR E 185 73.53 38.34 -4.85
C THR E 185 72.05 37.89 -4.93
N PRO E 186 71.72 36.79 -5.63
CA PRO E 186 70.33 36.36 -5.77
C PRO E 186 69.60 36.26 -4.42
N CYS E 187 70.30 35.82 -3.38
CA CYS E 187 69.70 35.72 -2.02
C CYS E 187 69.25 37.10 -1.53
N GLN E 188 69.99 38.15 -1.88
CA GLN E 188 69.66 39.51 -1.50
C GLN E 188 68.50 40.07 -2.33
N ILE E 189 68.43 39.72 -3.62
CA ILE E 189 67.32 40.20 -4.47
C ILE E 189 66.04 39.44 -4.12
N TYR E 190 66.15 38.15 -3.76
CA TYR E 190 65.00 37.36 -3.34
C TYR E 190 64.44 37.95 -2.04
N ALA E 191 65.34 38.42 -1.14
CA ALA E 191 64.95 39.02 0.13
C ALA E 191 64.15 40.30 -0.12
N LEU E 192 64.53 41.09 -1.16
CA LEU E 192 63.80 42.31 -1.51
C LEU E 192 62.36 41.97 -1.88
N ARG E 193 62.18 40.95 -2.72
CA ARG E 193 60.83 40.54 -3.14
C ARG E 193 60.05 39.88 -2.02
N LYS E 194 60.74 39.23 -1.07
CA LYS E 194 60.06 38.60 0.07
C LYS E 194 59.35 39.69 0.89
N THR E 195 60.05 40.81 1.17
CA THR E 195 59.45 41.90 1.93
C THR E 195 58.35 42.59 1.13
N GLN E 196 58.58 42.85 -0.17
CA GLN E 196 57.58 43.49 -1.02
C GLN E 196 56.33 42.60 -1.14
N ALA E 197 56.50 41.27 -1.08
CA ALA E 197 55.39 40.32 -1.18
C ALA E 197 54.59 40.20 0.13
N ILE E 198 55.05 40.79 1.24
CA ILE E 198 54.32 40.72 2.52
C ILE E 198 53.01 41.46 2.36
N TYR E 199 51.94 40.97 3.00
CA TYR E 199 50.62 41.61 2.93
C TYR E 199 50.72 43.01 3.55
N ASN E 200 50.23 44.04 2.86
CA ASN E 200 50.27 45.43 3.33
C ASN E 200 51.69 45.98 3.45
N SER E 201 52.65 45.42 2.69
CA SER E 201 54.04 45.89 2.74
C SER E 201 54.17 47.34 2.30
N GLN E 202 53.37 47.74 1.30
CA GLN E 202 53.42 49.11 0.76
C GLN E 202 52.96 50.17 1.77
N ARG E 203 52.37 49.75 2.89
CA ARG E 203 51.92 50.68 3.91
C ARG E 203 52.88 50.74 5.12
N LEU E 204 54.03 50.05 5.03
CA LEU E 204 55.05 50.07 6.08
C LEU E 204 56.09 51.11 5.67
N LEU E 205 56.73 51.74 6.65
CA LEU E 205 57.82 52.70 6.35
C LEU E 205 59.12 51.90 6.22
N ILE E 206 59.45 51.47 5.00
CA ILE E 206 60.64 50.61 4.79
C ILE E 206 61.38 51.05 3.51
N PRO E 207 62.69 50.75 3.38
CA PRO E 207 63.43 51.10 2.16
C PRO E 207 62.94 50.32 0.92
N HIS E 208 62.22 49.22 1.13
CA HIS E 208 61.77 48.38 0.03
C HIS E 208 60.74 49.09 -0.86
N ASN E 209 60.05 50.12 -0.31
CA ASN E 209 59.07 50.89 -1.06
C ASN E 209 59.71 52.01 -1.90
N ILE E 210 61.02 52.29 -1.72
CA ILE E 210 61.73 53.31 -2.49
C ILE E 210 62.80 52.71 -3.42
N ILE E 211 63.00 51.37 -3.39
CA ILE E 211 63.96 50.71 -4.27
C ILE E 211 63.27 50.56 -5.63
N THR E 212 63.75 51.29 -6.64
CA THR E 212 63.16 51.32 -7.98
C THR E 212 63.82 50.39 -8.98
N PHE E 213 65.10 50.05 -8.79
CA PHE E 213 65.79 49.14 -9.72
C PHE E 213 66.61 48.15 -8.93
N ALA E 214 66.62 46.88 -9.36
CA ALA E 214 67.35 45.84 -8.67
C ALA E 214 68.14 44.97 -9.63
N ILE E 215 69.47 44.95 -9.47
CA ILE E 215 70.33 44.11 -10.29
C ILE E 215 70.76 42.93 -9.44
N GLY E 216 70.61 41.74 -9.99
CA GLY E 216 71.01 40.52 -9.31
C GLY E 216 72.23 39.98 -10.03
N LEU E 217 73.27 39.67 -9.29
CA LEU E 217 74.49 39.12 -9.88
C LEU E 217 74.37 37.60 -9.95
N PHE E 218 75.01 36.98 -10.95
CA PHE E 218 75.08 35.50 -10.99
C PHE E 218 75.93 35.10 -9.78
N CYS E 219 75.63 34.01 -9.08
CA CYS E 219 76.41 33.62 -7.90
C CYS E 219 76.42 32.11 -7.71
N ALA E 220 77.62 31.52 -7.68
CA ALA E 220 77.76 30.09 -7.45
C ALA E 220 77.84 29.84 -5.95
N GLU E 221 78.57 30.70 -5.21
CA GLU E 221 78.71 30.56 -3.77
C GLU E 221 79.57 31.68 -3.19
N GLU E 222 79.49 31.86 -1.88
CA GLU E 222 80.29 32.86 -1.16
C GLU E 222 81.07 32.14 -0.08
N PHE E 223 82.20 32.72 0.32
CA PHE E 223 83.06 32.13 1.33
C PHE E 223 82.98 32.92 2.65
N ASP E 224 83.28 32.25 3.77
CA ASP E 224 83.27 32.89 5.09
C ASP E 224 84.36 33.97 5.15
N ASP E 225 84.19 34.95 6.03
CA ASP E 225 85.13 36.06 6.18
C ASP E 225 86.55 35.60 6.57
N ARG E 226 86.67 34.42 7.21
CA ARG E 226 87.97 33.89 7.64
C ARG E 226 88.90 33.58 6.46
N ILE E 227 88.36 33.36 5.25
CA ILE E 227 89.20 33.09 4.08
C ILE E 227 90.18 34.25 3.84
N LEU E 228 89.79 35.47 4.20
CA LEU E 228 90.63 36.66 4.02
C LEU E 228 91.87 36.67 4.92
N GLN E 229 91.93 35.75 5.90
CA GLN E 229 93.09 35.66 6.79
C GLN E 229 93.99 34.49 6.40
N ASP E 230 93.50 33.58 5.54
CA ASP E 230 94.23 32.40 5.09
C ASP E 230 94.61 32.50 3.61
N LEU E 231 94.80 33.72 3.09
CA LEU E 231 95.18 33.91 1.69
C LEU E 231 96.68 33.66 1.45
N GLU E 232 97.50 33.68 2.53
CA GLU E 232 98.94 33.42 2.47
C GLU E 232 99.65 34.30 1.44
N VAL E 233 99.25 35.59 1.39
CA VAL E 233 99.82 36.58 0.48
C VAL E 233 99.66 37.97 1.15
N ASP E 234 100.53 38.93 0.83
CA ASP E 234 100.41 40.28 1.40
C ASP E 234 99.21 40.91 0.70
N ILE E 235 98.22 41.38 1.48
CA ILE E 235 97.00 41.94 0.90
C ILE E 235 97.23 43.24 0.16
N ALA E 236 98.24 44.05 0.55
CA ALA E 236 98.55 45.28 -0.18
C ALA E 236 98.93 44.93 -1.62
N ASP E 237 99.48 43.72 -1.85
CA ASP E 237 99.83 43.25 -3.17
C ASP E 237 98.61 42.70 -3.95
N VAL E 238 97.52 42.31 -3.25
CA VAL E 238 96.34 41.79 -3.93
C VAL E 238 95.62 42.89 -4.73
N THR E 239 95.37 42.63 -6.03
CA THR E 239 94.72 43.59 -6.93
C THR E 239 93.28 43.21 -7.29
N GLY E 240 92.93 41.93 -7.18
CA GLY E 240 91.59 41.48 -7.52
C GLY E 240 91.39 40.01 -7.28
N PHE E 241 90.11 39.57 -7.31
CA PHE E 241 89.74 38.17 -7.10
C PHE E 241 88.84 37.71 -8.22
N ASP E 242 88.83 36.40 -8.48
CA ASP E 242 87.98 35.82 -9.51
C ASP E 242 87.91 34.31 -9.30
N VAL E 243 86.71 33.72 -9.25
CA VAL E 243 86.60 32.27 -9.08
C VAL E 243 86.30 31.66 -10.43
N LYS E 244 87.19 30.77 -10.87
CA LYS E 244 87.03 30.08 -12.15
C LYS E 244 87.27 28.58 -11.94
N LYS E 245 87.27 27.78 -13.00
CA LYS E 245 87.50 26.33 -12.92
C LYS E 245 88.70 25.96 -12.02
N GLU E 246 89.80 26.71 -12.11
CA GLU E 246 91.01 26.45 -11.32
C GLU E 246 90.83 26.70 -9.80
N GLY E 247 89.82 27.48 -9.45
CA GLY E 247 89.52 27.83 -8.06
C GLY E 247 89.49 29.33 -7.88
N LEU E 248 89.90 29.82 -6.70
CA LEU E 248 89.93 31.25 -6.43
C LEU E 248 91.24 31.82 -6.95
N ILE E 249 91.14 32.81 -7.85
CA ILE E 249 92.31 33.43 -8.48
C ILE E 249 92.58 34.77 -7.82
N ILE E 250 93.64 34.83 -7.02
CA ILE E 250 94.03 36.06 -6.35
C ILE E 250 95.07 36.74 -7.23
N SER E 251 94.70 37.85 -7.89
CA SER E 251 95.64 38.58 -8.75
C SER E 251 96.59 39.42 -7.87
N LEU E 252 97.88 39.51 -8.27
CA LEU E 252 98.86 40.28 -7.48
C LEU E 252 99.46 41.45 -8.28
N LYS E 253 100.03 42.42 -7.56
CA LYS E 253 100.62 43.61 -8.19
C LYS E 253 101.74 43.28 -9.18
N SER E 254 102.47 42.21 -8.94
CA SER E 254 103.56 41.79 -9.82
C SER E 254 103.06 41.19 -11.15
N GLY E 255 101.75 41.00 -11.31
CA GLY E 255 101.21 40.37 -12.49
C GLY E 255 101.06 38.87 -12.31
N GLU E 256 101.59 38.35 -11.18
CA GLU E 256 101.52 36.94 -10.83
C GLU E 256 100.13 36.61 -10.28
N LYS E 257 99.85 35.32 -10.06
CA LYS E 257 98.57 34.88 -9.54
C LYS E 257 98.75 33.80 -8.49
N LYS E 258 97.95 33.85 -7.43
CA LYS E 258 97.95 32.82 -6.39
C LYS E 258 96.61 32.12 -6.57
N ILE E 259 96.62 30.78 -6.66
CA ILE E 259 95.40 30.02 -6.88
C ILE E 259 95.10 29.12 -5.69
N ILE E 260 93.87 29.19 -5.20
CA ILE E 260 93.43 28.26 -4.13
C ILE E 260 92.42 27.34 -4.79
N PRO E 261 92.73 26.04 -4.98
CA PRO E 261 91.81 25.18 -5.73
C PRO E 261 90.48 24.95 -5.02
N HIS E 262 89.44 24.61 -5.79
CA HIS E 262 88.10 24.37 -5.23
C HIS E 262 88.13 23.36 -4.09
N GLU E 263 89.05 22.39 -4.13
CA GLU E 263 89.17 21.40 -3.08
C GLU E 263 89.54 22.04 -1.74
N ASP E 264 90.36 23.10 -1.77
CA ASP E 264 90.75 23.82 -0.56
C ASP E 264 89.73 24.89 -0.15
N LEU E 265 88.80 25.26 -1.05
CA LEU E 265 87.77 26.25 -0.79
C LEU E 265 86.52 25.63 -0.15
N GLU E 266 86.39 24.29 -0.17
CA GLU E 266 85.22 23.60 0.38
C GLU E 266 84.97 23.97 1.85
N GLU E 267 86.04 24.04 2.66
CA GLU E 267 85.91 24.37 4.07
C GLU E 267 85.48 25.82 4.32
N TYR E 268 85.70 26.71 3.34
CA TYR E 268 85.34 28.13 3.51
C TYR E 268 83.96 28.47 2.95
N VAL E 269 83.32 27.57 2.18
CA VAL E 269 82.00 27.88 1.62
C VAL E 269 81.00 28.15 2.74
N ARG E 270 80.20 29.22 2.60
CA ARG E 270 79.21 29.57 3.62
C ARG E 270 78.15 28.47 3.67
N GLU E 271 77.74 28.06 4.87
CA GLU E 271 76.72 27.02 5.01
C GLU E 271 75.40 27.43 4.35
N GLY E 272 75.06 28.71 4.40
CA GLY E 272 73.85 29.24 3.79
C GLY E 272 73.84 29.13 2.28
N CYS E 273 75.02 29.15 1.65
CA CYS E 273 75.15 29.02 0.20
C CYS E 273 74.91 27.58 -0.24
N LYS E 274 75.25 26.61 0.62
CA LYS E 274 75.10 25.20 0.29
C LYS E 274 73.66 24.76 0.05
N ILE E 275 72.69 25.51 0.59
CA ILE E 275 71.27 25.20 0.40
C ILE E 275 70.59 26.21 -0.55
N CYS E 276 71.40 27.06 -1.23
CA CYS E 276 70.91 28.05 -2.18
C CYS E 276 70.82 27.40 -3.56
N SER E 277 69.69 27.59 -4.23
CA SER E 277 69.45 27.04 -5.58
C SER E 277 69.28 28.14 -6.64
N ASP E 278 69.41 29.43 -6.25
CA ASP E 278 69.24 30.56 -7.16
C ASP E 278 70.59 31.00 -7.73
N PHE E 279 70.83 30.71 -9.03
CA PHE E 279 72.09 31.04 -9.68
C PHE E 279 72.10 32.41 -10.39
N ASN E 280 71.03 32.77 -11.14
CA ASN E 280 71.03 34.05 -11.87
C ASN E 280 69.89 35.01 -11.49
N SER E 281 69.16 34.73 -10.40
CA SER E 281 68.13 35.63 -9.86
C SER E 281 66.93 35.95 -10.77
N PRO E 282 65.87 35.10 -10.81
CA PRO E 282 64.70 35.45 -11.63
C PRO E 282 63.92 36.65 -11.07
N TYR E 283 64.29 37.12 -9.86
CA TYR E 283 63.63 38.22 -9.18
C TYR E 283 64.22 39.60 -9.47
N ALA E 284 65.30 39.68 -10.25
CA ALA E 284 65.93 40.96 -10.56
C ALA E 284 65.38 41.61 -11.83
N ASP E 285 65.50 42.94 -11.93
CA ASP E 285 65.08 43.67 -13.12
C ASP E 285 66.03 43.28 -14.27
N ILE E 286 67.32 43.18 -13.96
CA ILE E 286 68.37 42.76 -14.89
C ILE E 286 69.35 41.90 -14.08
N SER E 287 69.71 40.71 -14.58
CA SER E 287 70.68 39.85 -13.91
C SER E 287 71.99 39.92 -14.71
N VAL E 288 73.14 40.06 -14.02
CA VAL E 288 74.44 40.17 -14.70
C VAL E 288 75.46 39.15 -14.16
N GLY E 289 76.17 38.50 -15.08
CA GLY E 289 77.18 37.50 -14.75
C GLY E 289 78.30 37.45 -15.76
N SER E 290 79.17 36.46 -15.61
CA SER E 290 80.34 36.31 -16.50
C SER E 290 80.08 35.17 -17.49
N VAL E 291 79.65 34.00 -16.99
CA VAL E 291 79.41 32.82 -17.83
C VAL E 291 78.49 33.11 -19.03
N GLY E 292 78.75 32.43 -20.15
CA GLY E 292 77.97 32.57 -21.36
C GLY E 292 78.44 33.64 -22.32
N SER E 293 79.22 34.63 -21.83
CA SER E 293 79.73 35.70 -22.68
C SER E 293 81.27 35.65 -22.70
N PRO E 294 81.95 36.17 -23.76
CA PRO E 294 83.42 36.10 -23.79
C PRO E 294 84.10 36.83 -22.64
N PRO E 295 85.35 36.49 -22.27
CA PRO E 295 86.02 37.23 -21.19
C PRO E 295 86.07 38.72 -21.51
N GLY E 296 85.86 39.57 -20.51
CA GLY E 296 85.83 41.00 -20.72
C GLY E 296 84.44 41.51 -21.04
N TRP E 297 83.47 40.58 -21.22
CA TRP E 297 82.07 40.89 -21.52
C TRP E 297 81.18 40.36 -20.41
N SER E 298 80.07 41.05 -20.14
CA SER E 298 79.14 40.61 -19.10
C SER E 298 77.88 40.03 -19.74
N THR E 299 77.38 38.92 -19.17
CA THR E 299 76.15 38.30 -19.65
C THR E 299 75.01 39.05 -18.97
N VAL E 300 74.06 39.58 -19.74
CA VAL E 300 72.93 40.36 -19.23
C VAL E 300 71.61 39.65 -19.51
N ILE E 301 70.76 39.45 -18.48
CA ILE E 301 69.44 38.84 -18.65
C ILE E 301 68.45 39.93 -18.31
N VAL E 302 67.86 40.54 -19.32
CA VAL E 302 66.89 41.61 -19.13
C VAL E 302 65.52 40.97 -18.92
N ARG E 303 65.00 41.05 -17.70
CA ARG E 303 63.75 40.41 -17.32
C ARG E 303 62.49 41.28 -17.26
N THR E 304 62.55 42.40 -16.53
CA THR E 304 61.37 43.26 -16.34
C THR E 304 61.26 44.39 -17.37
N GLU E 305 60.09 45.06 -17.41
CA GLU E 305 59.86 46.17 -18.33
C GLU E 305 60.81 47.32 -18.02
N THR E 306 61.00 47.66 -16.73
CA THR E 306 61.92 48.73 -16.38
C THR E 306 63.36 48.36 -16.77
N GLY E 307 63.70 47.08 -16.72
CA GLY E 307 65.02 46.61 -17.12
C GLY E 307 65.23 46.82 -18.60
N ARG E 308 64.18 46.57 -19.40
CA ARG E 308 64.22 46.76 -20.86
C ARG E 308 64.36 48.23 -21.21
N GLU E 309 63.66 49.10 -20.47
CA GLU E 309 63.72 50.54 -20.70
C GLU E 309 65.15 51.03 -20.45
N ILE E 310 65.68 50.79 -19.24
CA ILE E 310 67.03 51.23 -18.90
C ILE E 310 68.10 50.63 -19.81
N TYR E 311 67.95 49.36 -20.18
CA TYR E 311 68.93 48.70 -21.06
C TYR E 311 68.97 49.38 -22.41
N GLN E 312 67.80 49.71 -22.97
CA GLN E 312 67.72 50.41 -24.25
C GLN E 312 68.46 51.73 -24.12
N LYS E 313 68.11 52.52 -23.10
CA LYS E 313 68.73 53.83 -22.87
C LYS E 313 70.26 53.76 -22.92
N LEU E 314 70.85 52.68 -22.40
CA LEU E 314 72.32 52.55 -22.41
C LEU E 314 72.85 52.30 -23.82
N LEU E 315 72.10 51.56 -24.65
CA LEU E 315 72.52 51.26 -26.02
C LEU E 315 72.31 52.47 -26.94
N GLU E 316 71.28 53.28 -26.66
CA GLU E 316 70.98 54.45 -27.48
C GLU E 316 72.04 55.53 -27.25
N LYS E 317 72.47 55.70 -26.00
CA LYS E 317 73.46 56.71 -25.64
C LYS E 317 74.91 56.21 -25.82
N GLY E 318 75.11 55.11 -26.53
CA GLY E 318 76.42 54.54 -26.77
C GLY E 318 77.23 54.27 -25.51
N LEU E 319 76.54 53.94 -24.42
CA LEU E 319 77.18 53.66 -23.14
C LEU E 319 77.64 52.21 -23.02
N ILE E 320 77.13 51.30 -23.89
CA ILE E 320 77.50 49.89 -23.90
C ILE E 320 77.52 49.34 -25.33
N GLU E 321 78.37 48.35 -25.61
CA GLU E 321 78.45 47.69 -26.93
C GLU E 321 77.85 46.30 -26.74
N GLU E 322 77.09 45.83 -27.73
CA GLU E 322 76.43 44.54 -27.63
C GLU E 322 76.96 43.46 -28.57
N THR E 323 76.57 42.22 -28.29
CA THR E 323 76.85 41.01 -29.07
C THR E 323 75.88 39.92 -28.59
N THR E 324 75.42 39.07 -29.50
CA THR E 324 74.48 38.01 -29.15
C THR E 324 75.19 36.87 -28.42
N VAL E 325 74.45 36.12 -27.59
CA VAL E 325 75.04 34.99 -26.87
C VAL E 325 74.73 33.73 -27.68
N ASP E 326 75.78 33.00 -28.09
CA ASP E 326 75.62 31.77 -28.89
C ASP E 326 74.92 30.66 -28.12
N GLU E 327 74.44 29.62 -28.84
CA GLU E 327 73.74 28.49 -28.22
C GLU E 327 74.64 27.80 -27.19
N LYS E 328 75.96 27.79 -27.44
CA LYS E 328 76.92 27.18 -26.52
C LYS E 328 76.90 27.90 -25.18
N GLY E 329 76.88 29.22 -25.21
CA GLY E 329 76.84 30.04 -24.00
C GLY E 329 75.49 29.92 -23.31
N LEU E 330 74.40 29.87 -24.07
CA LEU E 330 73.07 29.74 -23.50
C LEU E 330 72.94 28.42 -22.73
N LYS E 331 73.45 27.31 -23.30
CA LYS E 331 73.41 26.02 -22.63
C LYS E 331 74.31 26.01 -21.39
N LEU E 332 75.46 26.68 -21.47
CA LEU E 332 76.40 26.75 -20.34
C LEU E 332 75.76 27.50 -19.16
N ILE E 333 74.92 28.52 -19.43
CA ILE E 333 74.24 29.26 -18.37
C ILE E 333 73.22 28.33 -17.72
N ASP E 334 72.41 27.65 -18.53
CA ASP E 334 71.39 26.72 -18.02
C ASP E 334 72.02 25.55 -17.26
N LYS E 335 73.21 25.11 -17.66
CA LYS E 335 73.90 24.01 -16.99
C LYS E 335 74.33 24.47 -15.59
N MET E 336 74.94 25.65 -15.48
CA MET E 336 75.37 26.20 -14.20
C MET E 336 74.18 26.39 -13.28
N ALA E 337 73.03 26.79 -13.83
CA ALA E 337 71.83 27.01 -13.05
C ALA E 337 71.31 25.68 -12.50
N GLN E 338 71.29 24.61 -13.34
CA GLN E 338 70.81 23.29 -12.93
C GLN E 338 71.77 22.66 -11.92
N LYS E 339 73.09 22.83 -12.10
CA LYS E 339 74.07 22.29 -11.16
C LYS E 339 73.79 22.79 -9.74
N LYS E 340 73.54 24.10 -9.61
CA LYS E 340 73.24 24.69 -8.30
C LYS E 340 71.95 24.11 -7.75
N ILE E 341 70.93 23.94 -8.59
CA ILE E 341 69.64 23.38 -8.15
C ILE E 341 69.84 21.95 -7.62
N ASN E 342 70.60 21.13 -8.36
CA ASN E 342 70.85 19.75 -7.96
C ASN E 342 71.66 19.67 -6.67
N ASN E 343 72.71 20.49 -6.53
CA ASN E 343 73.52 20.48 -5.31
C ASN E 343 72.72 21.01 -4.11
N ALA E 344 71.81 21.97 -4.34
CA ALA E 344 70.99 22.50 -3.26
C ALA E 344 70.03 21.40 -2.78
N GLN E 345 69.35 20.70 -3.71
CA GLN E 345 68.42 19.63 -3.37
C GLN E 345 69.13 18.52 -2.57
N THR E 346 70.34 18.15 -2.99
CA THR E 346 71.13 17.12 -2.31
C THR E 346 71.47 17.57 -0.88
N LYS E 347 71.93 18.81 -0.74
CA LYS E 347 72.31 19.34 0.56
C LYS E 347 71.10 19.51 1.48
N ILE E 348 69.94 19.88 0.93
CA ILE E 348 68.74 20.07 1.73
C ILE E 348 68.30 18.71 2.30
N LYS E 349 68.42 17.63 1.49
CA LYS E 349 68.09 16.27 1.93
C LYS E 349 68.90 15.90 3.19
N GLU E 350 70.22 16.07 3.14
CA GLU E 350 71.07 15.67 4.30
C GLU E 350 70.99 16.76 5.38
N ARG E 351 69.79 17.26 5.68
CA ARG E 351 69.61 18.28 6.75
C ARG E 351 68.24 18.06 7.40
N MET F 5 60.96 69.21 13.63
CA MET F 5 61.33 67.79 13.63
C MET F 5 60.20 66.97 13.02
N SER F 6 60.51 66.02 12.14
CA SER F 6 59.49 65.17 11.53
C SER F 6 59.39 63.87 12.35
N PHE F 7 58.16 63.36 12.55
CA PHE F 7 57.97 62.14 13.34
C PHE F 7 57.17 61.08 12.58
N LYS F 8 57.42 59.80 12.87
CA LYS F 8 56.70 58.70 12.24
C LYS F 8 55.38 58.53 12.96
N LYS F 9 54.28 58.36 12.21
CA LYS F 9 52.95 58.18 12.78
C LYS F 9 52.20 57.08 12.05
N VAL F 10 51.50 56.23 12.81
CA VAL F 10 50.69 55.17 12.20
C VAL F 10 49.28 55.79 12.10
N LYS F 11 48.69 55.77 10.90
CA LYS F 11 47.39 56.36 10.65
C LYS F 11 46.41 55.35 10.05
N VAL F 12 45.11 55.68 10.09
CA VAL F 12 44.05 54.83 9.56
C VAL F 12 43.29 55.58 8.44
N SER F 13 43.23 55.00 7.24
CA SER F 13 42.53 55.62 6.12
C SER F 13 41.01 55.38 6.20
N GLU F 14 40.25 56.01 5.29
CA GLU F 14 38.79 55.87 5.27
C GLU F 14 38.34 54.48 4.78
N GLU F 15 39.28 53.63 4.33
CA GLU F 15 38.98 52.27 3.89
C GLU F 15 38.69 51.35 5.09
N CYS F 16 38.98 51.81 6.33
CA CYS F 16 38.75 51.05 7.54
C CYS F 16 37.27 50.70 7.67
N VAL F 17 36.97 49.47 8.10
CA VAL F 17 35.60 49.00 8.26
C VAL F 17 35.25 48.68 9.73
N GLY F 18 36.11 49.07 10.66
CA GLY F 18 35.91 48.82 12.09
C GLY F 18 35.87 47.37 12.50
N CYS F 19 36.64 46.52 11.81
CA CYS F 19 36.67 45.08 12.11
C CYS F 19 37.27 44.75 13.49
N GLY F 20 38.01 45.68 14.08
CA GLY F 20 38.60 45.47 15.40
C GLY F 20 39.81 44.54 15.45
N VAL F 21 40.35 44.13 14.29
CA VAL F 21 41.52 43.24 14.27
C VAL F 21 42.70 43.97 14.92
N CYS F 22 42.90 45.24 14.52
CA CYS F 22 43.96 46.08 15.06
C CYS F 22 43.83 46.22 16.58
N GLU F 23 42.61 46.53 17.07
CA GLU F 23 42.38 46.68 18.51
C GLU F 23 42.64 45.37 19.29
N THR F 24 42.46 44.22 18.63
CA THR F 24 42.67 42.90 19.24
C THR F 24 44.15 42.49 19.25
N VAL F 25 44.90 42.77 18.17
CA VAL F 25 46.30 42.36 18.07
C VAL F 25 47.32 43.36 18.63
N CYS F 26 46.94 44.63 18.84
CA CYS F 26 47.88 45.64 19.34
C CYS F 26 48.62 45.20 20.60
N PRO F 27 49.97 45.30 20.64
CA PRO F 27 50.69 44.88 21.85
C PRO F 27 50.35 45.74 23.07
N VAL F 28 50.10 47.04 22.86
CA VAL F 28 49.76 47.96 23.94
C VAL F 28 48.43 47.54 24.55
N ASN F 29 47.42 47.31 23.70
CA ASN F 29 46.08 46.91 24.15
C ASN F 29 46.15 45.59 24.90
N ASN F 30 46.91 44.62 24.38
CA ASN F 30 47.04 43.32 25.03
C ASN F 30 47.71 43.44 26.40
N LEU F 31 48.72 44.31 26.53
CA LEU F 31 49.37 44.49 27.82
C LEU F 31 48.39 45.11 28.83
N LEU F 32 47.60 46.10 28.40
CA LEU F 32 46.63 46.72 29.30
C LEU F 32 45.58 45.67 29.73
N GLU F 33 45.18 44.79 28.81
CA GLU F 33 44.21 43.72 29.07
C GLU F 33 44.71 42.75 30.16
N ASP F 34 46.03 42.69 30.40
CA ASP F 34 46.62 41.82 31.43
C ASP F 34 46.72 42.48 32.81
N GLY F 35 46.29 43.73 32.94
CA GLY F 35 46.39 44.45 34.21
C GLY F 35 45.41 43.97 35.25
N ALA F 36 45.49 44.51 36.48
CA ALA F 36 44.56 44.14 37.54
C ALA F 36 43.14 44.52 37.14
N GLU F 37 42.96 45.70 36.52
CA GLU F 37 41.67 46.17 36.05
C GLU F 37 41.76 46.52 34.57
N PHE F 38 40.65 46.35 33.84
CA PHE F 38 40.62 46.67 32.42
C PHE F 38 39.23 47.06 31.97
N ASP F 39 39.10 48.27 31.43
CA ASP F 39 37.82 48.80 30.94
C ASP F 39 38.08 49.24 29.50
N PRO F 40 37.60 48.54 28.47
CA PRO F 40 37.89 48.98 27.09
C PRO F 40 37.38 50.39 26.75
N ASP F 41 36.49 50.96 27.57
CA ASP F 41 35.96 52.31 27.34
C ASP F 41 36.88 53.38 27.92
N ARG F 42 37.76 53.03 28.90
CA ARG F 42 38.64 53.99 29.55
C ARG F 42 40.12 53.70 29.43
N ALA F 43 40.50 52.46 29.07
CA ALA F 43 41.92 52.13 28.93
C ALA F 43 42.56 52.99 27.85
N LYS F 44 43.82 53.36 28.04
CA LYS F 44 44.51 54.18 27.06
C LYS F 44 45.03 53.28 25.93
N LEU F 45 44.11 52.79 25.10
CA LEU F 45 44.45 51.90 24.00
C LEU F 45 45.18 52.65 22.88
N ALA F 46 46.23 52.05 22.32
CA ALA F 46 46.97 52.68 21.22
C ALA F 46 46.10 52.77 19.98
N ILE F 47 45.17 51.82 19.78
CA ILE F 47 44.27 51.85 18.63
C ILE F 47 42.92 51.26 19.05
N LYS F 48 41.82 51.96 18.75
CA LYS F 48 40.48 51.49 19.10
C LYS F 48 39.45 51.96 18.08
N VAL F 49 38.33 51.23 17.99
CA VAL F 49 37.27 51.51 17.03
C VAL F 49 36.10 52.28 17.64
N THR F 50 35.68 53.36 16.96
CA THR F 50 34.55 54.20 17.35
C THR F 50 33.82 54.58 16.06
N ASN F 51 32.50 54.40 16.03
CA ASN F 51 31.67 54.70 14.87
C ASN F 51 32.15 53.98 13.62
N GLY F 52 32.56 52.72 13.79
CA GLY F 52 33.03 51.89 12.69
C GLY F 52 34.37 52.25 12.10
N GLU F 53 35.16 53.08 12.80
CA GLU F 53 36.48 53.48 12.29
C GLU F 53 37.52 53.43 13.40
N ALA F 54 38.74 52.98 13.07
CA ALA F 54 39.82 52.90 14.04
C ALA F 54 40.55 54.23 14.15
N ALA F 55 41.14 54.51 15.32
CA ALA F 55 41.88 55.74 15.56
C ALA F 55 43.08 55.42 16.43
N VAL F 56 44.23 56.04 16.14
CA VAL F 56 45.46 55.80 16.88
C VAL F 56 45.73 56.89 17.91
N ASP F 57 46.21 56.49 19.10
CA ASP F 57 46.60 57.41 20.16
C ASP F 57 48.12 57.56 20.03
N GLU F 58 48.55 58.69 19.46
CA GLU F 58 49.97 59.01 19.24
C GLU F 58 50.82 58.99 20.51
N GLU F 59 50.22 59.23 21.67
CA GLU F 59 50.95 59.30 22.94
C GLU F 59 51.46 57.94 23.42
N VAL F 60 50.81 56.84 23.00
CA VAL F 60 51.21 55.50 23.45
C VAL F 60 51.52 54.54 22.29
N CYS F 61 51.25 54.91 21.03
CA CYS F 61 51.53 54.02 19.90
C CYS F 61 53.02 53.86 19.69
N LEU F 62 53.48 52.61 19.59
CA LEU F 62 54.89 52.32 19.36
C LEU F 62 55.29 52.52 17.90
N THR F 63 54.32 52.67 16.98
CA THR F 63 54.59 52.76 15.55
C THR F 63 55.27 51.47 15.08
N CYS F 64 54.83 50.32 15.63
CA CYS F 64 55.36 49.01 15.27
C CYS F 64 54.67 48.56 13.96
N GLY F 65 54.85 47.31 13.55
CA GLY F 65 54.24 46.81 12.33
C GLY F 65 53.07 45.86 12.55
N THR F 66 52.64 45.69 13.81
CA THR F 66 51.55 44.76 14.12
C THR F 66 50.21 45.12 13.45
N CYS F 67 49.63 46.29 13.74
CA CYS F 67 48.34 46.63 13.16
C CYS F 67 48.41 46.87 11.64
N THR F 68 49.59 47.21 11.10
CA THR F 68 49.70 47.44 9.65
C THR F 68 49.55 46.14 8.87
N PHE F 69 50.31 45.11 9.23
CA PHE F 69 50.29 43.85 8.55
C PHE F 69 48.96 43.09 8.69
N ASN F 70 48.35 43.11 9.88
CA ASN F 70 47.12 42.38 10.12
C ASN F 70 45.81 43.08 9.69
N CYS F 71 45.86 44.33 9.23
CA CYS F 71 44.57 44.98 8.89
C CYS F 71 44.05 44.39 7.57
N PRO F 72 42.92 43.67 7.56
CA PRO F 72 42.43 43.03 6.33
C PRO F 72 42.08 44.01 5.22
N SER F 73 41.68 45.24 5.55
CA SER F 73 41.30 46.24 4.55
C SER F 73 42.47 47.10 4.04
N GLY F 74 43.67 46.91 4.57
CA GLY F 74 44.82 47.70 4.15
C GLY F 74 44.62 49.17 4.45
N ALA F 75 43.92 49.47 5.55
CA ALA F 75 43.62 50.84 5.96
C ALA F 75 44.67 51.44 6.88
N VAL F 76 45.51 50.62 7.53
CA VAL F 76 46.54 51.15 8.42
C VAL F 76 47.80 51.47 7.60
N TYR F 77 48.42 52.63 7.81
CA TYR F 77 49.61 53.02 7.07
C TYR F 77 50.54 53.90 7.91
N ALA F 78 51.84 53.87 7.61
CA ALA F 78 52.82 54.68 8.30
C ALA F 78 53.01 55.98 7.53
N GLU F 79 53.05 57.09 8.24
CA GLU F 79 53.23 58.41 7.64
C GLU F 79 54.45 59.05 8.25
N TYR F 80 55.41 59.50 7.43
CA TYR F 80 56.59 60.16 7.97
C TYR F 80 56.51 61.66 7.71
N GLU F 81 55.98 62.40 8.70
CA GLU F 81 55.82 63.85 8.63
C GLU F 81 55.28 64.40 9.95
N SER G 2 -13.59 30.00 45.38
CA SER G 2 -12.31 29.33 45.21
C SER G 2 -12.13 28.23 46.25
N GLU G 3 -13.23 27.51 46.58
CA GLU G 3 -13.21 26.41 47.52
C GLU G 3 -13.57 25.12 46.78
N LEU G 4 -12.86 24.03 47.06
CA LEU G 4 -13.12 22.74 46.44
C LEU G 4 -13.02 21.65 47.50
N LEU G 5 -13.92 20.67 47.42
CA LEU G 5 -13.92 19.56 48.35
C LEU G 5 -13.98 18.25 47.57
N ILE G 6 -12.99 17.39 47.78
CA ILE G 6 -12.93 16.08 47.15
C ILE G 6 -13.30 15.15 48.29
N LYS G 7 -14.44 14.48 48.16
CA LYS G 7 -14.93 13.62 49.22
C LYS G 7 -15.13 12.18 48.77
N ASN G 8 -15.19 11.25 49.75
CA ASN G 8 -15.43 9.83 49.53
C ASN G 8 -14.34 9.08 48.77
N GLY G 9 -13.14 9.64 48.72
CA GLY G 9 -12.03 9.00 48.01
C GLY G 9 -11.06 8.35 48.98
N LYS G 10 -10.22 7.43 48.47
CA LYS G 10 -9.20 6.77 49.29
C LYS G 10 -7.90 7.50 49.00
N VAL G 11 -7.33 8.14 50.02
CA VAL G 11 -6.11 8.91 49.87
C VAL G 11 -4.84 8.11 50.15
N PHE G 12 -3.85 8.25 49.27
CA PHE G 12 -2.55 7.62 49.44
C PHE G 12 -1.57 8.77 49.46
N ASP G 13 -1.15 9.19 50.65
CA ASP G 13 -0.22 10.29 50.83
C ASP G 13 0.97 9.80 51.64
N PRO G 14 1.97 9.19 50.97
CA PRO G 14 3.13 8.67 51.72
C PRO G 14 3.91 9.68 52.56
N ILE G 15 3.99 10.95 52.13
CA ILE G 15 4.72 11.97 52.89
C ILE G 15 4.18 12.08 54.33
N ASN G 16 2.84 11.98 54.48
CA ASN G 16 2.17 12.06 55.77
C ASN G 16 1.69 10.71 56.30
N GLY G 17 2.13 9.61 55.70
CA GLY G 17 1.77 8.28 56.14
C GLY G 17 0.31 7.89 55.98
N VAL G 18 -0.40 8.44 54.99
CA VAL G 18 -1.81 8.08 54.78
C VAL G 18 -1.83 6.90 53.79
N LYS G 19 -2.09 5.69 54.31
CA LYS G 19 -2.09 4.47 53.50
C LYS G 19 -3.51 4.05 53.11
N GLY G 20 -4.08 4.72 52.12
CA GLY G 20 -5.41 4.41 51.62
C GLY G 20 -6.50 4.64 52.64
N ASP G 21 -6.62 5.87 53.15
CA ASP G 21 -7.66 6.20 54.12
C ASP G 21 -8.77 6.93 53.43
N LEU G 22 -10.01 6.68 53.87
CA LEU G 22 -11.13 7.40 53.31
C LEU G 22 -11.15 8.73 54.03
N MET G 23 -10.64 9.76 53.37
CA MET G 23 -10.63 11.09 53.95
C MET G 23 -10.87 12.11 52.85
N ASP G 24 -11.51 13.22 53.20
CA ASP G 24 -11.80 14.26 52.25
C ASP G 24 -10.63 15.24 52.17
N ILE G 25 -10.45 15.85 51.00
CA ILE G 25 -9.38 16.83 50.77
C ILE G 25 -10.08 18.15 50.51
N ALA G 26 -9.79 19.16 51.34
CA ALA G 26 -10.40 20.48 51.24
C ALA G 26 -9.38 21.51 50.77
N ILE G 27 -9.73 22.33 49.76
CA ILE G 27 -8.82 23.34 49.20
C ILE G 27 -9.49 24.72 49.16
N LYS G 28 -8.76 25.75 49.58
CA LYS G 28 -9.27 27.13 49.53
C LYS G 28 -8.15 28.02 49.02
N ASP G 29 -8.40 28.76 47.94
CA ASP G 29 -7.44 29.67 47.35
C ASP G 29 -6.10 28.99 46.99
N GLY G 30 -6.19 27.85 46.31
CA GLY G 30 -5.01 27.11 45.86
C GLY G 30 -4.20 26.36 46.91
N LYS G 31 -4.71 26.24 48.14
CA LYS G 31 -3.97 25.54 49.19
C LYS G 31 -4.85 24.59 49.98
N ILE G 32 -4.28 23.44 50.40
CA ILE G 32 -5.04 22.47 51.17
C ILE G 32 -5.29 23.05 52.56
N VAL G 33 -6.55 23.02 52.99
CA VAL G 33 -7.01 23.55 54.28
C VAL G 33 -7.69 22.45 55.10
N GLU G 34 -7.93 22.72 56.40
CA GLU G 34 -8.58 21.74 57.27
C GLU G 34 -10.05 21.58 56.90
N SER G 35 -10.72 22.67 56.49
CA SER G 35 -12.13 22.60 56.12
C SER G 35 -12.53 23.74 55.20
N VAL G 36 -13.60 23.52 54.42
CA VAL G 36 -14.15 24.53 53.50
C VAL G 36 -15.65 24.73 53.82
N SER G 37 -16.22 25.79 53.27
CA SER G 37 -17.65 26.08 53.56
C SER G 37 -18.56 25.13 52.79
N SER G 38 -19.85 25.13 53.10
CA SER G 38 -20.82 24.25 52.44
C SER G 38 -21.02 24.59 50.96
N GLY G 39 -20.77 25.84 50.57
CA GLY G 39 -20.92 26.26 49.18
C GLY G 39 -19.75 25.86 48.29
N ALA G 40 -18.74 25.18 48.84
CA ALA G 40 -17.58 24.77 48.07
C ALA G 40 -17.97 23.83 46.93
N LYS G 41 -17.18 23.84 45.83
CA LYS G 41 -17.39 22.95 44.69
C LYS G 41 -17.07 21.55 45.18
N VAL G 42 -17.89 20.56 44.86
CA VAL G 42 -17.65 19.21 45.36
C VAL G 42 -17.40 18.21 44.25
N ILE G 43 -16.39 17.35 44.44
CA ILE G 43 -16.07 16.26 43.53
C ILE G 43 -16.31 15.01 44.35
N ASP G 44 -17.19 14.16 43.85
CA ASP G 44 -17.49 12.89 44.49
C ASP G 44 -16.45 11.89 44.03
N ALA G 45 -15.47 11.59 44.89
CA ALA G 45 -14.46 10.63 44.54
C ALA G 45 -14.77 9.23 45.03
N SER G 46 -16.07 8.86 45.13
CA SER G 46 -16.46 7.53 45.58
C SER G 46 -15.92 6.50 44.61
N GLY G 47 -15.25 5.49 45.14
CA GLY G 47 -14.67 4.43 44.32
C GLY G 47 -13.45 4.87 43.54
N MET G 48 -12.85 6.02 43.91
CA MET G 48 -11.69 6.55 43.20
C MET G 48 -10.50 6.71 44.16
N THR G 49 -9.30 6.81 43.58
CA THR G 49 -8.07 6.93 44.34
C THR G 49 -7.50 8.33 44.25
N VAL G 50 -7.22 8.94 45.41
CA VAL G 50 -6.70 10.29 45.46
C VAL G 50 -5.24 10.31 45.86
N MET G 51 -4.44 11.02 45.07
CA MET G 51 -3.00 11.14 45.36
C MET G 51 -2.57 12.58 45.14
N ALA G 52 -1.39 12.95 45.66
CA ALA G 52 -0.88 14.30 45.45
C ALA G 52 -0.60 14.46 43.95
N GLY G 53 -0.56 15.69 43.47
CA GLY G 53 -0.26 15.95 42.06
C GLY G 53 1.07 15.35 41.69
N GLY G 54 1.16 14.71 40.52
CA GLY G 54 2.39 14.07 40.09
C GLY G 54 3.58 15.01 40.06
N VAL G 55 4.75 14.52 40.48
CA VAL G 55 5.98 15.31 40.48
C VAL G 55 7.04 14.52 39.71
N ASP G 56 7.69 15.16 38.74
CA ASP G 56 8.74 14.51 37.95
C ASP G 56 10.07 15.21 38.23
N ALA G 57 10.97 14.56 38.98
CA ALA G 57 12.25 15.15 39.37
C ALA G 57 13.36 15.08 38.33
N HIS G 58 13.17 14.38 37.21
CA HIS G 58 14.21 14.28 36.20
C HIS G 58 13.62 14.05 34.82
N SER G 59 13.54 15.13 34.04
CA SER G 59 13.00 15.07 32.68
C SER G 59 13.63 16.19 31.85
N HIS G 60 13.76 15.96 30.54
CA HIS G 60 14.32 16.97 29.64
C HIS G 60 13.12 17.62 28.96
N ILE G 61 12.62 18.70 29.59
CA ILE G 61 11.42 19.39 29.15
C ILE G 61 11.64 20.77 28.53
N ALA G 62 12.84 21.36 28.66
CA ALA G 62 13.08 22.69 28.11
C ALA G 62 14.56 22.97 27.92
N GLY G 63 14.88 23.87 27.00
CA GLY G 63 16.26 24.24 26.75
C GLY G 63 16.75 23.94 25.35
N GLY G 64 18.03 24.23 25.13
CA GLY G 64 18.67 24.02 23.85
C GLY G 64 18.69 22.59 23.37
N LYS G 65 18.95 21.64 24.28
CA LYS G 65 18.99 20.23 23.89
C LYS G 65 17.65 19.75 23.36
N VAL G 66 16.55 20.13 24.02
CA VAL G 66 15.22 19.72 23.59
C VAL G 66 14.91 20.38 22.25
N ASN G 67 15.22 21.68 22.11
CA ASN G 67 14.93 22.37 20.86
C ASN G 67 15.78 21.82 19.71
N VAL G 68 17.02 21.41 20.00
CA VAL G 68 17.87 20.77 18.95
C VAL G 68 17.16 19.50 18.48
N GLY G 69 16.65 18.71 19.41
CA GLY G 69 15.92 17.49 19.08
C GLY G 69 14.71 17.80 18.22
N ARG G 70 13.96 18.85 18.57
CA ARG G 70 12.79 19.28 17.80
C ARG G 70 13.19 19.66 16.37
N ILE G 71 14.23 20.47 16.24
CA ILE G 71 14.67 20.95 14.92
C ILE G 71 15.18 19.82 14.05
N MET G 72 16.03 18.95 14.60
CA MET G 72 16.58 17.85 13.81
C MET G 72 15.56 16.73 13.54
N ARG G 73 14.41 16.71 14.29
CA ARG G 73 13.41 15.66 14.13
C ARG G 73 12.03 16.17 13.69
N PRO G 74 11.88 16.73 12.46
CA PRO G 74 10.53 17.13 12.01
C PRO G 74 9.62 15.90 11.88
N ASP G 75 10.22 14.70 11.70
CA ASP G 75 9.49 13.44 11.61
C ASP G 75 8.81 13.13 12.95
N ASP G 76 9.48 13.44 14.06
CA ASP G 76 8.93 13.24 15.40
C ASP G 76 7.81 14.26 15.62
N GLY G 77 8.06 15.50 15.20
CA GLY G 77 7.08 16.59 15.31
C GLY G 77 5.77 16.23 14.62
N ARG G 78 5.90 15.72 13.40
CA ARG G 78 4.77 15.31 12.57
C ARG G 78 3.97 14.15 13.18
N SER G 79 4.63 13.27 13.92
CA SER G 79 3.99 12.10 14.53
C SER G 79 3.01 12.42 15.67
N GLY G 80 3.14 13.57 16.31
CA GLY G 80 2.27 13.93 17.42
C GLY G 80 1.53 15.24 17.24
N LEU G 81 1.12 15.55 16.01
CA LEU G 81 0.41 16.80 15.74
C LEU G 81 -1.04 16.73 16.18
N LYS G 82 -1.54 17.80 16.79
CA LYS G 82 -2.94 17.90 17.19
C LYS G 82 -3.36 19.33 16.95
N PRO G 83 -4.51 19.56 16.28
CA PRO G 83 -4.93 20.94 16.02
C PRO G 83 -5.25 21.74 17.30
N ARG G 84 -5.41 23.04 17.14
CA ARG G 84 -5.77 23.93 18.23
C ARG G 84 -7.25 23.70 18.58
N THR G 85 -7.65 24.05 19.79
CA THR G 85 -9.05 23.97 20.23
C THR G 85 -9.38 25.34 20.85
N LYS G 86 -10.62 25.55 21.35
CA LYS G 86 -10.96 26.83 21.97
C LYS G 86 -10.07 27.13 23.18
N ILE G 87 -9.59 26.09 23.88
CA ILE G 87 -8.79 26.25 25.09
C ILE G 87 -7.30 25.89 24.92
N THR G 88 -6.92 25.12 23.89
CA THR G 88 -5.51 24.74 23.71
C THR G 88 -4.88 25.23 22.41
N ARG G 89 -3.56 25.44 22.45
CA ARG G 89 -2.76 25.82 21.29
C ARG G 89 -2.40 24.49 20.59
N PRO G 90 -1.94 24.49 19.32
CA PRO G 90 -1.61 23.21 18.67
C PRO G 90 -0.49 22.44 19.37
N CYS G 91 -0.45 21.11 19.12
CA CYS G 91 0.56 20.21 19.68
C CYS G 91 1.42 19.62 18.58
N SER G 92 2.60 19.12 18.96
CA SER G 92 3.52 18.47 18.05
C SER G 92 4.43 17.52 18.84
N GLY G 93 5.08 16.63 18.11
CA GLY G 93 6.06 15.70 18.67
C GLY G 93 5.55 14.60 19.55
N TYR G 94 6.51 13.73 19.86
CA TYR G 94 6.23 12.59 20.75
C TYR G 94 7.41 12.48 21.72
N THR G 95 8.63 12.32 21.18
CA THR G 95 9.80 12.29 22.05
C THR G 95 10.19 13.71 22.44
N VAL G 96 9.92 14.69 21.56
CA VAL G 96 10.24 16.08 21.81
C VAL G 96 8.99 16.94 21.53
N PRO G 97 7.97 16.87 22.41
CA PRO G 97 6.77 17.69 22.17
C PRO G 97 7.08 19.18 22.24
N ASN G 98 6.23 20.01 21.61
CA ASN G 98 6.44 21.46 21.68
C ASN G 98 6.12 21.90 23.12
N THR G 99 6.49 23.12 23.52
CA THR G 99 6.25 23.61 24.88
C THR G 99 4.80 23.45 25.33
N PHE G 100 3.83 23.73 24.43
CA PHE G 100 2.42 23.63 24.77
C PHE G 100 2.04 22.19 25.13
N ALA G 101 2.38 21.22 24.25
CA ALA G 101 2.07 19.82 24.52
C ALA G 101 2.86 19.27 25.70
N MET G 102 4.04 19.83 26.01
CA MET G 102 4.83 19.38 27.16
C MET G 102 3.98 19.56 28.43
N GLY G 103 3.38 20.74 28.57
CA GLY G 103 2.51 21.06 29.70
C GLY G 103 1.18 20.33 29.64
N TYR G 104 0.52 20.32 28.46
CA TYR G 104 -0.77 19.64 28.33
C TYR G 104 -0.66 18.16 28.65
N ARG G 105 0.31 17.47 28.06
CA ARG G 105 0.46 16.02 28.27
C ARG G 105 0.81 15.67 29.71
N TYR G 106 1.57 16.52 30.41
CA TYR G 106 1.89 16.27 31.81
C TYR G 106 0.62 16.45 32.64
N ALA G 107 -0.18 17.50 32.36
CA ALA G 107 -1.42 17.73 33.10
C ALA G 107 -2.40 16.60 32.83
N GLU G 108 -2.52 16.16 31.56
CA GLU G 108 -3.42 15.06 31.21
C GLU G 108 -3.03 13.78 31.92
N LEU G 109 -1.73 13.57 32.16
CA LEU G 109 -1.22 12.39 32.85
C LEU G 109 -1.38 12.49 34.39
N GLY G 110 -1.75 13.66 34.90
CA GLY G 110 -1.94 13.88 36.33
C GLY G 110 -0.76 14.53 37.02
N TYR G 111 0.19 15.08 36.24
CA TYR G 111 1.38 15.72 36.79
C TYR G 111 1.21 17.22 36.86
N THR G 112 1.62 17.81 38.00
CA THR G 112 1.51 19.24 38.25
C THR G 112 2.89 19.92 38.40
N THR G 113 3.98 19.14 38.54
CA THR G 113 5.32 19.70 38.67
C THR G 113 6.32 18.81 37.93
N ALA G 114 7.25 19.41 37.18
CA ALA G 114 8.28 18.67 36.47
C ALA G 114 9.54 19.52 36.44
N PHE G 115 10.70 18.91 36.64
CA PHE G 115 11.96 19.65 36.67
C PHE G 115 12.88 19.30 35.52
N GLU G 116 13.50 20.33 34.92
CA GLU G 116 14.45 20.19 33.82
C GLU G 116 15.71 19.55 34.40
N ALA G 117 16.16 18.46 33.83
CA ALA G 117 17.33 17.74 34.33
C ALA G 117 18.66 18.45 34.17
N ALA G 118 18.80 19.34 33.17
CA ALA G 118 20.08 20.00 32.95
C ALA G 118 19.97 21.38 32.33
N ILE G 119 20.41 22.41 33.06
CA ILE G 119 20.43 23.77 32.54
C ILE G 119 21.88 24.19 32.36
N PRO G 120 22.34 24.46 31.13
CA PRO G 120 23.70 24.99 30.97
C PRO G 120 23.64 26.46 31.41
N ILE G 121 24.63 26.94 32.17
CA ILE G 121 24.59 28.31 32.69
C ILE G 121 24.57 29.35 31.57
N LEU G 122 25.49 29.24 30.60
CA LEU G 122 25.57 30.20 29.51
C LEU G 122 24.27 30.30 28.72
N LYS G 123 23.58 29.17 28.48
CA LYS G 123 22.34 29.18 27.71
C LYS G 123 21.09 28.95 28.57
N ALA G 124 21.08 29.40 29.82
CA ALA G 124 19.92 29.24 30.71
C ALA G 124 18.74 30.11 30.30
N ARG G 125 19.00 31.23 29.61
CA ARG G 125 17.95 32.15 29.15
C ARG G 125 16.99 31.41 28.21
N HIS G 126 17.54 30.54 27.34
CA HIS G 126 16.72 29.76 26.42
C HIS G 126 15.81 28.81 27.22
N THR G 127 16.35 28.14 28.24
CA THR G 127 15.55 27.23 29.06
C THR G 127 14.37 27.96 29.71
N HIS G 128 14.64 29.13 30.32
CA HIS G 128 13.58 29.90 30.97
C HIS G 128 12.59 30.48 29.96
N GLU G 129 13.04 30.78 28.75
CA GLU G 129 12.15 31.27 27.70
C GLU G 129 11.14 30.18 27.34
N GLU G 130 11.58 28.92 27.29
CA GLU G 130 10.69 27.79 26.99
C GLU G 130 9.79 27.49 28.18
N PHE G 131 10.31 27.62 29.39
CA PHE G 131 9.50 27.44 30.62
C PHE G 131 8.29 28.39 30.61
N GLU G 132 8.52 29.64 30.23
CA GLU G 132 7.43 30.63 30.14
C GLU G 132 6.34 30.23 29.16
N ASP G 133 6.63 29.31 28.22
CA ASP G 133 5.66 28.84 27.24
C ASP G 133 5.11 27.44 27.57
N ILE G 134 5.56 26.79 28.66
CA ILE G 134 5.02 25.50 29.06
C ILE G 134 3.83 25.80 29.98
N PRO G 135 2.61 25.44 29.58
CA PRO G 135 1.45 25.77 30.43
C PRO G 135 1.23 24.84 31.63
N ILE G 136 0.38 25.33 32.56
CA ILE G 136 -0.10 24.59 33.76
C ILE G 136 0.97 24.23 34.81
N ILE G 137 1.89 23.34 34.46
CA ILE G 137 2.81 22.77 35.48
C ILE G 137 3.75 23.78 36.13
N ASP G 138 4.06 23.53 37.39
CA ASP G 138 5.13 24.30 38.06
C ASP G 138 6.43 23.67 37.55
N LYS G 139 7.49 24.46 37.52
CA LYS G 139 8.73 23.96 36.90
C LYS G 139 9.98 24.47 37.62
N GLY G 140 11.08 23.80 37.37
CA GLY G 140 12.38 24.14 37.97
C GLY G 140 13.44 23.42 37.16
N GLY G 141 14.70 23.63 37.51
CA GLY G 141 15.78 23.01 36.73
C GLY G 141 17.05 22.85 37.52
N LEU G 142 17.82 21.83 37.17
CA LEU G 142 19.10 21.60 37.82
C LEU G 142 20.20 22.15 36.92
N THR G 143 21.09 22.96 37.48
CA THR G 143 22.16 23.61 36.73
C THR G 143 23.39 22.71 36.60
N LEU G 144 24.00 22.67 35.40
CA LEU G 144 25.19 21.85 35.15
C LEU G 144 26.45 22.45 35.77
N PHE G 145 27.24 21.62 36.46
CA PHE G 145 28.51 22.07 37.12
C PHE G 145 29.65 21.05 36.97
N GLY G 146 29.43 19.92 36.30
CA GLY G 146 30.41 18.83 36.23
C GLY G 146 31.73 19.13 35.54
N SER G 147 31.70 19.93 34.47
CA SER G 147 32.94 20.20 33.69
C SER G 147 33.19 21.71 33.63
N ASN G 148 32.65 22.46 34.60
CA ASN G 148 32.83 23.90 34.65
C ASN G 148 34.26 24.29 35.01
N TRP G 149 34.86 25.22 34.25
CA TRP G 149 36.23 25.67 34.49
C TRP G 149 36.40 26.28 35.87
N GLN G 150 35.47 27.14 36.29
CA GLN G 150 35.58 27.77 37.61
C GLN G 150 35.46 26.72 38.72
N VAL G 151 34.66 25.66 38.50
CA VAL G 151 34.50 24.59 39.48
C VAL G 151 35.82 23.82 39.57
N MET G 152 36.34 23.34 38.43
CA MET G 152 37.58 22.57 38.40
C MET G 152 38.77 23.37 38.96
N ASP G 153 38.80 24.70 38.75
CA ASP G 153 39.86 25.55 39.28
C ASP G 153 39.77 25.57 40.81
N ALA G 154 38.57 25.77 41.36
CA ALA G 154 38.38 25.79 42.81
C ALA G 154 38.68 24.42 43.43
N VAL G 155 38.38 23.33 42.71
CA VAL G 155 38.63 21.97 43.17
C VAL G 155 40.14 21.73 43.22
N ARG G 156 40.88 22.22 42.21
CA ARG G 156 42.33 22.05 42.18
C ARG G 156 42.97 22.81 43.34
N GLU G 157 42.45 23.99 43.66
CA GLU G 157 42.98 24.80 44.76
C GLU G 157 42.50 24.32 46.15
N GLY G 158 41.59 23.35 46.19
CA GLY G 158 41.02 22.87 47.44
C GLY G 158 40.26 23.96 48.17
N ASP G 159 39.78 24.98 47.44
CA ASP G 159 39.05 26.11 48.00
C ASP G 159 37.54 25.88 47.91
N LEU G 160 36.98 25.15 48.89
CA LEU G 160 35.55 24.86 48.92
C LEU G 160 34.71 26.12 49.14
N GLU G 161 35.26 27.13 49.85
CA GLU G 161 34.54 28.38 50.07
C GLU G 161 34.35 29.09 48.72
N LYS G 162 35.39 29.07 47.86
CA LYS G 162 35.32 29.67 46.54
C LYS G 162 34.34 28.87 45.66
N LEU G 163 34.36 27.54 45.78
CA LEU G 163 33.47 26.69 45.00
C LEU G 163 32.01 26.96 45.38
N ALA G 164 31.71 27.05 46.68
CA ALA G 164 30.35 27.32 47.16
C ALA G 164 29.87 28.67 46.64
N ALA G 165 30.77 29.67 46.58
CA ALA G 165 30.41 30.99 46.07
C ALA G 165 30.07 30.92 44.60
N TYR G 166 30.80 30.10 43.82
CA TYR G 166 30.52 29.97 42.40
C TYR G 166 29.21 29.21 42.19
N VAL G 167 28.96 28.15 42.97
CA VAL G 167 27.73 27.36 42.82
C VAL G 167 26.53 28.26 43.15
N ALA G 168 26.62 29.06 44.21
CA ALA G 168 25.53 29.97 44.58
C ALA G 168 25.33 31.01 43.48
N TRP G 169 26.43 31.53 42.92
CA TRP G 169 26.34 32.52 41.85
C TRP G 169 25.78 31.88 40.56
N GLY G 170 26.23 30.67 40.25
CA GLY G 170 25.79 29.94 39.06
C GLY G 170 24.32 29.59 39.12
N LEU G 171 23.82 29.25 40.31
CA LEU G 171 22.41 28.93 40.47
C LEU G 171 21.59 30.21 40.26
N ARG G 172 22.06 31.36 40.75
CA ARG G 172 21.33 32.62 40.56
C ARG G 172 21.41 33.07 39.09
N ALA G 173 22.58 32.90 38.45
CA ALA G 173 22.77 33.27 37.05
C ALA G 173 21.83 32.47 36.15
N SER G 174 21.73 31.16 36.37
CA SER G 174 20.87 30.29 35.57
C SER G 174 19.46 30.16 36.11
N ARG G 175 19.16 30.74 37.30
CA ARG G 175 17.86 30.60 37.97
C ARG G 175 17.56 29.11 38.11
N GLY G 176 18.54 28.39 38.66
CA GLY G 176 18.48 26.95 38.88
C GLY G 176 18.05 26.61 40.29
N TYR G 177 17.74 25.34 40.49
CA TYR G 177 17.27 24.80 41.76
C TYR G 177 18.32 23.93 42.46
N GLY G 178 19.07 23.15 41.70
CA GLY G 178 20.08 22.27 42.27
C GLY G 178 21.34 22.10 41.44
N VAL G 179 22.24 21.25 41.92
CA VAL G 179 23.52 20.99 41.28
C VAL G 179 23.48 19.71 40.45
N ILE G 181 25.48 17.11 37.92
CA ILE G 181 26.82 16.68 37.54
C ILE G 181 26.68 15.57 36.49
N VAL G 182 27.14 15.83 35.25
CA VAL G 182 27.07 14.84 34.17
C VAL G 182 28.46 14.49 33.73
N ASN G 183 28.85 13.19 33.79
CA ASN G 183 30.18 12.72 33.37
C ASN G 183 31.25 13.73 33.82
N PRO G 184 31.41 13.94 35.13
CA PRO G 184 32.36 14.97 35.60
C PRO G 184 33.74 14.87 34.97
N GLY G 185 34.19 15.96 34.36
CA GLY G 185 35.49 16.01 33.69
C GLY G 185 35.41 15.64 32.23
N GLY G 186 34.49 14.73 31.89
CA GLY G 186 34.29 14.26 30.53
C GLY G 186 33.96 15.35 29.53
N GLY G 187 33.09 16.28 29.93
CA GLY G 187 32.71 17.40 29.06
C GLY G 187 33.90 18.25 28.70
N GLU G 188 34.82 18.44 29.66
CA GLU G 188 36.03 19.22 29.42
C GLU G 188 36.94 18.40 28.49
N ALA G 189 37.15 17.11 28.80
CA ALA G 189 37.97 16.23 27.98
C ALA G 189 37.45 16.18 26.54
N TRP G 190 36.12 16.26 26.37
CA TRP G 190 35.46 16.26 25.07
C TRP G 190 35.83 17.52 24.25
N GLY G 191 36.27 18.58 24.91
CA GLY G 191 36.70 19.79 24.23
C GLY G 191 37.79 19.51 23.20
N PHE G 192 38.56 18.45 23.39
CA PHE G 192 39.57 18.04 22.42
C PHE G 192 39.30 16.62 21.87
N GLY G 193 38.03 16.18 21.92
CA GLY G 193 37.58 14.89 21.43
C GLY G 193 37.90 13.69 22.29
N LYS G 194 38.13 13.89 23.59
CA LYS G 194 38.46 12.78 24.49
C LYS G 194 37.39 12.62 25.58
N ASN G 195 37.61 11.67 26.50
CA ASN G 195 36.69 11.44 27.60
C ASN G 195 37.49 10.96 28.80
N VAL G 196 36.92 11.10 29.99
CA VAL G 196 37.56 10.62 31.21
C VAL G 196 37.29 9.10 31.25
N ARG G 197 38.32 8.30 31.54
CA ARG G 197 38.18 6.85 31.57
C ARG G 197 37.65 6.30 32.88
N GLY G 198 37.56 7.12 33.92
CA GLY G 198 37.07 6.68 35.21
C GLY G 198 37.15 7.76 36.27
N LEU G 199 36.88 7.36 37.51
CA LEU G 199 36.88 8.27 38.66
C LEU G 199 38.23 8.94 38.92
N ASP G 200 39.33 8.24 38.68
CA ASP G 200 40.66 8.78 38.96
C ASP G 200 41.44 9.19 37.72
N ASP G 201 40.78 9.38 36.58
CA ASP G 201 41.47 9.80 35.36
C ASP G 201 41.62 11.32 35.37
N PRO G 202 42.84 11.88 35.50
CA PRO G 202 42.96 13.35 35.53
C PRO G 202 42.35 14.04 34.30
N VAL G 203 41.74 15.22 34.52
CA VAL G 203 41.14 15.99 33.44
C VAL G 203 42.27 16.77 32.75
N PRO G 204 42.41 16.70 31.40
CA PRO G 204 43.50 17.44 30.75
C PRO G 204 43.37 18.95 30.93
N GLY G 205 44.49 19.58 31.29
CA GLY G 205 44.56 21.03 31.47
C GLY G 205 44.08 21.58 32.80
N PHE G 206 43.41 20.75 33.63
CA PHE G 206 42.88 21.22 34.91
C PHE G 206 43.45 20.49 36.14
N ASP G 207 44.12 19.35 35.92
CA ASP G 207 44.76 18.59 37.00
C ASP G 207 43.83 18.23 38.15
N VAL G 208 42.60 17.81 37.84
CA VAL G 208 41.63 17.36 38.82
C VAL G 208 41.06 16.05 38.29
N THR G 209 40.48 15.23 39.15
CA THR G 209 39.89 13.96 38.70
C THR G 209 38.38 14.02 38.84
N PRO G 210 37.60 13.24 38.05
CA PRO G 210 36.14 13.25 38.24
C PRO G 210 35.72 13.06 39.70
N SER G 211 36.37 12.15 40.44
CA SER G 211 36.06 11.89 41.84
C SER G 211 36.22 13.15 42.68
N GLU G 212 37.30 13.90 42.46
CA GLU G 212 37.54 15.14 43.19
C GLU G 212 36.44 16.15 42.92
N ILE G 213 35.96 16.21 41.67
CA ILE G 213 34.90 17.13 41.29
C ILE G 213 33.60 16.75 42.00
N ILE G 214 33.27 15.46 42.03
CA ILE G 214 32.04 14.99 42.65
C ILE G 214 32.05 15.30 44.16
N LEU G 215 33.10 14.91 44.88
CA LEU G 215 33.16 15.15 46.33
C LEU G 215 33.17 16.62 46.69
N ALA G 216 33.91 17.45 45.94
CA ALA G 216 33.96 18.88 46.22
C ALA G 216 32.60 19.54 45.98
N LEU G 217 31.90 19.17 44.89
CA LEU G 217 30.58 19.74 44.63
C LEU G 217 29.57 19.27 45.66
N ALA G 218 29.69 18.02 46.16
CA ALA G 218 28.79 17.51 47.19
C ALA G 218 29.03 18.30 48.47
N ARG G 219 30.30 18.57 48.81
CA ARG G 219 30.64 19.34 50.00
C ARG G 219 30.11 20.77 49.89
N ALA G 220 30.27 21.40 48.71
CA ALA G 220 29.78 22.76 48.47
C ALA G 220 28.25 22.80 48.56
N ASN G 221 27.58 21.77 48.03
CA ASN G 221 26.12 21.65 48.06
C ASN G 221 25.63 21.64 49.50
N GLU G 222 26.35 20.94 50.38
CA GLU G 222 25.98 20.87 51.78
C GLU G 222 26.37 22.14 52.54
N MET G 223 27.45 22.82 52.13
CA MET G 223 27.82 24.09 52.79
C MET G 223 26.74 25.14 52.53
N LEU G 224 26.11 25.08 51.35
CA LEU G 224 25.07 26.01 50.96
C LEU G 224 23.68 25.60 51.47
N ASN G 225 23.56 24.48 52.21
CA ASN G 225 22.29 23.99 52.75
C ASN G 225 21.21 23.96 51.67
N LEU G 226 21.54 23.45 50.48
CA LEU G 226 20.59 23.42 49.38
C LEU G 226 19.48 22.41 49.66
N PRO G 227 18.25 22.64 49.15
CA PRO G 227 17.17 21.69 49.43
C PRO G 227 17.41 20.30 48.85
N HIS G 228 17.98 20.24 47.63
CA HIS G 228 18.26 18.98 46.95
C HIS G 228 19.73 18.64 47.10
N SER G 229 20.06 17.34 47.00
CA SER G 229 21.45 16.89 47.06
C SER G 229 22.05 17.09 45.66
N ILE G 230 23.30 16.64 45.42
CA ILE G 230 23.87 16.73 44.08
C ILE G 230 23.11 15.67 43.23
N HIS G 231 22.83 15.99 41.97
CA HIS G 231 22.14 15.05 41.05
C HIS G 231 23.24 14.54 40.12
N LEU G 232 23.50 13.23 40.11
CA LEU G 232 24.69 12.72 39.36
C LEU G 232 24.40 11.76 38.20
N HIS G 233 25.03 12.01 37.06
CA HIS G 233 24.99 11.10 35.89
C HIS G 233 26.44 10.63 35.86
N CYS G 234 26.69 9.42 36.34
CA CYS G 234 28.09 8.95 36.52
C CYS G 234 28.93 8.87 35.24
N ASN G 235 30.24 8.66 35.43
CA ASN G 235 31.19 8.50 34.34
C ASN G 235 31.01 7.08 33.78
N ARG G 236 31.52 6.84 32.58
CA ARG G 236 31.44 5.53 31.94
C ARG G 236 29.99 5.08 31.69
N LEU G 237 29.08 6.02 31.41
CA LEU G 237 27.70 5.65 31.13
C LEU G 237 27.63 4.88 29.82
N GLY G 238 26.74 3.90 29.75
CA GLY G 238 26.55 3.11 28.55
C GLY G 238 27.75 2.31 28.10
N THR G 239 28.53 1.78 29.05
CA THR G 239 29.69 0.96 28.70
C THR G 239 29.61 -0.35 29.51
N PRO G 240 29.69 -1.54 28.89
CA PRO G 240 29.63 -2.78 29.67
C PRO G 240 30.64 -2.80 30.83
N GLY G 241 30.17 -3.23 32.00
CA GLY G 241 31.00 -3.30 33.21
C GLY G 241 31.03 -2.03 34.03
N ASN G 242 30.26 -0.99 33.65
CA ASN G 242 30.22 0.28 34.38
C ASN G 242 29.54 0.23 35.76
N TYR G 243 28.93 -0.90 36.16
CA TYR G 243 28.28 -0.97 37.46
C TYR G 243 29.30 -0.78 38.60
N GLU G 244 30.57 -1.14 38.37
CA GLU G 244 31.62 -1.00 39.38
C GLU G 244 31.95 0.48 39.63
N THR G 245 31.94 1.30 38.57
CA THR G 245 32.22 2.73 38.71
C THR G 245 31.07 3.39 39.46
N THR G 246 29.83 3.04 39.10
CA THR G 246 28.63 3.57 39.74
C THR G 246 28.65 3.29 41.25
N ILE G 247 28.93 2.04 41.65
CA ILE G 247 28.97 1.68 43.07
C ILE G 247 30.13 2.38 43.77
N GLU G 248 31.31 2.40 43.13
CA GLU G 248 32.49 3.03 43.72
C GLU G 248 32.24 4.51 44.00
N THR G 249 31.54 5.19 43.09
CA THR G 249 31.22 6.61 43.26
C THR G 249 30.32 6.80 44.48
N MET G 250 29.34 5.92 44.65
CA MET G 250 28.43 6.00 45.80
C MET G 250 29.19 5.77 47.08
N ARG G 251 30.11 4.78 47.06
CA ARG G 251 30.92 4.41 48.21
C ARG G 251 31.76 5.59 48.68
N ARG G 252 32.33 6.35 47.74
CA ARG G 252 33.18 7.50 48.08
C ARG G 252 32.41 8.65 48.71
N LEU G 253 31.09 8.71 48.47
CA LEU G 253 30.24 9.77 49.01
C LEU G 253 29.66 9.43 50.39
N GLU G 254 29.92 8.23 50.91
CA GLU G 254 29.43 7.83 52.23
C GLU G 254 29.92 8.78 53.32
N LYS G 255 31.16 9.27 53.17
CA LYS G 255 31.80 10.17 54.14
C LYS G 255 31.35 11.63 54.09
N ILE G 256 30.42 11.99 53.20
CA ILE G 256 29.95 13.36 53.10
C ILE G 256 28.66 13.50 53.89
N LYS G 257 28.62 14.40 54.88
CA LYS G 257 27.44 14.58 55.70
C LYS G 257 26.37 15.46 55.04
N PRO G 258 25.08 15.05 54.99
CA PRO G 258 24.07 15.96 54.41
C PRO G 258 23.73 17.10 55.38
N SER G 259 23.43 18.27 54.85
CA SER G 259 23.06 19.43 55.65
C SER G 259 21.61 19.35 56.13
N ARG G 260 20.75 18.57 55.42
CA ARG G 260 19.35 18.37 55.78
C ARG G 260 19.06 16.86 55.88
N ASP G 261 17.88 16.48 56.36
CA ASP G 261 17.52 15.06 56.49
C ASP G 261 17.11 14.49 55.13
N ARG G 262 18.11 14.15 54.31
CA ARG G 262 17.89 13.62 52.98
C ARG G 262 19.16 12.90 52.49
N GLN G 263 19.11 12.35 51.28
CA GLN G 263 20.26 11.69 50.69
C GLN G 263 21.37 12.70 50.46
N VAL G 264 22.62 12.23 50.42
CA VAL G 264 23.75 13.12 50.12
C VAL G 264 23.98 13.13 48.59
N VAL G 265 23.44 12.15 47.86
CA VAL G 265 23.59 12.07 46.42
C VAL G 265 22.40 11.36 45.80
N HIS G 266 21.98 11.83 44.62
CA HIS G 266 20.91 11.18 43.88
C HIS G 266 21.55 10.78 42.56
N VAL G 267 21.66 9.47 42.29
CA VAL G 267 22.25 9.00 41.03
C VAL G 267 21.09 8.74 40.08
N THR G 268 21.07 9.47 38.96
CA THR G 268 19.99 9.38 38.00
C THR G 268 20.18 8.28 36.94
N HIS G 269 19.06 7.85 36.32
CA HIS G 269 18.95 6.85 35.27
C HIS G 269 19.96 5.72 35.37
N VAL G 270 19.89 4.97 36.47
CA VAL G 270 20.83 3.89 36.71
C VAL G 270 20.64 2.71 35.71
N THR G 271 19.57 2.72 34.89
CA THR G 271 19.40 1.70 33.85
C THR G 271 20.66 1.68 32.94
N PHE G 272 21.23 2.86 32.68
CA PHE G 272 22.43 3.02 31.84
C PHE G 272 23.75 2.94 32.60
N ASN G 273 23.72 2.70 33.92
CA ASN G 273 24.94 2.63 34.75
C ASN G 273 25.04 1.39 35.64
N ALA G 274 24.26 0.34 35.35
CA ALA G 274 24.29 -0.91 36.12
C ALA G 274 24.56 -2.06 35.12
N TRP G 275 25.50 -1.80 34.20
CA TRP G 275 25.80 -2.78 33.12
C TRP G 275 26.94 -3.71 33.51
N GLY G 276 26.82 -4.97 33.14
CA GLY G 276 27.89 -5.94 33.40
C GLY G 276 28.54 -6.37 32.11
N GLY G 277 29.39 -7.39 32.20
CA GLY G 277 30.12 -7.82 31.01
C GLY G 277 31.28 -6.90 30.68
N THR G 278 31.96 -7.19 29.57
CA THR G 278 33.13 -6.45 29.11
C THR G 278 32.94 -5.89 27.68
N HIS G 279 31.91 -6.37 26.96
CA HIS G 279 31.55 -5.93 25.60
C HIS G 279 30.05 -6.26 25.41
N PHE G 280 29.44 -5.94 24.24
CA PHE G 280 28.01 -6.24 24.03
C PHE G 280 27.70 -7.72 23.79
N GLY G 281 28.71 -8.51 23.50
CA GLY G 281 28.54 -9.95 23.32
C GLY G 281 28.17 -10.63 24.63
N ASN G 282 28.91 -10.34 25.72
CA ASN G 282 28.65 -10.92 27.04
C ASN G 282 27.91 -9.94 27.97
N PHE G 283 27.31 -8.88 27.42
CA PHE G 283 26.60 -7.89 28.21
C PHE G 283 25.51 -8.51 29.06
N GLU G 284 25.44 -8.10 30.33
CA GLU G 284 24.42 -8.63 31.25
C GLU G 284 24.00 -7.56 32.25
N SER G 285 22.89 -7.78 32.95
CA SER G 285 22.40 -6.80 33.95
C SER G 285 23.16 -6.96 35.27
N LYS G 286 23.56 -5.85 35.88
CA LYS G 286 24.22 -5.91 37.21
C LYS G 286 23.37 -5.12 38.21
N ALA G 287 22.07 -4.99 37.92
CA ALA G 287 21.13 -4.31 38.84
C ALA G 287 21.20 -4.98 40.22
N ASP G 288 21.35 -6.31 40.24
CA ASP G 288 21.44 -7.04 41.50
C ASP G 288 22.60 -6.53 42.36
N ALA G 289 23.74 -6.21 41.73
CA ALA G 289 24.90 -5.70 42.46
C ALA G 289 24.63 -4.30 43.01
N VAL G 290 23.99 -3.44 42.20
CA VAL G 290 23.67 -2.07 42.63
C VAL G 290 22.61 -2.09 43.74
N ALA G 291 21.58 -2.92 43.59
CA ALA G 291 20.52 -3.04 44.58
C ALA G 291 21.06 -3.58 45.90
N GLU G 292 22.01 -4.54 45.84
CA GLU G 292 22.64 -5.09 47.04
C GLU G 292 23.36 -3.97 47.81
N TYR G 293 24.08 -3.09 47.09
CA TYR G 293 24.78 -1.97 47.71
C TYR G 293 23.76 -0.98 48.28
N LEU G 294 22.71 -0.68 47.52
CA LEU G 294 21.68 0.25 47.97
C LEU G 294 20.97 -0.27 49.23
N ASN G 295 20.78 -1.59 49.34
CA ASN G 295 20.11 -2.18 50.50
C ASN G 295 20.90 -2.06 51.81
N LYS G 296 22.13 -1.54 51.73
CA LYS G 296 22.97 -1.30 52.94
C LYS G 296 23.52 0.13 52.96
N SER G 297 23.01 1.03 52.10
CA SER G 297 23.50 2.40 51.99
C SER G 297 22.33 3.38 51.97
N ASP G 298 22.07 4.04 53.10
CA ASP G 298 20.98 4.99 53.25
C ASP G 298 21.28 6.43 52.82
N HIS G 299 22.49 6.69 52.30
CA HIS G 299 22.87 8.04 51.86
C HIS G 299 22.62 8.29 50.36
N VAL G 300 22.10 7.29 49.63
CA VAL G 300 21.89 7.38 48.18
C VAL G 300 20.46 7.12 47.76
N THR G 301 19.99 7.86 46.75
CA THR G 301 18.69 7.66 46.13
C THR G 301 19.01 7.53 44.65
N ILE G 302 18.19 6.80 43.91
CA ILE G 302 18.40 6.63 42.48
C ILE G 302 17.05 6.70 41.77
N ASP G 303 17.08 6.85 40.45
CA ASP G 303 15.85 6.80 39.66
C ASP G 303 16.10 5.76 38.57
N MET G 304 15.03 5.17 38.05
CA MET G 304 15.19 4.01 37.13
C MET G 304 15.73 4.34 35.74
N GLY G 305 15.32 5.46 35.14
CA GLY G 305 15.72 5.68 33.75
C GLY G 305 15.15 4.56 32.89
N GLN G 306 13.96 4.06 33.24
CA GLN G 306 13.34 2.95 32.55
C GLN G 306 13.26 3.11 31.06
N LEU G 307 13.64 2.03 30.37
CA LEU G 307 13.59 2.02 28.90
C LEU G 307 12.18 1.66 28.45
N ILE G 308 11.71 2.31 27.40
CA ILE G 308 10.39 2.04 26.83
C ILE G 308 10.65 1.63 25.40
N PHE G 309 10.18 0.46 24.99
CA PHE G 309 10.38 -0.01 23.62
C PHE G 309 9.70 0.95 22.65
N GLY G 310 10.45 1.38 21.63
CA GLY G 310 9.91 2.31 20.63
C GLY G 310 10.82 3.49 20.39
N ASN G 311 10.24 4.60 19.95
CA ASN G 311 10.98 5.80 19.65
C ASN G 311 11.49 6.53 20.90
N ALA G 312 12.69 7.08 20.80
CA ALA G 312 13.30 7.83 21.89
C ALA G 312 14.30 8.84 21.31
N THR G 313 14.64 9.88 22.07
CA THR G 313 15.62 10.87 21.62
C THR G 313 16.57 11.07 22.78
N THR G 314 17.79 10.54 22.65
CA THR G 314 18.77 10.71 23.72
C THR G 314 19.31 12.11 23.65
N MET G 315 19.44 12.74 24.81
CA MET G 315 19.93 14.11 24.91
C MET G 315 20.53 14.25 26.29
N THR G 316 21.78 14.67 26.35
CA THR G 316 22.50 14.77 27.62
C THR G 316 23.74 15.65 27.48
N ALA G 317 24.32 16.07 28.63
CA ALA G 317 25.56 16.83 28.61
C ALA G 317 26.78 15.89 28.43
N ASP G 318 26.54 14.58 28.18
CA ASP G 318 27.58 13.58 27.98
C ASP G 318 27.93 13.49 26.50
N GLY G 319 28.62 14.51 26.00
CA GLY G 319 29.03 14.58 24.59
C GLY G 319 29.75 13.36 24.08
N PRO G 320 30.75 12.83 24.80
CA PRO G 320 31.47 11.65 24.30
C PRO G 320 30.61 10.42 24.01
N VAL G 321 29.72 10.03 24.94
CA VAL G 321 28.90 8.85 24.73
C VAL G 321 27.87 9.08 23.61
N GLN G 322 27.43 10.33 23.40
CA GLN G 322 26.45 10.60 22.35
C GLN G 322 27.10 10.38 20.99
N TYR G 323 28.33 10.87 20.80
CA TYR G 323 29.01 10.66 19.52
C TYR G 323 29.28 9.17 19.31
N ALA G 324 29.82 8.49 20.33
CA ALA G 324 30.12 7.07 20.26
C ALA G 324 28.88 6.24 19.91
N ASN G 325 27.75 6.55 20.53
CA ASN G 325 26.50 5.81 20.27
C ASN G 325 26.00 6.13 18.85
N ALA G 326 26.07 7.40 18.45
CA ALA G 326 25.62 7.77 17.10
C ALA G 326 26.43 7.04 16.04
N ARG G 327 27.75 6.84 16.26
CA ARG G 327 28.59 6.13 15.30
C ARG G 327 28.19 4.66 15.25
N LEU G 328 27.90 4.04 16.41
CA LEU G 328 27.51 2.62 16.43
C LEU G 328 26.22 2.42 15.66
N LEU G 329 25.27 3.36 15.78
CA LEU G 329 23.97 3.23 15.14
C LEU G 329 23.88 3.85 13.74
N GLY G 330 24.86 4.65 13.35
CA GLY G 330 24.81 5.35 12.06
C GLY G 330 23.68 6.37 12.08
N ALA G 331 23.34 6.87 13.27
CA ALA G 331 22.25 7.80 13.51
C ALA G 331 22.63 9.27 13.32
N LYS G 332 21.62 10.18 13.32
CA LYS G 332 21.84 11.62 13.25
C LYS G 332 22.60 11.99 14.52
N TRP G 333 23.49 12.97 14.46
CA TRP G 333 24.27 13.35 15.63
C TRP G 333 24.34 14.86 15.80
N GLY G 334 23.78 15.35 16.89
CA GLY G 334 23.82 16.76 17.24
C GLY G 334 24.80 16.97 18.37
N ASN G 335 25.70 17.95 18.25
CA ASN G 335 26.66 18.23 19.31
C ASN G 335 26.67 19.73 19.61
N GLY G 336 26.83 20.09 20.87
CA GLY G 336 26.84 21.49 21.27
C GLY G 336 27.77 21.78 22.43
N ASP G 337 29.07 21.92 22.15
CA ASP G 337 30.04 22.23 23.21
C ASP G 337 29.73 23.61 23.78
N VAL G 338 29.72 23.73 25.10
CA VAL G 338 29.44 25.01 25.76
C VAL G 338 30.76 25.53 26.33
N GLU G 339 31.29 26.59 25.75
CA GLU G 339 32.56 27.19 26.17
C GLU G 339 32.73 27.33 27.69
N LEU G 340 33.86 26.81 28.22
CA LEU G 340 34.22 26.91 29.63
C LEU G 340 33.27 26.19 30.59
N GLU G 341 32.22 25.52 30.10
CA GLU G 341 31.24 24.92 31.01
C GLU G 341 30.95 23.41 30.84
N ASP G 342 30.42 22.97 29.68
CA ASP G 342 30.06 21.56 29.52
C ASP G 342 29.84 21.16 28.06
N ALA G 343 29.51 19.89 27.84
CA ALA G 343 29.27 19.34 26.51
C ALA G 343 27.77 19.07 26.30
N SER G 344 27.36 18.68 25.09
CA SER G 344 25.96 18.38 24.80
C SER G 344 25.86 17.54 23.54
N GLY G 345 24.98 16.54 23.55
CA GLY G 345 24.79 15.68 22.40
C GLY G 345 23.36 15.17 22.32
N VAL G 346 22.80 15.12 21.11
CA VAL G 346 21.43 14.66 20.86
C VAL G 346 21.47 13.58 19.79
N VAL G 347 20.94 12.37 20.09
CA VAL G 347 20.95 11.26 19.13
C VAL G 347 19.59 10.55 19.09
N PRO G 348 18.92 10.49 17.91
CA PRO G 348 17.63 9.77 17.87
C PRO G 348 17.86 8.26 18.01
N LEU G 349 16.96 7.59 18.74
CA LEU G 349 17.12 6.14 18.97
C LEU G 349 15.79 5.41 18.87
N PHE G 350 15.83 4.10 18.61
CA PHE G 350 14.65 3.27 18.53
C PHE G 350 14.96 1.98 19.26
N TYR G 351 14.31 1.76 20.41
CA TYR G 351 14.54 0.56 21.18
C TYR G 351 13.64 -0.54 20.62
N MET G 352 14.25 -1.70 20.33
CA MET G 352 13.57 -2.85 19.66
C MET G 352 13.55 -4.14 20.49
N ARG G 353 12.38 -4.80 20.60
CA ARG G 353 12.28 -6.07 21.31
C ARG G 353 13.00 -7.12 20.45
N LYS G 354 13.56 -8.17 21.09
CA LYS G 354 14.29 -9.27 20.45
C LYS G 354 15.76 -8.90 20.14
N MET G 355 16.12 -7.62 20.28
CA MET G 355 17.55 -7.23 20.22
C MET G 355 18.00 -7.39 21.67
N TYR G 356 18.73 -8.45 21.98
CA TYR G 356 19.05 -8.73 23.38
C TYR G 356 19.66 -7.56 24.17
N VAL G 357 20.47 -6.67 23.56
CA VAL G 357 21.03 -5.54 24.33
C VAL G 357 19.88 -4.68 24.90
N HIS G 358 18.87 -4.33 24.06
CA HIS G 358 17.71 -3.54 24.47
C HIS G 358 16.84 -4.31 25.46
N ASP G 359 16.66 -5.63 25.23
CA ASP G 359 15.87 -6.45 26.14
C ASP G 359 16.48 -6.42 27.56
N ILE G 360 17.81 -6.53 27.66
CA ILE G 360 18.50 -6.51 28.95
C ILE G 360 18.37 -5.12 29.60
N MET G 361 18.59 -4.04 28.82
CA MET G 361 18.46 -2.67 29.32
C MET G 361 17.05 -2.42 29.88
N TRP G 362 16.02 -2.96 29.21
CA TRP G 362 14.64 -2.84 29.68
C TRP G 362 14.47 -3.50 31.04
N ALA G 363 15.11 -4.64 31.26
CA ALA G 363 15.01 -5.34 32.53
C ALA G 363 15.76 -4.65 33.66
N ILE G 364 16.87 -3.95 33.38
CA ILE G 364 17.68 -3.29 34.42
C ILE G 364 16.85 -2.35 35.31
N GLY G 365 16.09 -1.44 34.70
CA GLY G 365 15.28 -0.50 35.45
C GLY G 365 14.30 -1.16 36.41
N LEU G 366 13.57 -2.17 35.91
CA LEU G 366 12.62 -2.91 36.72
C LEU G 366 13.35 -3.67 37.82
N GLU G 367 14.48 -4.31 37.48
CA GLU G 367 15.27 -5.04 38.48
C GLU G 367 15.74 -4.11 39.59
N LEU G 368 16.21 -2.91 39.24
CA LEU G 368 16.68 -1.96 40.24
C LEU G 368 15.57 -1.61 41.23
N ALA G 369 14.37 -1.33 40.73
CA ALA G 369 13.25 -0.97 41.60
C ALA G 369 12.81 -2.16 42.45
N LEU G 370 12.62 -3.34 41.83
CA LEU G 370 12.15 -4.51 42.56
C LEU G 370 13.17 -5.12 43.52
N LEU G 371 14.47 -5.04 43.23
CA LEU G 371 15.49 -5.63 44.11
C LEU G 371 15.91 -4.70 45.25
N THR G 372 15.62 -3.39 45.15
CA THR G 372 15.95 -2.44 46.21
C THR G 372 14.76 -2.49 47.18
N ASN G 373 15.01 -2.84 48.44
CA ASN G 373 13.96 -2.96 49.45
C ASN G 373 13.20 -1.67 49.71
N ASP G 374 13.91 -0.57 49.94
CA ASP G 374 13.28 0.71 50.25
C ASP G 374 12.54 1.30 49.03
N PRO G 375 11.20 1.44 49.04
CA PRO G 375 10.52 2.02 47.88
C PRO G 375 10.89 3.48 47.62
N TRP G 376 11.29 4.20 48.67
CA TRP G 376 11.69 5.60 48.55
C TRP G 376 13.04 5.78 47.85
N GLN G 377 13.86 4.72 47.79
CA GLN G 377 15.19 4.79 47.20
C GLN G 377 15.25 4.71 45.69
N VAL G 378 14.21 4.21 45.01
CA VAL G 378 14.22 4.11 43.55
C VAL G 378 12.99 4.80 42.97
N LEU G 379 13.21 6.00 42.40
CA LEU G 379 12.12 6.78 41.81
C LEU G 379 11.80 6.28 40.43
N LEU G 380 10.54 6.44 40.01
CA LEU G 380 10.11 6.02 38.69
C LEU G 380 10.37 7.15 37.70
N THR G 381 11.20 6.87 36.71
CA THR G 381 11.50 7.83 35.64
C THR G 381 11.85 7.04 34.40
N THR G 382 11.80 7.74 33.27
CA THR G 382 12.20 7.17 31.96
C THR G 382 13.31 8.07 31.40
N ASP G 383 13.88 8.95 32.22
CA ASP G 383 14.89 9.92 31.78
C ASP G 383 14.38 10.57 30.51
N HIS G 384 13.08 10.92 30.53
CA HIS G 384 12.38 11.45 29.32
C HIS G 384 13.26 12.41 28.53
N PRO G 385 13.37 12.29 27.19
CA PRO G 385 12.89 11.18 26.35
C PRO G 385 14.00 10.15 26.04
N ASN G 386 15.07 10.08 26.88
CA ASN G 386 16.21 9.17 26.68
C ASN G 386 15.79 7.70 26.77
N GLY G 387 15.16 7.34 27.88
CA GLY G 387 14.63 5.97 28.01
C GLY G 387 13.31 5.86 27.27
N GLY G 388 12.55 6.96 27.24
CA GLY G 388 11.26 6.99 26.53
C GLY G 388 10.37 8.13 27.00
N PRO G 389 9.43 8.60 26.16
CA PRO G 389 8.54 9.71 26.52
C PRO G 389 7.80 9.46 27.85
N PHE G 390 7.67 10.51 28.67
CA PHE G 390 7.02 10.37 30.00
C PHE G 390 5.57 9.89 29.89
N VAL G 391 4.93 10.09 28.74
CA VAL G 391 3.55 9.59 28.58
C VAL G 391 3.49 8.06 28.79
N ASN G 392 4.64 7.37 28.79
CA ASN G 392 4.70 5.92 29.00
C ASN G 392 4.87 5.52 30.47
N TYR G 393 4.76 6.49 31.42
CA TYR G 393 4.87 6.15 32.85
C TYR G 393 3.82 5.09 33.28
N PRO G 394 2.56 5.13 32.79
CA PRO G 394 1.59 4.10 33.20
C PRO G 394 2.04 2.67 32.86
N GLU G 395 2.78 2.49 31.76
CA GLU G 395 3.29 1.17 31.38
C GLU G 395 4.28 0.69 32.46
N VAL G 396 5.14 1.61 32.94
CA VAL G 396 6.12 1.29 33.96
C VAL G 396 5.40 0.96 35.27
N ILE G 397 4.38 1.75 35.63
CA ILE G 397 3.63 1.52 36.87
C ILE G 397 3.01 0.12 36.85
N ALA G 398 2.31 -0.20 35.74
CA ALA G 398 1.67 -1.50 35.55
C ALA G 398 2.69 -2.64 35.64
N LEU G 399 3.91 -2.45 35.12
CA LEU G 399 4.96 -3.47 35.19
C LEU G 399 5.42 -3.67 36.63
N LEU G 400 5.54 -2.58 37.40
CA LEU G 400 5.98 -2.67 38.79
C LEU G 400 4.91 -3.29 39.71
N MET G 401 3.64 -3.16 39.35
CA MET G 401 2.55 -3.72 40.17
C MET G 401 2.11 -5.12 39.74
N SER G 402 2.58 -5.62 38.58
CA SER G 402 2.12 -6.93 38.09
C SER G 402 3.23 -7.81 37.56
N ALA G 403 3.55 -8.89 38.29
CA ALA G 403 4.54 -9.87 37.83
C ALA G 403 3.96 -10.65 36.62
N LYS G 404 2.65 -10.59 36.40
CA LYS G 404 1.98 -11.25 35.28
C LYS G 404 2.25 -10.43 34.03
N LYS G 405 2.12 -9.09 34.11
CA LYS G 405 2.40 -8.23 32.97
C LYS G 405 3.87 -8.36 32.58
N ARG G 406 4.76 -8.38 33.58
CA ARG G 406 6.19 -8.53 33.35
C ARG G 406 6.46 -9.84 32.60
N GLU G 407 5.80 -10.91 33.03
CA GLU G 407 5.93 -12.23 32.41
C GLU G 407 5.49 -12.17 30.94
N GLU G 408 4.37 -11.51 30.65
CA GLU G 408 3.86 -11.40 29.27
C GLU G 408 4.81 -10.61 28.39
N GLU G 409 5.44 -9.57 28.94
CA GLU G 409 6.39 -8.74 28.19
C GLU G 409 7.70 -9.47 27.95
N ILE G 410 8.16 -10.25 28.94
CA ILE G 410 9.39 -11.03 28.80
C ILE G 410 9.22 -12.06 27.67
N ALA G 411 8.02 -12.64 27.54
CA ALA G 411 7.73 -13.61 26.48
C ALA G 411 7.87 -13.02 25.07
N LYS G 412 7.78 -11.69 24.94
CA LYS G 412 7.94 -11.02 23.64
C LYS G 412 9.41 -10.71 23.32
N LEU G 413 10.34 -10.95 24.27
CA LEU G 413 11.75 -10.65 24.10
C LEU G 413 12.58 -11.87 23.73
N SER G 414 13.88 -11.66 23.48
CA SER G 414 14.79 -12.74 23.12
C SER G 414 14.93 -13.77 24.24
N ASP G 415 15.50 -14.93 23.91
CA ASP G 415 15.75 -15.97 24.90
C ASP G 415 17.02 -15.60 25.69
N LYS G 416 17.97 -14.90 25.05
CA LYS G 416 19.22 -14.48 25.69
C LYS G 416 18.98 -13.57 26.89
N MET G 417 17.96 -12.70 26.81
CA MET G 417 17.64 -11.79 27.92
C MET G 417 17.44 -12.57 29.22
N GLN G 418 16.74 -13.70 29.17
CA GLN G 418 16.50 -14.51 30.36
C GLN G 418 17.80 -15.09 30.94
N GLU G 419 18.84 -15.26 30.10
CA GLU G 419 20.13 -15.80 30.51
C GLU G 419 21.05 -14.70 31.04
N ARG G 420 20.76 -13.42 30.73
CA ARG G 420 21.57 -12.30 31.14
C ARG G 420 20.86 -11.35 32.13
N THR G 421 19.73 -11.79 32.71
CA THR G 421 18.95 -11.00 33.67
C THR G 421 18.34 -11.94 34.72
N CYS G 422 17.87 -11.37 35.83
CA CYS G 422 17.21 -12.17 36.91
C CYS G 422 15.76 -11.74 37.12
N LEU G 423 15.23 -10.90 36.23
CA LEU G 423 13.86 -10.39 36.35
C LEU G 423 12.77 -11.46 36.31
N SER G 424 12.95 -12.52 35.51
CA SER G 424 11.93 -13.57 35.41
C SER G 424 11.65 -14.24 36.76
N GLY G 425 12.66 -14.29 37.64
CA GLY G 425 12.50 -14.89 38.95
C GLY G 425 12.02 -13.94 40.04
N ILE G 426 11.69 -12.70 39.66
CA ILE G 426 11.24 -11.68 40.67
C ILE G 426 9.72 -11.66 40.70
N ASP G 427 9.14 -11.96 41.87
CA ASP G 427 7.65 -12.02 42.01
C ASP G 427 7.13 -10.76 42.70
N ARG G 428 8.00 -10.01 43.34
CA ARG G 428 7.60 -8.79 44.07
C ARG G 428 6.71 -7.89 43.23
N GLU G 429 5.65 -7.34 43.85
CA GLU G 429 4.73 -6.44 43.18
C GLU G 429 4.53 -5.24 44.10
N PHE G 430 4.73 -4.02 43.58
CA PHE G 430 4.55 -2.83 44.40
C PHE G 430 3.07 -2.51 44.53
N ASP G 431 2.65 -2.13 45.74
CA ASP G 431 1.24 -1.78 46.01
C ASP G 431 0.96 -0.31 45.65
N TRP G 432 -0.28 0.15 45.83
CA TRP G 432 -0.71 1.51 45.51
C TRP G 432 0.10 2.55 46.27
N TYR G 433 0.33 2.32 47.55
CA TYR G 433 1.10 3.24 48.40
C TYR G 433 2.51 3.42 47.86
N ASP G 434 3.20 2.31 47.50
CA ASP G 434 4.57 2.41 46.98
C ASP G 434 4.62 3.11 45.61
N ILE G 435 3.57 2.98 44.80
CA ILE G 435 3.49 3.66 43.50
C ILE G 435 3.35 5.16 43.76
N ALA G 436 2.60 5.56 44.81
CA ALA G 436 2.49 6.97 45.17
C ALA G 436 3.87 7.47 45.58
N ILE G 437 4.69 6.62 46.25
CA ILE G 437 6.04 7.00 46.66
C ILE G 437 6.89 7.25 45.41
N LYS G 438 6.93 6.30 44.49
CA LYS G 438 7.75 6.37 43.30
C LYS G 438 7.31 7.38 42.25
N THR G 439 6.06 7.91 42.34
CA THR G 439 5.55 8.83 41.35
C THR G 439 5.34 10.27 41.84
N ARG G 440 5.50 10.55 43.16
CA ARG G 440 5.34 11.93 43.63
C ARG G 440 6.02 12.20 44.98
N ALA G 441 5.71 11.42 46.03
CA ALA G 441 6.29 11.65 47.35
C ALA G 441 7.82 11.60 47.36
N ALA G 442 8.44 10.55 46.75
CA ALA G 442 9.90 10.42 46.69
C ALA G 442 10.51 11.51 45.83
N HIS G 443 9.85 11.91 44.73
CA HIS G 443 10.35 12.96 43.86
C HIS G 443 10.43 14.27 44.64
N ALA G 444 9.36 14.61 45.39
CA ALA G 444 9.34 15.83 46.20
C ALA G 444 10.32 15.74 47.36
N LYS G 445 10.41 14.58 48.01
CA LYS G 445 11.31 14.40 49.14
C LYS G 445 12.80 14.52 48.76
N ILE G 446 13.24 13.92 47.64
CA ILE G 446 14.66 14.04 47.25
C ILE G 446 15.01 15.49 46.90
N LEU G 447 14.06 16.23 46.30
CA LEU G 447 14.29 17.63 45.94
C LEU G 447 14.08 18.59 47.13
N GLY G 448 13.47 18.11 48.21
CA GLY G 448 13.16 18.95 49.36
C GLY G 448 11.93 19.80 49.12
N LEU G 449 11.17 19.53 48.04
CA LEU G 449 9.96 20.30 47.73
C LEU G 449 8.79 19.91 48.64
N HIS G 450 8.85 18.78 49.36
CA HIS G 450 7.77 18.40 50.27
C HIS G 450 7.59 19.47 51.36
N GLU G 451 8.68 20.17 51.72
CA GLU G 451 8.64 21.23 52.72
C GLU G 451 8.19 22.57 52.11
N TYR G 452 7.94 22.62 50.79
CA TYR G 452 7.49 23.82 50.09
C TYR G 452 6.14 23.61 49.39
N GLY G 453 5.34 22.69 49.92
CA GLY G 453 4.00 22.42 49.44
C GLY G 453 3.78 21.45 48.29
N LYS G 454 4.78 20.66 47.90
CA LYS G 454 4.59 19.72 46.80
C LYS G 454 4.69 18.27 47.23
N GLY G 455 4.10 17.38 46.42
CA GLY G 455 4.14 15.95 46.64
C GLY G 455 3.37 15.39 47.81
N HIS G 456 2.49 16.18 48.43
CA HIS G 456 1.70 15.70 49.55
C HIS G 456 0.38 16.44 49.67
N LEU G 457 -0.55 15.88 50.46
CA LEU G 457 -1.86 16.47 50.64
C LEU G 457 -2.14 16.90 52.08
N GLY G 458 -1.10 17.27 52.82
CA GLY G 458 -1.27 17.74 54.19
C GLY G 458 -1.74 19.18 54.19
N VAL G 459 -2.29 19.65 55.31
CA VAL G 459 -2.75 21.04 55.41
C VAL G 459 -1.55 21.99 55.23
N GLY G 460 -1.71 22.97 54.35
CA GLY G 460 -0.67 23.93 54.03
C GLY G 460 0.01 23.67 52.70
N ALA G 461 -0.18 22.46 52.14
CA ALA G 461 0.41 22.12 50.85
C ALA G 461 -0.36 22.80 49.71
N ASP G 462 0.23 22.85 48.50
CA ASP G 462 -0.45 23.43 47.36
C ASP G 462 -1.57 22.47 46.96
N GLY G 463 -2.68 23.02 46.49
CA GLY G 463 -3.83 22.23 46.07
C GLY G 463 -3.63 21.52 44.76
N ASP G 464 -2.57 20.70 44.66
CA ASP G 464 -2.23 19.91 43.48
C ASP G 464 -2.65 18.48 43.82
N VAL G 465 -3.66 17.97 43.12
CA VAL G 465 -4.20 16.65 43.39
C VAL G 465 -4.44 15.87 42.09
N THR G 466 -4.34 14.54 42.16
CA THR G 466 -4.64 13.68 41.02
C THR G 466 -5.67 12.67 41.50
N ILE G 467 -6.78 12.54 40.78
CA ILE G 467 -7.85 11.58 41.14
C ILE G 467 -7.91 10.53 40.06
N TYR G 468 -7.59 9.29 40.41
CA TYR G 468 -7.60 8.19 39.45
C TYR G 468 -8.89 7.38 39.57
N ASN G 469 -9.50 7.06 38.43
CA ASN G 469 -10.73 6.28 38.40
C ASN G 469 -10.44 4.80 38.59
N ILE G 470 -10.07 4.43 39.82
CA ILE G 470 -9.77 3.03 40.12
C ILE G 470 -10.09 2.78 41.59
N ASN G 471 -10.79 1.67 41.87
CA ASN G 471 -11.14 1.33 43.24
C ASN G 471 -10.12 0.32 43.72
N THR G 472 -9.25 0.73 44.65
CA THR G 472 -8.21 -0.16 45.17
C THR G 472 -8.79 -1.34 45.95
N GLU G 473 -10.06 -1.28 46.38
CA GLU G 473 -10.68 -2.36 47.13
C GLU G 473 -11.28 -3.44 46.23
N SER G 474 -11.58 -3.11 44.96
CA SER G 474 -12.18 -4.09 44.05
C SER G 474 -11.31 -4.48 42.86
N VAL G 475 -10.16 -3.84 42.64
CA VAL G 475 -9.31 -4.16 41.48
C VAL G 475 -8.01 -4.80 41.91
N ASP G 476 -7.69 -5.99 41.37
CA ASP G 476 -6.44 -6.68 41.65
C ASP G 476 -5.42 -6.13 40.67
N PRO G 477 -4.44 -5.32 41.13
CA PRO G 477 -3.48 -4.73 40.18
C PRO G 477 -2.55 -5.73 39.49
N SER G 478 -2.44 -6.95 40.03
CA SER G 478 -1.60 -7.97 39.42
C SER G 478 -2.29 -8.59 38.21
N VAL G 479 -3.56 -8.97 38.35
CA VAL G 479 -4.30 -9.60 37.26
C VAL G 479 -4.82 -8.55 36.29
N GLU G 480 -5.41 -7.47 36.81
CA GLU G 480 -5.98 -6.42 35.98
C GLU G 480 -4.97 -5.29 35.75
N HIS G 481 -3.80 -5.63 35.20
CA HIS G 481 -2.76 -4.65 34.91
C HIS G 481 -3.19 -3.71 33.77
N ALA G 482 -4.01 -4.18 32.82
CA ALA G 482 -4.49 -3.33 31.73
C ALA G 482 -5.35 -2.20 32.30
N ALA G 483 -6.19 -2.52 33.30
CA ALA G 483 -7.03 -1.51 33.94
C ALA G 483 -6.18 -0.51 34.74
N VAL G 484 -5.11 -0.98 35.38
CA VAL G 484 -4.21 -0.13 36.15
C VAL G 484 -3.53 0.86 35.20
N LYS G 485 -2.99 0.37 34.08
CA LYS G 485 -2.33 1.21 33.10
C LYS G 485 -3.25 2.31 32.59
N LYS G 486 -4.49 1.96 32.22
CA LYS G 486 -5.45 2.93 31.71
C LYS G 486 -5.84 3.96 32.77
N ALA G 487 -6.01 3.52 34.04
CA ALA G 487 -6.37 4.44 35.12
C ALA G 487 -5.28 5.48 35.33
N PHE G 488 -4.01 5.06 35.33
CA PHE G 488 -2.91 6.00 35.51
C PHE G 488 -2.64 6.85 34.26
N GLN G 489 -3.06 6.36 33.08
CA GLN G 489 -2.88 7.10 31.84
C GLN G 489 -3.91 8.21 31.72
N LEU G 490 -5.16 7.96 32.14
CA LEU G 490 -6.23 8.94 32.03
C LEU G 490 -6.88 9.27 33.39
N PRO G 491 -6.19 10.01 34.28
CA PRO G 491 -6.83 10.35 35.57
C PRO G 491 -8.17 11.06 35.40
N ALA G 492 -9.11 10.71 36.28
CA ALA G 492 -10.46 11.33 36.26
C ALA G 492 -10.31 12.85 36.34
N TYR G 493 -9.44 13.32 37.23
CA TYR G 493 -9.21 14.77 37.40
C TYR G 493 -7.75 15.10 37.72
N THR G 494 -7.26 16.20 37.14
CA THR G 494 -5.93 16.70 37.51
C THR G 494 -6.23 18.10 38.07
N ILE G 495 -5.80 18.36 39.30
CA ILE G 495 -6.11 19.64 39.95
C ILE G 495 -4.80 20.36 40.26
N LYS G 496 -4.67 21.58 39.73
CA LYS G 496 -3.47 22.38 39.95
C LYS G 496 -3.90 23.63 40.69
N GLY G 497 -3.41 23.80 41.92
CA GLY G 497 -3.76 24.97 42.73
C GLY G 497 -5.24 25.14 42.94
N GLY G 498 -5.94 24.04 43.16
CA GLY G 498 -7.39 24.05 43.38
C GLY G 498 -8.21 24.17 42.11
N GLU G 499 -7.57 24.33 40.94
CA GLU G 499 -8.27 24.46 39.67
C GLU G 499 -8.20 23.17 38.85
N ILE G 500 -9.35 22.67 38.36
CA ILE G 500 -9.35 21.46 37.52
C ILE G 500 -8.73 21.84 36.17
N VAL G 501 -7.60 21.23 35.83
CA VAL G 501 -6.89 21.53 34.58
C VAL G 501 -7.05 20.43 33.53
N ALA G 502 -7.41 19.21 33.94
CA ALA G 502 -7.62 18.12 32.99
C ALA G 502 -8.63 17.14 33.54
N LYS G 503 -9.34 16.45 32.65
CA LYS G 503 -10.34 15.45 32.99
C LYS G 503 -10.30 14.34 31.95
N GLU G 504 -9.97 13.11 32.38
CA GLU G 504 -9.91 11.93 31.53
C GLU G 504 -9.09 12.13 30.26
N GLY G 505 -7.89 12.68 30.42
CA GLY G 505 -6.97 12.93 29.32
C GLY G 505 -7.26 14.14 28.47
N GLU G 506 -8.18 15.02 28.90
CA GLU G 506 -8.52 16.21 28.12
C GLU G 506 -8.33 17.48 28.95
N ILE G 507 -7.62 18.47 28.40
CA ILE G 507 -7.38 19.74 29.10
C ILE G 507 -8.68 20.50 29.23
N THR G 508 -8.91 21.09 30.42
CA THR G 508 -10.11 21.87 30.71
C THR G 508 -9.78 23.33 31.03
N ALA G 509 -8.56 23.59 31.54
CA ALA G 509 -8.11 24.94 31.87
C ALA G 509 -6.60 25.01 31.72
N THR G 510 -6.08 26.17 31.29
CA THR G 510 -4.63 26.33 31.08
C THR G 510 -4.02 27.47 31.93
N PRO G 511 -4.04 27.38 33.27
CA PRO G 511 -3.40 28.45 34.06
C PRO G 511 -1.88 28.46 33.87
N THR G 512 -1.21 29.52 34.35
CA THR G 512 0.23 29.64 34.23
C THR G 512 0.89 29.11 35.50
N GLY G 513 1.91 28.28 35.34
CA GLY G 513 2.65 27.71 36.46
C GLY G 513 3.76 28.63 36.93
N ARG G 514 4.54 28.19 37.92
CA ARG G 514 5.62 29.00 38.47
C ARG G 514 6.98 28.35 38.32
N THR G 515 8.05 29.15 38.38
CA THR G 515 9.41 28.64 38.27
C THR G 515 10.09 28.67 39.63
N PHE G 516 10.52 27.50 40.09
CA PHE G 516 11.19 27.35 41.38
C PHE G 516 12.71 27.43 41.18
N TRP G 517 13.38 28.31 41.95
CA TRP G 517 14.84 28.43 41.88
C TRP G 517 15.36 28.77 43.27
N VAL G 518 16.65 28.54 43.51
CA VAL G 518 17.26 28.77 44.82
C VAL G 518 18.22 29.94 44.83
N ASP G 519 18.00 30.89 45.75
CA ASP G 519 18.87 32.04 45.93
C ASP G 519 19.71 31.73 47.16
N ALA G 520 20.94 31.22 46.95
CA ALA G 520 21.84 30.85 48.04
C ALA G 520 22.79 32.00 48.37
N ARG G 521 22.88 32.36 49.66
CA ARG G 521 23.75 33.45 50.11
C ARG G 521 25.04 32.91 50.71
N VAL G 522 26.17 33.61 50.44
CA VAL G 522 27.50 33.24 50.94
C VAL G 522 28.21 34.49 51.50
N PRO G 523 29.14 34.35 52.46
CA PRO G 523 29.86 35.53 52.95
C PRO G 523 30.52 36.31 51.82
N GLU G 524 30.47 37.65 51.86
CA GLU G 524 31.03 38.48 50.80
C GLU G 524 32.48 38.13 50.41
N GLU G 525 33.32 37.78 51.40
CA GLU G 525 34.71 37.45 51.12
C GLU G 525 34.81 36.24 50.17
N TYR G 526 33.91 35.25 50.31
CA TYR G 526 33.92 34.08 49.43
C TYR G 526 33.64 34.53 47.99
N THR G 527 32.64 35.40 47.80
CA THR G 527 32.28 35.90 46.48
C THR G 527 33.38 36.78 45.89
N THR G 528 33.96 37.67 46.70
CA THR G 528 35.02 38.57 46.23
C THR G 528 36.21 37.76 45.74
N ARG G 529 36.63 36.74 46.50
CA ARG G 529 37.74 35.88 46.12
C ARG G 529 37.41 35.14 44.81
N MET G 530 36.18 34.61 44.71
CA MET G 530 35.70 33.90 43.52
C MET G 530 35.60 34.81 42.30
N MET G 531 35.02 36.01 42.47
CA MET G 531 34.84 36.97 41.39
C MET G 531 36.16 37.38 40.75
N LYS G 532 37.28 37.34 41.49
CA LYS G 532 38.57 37.72 40.93
C LYS G 532 38.92 36.77 39.78
N ASP G 533 38.70 35.47 39.99
CA ASP G 533 38.94 34.46 38.97
C ASP G 533 37.89 34.51 37.84
N LEU G 534 36.60 34.61 38.20
CA LEU G 534 35.55 34.62 37.18
C LEU G 534 35.61 35.84 36.27
N GLU G 535 35.88 37.04 36.82
CA GLU G 535 35.97 38.25 35.99
CA GLU G 535 35.97 38.24 35.98
C GLU G 535 37.11 38.08 34.96
N TRP G 536 38.20 37.41 35.37
CA TRP G 536 39.33 37.18 34.46
C TRP G 536 38.87 36.28 33.30
N LYS G 537 38.10 35.23 33.61
CA LYS G 537 37.60 34.31 32.58
C LYS G 537 36.69 35.07 31.62
N PHE G 538 35.86 35.98 32.13
CA PHE G 538 34.98 36.76 31.28
C PHE G 538 35.74 37.79 30.43
N ARG G 539 36.84 38.32 30.96
CA ARG G 539 37.65 39.30 30.24
C ARG G 539 38.43 38.68 29.10
N LYS G 540 38.96 37.46 29.29
CA LYS G 540 39.80 36.83 28.29
C LYS G 540 39.26 35.65 27.50
N TYR G 541 38.47 34.77 28.12
CA TYR G 541 38.04 33.54 27.44
C TYR G 541 36.57 33.47 27.01
N TYR G 542 35.62 34.00 27.79
CA TYR G 542 34.22 33.94 27.39
C TYR G 542 33.97 34.82 26.18
N SER G 543 32.98 34.46 25.36
CA SER G 543 32.61 35.20 24.16
C SER G 543 31.44 36.18 24.39
N VAL G 544 30.99 36.32 25.65
CA VAL G 544 29.91 37.25 26.03
C VAL G 544 30.35 38.07 27.24
N LYS G 545 29.72 39.23 27.45
CA LYS G 545 30.02 40.12 28.56
C LYS G 545 29.31 39.63 29.80
N MET G 546 29.99 39.68 30.94
CA MET G 546 29.39 39.24 32.23
C MET G 546 28.06 39.98 32.48
N ALA G 547 27.98 41.26 32.12
CA ALA G 547 26.77 42.04 32.36
C ALA G 547 25.55 41.55 31.57
N ASN G 548 25.77 40.74 30.52
CA ASN G 548 24.69 40.18 29.70
C ASN G 548 24.53 38.67 29.93
N TYR G 549 25.31 38.11 30.87
CA TYR G 549 25.33 36.64 31.10
C TYR G 549 24.17 36.14 31.96
N MET G 550 23.95 36.74 33.13
CA MET G 550 22.94 36.24 34.06
C MET G 550 21.52 36.38 33.53
N VAL G 551 20.66 35.41 33.86
CA VAL G 551 19.27 35.45 33.42
C VAL G 551 18.56 36.59 34.17
N GLN G 552 17.82 37.41 33.43
CA GLN G 552 17.10 38.57 33.97
C GLN G 552 15.70 38.19 34.46
N ASP G 553 15.10 39.05 35.29
CA ASP G 553 13.76 38.82 35.85
C ASP G 553 12.68 38.68 34.78
N GLU G 554 12.89 39.27 33.60
CA GLU G 554 11.91 39.20 32.52
C GLU G 554 11.66 37.76 32.03
N TYR G 555 12.61 36.84 32.26
CA TYR G 555 12.48 35.45 31.86
C TYR G 555 11.91 34.56 32.96
N VAL G 556 11.67 35.10 34.17
CA VAL G 556 11.11 34.36 35.30
C VAL G 556 10.02 35.26 35.87
N GLN G 557 8.86 35.27 35.21
CA GLN G 557 7.76 36.15 35.60
C GLN G 557 6.93 35.68 36.79
N HIS G 558 6.99 34.39 37.14
CA HIS G 558 6.23 33.88 38.27
C HIS G 558 7.13 33.01 39.11
N PRO G 559 8.07 33.62 39.85
CA PRO G 559 9.02 32.81 40.63
C PRO G 559 8.60 32.42 42.04
N VAL G 560 9.22 31.35 42.53
CA VAL G 560 9.07 30.88 43.89
C VAL G 560 10.53 30.73 44.30
N VAL G 561 11.06 31.77 44.95
CA VAL G 561 12.47 31.81 45.33
C VAL G 561 12.70 31.15 46.68
N LEU G 562 13.49 30.07 46.69
CA LEU G 562 13.81 29.37 47.92
C LEU G 562 15.08 30.01 48.47
N GLU G 563 15.14 30.23 49.79
CA GLU G 563 16.32 30.84 50.40
C GLU G 563 17.20 29.76 50.97
N ALA G 564 18.50 29.87 50.73
CA ALA G 564 19.49 28.89 51.21
C ALA G 564 20.84 29.63 51.35
N GLY G 565 21.89 28.94 51.80
CA GLY G 565 23.20 29.57 51.94
C GLY G 565 23.95 29.11 53.16
N VAL G 566 25.13 29.68 53.36
CA VAL G 566 25.99 29.35 54.49
C VAL G 566 25.30 29.75 55.80
N ASN G 567 25.43 28.91 56.83
CA ASN G 567 24.80 29.15 58.13
C ASN G 567 25.32 30.44 58.78
N VAL H 2 25.96 60.48 28.76
CA VAL H 2 25.49 59.21 29.29
C VAL H 2 25.98 58.05 28.41
N GLU H 3 26.75 57.12 28.98
CA GLU H 3 27.30 55.99 28.24
C GLU H 3 26.59 54.70 28.65
N ILE H 4 26.08 53.96 27.66
CA ILE H 4 25.40 52.70 27.94
C ILE H 4 26.37 51.58 27.56
N THR H 5 26.81 50.81 28.57
CA THR H 5 27.77 49.73 28.36
C THR H 5 27.07 48.40 28.10
N ASP H 6 27.81 47.42 27.54
CA ASP H 6 27.29 46.09 27.27
C ASP H 6 26.10 46.11 26.31
N ALA H 7 26.05 47.08 25.40
CA ALA H 7 24.98 47.18 24.41
C ALA H 7 25.20 46.09 23.35
N ILE H 8 24.13 45.68 22.68
CA ILE H 8 24.22 44.60 21.69
C ILE H 8 23.92 45.08 20.28
N CYS H 9 24.77 44.71 19.31
CA CYS H 9 24.57 45.08 17.92
C CYS H 9 23.33 44.40 17.38
N SER H 10 22.63 45.07 16.48
CA SER H 10 21.42 44.53 15.89
C SER H 10 21.58 44.39 14.37
N PHE H 11 22.76 44.01 13.89
CA PHE H 11 22.94 43.82 12.42
C PHE H 11 23.23 42.36 12.03
N CYS H 12 24.38 41.81 12.42
CA CYS H 12 24.73 40.45 11.93
C CYS H 12 24.64 39.37 13.03
N GLY H 13 24.71 38.10 12.64
CA GLY H 13 24.65 36.94 13.54
C GLY H 13 25.77 36.87 14.55
N SER H 14 26.82 37.70 14.41
CA SER H 14 27.89 37.72 15.40
C SER H 14 27.32 38.26 16.72
N LEU H 15 26.23 39.07 16.66
CA LEU H 15 25.55 39.64 17.83
C LEU H 15 26.53 40.13 18.90
N CYS H 16 27.44 41.01 18.50
CA CYS H 16 28.45 41.56 19.40
C CYS H 16 27.77 42.27 20.57
N ASP H 17 28.06 41.83 21.80
CA ASP H 17 27.43 42.38 22.99
C ASP H 17 28.37 43.24 23.86
N ASP H 18 29.48 43.73 23.29
CA ASP H 18 30.44 44.54 24.03
C ASP H 18 30.47 46.00 23.56
N LEU H 19 29.37 46.50 22.97
CA LEU H 19 29.36 47.88 22.50
C LEU H 19 29.03 48.84 23.62
N THR H 20 29.58 50.05 23.53
CA THR H 20 29.27 51.11 24.49
C THR H 20 28.74 52.22 23.61
N VAL H 21 27.60 52.77 23.99
CA VAL H 21 26.96 53.80 23.20
C VAL H 21 26.82 55.10 23.98
N LYS H 22 27.26 56.21 23.37
CA LYS H 22 27.18 57.53 23.99
C LYS H 22 25.88 58.18 23.53
N VAL H 23 25.03 58.56 24.47
CA VAL H 23 23.73 59.17 24.16
C VAL H 23 23.67 60.59 24.74
N GLU H 24 23.35 61.57 23.90
CA GLU H 24 23.22 62.97 24.34
C GLU H 24 21.92 63.53 23.76
N ASP H 25 21.02 64.02 24.63
CA ASP H 25 19.73 64.56 24.21
C ASP H 25 18.93 63.51 23.42
N ASN H 26 18.92 62.28 23.93
CA ASN H 26 18.21 61.15 23.32
C ASN H 26 18.65 60.85 21.90
N ARG H 27 19.90 61.10 21.59
CA ARG H 27 20.44 60.84 20.27
C ARG H 27 21.76 60.10 20.44
N ILE H 28 21.98 59.07 19.63
CA ILE H 28 23.24 58.32 19.72
C ILE H 28 24.32 59.14 19.03
N VAL H 29 25.37 59.47 19.77
CA VAL H 29 26.49 60.27 19.27
C VAL H 29 27.65 59.38 18.83
N ASP H 30 28.09 58.44 19.69
CA ASP H 30 29.22 57.56 19.39
C ASP H 30 28.87 56.10 19.70
N VAL H 31 29.47 55.17 18.93
CA VAL H 31 29.27 53.74 19.11
C VAL H 31 30.67 53.13 19.20
N ARG H 32 31.00 52.54 20.34
CA ARG H 32 32.31 51.95 20.56
C ARG H 32 32.43 50.51 20.11
N ARG H 33 33.56 50.19 19.46
CA ARG H 33 33.91 48.85 18.99
C ARG H 33 33.01 48.27 17.89
N ALA H 34 31.89 48.92 17.54
CA ALA H 34 31.03 48.38 16.47
C ALA H 34 31.70 48.54 15.12
N CYS H 35 31.51 47.58 14.21
CA CYS H 35 32.09 47.68 12.87
C CYS H 35 31.26 48.69 12.06
N ARG H 36 31.65 48.98 10.81
CA ARG H 36 30.90 49.93 9.97
C ARG H 36 29.44 49.55 9.83
N LEU H 37 29.15 48.27 9.64
CA LEU H 37 27.79 47.81 9.46
C LEU H 37 26.93 48.08 10.70
N GLY H 38 27.47 47.81 11.88
CA GLY H 38 26.76 48.03 13.13
C GLY H 38 26.63 49.49 13.47
N ALA H 39 27.71 50.25 13.29
CA ALA H 39 27.72 51.68 13.59
C ALA H 39 26.70 52.41 12.74
N LYS H 40 26.59 52.06 11.44
CA LYS H 40 25.63 52.73 10.57
C LYS H 40 24.20 52.47 10.99
N LYS H 41 23.90 51.24 11.40
CA LYS H 41 22.55 50.89 11.83
C LYS H 41 22.22 51.61 13.14
N ILE H 42 23.13 51.55 14.11
CA ILE H 42 22.90 52.18 15.41
C ILE H 42 22.84 53.71 15.29
N LEU H 43 23.64 54.31 14.41
CA LEU H 43 23.60 55.77 14.25
C LEU H 43 22.32 56.25 13.55
N GLY H 44 21.66 55.35 12.81
CA GLY H 44 20.39 55.65 12.16
C GLY H 44 20.44 56.38 10.84
N HIS H 45 19.29 56.43 10.16
CA HIS H 45 19.08 57.08 8.87
C HIS H 45 17.71 57.83 8.93
N GLU H 46 17.25 58.40 7.80
CA GLU H 46 15.96 59.08 7.79
C GLU H 46 14.87 58.02 7.88
N ARG H 47 14.04 58.09 8.95
CA ARG H 47 12.96 57.13 9.22
C ARG H 47 11.64 57.47 8.54
N ILE H 48 10.70 56.49 8.52
CA ILE H 48 9.33 56.73 8.05
C ILE H 48 8.71 57.55 9.19
N PRO H 49 8.25 58.79 8.92
CA PRO H 49 7.73 59.65 9.97
C PRO H 49 6.42 59.15 10.61
N ALA H 50 5.52 58.63 9.79
CA ALA H 50 4.21 58.21 10.33
C ALA H 50 3.61 57.05 9.53
N PRO H 51 2.54 56.40 10.06
CA PRO H 51 1.85 55.35 9.32
C PRO H 51 1.27 55.89 8.01
N MET H 52 1.01 55.01 7.04
CA MET H 52 0.45 55.43 5.76
C MET H 52 -0.39 54.32 5.15
N ILE H 53 -1.40 54.72 4.37
CA ILE H 53 -2.26 53.79 3.66
C ILE H 53 -2.34 54.29 2.22
N ARG H 54 -2.22 53.38 1.24
CA ARG H 54 -2.29 53.76 -0.17
C ARG H 54 -3.77 53.93 -0.53
N ASP H 55 -4.11 55.04 -1.20
CA ASP H 55 -5.50 55.30 -1.59
C ASP H 55 -5.73 54.93 -3.06
N GLY H 56 -6.93 55.18 -3.58
CA GLY H 56 -7.26 54.88 -4.98
C GLY H 56 -6.30 55.54 -5.96
N SER H 57 -5.83 56.75 -5.62
CA SER H 57 -4.85 57.47 -6.44
C SER H 57 -3.56 56.66 -6.68
N GLY H 58 -3.30 55.69 -5.80
CA GLY H 58 -2.10 54.86 -5.87
C GLY H 58 -0.93 55.50 -5.14
N GLU H 59 -1.22 56.47 -4.24
CA GLU H 59 -0.20 57.17 -3.48
C GLU H 59 -0.37 56.91 -1.99
N LEU H 60 0.72 56.94 -1.24
CA LEU H 60 0.71 56.68 0.20
C LEU H 60 0.37 57.94 0.99
N VAL H 61 -0.84 58.00 1.54
CA VAL H 61 -1.29 59.15 2.33
C VAL H 61 -1.11 58.81 3.81
N GLU H 62 -0.73 59.80 4.63
CA GLU H 62 -0.53 59.60 6.06
C GLU H 62 -1.82 59.14 6.72
N ALA H 63 -1.69 58.29 7.73
CA ALA H 63 -2.84 57.76 8.46
C ALA H 63 -2.46 57.54 9.93
N SER H 64 -3.44 57.42 10.80
CA SER H 64 -3.18 57.19 12.21
C SER H 64 -2.71 55.73 12.41
N TYR H 65 -2.10 55.41 13.56
CA TYR H 65 -1.66 54.05 13.83
C TYR H 65 -2.87 53.11 13.88
N ASP H 66 -4.00 53.58 14.45
CA ASP H 66 -5.21 52.78 14.54
C ASP H 66 -5.80 52.52 13.14
N GLU H 67 -5.82 53.52 12.26
CA GLU H 67 -6.31 53.34 10.89
C GLU H 67 -5.46 52.31 10.13
N ALA H 68 -4.14 52.44 10.22
CA ALA H 68 -3.22 51.53 9.55
C ALA H 68 -3.35 50.11 10.11
N ILE H 69 -3.39 49.97 11.45
CA ILE H 69 -3.50 48.65 12.08
C ILE H 69 -4.86 48.02 11.74
N ASP H 70 -5.92 48.83 11.77
CA ASP H 70 -7.27 48.36 11.39
C ASP H 70 -7.25 47.83 9.95
N ARG H 71 -6.62 48.57 9.05
CA ARG H 71 -6.56 48.15 7.65
C ARG H 71 -5.76 46.86 7.52
N ALA H 72 -4.68 46.72 8.29
CA ALA H 72 -3.85 45.51 8.25
C ALA H 72 -4.66 44.32 8.78
N ALA H 73 -5.39 44.51 9.89
CA ALA H 73 -6.19 43.45 10.47
C ALA H 73 -7.28 43.00 9.49
N GLU H 74 -7.93 43.95 8.82
CA GLU H 74 -8.99 43.63 7.85
C GLU H 74 -8.40 42.85 6.68
N ILE H 75 -7.24 43.25 6.19
CA ILE H 75 -6.58 42.57 5.07
C ILE H 75 -6.26 41.12 5.45
N LEU H 76 -5.61 40.94 6.60
CA LEU H 76 -5.18 39.61 7.05
C LEU H 76 -6.33 38.68 7.45
N ALA H 77 -7.31 39.20 8.18
CA ALA H 77 -8.46 38.38 8.63
C ALA H 77 -9.31 37.98 7.42
N GLY H 78 -9.30 38.79 6.36
CA GLY H 78 -10.14 38.51 5.18
C GLY H 78 -9.41 37.66 4.15
N SER H 79 -8.24 37.12 4.52
CA SER H 79 -7.45 36.35 3.52
C SER H 79 -7.53 34.84 3.75
N LYS H 80 -7.38 34.06 2.68
CA LYS H 80 -7.38 32.61 2.72
C LYS H 80 -5.94 32.02 2.67
N ARG H 81 -4.98 32.80 2.15
CA ARG H 81 -3.59 32.37 2.08
C ARG H 81 -2.68 33.55 2.45
N PRO H 82 -2.77 34.05 3.69
CA PRO H 82 -1.92 35.16 4.09
C PRO H 82 -0.49 34.70 4.40
N LEU H 83 0.51 35.49 3.99
CA LEU H 83 1.92 35.19 4.23
C LEU H 83 2.51 36.27 5.12
N LEU H 84 3.19 35.87 6.21
CA LEU H 84 3.84 36.81 7.11
C LEU H 84 5.33 36.50 7.01
N TYR H 85 6.09 37.35 6.29
CA TYR H 85 7.52 37.13 6.07
C TYR H 85 8.42 38.22 6.69
N GLY H 86 9.67 37.83 6.96
CA GLY H 86 10.70 38.69 7.52
C GLY H 86 11.13 38.14 8.86
N TRP H 87 10.80 38.87 9.94
CA TRP H 87 11.04 38.47 11.33
C TRP H 87 12.48 38.42 11.80
N ALA H 88 13.43 38.11 10.91
CA ALA H 88 14.84 37.97 11.26
C ALA H 88 15.45 39.22 11.90
N SER H 89 14.88 40.41 11.67
CA SER H 89 15.44 41.64 12.25
C SER H 89 14.58 42.21 13.40
N THR H 90 13.73 41.38 14.03
CA THR H 90 12.95 41.82 15.19
C THR H 90 13.24 40.84 16.35
N SER H 91 12.70 41.11 17.55
CA SER H 91 12.94 40.29 18.74
C SER H 91 12.12 39.00 18.76
N CYS H 92 12.52 38.06 19.64
CA CYS H 92 11.83 36.80 19.82
C CYS H 92 10.42 37.03 20.37
N GLU H 93 10.24 38.07 21.20
CA GLU H 93 8.93 38.41 21.77
C GLU H 93 7.98 38.80 20.64
N ALA H 94 8.47 39.56 19.65
CA ALA H 94 7.65 39.95 18.51
C ALA H 94 7.43 38.74 17.60
N GLN H 95 8.45 37.88 17.42
CA GLN H 95 8.33 36.68 16.60
C GLN H 95 7.23 35.77 17.18
N SER H 96 7.18 35.64 18.52
CA SER H 96 6.16 34.84 19.19
C SER H 96 4.76 35.37 18.85
N LYS H 97 4.60 36.71 18.81
CA LYS H 97 3.30 37.32 18.47
C LYS H 97 2.95 37.09 17.00
N GLY H 98 3.96 37.03 16.14
CA GLY H 98 3.75 36.75 14.72
C GLY H 98 3.25 35.32 14.55
N ILE H 99 3.78 34.39 15.36
CA ILE H 99 3.36 32.98 15.30
C ILE H 99 1.92 32.87 15.79
N LEU H 100 1.55 33.60 16.85
CA LEU H 100 0.18 33.59 17.35
C LEU H 100 -0.75 34.20 16.30
N LEU H 101 -0.33 35.29 15.64
CA LEU H 101 -1.16 35.93 14.62
C LEU H 101 -1.36 34.97 13.44
N ALA H 102 -0.29 34.26 13.03
CA ALA H 102 -0.37 33.29 11.94
C ALA H 102 -1.41 32.21 12.26
N GLU H 103 -1.47 31.79 13.51
CA GLU H 103 -2.43 30.77 13.94
C GLU H 103 -3.86 31.28 13.85
N ILE H 104 -4.12 32.50 14.33
CA ILE H 104 -5.48 33.05 14.30
C ILE H 104 -5.97 33.28 12.87
N ILE H 105 -5.10 33.78 11.98
CA ILE H 105 -5.51 34.02 10.58
C ILE H 105 -5.33 32.81 9.66
N GLY H 106 -4.78 31.71 10.16
CA GLY H 106 -4.53 30.51 9.36
C GLY H 106 -3.56 30.80 8.23
N GLY H 107 -2.47 31.49 8.56
CA GLY H 107 -1.48 31.87 7.56
C GLY H 107 -0.17 31.14 7.60
N VAL H 108 0.71 31.52 6.68
CA VAL H 108 2.05 30.96 6.58
C VAL H 108 3.01 31.99 7.14
N ILE H 109 3.85 31.59 8.08
CA ILE H 109 4.83 32.51 8.66
C ILE H 109 6.20 31.99 8.25
N ASP H 110 6.96 32.80 7.49
CA ASP H 110 8.27 32.41 7.01
C ASP H 110 9.35 33.41 7.41
N ASN H 111 10.52 32.89 7.77
CA ASN H 111 11.68 33.68 8.17
C ASN H 111 12.55 33.98 6.95
N THR H 112 13.59 34.81 7.10
CA THR H 112 14.51 35.06 5.97
C THR H 112 15.33 33.76 5.72
N ALA H 113 15.24 32.76 6.61
CA ALA H 113 15.94 31.48 6.49
C ALA H 113 15.62 30.79 5.18
N SER H 114 14.39 30.93 4.66
CA SER H 114 14.02 30.29 3.38
C SER H 114 14.99 30.66 2.24
N VAL H 115 15.53 31.90 2.27
CA VAL H 115 16.47 32.40 1.25
C VAL H 115 17.90 32.48 1.79
N CYS H 116 18.17 31.88 2.96
CA CYS H 116 19.47 31.94 3.59
C CYS H 116 19.96 30.57 4.13
N HIS H 117 19.83 30.27 5.44
CA HIS H 117 20.32 28.99 5.97
C HIS H 117 19.22 27.93 6.12
N GLY H 118 18.11 28.10 5.42
CA GLY H 118 17.01 27.13 5.41
C GLY H 118 17.56 25.79 4.93
N PRO H 119 18.33 25.76 3.83
CA PRO H 119 18.96 24.50 3.39
C PRO H 119 19.85 23.88 4.48
N SER H 120 20.48 24.71 5.34
CA SER H 120 21.30 24.19 6.43
C SER H 120 20.42 23.44 7.41
N THR H 121 19.25 24.00 7.74
CA THR H 121 18.32 23.35 8.65
C THR H 121 17.85 22.04 8.02
N LEU H 122 17.56 22.03 6.72
CA LEU H 122 17.15 20.82 6.02
C LEU H 122 18.26 19.75 6.14
N ALA H 123 19.52 20.16 6.03
CA ALA H 123 20.65 19.23 6.16
C ALA H 123 20.78 18.73 7.60
N VAL H 124 20.56 19.61 8.58
CA VAL H 124 20.62 19.26 10.00
C VAL H 124 19.49 18.26 10.32
N GLN H 125 18.36 18.37 9.66
CA GLN H 125 17.24 17.45 9.85
C GLN H 125 17.55 16.07 9.26
N GLU H 126 18.62 15.96 8.47
CA GLU H 126 19.04 14.70 7.86
C GLU H 126 20.18 14.08 8.67
N LYS H 127 21.12 14.90 9.16
CA LYS H 127 22.30 14.39 9.85
C LYS H 127 22.59 14.87 11.28
N GLY H 128 21.99 15.98 11.69
CA GLY H 128 22.28 16.55 12.99
C GLY H 128 23.42 17.54 12.85
N LEU H 129 23.50 18.53 13.75
CA LEU H 129 24.55 19.55 13.65
C LEU H 129 25.66 19.43 14.69
N PRO H 130 26.90 19.00 14.33
CA PRO H 130 28.00 18.97 15.29
C PRO H 130 28.63 20.36 15.48
N THR H 131 28.11 21.17 16.42
CA THR H 131 28.64 22.52 16.60
C THR H 131 29.17 22.79 18.04
N ALA H 132 29.47 24.07 18.33
CA ALA H 132 29.97 24.53 19.62
C ALA H 132 29.70 26.03 19.75
N SER H 133 29.65 26.54 20.98
CA SER H 133 29.46 27.98 21.20
C SER H 133 30.75 28.67 20.70
N LEU H 134 30.65 29.90 20.18
CA LEU H 134 31.80 30.60 19.61
C LEU H 134 33.03 30.70 20.51
N GLY H 135 32.84 30.68 21.82
CA GLY H 135 33.96 30.73 22.76
C GLY H 135 34.81 29.48 22.72
N GLN H 136 34.23 28.34 22.32
CA GLN H 136 34.97 27.09 22.24
C GLN H 136 36.04 27.18 21.16
N MET H 137 35.67 27.66 19.96
CA MET H 137 36.63 27.79 18.88
C MET H 137 37.64 28.90 19.19
N LYS H 138 37.20 29.97 19.86
CA LYS H 138 38.08 31.06 20.25
C LYS H 138 39.21 30.56 21.15
N ASN H 139 38.88 29.66 22.08
CA ASN H 139 39.86 29.14 23.01
C ASN H 139 40.63 27.89 22.55
N ARG H 140 40.19 27.20 21.50
CA ARG H 140 40.85 25.91 21.14
C ARG H 140 41.11 25.66 19.64
N ALA H 141 40.53 26.43 18.73
CA ALA H 141 40.65 26.11 17.28
C ALA H 141 42.01 26.47 16.68
N ASP H 142 42.78 25.46 16.29
CA ASP H 142 44.07 25.70 15.59
C ASP H 142 43.86 25.59 14.07
N LEU H 143 42.69 25.10 13.63
CA LEU H 143 42.38 25.01 12.21
C LEU H 143 40.98 25.58 12.03
N VAL H 144 40.83 26.59 11.16
CA VAL H 144 39.55 27.22 10.90
C VAL H 144 39.38 27.32 9.40
N ILE H 145 38.30 26.74 8.84
CA ILE H 145 38.07 26.81 7.40
C ILE H 145 36.83 27.65 7.13
N PHE H 146 36.98 28.71 6.33
CA PHE H 146 35.84 29.55 5.94
C PHE H 146 35.41 29.01 4.58
N TRP H 147 34.34 28.21 4.57
CA TRP H 147 33.84 27.56 3.33
C TRP H 147 32.61 28.28 2.78
N GLY H 148 32.76 28.99 1.67
CA GLY H 148 31.62 29.68 1.07
C GLY H 148 31.08 30.81 1.90
N CYS H 149 31.95 31.50 2.64
CA CYS H 149 31.56 32.66 3.43
C CYS H 149 32.68 33.70 3.36
N ASN H 150 32.30 34.98 3.32
CA ASN H 150 33.24 36.10 3.24
C ASN H 150 33.11 36.95 4.51
N PRO H 151 33.55 36.44 5.68
CA PRO H 151 33.41 37.21 6.93
C PRO H 151 34.03 38.62 6.94
N VAL H 152 35.04 38.87 6.10
CA VAL H 152 35.66 40.20 6.06
C VAL H 152 34.60 41.26 5.68
N HIS H 153 33.63 40.89 4.83
CA HIS H 153 32.58 41.80 4.40
C HIS H 153 31.23 41.54 5.06
N ALA H 154 30.93 40.28 5.46
CA ALA H 154 29.63 39.92 6.05
C ALA H 154 29.57 39.83 7.58
N HIS H 155 30.65 39.44 8.26
CA HIS H 155 30.68 39.37 9.73
C HIS H 155 32.02 40.00 10.10
N PRO H 156 32.13 41.34 9.92
CA PRO H 156 33.42 42.01 10.10
C PRO H 156 34.22 41.75 11.38
N ARG H 157 33.56 41.64 12.55
CA ARG H 157 34.30 41.41 13.79
C ARG H 157 34.42 39.95 14.19
N HIS H 158 33.93 39.01 13.37
CA HIS H 158 34.01 37.58 13.71
C HIS H 158 35.46 37.14 13.93
N MET H 159 36.35 37.52 13.01
CA MET H 159 37.75 37.15 13.10
C MET H 159 38.43 37.75 14.34
N SER H 160 38.16 39.02 14.65
CA SER H 160 38.78 39.67 15.80
C SER H 160 38.17 39.27 17.13
N ARG H 161 36.90 38.82 17.15
CA ARG H 161 36.22 38.46 18.40
C ARG H 161 36.21 36.97 18.71
N TYR H 162 36.13 36.08 17.70
CA TYR H 162 36.03 34.65 17.99
C TYR H 162 36.85 33.68 17.14
N SER H 163 37.07 33.98 15.87
CA SER H 163 37.65 32.95 14.94
C SER H 163 39.17 32.94 14.71
N VAL H 164 39.87 34.08 14.83
CA VAL H 164 41.32 34.05 14.44
C VAL H 164 42.27 34.85 15.34
N TYR H 165 42.12 36.17 15.38
CA TYR H 165 43.10 37.00 16.07
C TYR H 165 43.05 37.03 17.59
N LYS H 166 42.01 36.43 18.19
CA LYS H 166 41.89 36.43 19.63
C LYS H 166 42.79 35.37 20.27
N LYS H 167 43.33 35.68 21.45
CA LYS H 167 44.17 34.73 22.17
C LYS H 167 43.22 33.89 23.02
N GLY H 168 43.46 32.59 23.05
CA GLY H 168 42.63 31.66 23.80
C GLY H 168 43.36 31.02 24.96
N PHE H 169 42.62 30.31 25.82
CA PHE H 169 43.23 29.64 26.96
C PHE H 169 44.26 28.60 26.49
N PHE H 170 43.99 27.94 25.35
CA PHE H 170 44.90 26.95 24.78
C PHE H 170 45.67 27.50 23.57
N LEU H 171 45.57 28.81 23.28
CA LEU H 171 46.25 29.47 22.16
C LEU H 171 46.77 30.82 22.68
N ASP H 172 47.90 30.80 23.40
CA ASP H 172 48.50 31.99 24.03
C ASP H 172 48.95 33.13 23.09
N ARG H 173 49.00 32.92 21.78
CA ARG H 173 49.45 33.94 20.84
C ARG H 173 48.34 34.48 19.96
N GLY H 174 47.39 33.63 19.60
CA GLY H 174 46.27 34.03 18.75
C GLY H 174 46.41 33.50 17.35
N ARG H 175 46.41 34.39 16.35
CA ARG H 175 46.50 34.03 14.94
C ARG H 175 47.70 33.13 14.63
N GLN H 176 48.83 33.36 15.28
CA GLN H 176 50.03 32.54 15.04
C GLN H 176 49.85 31.10 15.52
N ASN H 177 48.91 30.84 16.46
CA ASN H 177 48.63 29.48 16.92
C ASN H 177 47.62 28.76 16.01
N ARG H 178 47.09 29.44 14.99
CA ARG H 178 46.09 28.85 14.11
C ARG H 178 46.47 28.93 12.65
N LYS H 179 45.81 28.10 11.87
CA LYS H 179 45.94 28.05 10.42
C LYS H 179 44.52 28.18 9.91
N PHE H 180 44.27 29.23 9.14
CA PHE H 180 42.92 29.42 8.57
C PHE H 180 42.94 29.25 7.04
N VAL H 181 41.91 28.60 6.53
CA VAL H 181 41.80 28.31 5.11
C VAL H 181 40.47 28.86 4.58
N THR H 182 40.42 29.22 3.31
CA THR H 182 39.17 29.69 2.71
C THR H 182 38.91 28.87 1.44
N VAL H 183 37.67 28.41 1.26
CA VAL H 183 37.27 27.67 0.07
C VAL H 183 36.23 28.55 -0.61
N ASP H 184 36.52 29.02 -1.82
CA ASP H 184 35.60 29.89 -2.54
C ASP H 184 35.85 29.75 -4.04
N VAL H 185 34.99 30.37 -4.85
CA VAL H 185 35.12 30.35 -6.30
C VAL H 185 35.88 31.58 -6.82
N ARG H 186 36.10 32.59 -5.97
CA ARG H 186 36.82 33.80 -6.33
C ARG H 186 37.71 34.17 -5.14
N MET H 187 38.83 34.86 -5.42
CA MET H 187 39.73 35.28 -4.36
C MET H 187 39.14 36.49 -3.63
N THR H 188 38.45 36.25 -2.51
CA THR H 188 37.82 37.29 -1.70
C THR H 188 38.87 37.91 -0.75
N ASP H 189 38.50 38.98 -0.02
CA ASP H 189 39.41 39.58 0.94
C ASP H 189 39.65 38.60 2.10
N THR H 190 38.69 37.69 2.38
CA THR H 190 38.86 36.68 3.41
C THR H 190 39.97 35.71 2.96
N ALA H 191 39.92 35.30 1.68
CA ALA H 191 40.88 34.38 1.09
C ALA H 191 42.29 34.96 1.00
N ALA H 192 42.42 36.24 0.65
CA ALA H 192 43.71 36.91 0.52
C ALA H 192 44.57 36.86 1.78
N ILE H 193 43.93 36.97 2.95
CA ILE H 193 44.65 36.97 4.24
C ILE H 193 44.82 35.59 4.87
N SER H 194 44.27 34.54 4.25
CA SER H 194 44.33 33.20 4.80
C SER H 194 45.68 32.51 4.59
N ASP H 195 45.93 31.44 5.38
CA ASP H 195 47.13 30.62 5.23
C ASP H 195 47.06 29.93 3.87
N GLU H 196 45.83 29.60 3.47
CA GLU H 196 45.65 28.92 2.17
C GLU H 196 44.28 29.25 1.57
N PHE H 197 44.24 29.27 0.25
CA PHE H 197 43.00 29.54 -0.46
C PHE H 197 42.81 28.44 -1.48
N ILE H 198 41.74 27.69 -1.35
CA ILE H 198 41.47 26.62 -2.30
C ILE H 198 40.36 27.16 -3.19
N GLN H 199 40.72 27.54 -4.42
CA GLN H 199 39.75 28.04 -5.38
C GLN H 199 39.13 26.81 -6.05
N ILE H 200 37.80 26.65 -5.96
CA ILE H 200 37.12 25.49 -6.56
C ILE H 200 36.19 25.97 -7.70
N GLU H 201 35.63 25.04 -8.47
CA GLU H 201 34.70 25.39 -9.54
C GLU H 201 33.37 25.70 -8.87
N GLN H 202 32.62 26.66 -9.41
CA GLN H 202 31.34 27.03 -8.82
C GLN H 202 30.34 25.89 -8.96
N GLY H 203 29.60 25.62 -7.88
CA GLY H 203 28.63 24.54 -7.80
C GLY H 203 29.23 23.16 -7.73
N SER H 204 30.52 23.04 -7.32
CA SER H 204 31.21 21.74 -7.24
C SER H 204 31.45 21.28 -5.79
N ASP H 205 30.97 22.04 -4.79
CA ASP H 205 31.22 21.71 -3.39
C ASP H 205 30.81 20.29 -2.98
N TYR H 206 29.66 19.78 -3.42
CA TYR H 206 29.23 18.44 -3.03
C TYR H 206 30.25 17.38 -3.48
N LEU H 207 30.82 17.54 -4.68
CA LEU H 207 31.81 16.59 -5.20
C LEU H 207 33.14 16.72 -4.44
N ILE H 208 33.55 17.96 -4.14
CA ILE H 208 34.79 18.19 -3.43
C ILE H 208 34.71 17.62 -2.01
N VAL H 209 33.62 17.90 -1.30
CA VAL H 209 33.45 17.40 0.06
C VAL H 209 33.31 15.86 0.04
N SER H 210 32.60 15.30 -0.96
CA SER H 210 32.46 13.84 -1.06
C SER H 210 33.82 13.16 -1.23
N ALA H 211 34.70 13.75 -2.05
CA ALA H 211 36.03 13.20 -2.28
C ALA H 211 36.91 13.35 -1.04
N ILE H 212 36.85 14.53 -0.36
CA ILE H 212 37.64 14.76 0.86
C ILE H 212 37.22 13.73 1.92
N ARG H 213 35.89 13.51 2.07
CA ARG H 213 35.39 12.55 3.05
C ARG H 213 35.87 11.16 2.70
N ALA H 214 35.87 10.79 1.41
CA ALA H 214 36.37 9.48 0.98
C ALA H 214 37.82 9.31 1.40
N LEU H 215 38.63 10.36 1.24
CA LEU H 215 40.05 10.31 1.60
C LEU H 215 40.24 10.24 3.11
N VAL H 216 39.38 10.93 3.87
CA VAL H 216 39.46 10.91 5.33
C VAL H 216 39.15 9.48 5.83
N ASN H 217 38.17 8.81 5.19
CA ASN H 217 37.77 7.44 5.55
C ASN H 217 38.69 6.34 4.97
N GLY H 218 39.76 6.72 4.29
CA GLY H 218 40.70 5.77 3.71
C GLY H 218 40.18 5.05 2.49
N LYS H 219 39.32 5.73 1.71
CA LYS H 219 38.74 5.16 0.50
C LYS H 219 39.16 5.97 -0.74
N GLY H 220 40.40 6.46 -0.73
CA GLY H 220 40.92 7.26 -1.83
C GLY H 220 40.88 6.54 -3.16
N ASP H 221 40.88 5.20 -3.16
CA ASP H 221 40.86 4.42 -4.39
C ASP H 221 39.65 4.72 -5.27
N VAL H 222 38.53 5.15 -4.67
CA VAL H 222 37.33 5.48 -5.45
C VAL H 222 37.33 6.95 -5.92
N VAL H 223 38.32 7.76 -5.47
CA VAL H 223 38.41 9.16 -5.85
C VAL H 223 39.24 9.23 -7.14
N PRO H 224 38.73 9.85 -8.23
CA PRO H 224 39.53 9.95 -9.46
C PRO H 224 40.72 10.91 -9.33
N GLU H 225 41.60 10.94 -10.34
CA GLU H 225 42.77 11.81 -10.31
C GLU H 225 42.41 13.30 -10.24
N THR H 226 41.23 13.69 -10.77
CA THR H 226 40.78 15.08 -10.74
C THR H 226 39.29 15.10 -10.42
N VAL H 227 38.87 15.96 -9.48
CA VAL H 227 37.47 16.11 -9.11
C VAL H 227 37.11 17.55 -9.37
N ALA H 228 36.23 17.83 -10.36
CA ALA H 228 35.82 19.19 -10.69
C ALA H 228 37.03 20.16 -10.84
N GLY H 229 38.04 19.72 -11.60
CA GLY H 229 39.23 20.52 -11.84
C GLY H 229 40.27 20.53 -10.74
N VAL H 230 39.97 19.98 -9.56
CA VAL H 230 40.92 19.97 -8.44
C VAL H 230 41.71 18.66 -8.41
N PRO H 231 43.06 18.67 -8.42
CA PRO H 231 43.79 17.40 -8.37
C PRO H 231 43.52 16.61 -7.08
N LYS H 232 43.53 15.29 -7.18
CA LYS H 232 43.31 14.40 -6.04
C LYS H 232 44.36 14.65 -4.94
N GLU H 233 45.61 14.91 -5.34
CA GLU H 233 46.70 15.18 -4.39
C GLU H 233 46.40 16.42 -3.53
N GLU H 234 45.72 17.43 -4.10
CA GLU H 234 45.37 18.64 -3.36
C GLU H 234 44.29 18.28 -2.33
N LEU H 235 43.31 17.48 -2.73
CA LEU H 235 42.24 17.05 -1.83
C LEU H 235 42.81 16.20 -0.70
N ALA H 236 43.83 15.38 -0.99
CA ALA H 236 44.47 14.54 0.02
C ALA H 236 45.19 15.41 1.06
N ARG H 237 45.78 16.52 0.61
CA ARG H 237 46.48 17.45 1.50
C ARG H 237 45.48 18.17 2.41
N VAL H 238 44.29 18.50 1.89
CA VAL H 238 43.25 19.15 2.68
C VAL H 238 42.80 18.18 3.75
N ALA H 239 42.53 16.92 3.36
CA ALA H 239 42.11 15.88 4.29
C ALA H 239 43.16 15.66 5.39
N GLU H 240 44.45 15.58 5.01
CA GLU H 240 45.53 15.38 5.98
C GLU H 240 45.53 16.54 6.99
N MET H 241 45.32 17.75 6.49
CA MET H 241 45.28 18.97 7.28
C MET H 241 44.14 18.93 8.31
N MET H 242 42.98 18.43 7.89
CA MET H 242 41.80 18.30 8.76
C MET H 242 42.02 17.26 9.83
N THR H 243 42.63 16.12 9.48
CA THR H 243 42.87 15.05 10.43
C THR H 243 44.06 15.30 11.37
N SER H 244 45.03 16.16 10.97
CA SER H 244 46.21 16.42 11.79
C SER H 244 46.04 17.55 12.80
N CYS H 245 44.98 18.35 12.70
CA CYS H 245 44.76 19.45 13.65
C CYS H 245 44.28 18.87 14.99
N ARG H 246 44.38 19.66 16.06
N ARG H 246 44.38 19.65 16.06
CA ARG H 246 43.93 19.25 17.39
CA ARG H 246 43.92 19.23 17.39
C ARG H 246 42.46 19.63 17.58
C ARG H 246 42.45 19.61 17.56
N PHE H 247 42.03 20.77 17.03
CA PHE H 247 40.64 21.23 17.10
C PHE H 247 40.35 21.99 15.82
N GLY H 248 39.48 21.46 14.97
CA GLY H 248 39.12 22.08 13.72
C GLY H 248 37.70 22.63 13.75
N MET H 249 37.44 23.65 12.94
CA MET H 249 36.11 24.25 12.85
C MET H 249 35.86 24.69 11.42
N ILE H 250 34.69 24.38 10.87
CA ILE H 250 34.31 24.82 9.54
C ILE H 250 33.24 25.88 9.73
N LEU H 251 33.46 27.08 9.17
CA LEU H 251 32.49 28.16 9.23
C LEU H 251 32.05 28.32 7.80
N TYR H 252 30.79 28.01 7.51
CA TYR H 252 30.29 28.08 6.13
C TYR H 252 29.14 29.05 5.96
N GLY H 253 28.94 29.50 4.73
CA GLY H 253 27.88 30.45 4.43
C GLY H 253 27.09 30.19 3.17
N MET H 254 26.63 31.28 2.54
CA MET H 254 25.79 31.25 1.34
C MET H 254 26.39 30.48 0.16
N GLY H 255 27.71 30.30 0.16
CA GLY H 255 28.38 29.56 -0.91
C GLY H 255 27.93 28.11 -1.00
N LEU H 256 27.38 27.56 0.10
CA LEU H 256 26.89 26.18 0.12
C LEU H 256 25.36 26.13 0.08
N THR H 257 24.68 27.06 0.74
CA THR H 257 23.21 27.05 0.80
C THR H 257 22.53 27.51 -0.50
N GLN H 258 23.10 28.50 -1.20
CA GLN H 258 22.48 29.05 -2.41
C GLN H 258 23.08 28.54 -3.72
N SER H 259 24.17 27.76 -3.66
CA SER H 259 24.82 27.21 -4.85
C SER H 259 24.13 25.88 -5.24
N ARG H 260 24.53 25.28 -6.37
CA ARG H 260 23.94 24.02 -6.85
C ARG H 260 23.94 22.92 -5.79
N SER H 261 22.86 22.11 -5.74
CA SER H 261 22.67 20.99 -4.80
C SER H 261 22.03 21.44 -3.48
N LYS H 262 22.13 22.75 -3.17
CA LYS H 262 21.51 23.35 -2.00
C LYS H 262 21.85 22.62 -0.67
N TYR H 263 20.84 22.15 0.10
CA TYR H 263 21.05 21.48 1.39
C TYR H 263 21.96 20.27 1.32
N LYS H 264 22.05 19.63 0.14
CA LYS H 264 22.92 18.48 -0.01
C LYS H 264 24.39 18.84 0.22
N ASN H 265 24.78 20.11 -0.02
CA ASN H 265 26.15 20.56 0.21
C ASN H 265 26.49 20.58 1.70
N ILE H 266 25.50 20.93 2.56
CA ILE H 266 25.73 20.99 4.00
C ILE H 266 25.67 19.59 4.59
N ASP H 267 24.72 18.79 4.12
CA ASP H 267 24.50 17.38 4.50
C ASP H 267 25.81 16.57 4.41
N ILE H 268 26.53 16.70 3.29
CA ILE H 268 27.78 15.98 3.09
C ILE H 268 28.89 16.54 4.00
N ALA H 269 28.87 17.86 4.26
CA ALA H 269 29.84 18.50 5.15
C ALA H 269 29.58 18.05 6.60
N LEU H 270 28.31 17.82 6.97
CA LEU H 270 27.98 17.34 8.32
C LEU H 270 28.48 15.91 8.47
N SER H 271 28.40 15.10 7.41
CA SER H 271 28.91 13.74 7.44
C SER H 271 30.44 13.76 7.51
N LEU H 272 31.08 14.73 6.85
CA LEU H 272 32.53 14.86 6.90
C LEU H 272 32.96 15.20 8.34
N ILE H 273 32.25 16.11 9.00
CA ILE H 273 32.57 16.51 10.37
C ILE H 273 32.37 15.33 11.32
N ASN H 274 31.31 14.54 11.09
CA ASN H 274 31.03 13.36 11.90
C ASN H 274 32.20 12.37 11.76
N ASP H 275 32.58 12.07 10.51
CA ASP H 275 33.68 11.14 10.25
C ASP H 275 35.00 11.67 10.79
N LEU H 276 35.25 12.97 10.66
CA LEU H 276 36.49 13.57 11.16
C LEU H 276 36.65 13.38 12.67
N ASN H 277 35.53 13.27 13.41
CA ASN H 277 35.61 13.08 14.85
C ASN H 277 36.12 11.68 15.26
N THR H 278 36.42 10.83 14.28
CA THR H 278 37.08 9.52 14.52
C THR H 278 38.60 9.69 14.50
N LYS H 279 39.07 10.87 14.11
CA LYS H 279 40.49 11.17 14.00
C LYS H 279 40.93 12.28 14.95
N THR H 280 40.14 13.37 15.06
CA THR H 280 40.45 14.51 15.93
C THR H 280 39.16 15.26 16.32
N LYS H 281 39.25 16.35 17.11
CA LYS H 281 38.08 17.13 17.48
C LYS H 281 37.73 18.08 16.34
N PHE H 282 36.49 18.02 15.86
CA PHE H 282 36.05 18.87 14.76
C PHE H 282 34.60 19.29 14.94
N VAL H 283 34.30 20.55 14.67
CA VAL H 283 32.95 21.10 14.78
C VAL H 283 32.66 21.95 13.53
N ILE H 284 31.40 22.39 13.37
CA ILE H 284 30.99 23.18 12.22
C ILE H 284 29.90 24.15 12.66
N THR H 285 29.87 25.34 12.07
CA THR H 285 28.87 26.33 12.43
C THR H 285 28.39 27.12 11.21
N PRO H 286 27.06 27.22 11.02
CA PRO H 286 26.56 28.04 9.91
C PRO H 286 26.73 29.52 10.29
N MET H 287 27.31 30.33 9.42
CA MET H 287 27.48 31.76 9.69
C MET H 287 26.14 32.46 9.48
N ARG H 288 25.24 32.39 10.49
CA ARG H 288 23.89 32.97 10.43
C ARG H 288 23.91 34.47 10.10
N GLY H 289 23.02 34.87 9.19
CA GLY H 289 22.93 36.24 8.68
C GLY H 289 22.54 37.35 9.62
N HIS H 290 21.23 37.60 9.76
CA HIS H 290 20.74 38.68 10.61
C HIS H 290 20.97 38.40 12.09
N TYR H 291 20.94 39.47 12.92
CA TYR H 291 21.17 39.33 14.35
C TYR H 291 20.15 38.43 15.04
N ASN H 292 18.95 38.24 14.46
CA ASN H 292 17.95 37.37 15.07
C ASN H 292 17.27 36.41 14.10
N VAL H 293 17.95 36.02 13.01
CA VAL H 293 17.40 35.02 12.09
C VAL H 293 17.33 33.67 12.88
N THR H 294 18.35 33.41 13.73
CA THR H 294 18.43 32.21 14.55
C THR H 294 17.28 32.18 15.57
N GLY H 295 16.91 33.33 16.11
CA GLY H 295 15.85 33.44 17.09
C GLY H 295 14.48 33.00 16.60
N PHE H 296 14.13 33.31 15.35
CA PHE H 296 12.83 32.90 14.82
C PHE H 296 12.73 31.38 14.75
N GLY H 297 13.78 30.73 14.23
CA GLY H 297 13.82 29.28 14.13
C GLY H 297 13.71 28.63 15.50
N GLN H 298 14.27 29.27 16.53
CA GLN H 298 14.21 28.74 17.89
C GLN H 298 12.79 28.85 18.44
N VAL H 299 12.18 30.04 18.36
CA VAL H 299 10.83 30.26 18.89
C VAL H 299 9.81 29.42 18.15
N CYS H 300 9.83 29.45 16.81
CA CYS H 300 8.89 28.69 16.01
C CYS H 300 8.99 27.19 16.30
N SER H 301 10.21 26.68 16.50
CA SER H 301 10.41 25.26 16.78
C SER H 301 9.89 24.85 18.14
N TRP H 302 10.14 25.64 19.20
CA TRP H 302 9.65 25.25 20.52
C TRP H 302 8.14 25.46 20.66
N GLN H 303 7.53 26.35 19.86
CA GLN H 303 6.09 26.59 19.95
C GLN H 303 5.27 25.76 18.98
N THR H 304 5.85 25.37 17.82
CA THR H 304 5.10 24.61 16.81
C THR H 304 5.71 23.26 16.46
N GLY H 305 6.99 23.08 16.77
CA GLY H 305 7.73 21.86 16.45
C GLY H 305 8.59 21.99 15.21
N PHE H 306 8.45 23.10 14.45
CA PHE H 306 9.19 23.31 13.21
C PHE H 306 9.78 24.72 13.13
N PRO H 307 10.92 24.91 12.42
CA PRO H 307 11.52 26.26 12.35
C PRO H 307 10.73 27.29 11.53
N THR H 308 9.85 26.83 10.65
CA THR H 308 8.94 27.67 9.81
C THR H 308 7.63 26.87 9.74
N VAL H 309 6.49 27.53 9.59
CA VAL H 309 5.21 26.78 9.68
C VAL H 309 4.05 27.35 8.84
N ASP H 310 3.17 26.47 8.40
CA ASP H 310 1.94 26.85 7.67
C ASP H 310 0.79 26.43 8.60
N LEU H 311 0.06 27.39 9.16
CA LEU H 311 -1.01 27.07 10.12
C LEU H 311 -2.41 27.19 9.51
N ALA H 312 -2.54 26.98 8.19
CA ALA H 312 -3.83 27.09 7.50
C ALA H 312 -4.92 26.22 8.09
N ARG H 313 -4.60 24.97 8.46
CA ARG H 313 -5.60 24.06 9.00
C ARG H 313 -5.62 24.01 10.54
N GLY H 314 -5.17 25.08 11.19
CA GLY H 314 -5.15 25.13 12.65
C GLY H 314 -4.16 24.18 13.30
N VAL H 315 -3.21 23.67 12.52
CA VAL H 315 -2.22 22.72 13.00
C VAL H 315 -0.89 23.00 12.27
N PRO H 316 0.28 22.93 12.93
CA PRO H 316 1.54 23.19 12.23
C PRO H 316 1.81 22.30 11.04
N TYR H 317 2.24 22.88 9.92
CA TYR H 317 2.62 22.14 8.73
C TYR H 317 3.95 22.72 8.23
N TYR H 318 4.98 21.89 8.12
CA TYR H 318 6.29 22.35 7.68
C TYR H 318 6.80 21.57 6.49
N ASN H 319 7.16 22.29 5.43
CA ASN H 319 7.72 21.67 4.25
C ASN H 319 8.31 22.70 3.32
N PRO H 320 9.58 23.13 3.50
CA PRO H 320 10.17 24.08 2.55
C PRO H 320 10.08 23.51 1.13
N GLY H 321 9.86 24.38 0.16
CA GLY H 321 9.69 23.95 -1.22
C GLY H 321 8.22 23.93 -1.60
N GLU H 322 7.34 24.04 -0.58
CA GLU H 322 5.90 24.08 -0.73
C GLU H 322 5.32 25.30 -0.01
N MET H 323 5.79 25.58 1.20
CA MET H 323 5.24 26.72 2.01
C MET H 323 6.30 27.79 2.33
N SER H 324 7.41 27.84 1.60
CA SER H 324 8.37 28.96 1.82
C SER H 324 7.92 30.17 1.00
N ALA H 325 8.23 31.38 1.48
CA ALA H 325 7.79 32.63 0.81
C ALA H 325 7.89 32.54 -0.72
N ASN H 326 9.08 32.28 -1.26
CA ASN H 326 9.25 32.27 -2.71
C ASN H 326 8.53 31.11 -3.39
N ASP H 327 8.26 30.01 -2.67
CA ASP H 327 7.53 28.89 -3.26
C ASP H 327 6.08 29.34 -3.51
N LEU H 328 5.48 29.99 -2.51
CA LEU H 328 4.11 30.47 -2.59
C LEU H 328 3.97 31.61 -3.58
N LEU H 329 4.94 32.54 -3.62
CA LEU H 329 4.88 33.66 -4.55
C LEU H 329 5.09 33.20 -5.99
N MET H 330 6.04 32.27 -6.22
CA MET H 330 6.26 31.76 -7.57
C MET H 330 5.01 31.02 -8.07
N ARG H 331 4.29 30.34 -7.16
CA ARG H 331 3.04 29.66 -7.51
C ARG H 331 1.86 30.64 -7.60
N ASP H 332 2.05 31.91 -7.17
CA ASP H 332 1.03 32.95 -7.21
C ASP H 332 -0.20 32.53 -6.42
N GLU H 333 0.01 31.94 -5.24
CA GLU H 333 -1.10 31.49 -4.41
C GLU H 333 -1.32 32.35 -3.16
N VAL H 334 -0.48 33.39 -2.94
CA VAL H 334 -0.65 34.28 -1.80
C VAL H 334 -1.71 35.33 -2.16
N ASP H 335 -2.68 35.60 -1.27
CA ASP H 335 -3.70 36.61 -1.53
C ASP H 335 -3.49 37.89 -0.69
N SER H 336 -2.60 37.83 0.32
CA SER H 336 -2.25 38.97 1.16
C SER H 336 -0.89 38.68 1.82
N ALA H 337 -0.13 39.74 2.13
CA ALA H 337 1.18 39.54 2.74
C ALA H 337 1.52 40.64 3.72
N MET H 338 2.29 40.28 4.75
CA MET H 338 2.80 41.23 5.72
C MET H 338 4.32 41.04 5.67
N ILE H 339 5.06 42.11 5.39
CA ILE H 339 6.50 42.07 5.36
C ILE H 339 6.94 42.87 6.58
N ILE H 340 7.54 42.20 7.55
CA ILE H 340 7.98 42.85 8.78
C ILE H 340 9.44 42.49 9.04
N ALA H 341 10.28 43.49 9.36
CA ALA H 341 11.69 43.29 9.65
C ALA H 341 12.40 42.51 8.52
N GLY H 342 12.05 42.83 7.29
CA GLY H 342 12.63 42.21 6.11
C GLY H 342 12.29 43.00 4.85
N ASP H 343 13.16 42.96 3.83
CA ASP H 343 12.90 43.68 2.59
C ASP H 343 12.77 42.73 1.41
N ALA H 344 11.57 42.17 1.23
CA ALA H 344 11.29 41.23 0.15
C ALA H 344 11.52 41.83 -1.24
N GLY H 345 11.04 43.06 -1.45
CA GLY H 345 11.15 43.76 -2.73
C GLY H 345 12.56 43.88 -3.27
N ALA H 346 13.53 44.06 -2.38
CA ALA H 346 14.93 44.19 -2.77
C ALA H 346 15.70 42.89 -2.76
N HIS H 347 15.24 41.88 -1.99
CA HIS H 347 16.00 40.65 -1.86
C HIS H 347 15.33 39.36 -2.33
N PHE H 348 14.26 39.47 -3.09
CA PHE H 348 13.59 38.28 -3.68
C PHE H 348 13.78 38.34 -5.20
N PRO H 349 13.83 37.21 -5.95
CA PRO H 349 13.94 37.29 -7.41
C PRO H 349 12.79 38.09 -8.02
N ALA H 350 13.03 38.72 -9.17
CA ALA H 350 12.02 39.53 -9.85
C ALA H 350 10.68 38.83 -10.09
N ALA H 351 10.70 37.54 -10.46
CA ALA H 351 9.47 36.81 -10.72
C ALA H 351 8.57 36.74 -9.49
N SER H 352 9.16 36.60 -8.30
CA SER H 352 8.38 36.55 -7.07
C SER H 352 7.79 37.93 -6.77
N ILE H 353 8.55 38.99 -7.00
CA ILE H 353 8.06 40.37 -6.73
C ILE H 353 6.89 40.71 -7.65
N ARG H 354 6.96 40.27 -8.91
CA ARG H 354 5.86 40.54 -9.85
C ARG H 354 4.53 40.01 -9.32
N ASN H 355 4.55 38.90 -8.58
CA ASN H 355 3.34 38.33 -8.00
C ASN H 355 3.02 39.01 -6.67
N LEU H 356 4.03 39.31 -5.85
CA LEU H 356 3.82 39.98 -4.57
C LEU H 356 3.24 41.39 -4.79
N ALA H 357 3.60 42.06 -5.89
CA ALA H 357 3.11 43.40 -6.19
C ALA H 357 1.61 43.45 -6.53
N LYS H 358 0.97 42.28 -6.75
CA LYS H 358 -0.46 42.25 -7.09
C LYS H 358 -1.35 41.92 -5.89
N VAL H 359 -0.80 41.79 -4.67
CA VAL H 359 -1.63 41.46 -3.50
C VAL H 359 -1.57 42.54 -2.43
N PRO H 360 -2.60 42.69 -1.57
CA PRO H 360 -2.51 43.68 -0.50
C PRO H 360 -1.30 43.37 0.38
N LEU H 361 -0.46 44.37 0.62
CA LEU H 361 0.75 44.16 1.39
C LEU H 361 0.86 45.15 2.54
N VAL H 362 1.13 44.64 3.74
CA VAL H 362 1.31 45.46 4.94
C VAL H 362 2.79 45.42 5.24
N GLN H 363 3.42 46.59 5.45
CA GLN H 363 4.84 46.64 5.76
C GLN H 363 5.02 47.21 7.16
N ILE H 364 5.75 46.51 8.02
CA ILE H 364 6.04 47.00 9.35
C ILE H 364 7.56 47.16 9.34
N ASP H 365 8.02 48.41 9.23
CA ASP H 365 9.45 48.67 9.11
C ASP H 365 9.76 50.11 9.49
N PRO H 366 10.91 50.36 10.15
CA PRO H 366 11.25 51.74 10.52
C PRO H 366 11.74 52.60 9.36
N TYR H 367 12.27 51.99 8.29
CA TYR H 367 12.82 52.75 7.17
C TYR H 367 12.15 52.49 5.82
N PRO H 368 12.12 53.49 4.92
CA PRO H 368 11.54 53.23 3.60
C PRO H 368 12.53 52.43 2.75
N ASN H 369 12.07 51.38 2.10
CA ASN H 369 12.94 50.53 1.30
C ASN H 369 12.23 50.10 -0.01
N ALA H 370 12.67 49.03 -0.68
CA ALA H 370 12.04 48.58 -1.91
C ALA H 370 10.64 48.05 -1.67
N THR H 371 10.42 47.38 -0.52
CA THR H 371 9.11 46.83 -0.20
C THR H 371 8.06 47.95 -0.06
N THR H 372 8.47 49.13 0.41
CA THR H 372 7.56 50.28 0.57
C THR H 372 6.91 50.66 -0.77
N GLU H 373 7.60 50.44 -1.89
CA GLU H 373 7.07 50.76 -3.20
C GLU H 373 5.86 49.87 -3.55
N LEU H 374 5.74 48.69 -2.92
CA LEU H 374 4.64 47.75 -3.16
C LEU H 374 3.62 47.70 -2.01
N ALA H 375 3.89 48.42 -0.90
CA ALA H 375 3.04 48.39 0.27
C ALA H 375 1.76 49.19 0.18
N ASN H 376 0.65 48.58 0.62
CA ASN H 376 -0.66 49.23 0.67
C ASN H 376 -0.82 49.89 2.06
N VAL H 377 -0.20 49.31 3.09
CA VAL H 377 -0.21 49.85 4.46
C VAL H 377 1.25 49.85 4.91
N VAL H 378 1.70 50.95 5.51
CA VAL H 378 3.07 51.09 5.99
C VAL H 378 2.98 51.51 7.45
N ILE H 379 3.58 50.75 8.36
CA ILE H 379 3.53 51.08 9.78
C ILE H 379 4.96 51.26 10.32
N PRO H 380 5.40 52.49 10.68
CA PRO H 380 6.76 52.62 11.23
C PRO H 380 6.86 51.94 12.59
N ALA H 381 8.00 51.34 12.90
CA ALA H 381 8.16 50.65 14.17
C ALA H 381 9.45 51.03 14.88
N ALA H 382 9.44 50.96 16.23
CA ALA H 382 10.63 51.25 17.02
C ALA H 382 11.63 50.11 16.80
N ILE H 383 12.91 50.43 16.67
CA ILE H 383 13.94 49.43 16.38
C ILE H 383 14.43 48.68 17.60
N VAL H 384 14.42 47.33 17.52
CA VAL H 384 14.89 46.47 18.60
C VAL H 384 16.42 46.64 18.70
N GLY H 385 16.92 46.72 19.93
CA GLY H 385 18.35 46.90 20.17
C GLY H 385 18.77 48.36 20.16
N ILE H 386 17.83 49.27 19.86
CA ILE H 386 18.13 50.71 19.84
C ILE H 386 17.06 51.45 20.65
N GLU H 387 15.78 51.30 20.29
CA GLU H 387 14.67 51.98 20.92
C GLU H 387 13.84 51.10 21.85
N CYS H 388 14.06 49.77 21.83
CA CYS H 388 13.32 48.88 22.72
C CYS H 388 14.08 47.60 22.99
N GLU H 389 13.77 46.97 24.14
CA GLU H 389 14.40 45.73 24.55
C GLU H 389 13.79 44.55 23.78
N GLY H 390 14.43 43.40 23.88
CA GLY H 390 13.98 42.18 23.23
C GLY H 390 15.04 41.09 23.34
N THR H 391 14.69 39.85 22.97
CA THR H 391 15.65 38.75 23.03
C THR H 391 16.05 38.39 21.61
N ALA H 392 17.35 38.13 21.41
CA ALA H 392 17.87 37.73 20.11
C ALA H 392 18.82 36.56 20.29
N TYR H 393 18.96 35.73 19.24
CA TYR H 393 19.84 34.57 19.29
C TYR H 393 21.06 34.74 18.40
N ARG H 394 22.25 34.55 18.98
CA ARG H 394 23.50 34.66 18.24
C ARG H 394 23.61 33.47 17.29
N MET H 395 24.45 33.57 16.26
CA MET H 395 24.62 32.51 15.27
C MET H 395 24.91 31.12 15.87
N ASP H 396 25.42 31.06 17.11
CA ASP H 396 25.73 29.79 17.77
C ASP H 396 24.67 29.32 18.76
N GLY H 397 23.49 29.92 18.72
CA GLY H 397 22.39 29.54 19.61
C GLY H 397 22.38 30.18 20.97
N VAL H 398 23.36 31.07 21.27
CA VAL H 398 23.37 31.74 22.58
C VAL H 398 22.38 32.91 22.51
N SER H 399 21.40 32.96 23.42
CA SER H 399 20.42 34.05 23.42
C SER H 399 20.86 35.14 24.37
N LEU H 400 20.67 36.40 23.97
CA LEU H 400 21.03 37.55 24.79
C LEU H 400 19.89 38.56 24.74
N ARG H 401 19.79 39.41 25.76
CA ARG H 401 18.75 40.40 25.81
C ARG H 401 19.23 41.72 25.21
N MET H 402 18.61 42.14 24.10
CA MET H 402 18.93 43.39 23.42
C MET H 402 18.66 44.54 24.38
N ARG H 403 19.48 45.58 24.33
CA ARG H 403 19.33 46.72 25.23
C ARG H 403 18.69 47.93 24.56
N LYS H 404 17.89 48.68 25.33
CA LYS H 404 17.24 49.90 24.86
C LYS H 404 18.25 51.02 25.09
N LEU H 405 18.59 51.76 24.04
CA LEU H 405 19.57 52.83 24.10
C LEU H 405 18.96 54.22 24.12
N VAL H 406 17.87 54.43 23.38
CA VAL H 406 17.20 55.74 23.34
C VAL H 406 15.69 55.58 23.47
N GLU H 407 15.00 56.65 23.85
CA GLU H 407 13.55 56.65 24.00
C GLU H 407 12.92 56.96 22.64
N SER H 408 11.71 56.49 22.42
CA SER H 408 11.03 56.72 21.14
C SER H 408 9.53 56.81 21.31
N ASP H 409 8.87 57.57 20.41
CA ASP H 409 7.41 57.69 20.43
C ASP H 409 6.78 56.75 19.38
N TYR H 410 7.60 55.94 18.67
CA TYR H 410 7.12 54.98 17.69
C TYR H 410 6.69 53.72 18.45
N LEU H 411 5.77 52.95 17.89
CA LEU H 411 5.32 51.71 18.54
C LEU H 411 6.28 50.58 18.23
N SER H 412 6.54 49.71 19.22
CA SER H 412 7.41 48.56 19.01
C SER H 412 6.67 47.51 18.20
N ASP H 413 7.40 46.53 17.61
CA ASP H 413 6.78 45.46 16.84
C ASP H 413 5.81 44.68 17.73
N GLU H 414 6.20 44.47 19.01
CA GLU H 414 5.35 43.76 19.97
C GLU H 414 4.00 44.49 20.10
N GLU H 415 4.02 45.82 20.26
CA GLU H 415 2.80 46.62 20.42
C GLU H 415 1.95 46.61 19.15
N ILE H 416 2.57 46.77 17.98
CA ILE H 416 1.83 46.79 16.71
C ILE H 416 1.15 45.45 16.51
N LEU H 417 1.86 44.35 16.77
CA LEU H 417 1.29 43.01 16.60
C LEU H 417 0.21 42.73 17.63
N ASP H 418 0.38 43.21 18.88
CA ASP H 418 -0.66 43.03 19.90
C ASP H 418 -1.95 43.68 19.46
N ARG H 419 -1.86 44.87 18.82
CA ARG H 419 -3.04 45.59 18.35
C ARG H 419 -3.67 44.90 17.15
N ILE H 420 -2.85 44.36 16.22
CA ILE H 420 -3.39 43.64 15.05
C ILE H 420 -4.13 42.39 15.57
N ILE H 421 -3.54 41.66 16.52
CA ILE H 421 -4.14 40.45 17.08
C ILE H 421 -5.50 40.75 17.70
N GLU H 422 -5.59 41.81 18.51
CA GLU H 422 -6.85 42.18 19.15
C GLU H 422 -7.93 42.48 18.10
N LYS H 423 -7.59 43.31 17.09
CA LYS H 423 -8.56 43.65 16.03
C LYS H 423 -8.95 42.43 15.20
N VAL H 424 -7.99 41.53 14.88
CA VAL H 424 -8.26 40.33 14.11
C VAL H 424 -9.21 39.42 14.90
N ARG H 425 -8.98 39.29 16.22
CA ARG H 425 -9.83 38.46 17.06
C ARG H 425 -11.28 38.95 17.05
N VAL H 426 -11.49 40.28 17.00
CA VAL H 426 -12.85 40.83 16.97
C VAL H 426 -13.49 40.43 15.64
N ILE H 427 -12.78 40.57 14.53
CA ILE H 427 -13.29 40.20 13.21
C ILE H 427 -13.62 38.70 13.16
N LYS H 428 -12.72 37.90 13.70
CA LYS H 428 -12.84 36.44 13.70
C LYS H 428 -13.86 35.90 14.71
N GLY H 429 -14.26 36.70 15.68
CA GLY H 429 -15.22 36.28 16.70
C GLY H 429 -14.57 35.50 17.83
N GLU H 430 -13.22 35.56 17.96
CA GLU H 430 -12.54 34.84 19.03
C GLU H 430 -12.38 35.76 20.25
N MET I 1 -19.00 -1.94 -9.86
CA MET I 1 -18.26 -0.81 -10.41
C MET I 1 -18.93 0.50 -10.07
N GLN I 2 -18.25 1.32 -9.29
CA GLN I 2 -18.73 2.64 -8.95
C GLN I 2 -17.81 3.64 -9.63
N THR I 3 -18.38 4.59 -10.38
CA THR I 3 -17.57 5.60 -11.07
C THR I 3 -17.99 6.99 -10.63
N VAL I 4 -17.04 7.76 -10.06
CA VAL I 4 -17.31 9.11 -9.60
C VAL I 4 -16.56 10.06 -10.52
N THR I 5 -17.27 10.93 -11.23
CA THR I 5 -16.66 11.88 -12.14
C THR I 5 -16.70 13.29 -11.53
N LEU I 6 -15.52 13.86 -11.24
CA LEU I 6 -15.40 15.19 -10.66
C LEU I 6 -14.96 16.17 -11.76
N THR I 7 -15.78 17.18 -12.05
CA THR I 7 -15.45 18.15 -13.08
C THR I 7 -15.14 19.52 -12.46
N PRO I 8 -13.89 20.00 -12.55
CA PRO I 8 -13.57 21.33 -11.99
C PRO I 8 -14.58 22.42 -12.38
N ARG I 9 -15.11 23.13 -11.39
CA ARG I 9 -16.09 24.23 -11.63
C ARG I 9 -15.52 25.58 -11.18
N LYS I 10 -14.62 25.60 -10.21
CA LYS I 10 -14.06 26.83 -9.65
C LYS I 10 -12.59 27.01 -10.03
N SER I 11 -12.19 28.25 -10.32
CA SER I 11 -10.80 28.53 -10.66
C SER I 11 -10.21 29.37 -9.53
N SER I 12 -9.46 28.72 -8.63
CA SER I 12 -8.84 29.44 -7.51
C SER I 12 -7.32 29.29 -7.59
N LYS I 13 -6.62 30.38 -7.28
CA LYS I 13 -5.16 30.36 -7.30
C LYS I 13 -4.60 29.80 -5.99
N ILE I 14 -5.43 29.63 -4.95
CA ILE I 14 -5.01 29.13 -3.65
C ILE I 14 -4.99 27.61 -3.65
N SER I 15 -3.93 27.03 -3.07
CA SER I 15 -3.77 25.58 -2.99
C SER I 15 -4.91 24.97 -2.18
N VAL I 16 -5.51 23.90 -2.71
CA VAL I 16 -6.60 23.18 -2.07
C VAL I 16 -6.08 21.81 -1.65
N GLU I 17 -6.13 21.49 -0.35
CA GLU I 17 -5.70 20.18 0.11
C GLU I 17 -6.91 19.28 0.11
N ALA I 18 -6.88 18.23 -0.70
CA ALA I 18 -8.01 17.33 -0.83
C ALA I 18 -7.60 15.87 -0.63
N GLU I 19 -6.95 15.57 0.50
CA GLU I 19 -6.52 14.20 0.82
C GLU I 19 -7.72 13.24 0.93
N THR I 20 -8.95 13.79 0.93
CA THR I 20 -10.19 13.01 1.03
C THR I 20 -10.67 12.48 -0.34
N ILE I 21 -9.96 12.79 -1.45
CA ILE I 21 -10.35 12.27 -2.75
C ILE I 21 -9.65 10.93 -2.90
N THR I 22 -10.28 9.86 -2.41
CA THR I 22 -9.71 8.52 -2.49
C THR I 22 -10.85 7.53 -2.79
N PRO I 23 -10.63 6.47 -3.60
CA PRO I 23 -11.71 5.49 -3.81
C PRO I 23 -12.18 4.91 -2.48
N ASP I 24 -11.30 4.89 -1.46
CA ASP I 24 -11.63 4.39 -0.12
C ASP I 24 -12.71 5.24 0.55
N ASN I 25 -12.60 6.56 0.45
CA ASN I 25 -13.55 7.47 1.07
C ASN I 25 -14.82 7.63 0.23
N PHE I 26 -14.70 7.58 -1.10
CA PHE I 26 -15.86 7.74 -1.97
C PHE I 26 -16.78 6.51 -2.05
N ALA I 27 -16.23 5.30 -1.92
CA ALA I 27 -17.04 4.08 -2.06
C ALA I 27 -18.34 4.09 -1.25
N GLY I 28 -19.44 3.72 -1.91
CA GLY I 28 -20.75 3.62 -1.27
C GLY I 28 -21.44 4.93 -0.88
N LYS I 29 -20.80 6.09 -1.13
CA LYS I 29 -21.38 7.38 -0.79
C LYS I 29 -22.30 7.90 -1.87
N THR I 30 -23.26 8.74 -1.48
CA THR I 30 -24.18 9.35 -2.44
C THR I 30 -23.49 10.59 -3.01
N VAL I 31 -24.08 11.21 -4.07
CA VAL I 31 -23.50 12.42 -4.67
C VAL I 31 -23.43 13.51 -3.59
N GLU I 32 -24.51 13.66 -2.82
CA GLU I 32 -24.61 14.65 -1.74
C GLU I 32 -23.51 14.44 -0.70
N GLU I 33 -23.23 13.18 -0.36
CA GLU I 33 -22.20 12.84 0.62
C GLU I 33 -20.79 13.13 0.07
N ILE I 34 -20.58 12.88 -1.24
CA ILE I 34 -19.29 13.15 -1.88
C ILE I 34 -19.09 14.68 -2.01
N GLU I 35 -20.19 15.42 -2.24
CA GLU I 35 -20.13 16.87 -2.34
C GLU I 35 -19.79 17.50 -0.98
N LYS I 36 -20.22 16.88 0.11
CA LYS I 36 -19.95 17.41 1.46
C LYS I 36 -18.56 16.98 1.99
N VAL I 37 -17.74 16.30 1.16
CA VAL I 37 -16.42 15.86 1.57
C VAL I 37 -15.55 17.10 1.84
N THR I 38 -14.88 17.15 2.99
CA THR I 38 -14.08 18.32 3.36
C THR I 38 -12.79 18.48 2.58
N VAL I 39 -12.56 19.71 2.07
CA VAL I 39 -11.34 20.10 1.38
C VAL I 39 -10.92 21.42 2.04
N TRP I 40 -9.63 21.76 1.97
CA TRP I 40 -9.14 22.99 2.57
C TRP I 40 -8.54 23.93 1.53
N GLU I 41 -9.22 25.05 1.22
CA GLU I 41 -8.70 26.04 0.28
C GLU I 41 -7.91 27.02 1.15
N GLY I 42 -6.64 26.68 1.39
CA GLY I 42 -5.79 27.49 2.25
C GLY I 42 -6.28 27.31 3.67
N ASN I 43 -6.71 28.40 4.31
CA ASN I 43 -7.26 28.33 5.67
C ASN I 43 -8.80 28.21 5.66
N ASN I 44 -9.40 28.08 4.47
CA ASN I 44 -10.84 28.00 4.34
C ASN I 44 -11.34 26.56 4.28
N LYS I 45 -11.87 26.07 5.41
CA LYS I 45 -12.40 24.71 5.49
C LYS I 45 -13.72 24.73 4.72
N THR I 46 -13.78 24.01 3.60
CA THR I 46 -14.99 24.00 2.77
C THR I 46 -15.32 22.57 2.28
N THR I 47 -16.16 22.43 1.22
CA THR I 47 -16.57 21.14 0.71
C THR I 47 -16.11 20.93 -0.72
N LEU I 48 -15.96 19.67 -1.10
CA LEU I 48 -15.51 19.28 -2.44
C LEU I 48 -16.46 19.83 -3.52
N GLY I 49 -17.76 19.80 -3.25
CA GLY I 49 -18.78 20.30 -4.16
C GLY I 49 -18.57 21.76 -4.57
N GLU I 50 -17.88 22.55 -3.73
CA GLU I 50 -17.61 23.95 -4.05
C GLU I 50 -16.54 24.08 -5.14
N PHE I 51 -15.76 23.01 -5.40
CA PHE I 51 -14.72 23.03 -6.41
C PHE I 51 -14.95 22.08 -7.58
N PHE I 52 -15.89 21.14 -7.45
CA PHE I 52 -16.15 20.17 -8.52
C PHE I 52 -17.62 19.84 -8.66
N GLU I 53 -18.02 19.57 -9.89
CA GLU I 53 -19.37 19.03 -10.11
C GLU I 53 -19.21 17.53 -9.88
N VAL I 54 -20.03 16.93 -9.02
CA VAL I 54 -19.91 15.51 -8.73
C VAL I 54 -21.00 14.72 -9.45
N ALA I 55 -20.62 13.67 -10.18
CA ALA I 55 -21.54 12.79 -10.89
C ALA I 55 -21.21 11.35 -10.50
N LEU I 56 -22.20 10.61 -9.97
CA LEU I 56 -22.00 9.25 -9.51
C LEU I 56 -22.72 8.23 -10.37
N ASP I 57 -22.12 7.05 -10.53
CA ASP I 57 -22.69 5.95 -11.27
C ASP I 57 -22.35 4.66 -10.53
N GLY I 58 -23.26 4.23 -9.68
CA GLY I 58 -23.12 2.99 -8.92
C GLY I 58 -22.72 3.14 -7.47
N SER I 59 -22.54 1.99 -6.82
CA SER I 59 -22.13 1.90 -5.42
C SER I 59 -21.45 0.55 -5.23
N ASP I 60 -20.13 0.59 -5.01
CA ASP I 60 -19.35 -0.66 -4.86
C ASP I 60 -18.27 -0.45 -3.78
N THR I 61 -17.36 -1.42 -3.67
CA THR I 61 -16.28 -1.34 -2.70
C THR I 61 -15.15 -0.44 -3.23
N PRO I 62 -14.23 0.05 -2.36
CA PRO I 62 -13.11 0.86 -2.86
C PRO I 62 -12.35 0.21 -4.04
N GLU I 63 -12.14 -1.10 -3.99
CA GLU I 63 -11.37 -1.79 -5.07
C GLU I 63 -12.10 -1.62 -6.41
N ASN I 64 -13.44 -1.61 -6.40
CA ASN I 64 -14.24 -1.44 -7.61
C ASN I 64 -14.75 -0.02 -7.77
N THR I 65 -14.05 0.98 -7.21
CA THR I 65 -14.44 2.39 -7.34
C THR I 65 -13.38 3.09 -8.18
N LYS I 66 -13.83 3.86 -9.18
CA LYS I 66 -12.97 4.59 -10.08
C LYS I 66 -13.35 6.06 -10.03
N ILE I 67 -12.37 6.95 -9.80
CA ILE I 67 -12.62 8.38 -9.76
C ILE I 67 -12.01 8.98 -11.01
N VAL I 68 -12.77 9.78 -11.75
CA VAL I 68 -12.28 10.42 -12.97
C VAL I 68 -12.36 11.92 -12.79
N ILE I 69 -11.22 12.63 -12.88
CA ILE I 69 -11.20 14.09 -12.75
C ILE I 69 -11.08 14.66 -14.15
N GLU I 70 -12.19 15.22 -14.66
CA GLU I 70 -12.24 15.75 -16.02
C GLU I 70 -11.70 17.16 -16.10
N GLY I 71 -10.39 17.27 -16.25
CA GLY I 71 -9.72 18.55 -16.37
C GLY I 71 -8.46 18.62 -15.54
N SER I 72 -7.66 19.67 -15.76
CA SER I 72 -6.43 19.86 -15.00
C SER I 72 -6.78 20.42 -13.63
N ILE I 73 -6.07 19.94 -12.60
CA ILE I 73 -6.24 20.39 -11.21
C ILE I 73 -4.83 20.68 -10.69
N PRO I 74 -4.17 21.73 -11.22
CA PRO I 74 -2.80 22.03 -10.79
C PRO I 74 -2.67 22.66 -9.41
N ARG I 75 -3.80 22.86 -8.70
CA ARG I 75 -3.77 23.42 -7.36
C ARG I 75 -4.51 22.56 -6.34
N VAL I 76 -4.82 21.29 -6.68
CA VAL I 76 -5.46 20.36 -5.77
C VAL I 76 -4.39 19.37 -5.32
N LYS I 77 -4.04 19.40 -4.04
CA LYS I 77 -3.00 18.55 -3.46
C LYS I 77 -3.52 17.32 -2.73
N ARG I 78 -2.63 16.34 -2.52
CA ARG I 78 -2.88 15.12 -1.76
C ARG I 78 -3.98 14.24 -2.33
N VAL I 79 -4.23 14.34 -3.65
CA VAL I 79 -5.24 13.51 -4.30
C VAL I 79 -4.78 12.06 -4.23
N GLY I 80 -5.64 11.17 -3.75
CA GLY I 80 -5.32 9.76 -3.65
C GLY I 80 -4.43 9.40 -2.46
N GLU I 81 -4.17 10.34 -1.55
CA GLU I 81 -3.32 10.08 -0.39
C GLU I 81 -3.83 8.94 0.48
N GLY I 82 -2.97 7.97 0.74
CA GLY I 82 -3.30 6.83 1.59
C GLY I 82 -4.27 5.82 1.00
N MET I 83 -4.65 5.96 -0.29
CA MET I 83 -5.59 5.02 -0.90
C MET I 83 -5.03 3.60 -0.89
N SER I 84 -5.91 2.61 -0.66
CA SER I 84 -5.52 1.22 -0.60
C SER I 84 -5.97 0.41 -1.80
N ALA I 85 -6.89 0.94 -2.62
CA ALA I 85 -7.38 0.22 -3.80
C ALA I 85 -8.18 1.19 -4.71
N GLY I 86 -8.65 0.72 -5.86
CA GLY I 86 -9.41 1.55 -6.77
C GLY I 86 -8.56 2.22 -7.82
N ILE I 87 -9.18 3.10 -8.60
CA ILE I 87 -8.49 3.80 -9.67
C ILE I 87 -8.82 5.28 -9.60
N ILE I 88 -7.85 6.13 -9.91
CA ILE I 88 -8.03 7.57 -9.99
C ILE I 88 -7.44 7.94 -11.33
N LEU I 89 -8.24 8.47 -12.24
CA LEU I 89 -7.77 8.89 -13.55
C LEU I 89 -7.85 10.41 -13.57
N ILE I 90 -6.72 11.11 -13.74
CA ILE I 90 -6.72 12.58 -13.80
C ILE I 90 -6.48 12.98 -15.25
N ASN I 91 -7.45 13.64 -15.88
CA ASN I 91 -7.33 14.07 -17.28
C ASN I 91 -6.69 15.45 -17.35
N GLY I 92 -5.46 15.55 -16.88
CA GLY I 92 -4.72 16.80 -16.89
C GLY I 92 -3.62 16.84 -15.85
N ASP I 93 -3.17 18.04 -15.49
CA ASP I 93 -2.13 18.22 -14.50
C ASP I 93 -2.67 18.05 -13.08
N VAL I 94 -1.77 17.84 -12.11
CA VAL I 94 -2.13 17.66 -10.70
C VAL I 94 -1.11 18.37 -9.82
N ASP I 95 -1.54 18.85 -8.65
CA ASP I 95 -0.63 19.53 -7.73
C ASP I 95 0.21 18.52 -6.92
N MET I 96 0.83 18.96 -5.82
CA MET I 96 1.72 18.14 -5.02
C MET I 96 1.07 17.00 -4.26
N HIS I 97 1.89 16.03 -3.85
CA HIS I 97 1.52 14.87 -3.03
C HIS I 97 0.50 13.92 -3.67
N VAL I 98 0.47 13.83 -5.02
CA VAL I 98 -0.46 12.89 -5.67
C VAL I 98 -0.04 11.46 -5.29
N GLY I 99 -0.97 10.67 -4.81
CA GLY I 99 -0.69 9.29 -4.41
C GLY I 99 0.22 9.16 -3.20
N ALA I 100 0.38 10.23 -2.42
CA ALA I 100 1.24 10.19 -1.24
C ALA I 100 0.79 9.09 -0.28
N LYS I 101 1.74 8.30 0.25
CA LYS I 101 1.42 7.23 1.20
C LYS I 101 0.46 6.17 0.64
N MET I 102 0.23 6.11 -0.69
CA MET I 102 -0.71 5.11 -1.21
C MET I 102 -0.19 3.69 -0.99
N ARG I 103 -1.09 2.77 -0.62
CA ARG I 103 -0.70 1.38 -0.36
C ARG I 103 -1.24 0.39 -1.39
N GLY I 104 -2.11 0.84 -2.27
CA GLY I 104 -2.66 -0.02 -3.32
C GLY I 104 -3.44 0.78 -4.34
N GLY I 105 -3.92 0.08 -5.36
CA GLY I 105 -4.69 0.71 -6.42
C GLY I 105 -3.82 1.33 -7.48
N ARG I 106 -4.39 2.21 -8.31
CA ARG I 106 -3.62 2.86 -9.37
C ARG I 106 -4.10 4.27 -9.64
N ILE I 107 -3.15 5.18 -9.88
CA ILE I 107 -3.46 6.57 -10.19
C ILE I 107 -2.78 6.87 -11.52
N THR I 108 -3.55 7.31 -12.52
CA THR I 108 -2.98 7.67 -13.81
C THR I 108 -3.16 9.17 -14.01
N VAL I 109 -2.06 9.91 -14.14
CA VAL I 109 -2.07 11.35 -14.36
C VAL I 109 -1.76 11.57 -15.83
N LYS I 110 -2.73 12.06 -16.59
CA LYS I 110 -2.55 12.30 -18.02
C LYS I 110 -1.59 13.45 -18.34
N GLY I 111 -1.46 14.39 -17.41
CA GLY I 111 -0.58 15.55 -17.58
C GLY I 111 0.64 15.49 -16.69
N ASN I 112 1.10 16.66 -16.25
CA ASN I 112 2.27 16.75 -15.37
C ASN I 112 1.87 16.65 -13.90
N ALA I 113 2.79 16.21 -13.05
CA ALA I 113 2.57 16.10 -11.62
C ALA I 113 3.54 17.03 -10.92
N ASP I 114 3.06 17.70 -9.87
CA ASP I 114 3.93 18.63 -9.10
C ASP I 114 4.84 17.83 -8.17
N SER I 115 5.50 18.51 -7.24
CA SER I 115 6.49 17.86 -6.36
C SER I 115 5.87 16.84 -5.38
N TRP I 116 6.72 15.96 -4.88
CA TRP I 116 6.33 14.92 -3.91
C TRP I 116 5.29 13.96 -4.46
N ALA I 117 5.29 13.72 -5.77
CA ALA I 117 4.36 12.77 -6.38
C ALA I 117 4.77 11.36 -5.96
N GLY I 118 3.89 10.64 -5.30
CA GLY I 118 4.14 9.29 -4.84
C GLY I 118 5.03 9.23 -3.62
N ARG I 119 5.15 10.32 -2.85
CA ARG I 119 6.01 10.32 -1.68
C ARG I 119 5.55 9.30 -0.65
N GLU I 120 6.48 8.58 -0.02
CA GLU I 120 6.15 7.59 1.00
C GLU I 120 5.20 6.52 0.48
N MET I 121 5.27 6.20 -0.82
CA MET I 121 4.41 5.17 -1.42
C MET I 121 4.74 3.83 -0.78
N LYS I 122 3.73 3.08 -0.35
CA LYS I 122 3.92 1.76 0.26
C LYS I 122 3.54 0.62 -0.70
N GLY I 123 2.69 0.92 -1.68
CA GLY I 123 2.26 -0.05 -2.66
C GLY I 123 1.38 0.60 -3.73
N GLY I 124 0.91 -0.21 -4.66
CA GLY I 124 0.07 0.28 -5.74
C GLY I 124 0.86 0.75 -6.94
N GLU I 125 0.21 1.53 -7.81
CA GLU I 125 0.85 2.00 -9.04
C GLU I 125 0.53 3.46 -9.32
N LEU I 126 1.54 4.25 -9.67
CA LEU I 126 1.36 5.66 -10.01
C LEU I 126 1.95 5.86 -11.39
N ILE I 127 1.15 6.33 -12.34
CA ILE I 127 1.60 6.57 -13.70
C ILE I 127 1.42 8.04 -14.02
N ILE I 128 2.48 8.70 -14.49
CA ILE I 128 2.41 10.09 -14.88
C ILE I 128 2.82 10.12 -16.35
N GLU I 129 1.90 10.54 -17.21
CA GLU I 129 2.17 10.58 -18.65
C GLU I 129 3.03 11.79 -19.02
N GLY I 130 2.90 12.88 -18.30
CA GLY I 130 3.70 14.09 -18.53
C GLY I 130 4.99 14.04 -17.73
N ASN I 131 5.40 15.19 -17.19
CA ASN I 131 6.62 15.30 -16.40
C ASN I 131 6.32 15.38 -14.90
N ALA I 132 7.35 15.23 -14.05
CA ALA I 132 7.21 15.32 -12.61
C ALA I 132 8.17 16.40 -12.08
N GLU I 133 7.82 17.04 -10.96
CA GLU I 133 8.67 18.08 -10.38
C GLU I 133 9.69 17.46 -9.42
N TYR I 134 9.94 18.06 -8.26
CA TYR I 134 10.93 17.56 -7.31
C TYR I 134 10.39 16.45 -6.43
N TYR I 135 11.30 15.73 -5.76
CA TYR I 135 10.95 14.68 -4.82
C TYR I 135 9.97 13.63 -5.32
N LEU I 136 10.18 13.14 -6.54
CA LEU I 136 9.33 12.10 -7.08
C LEU I 136 9.65 10.80 -6.34
N GLY I 137 8.66 10.21 -5.69
CA GLY I 137 8.86 8.97 -4.94
C GLY I 137 9.83 9.11 -3.78
N ALA I 138 9.90 10.32 -3.20
CA ALA I 138 10.79 10.62 -2.08
C ALA I 138 10.01 10.47 -0.73
N GLY I 139 10.53 10.96 0.40
CA GLY I 139 9.84 10.88 1.68
C GLY I 139 9.54 12.26 2.24
N TYR I 140 9.34 12.33 3.55
CA TYR I 140 9.07 13.60 4.22
C TYR I 140 10.35 14.04 4.94
N ARG I 141 10.46 15.34 5.23
CA ARG I 141 11.64 15.94 5.88
C ARG I 141 12.03 15.20 7.16
N GLY I 142 13.30 14.82 7.26
CA GLY I 142 13.84 14.16 8.44
C GLY I 142 13.58 12.67 8.58
N GLU I 143 12.72 12.09 7.71
CA GLU I 143 12.43 10.67 7.79
C GLU I 143 13.56 9.87 7.15
N SER I 144 13.99 8.79 7.81
CA SER I 144 15.05 7.94 7.26
C SER I 144 14.51 7.07 6.11
N CYS I 145 13.18 6.85 6.03
CA CYS I 145 12.58 6.05 4.98
C CYS I 145 11.53 6.83 4.22
N GLY I 146 11.59 6.76 2.91
CA GLY I 146 10.62 7.42 2.04
C GLY I 146 9.74 6.39 1.40
N MET I 147 9.91 6.16 0.09
CA MET I 147 9.12 5.17 -0.63
C MET I 147 9.50 3.77 -0.12
N ARG I 148 8.51 2.92 0.16
CA ARG I 148 8.77 1.58 0.67
C ARG I 148 8.31 0.46 -0.26
N GLY I 149 7.44 0.78 -1.20
CA GLY I 149 6.92 -0.19 -2.16
C GLY I 149 6.13 0.48 -3.26
N GLY I 150 5.58 -0.32 -4.16
CA GLY I 150 4.80 0.19 -5.28
C GLY I 150 5.66 0.50 -6.49
N ARG I 151 5.05 1.07 -7.54
CA ARG I 151 5.80 1.41 -8.76
C ARG I 151 5.33 2.73 -9.33
N ILE I 152 6.28 3.64 -9.60
CA ILE I 152 5.99 4.95 -10.17
C ILE I 152 6.61 4.98 -11.55
N THR I 153 5.84 5.35 -12.56
CA THR I 153 6.36 5.44 -13.92
C THR I 153 6.07 6.82 -14.48
N VAL I 154 7.11 7.57 -14.82
CA VAL I 154 6.98 8.90 -15.38
C VAL I 154 7.40 8.79 -16.84
N PHE I 155 6.53 9.16 -17.79
CA PHE I 155 6.88 9.07 -19.21
C PHE I 155 7.74 10.24 -19.68
N GLY I 156 7.65 11.37 -18.99
CA GLY I 156 8.44 12.54 -19.33
C GLY I 156 9.66 12.63 -18.44
N ASN I 157 10.06 13.85 -18.10
CA ASN I 157 11.22 14.11 -17.26
C ASN I 157 10.84 14.29 -15.79
N ALA I 158 11.81 14.14 -14.89
CA ALA I 158 11.63 14.34 -13.46
C ALA I 158 12.72 15.31 -13.00
N ARG I 159 12.45 16.09 -11.95
CA ARG I 159 13.44 17.07 -11.49
C ARG I 159 14.40 16.47 -10.43
N ASP I 160 14.92 17.27 -9.48
CA ASP I 160 15.90 16.78 -8.51
C ASP I 160 15.31 15.92 -7.39
N TYR I 161 16.21 15.20 -6.68
CA TYR I 161 15.87 14.36 -5.53
C TYR I 161 14.89 13.21 -5.82
N VAL I 162 15.00 12.59 -7.00
CA VAL I 162 14.15 11.45 -7.37
C VAL I 162 14.47 10.28 -6.43
N GLY I 163 13.46 9.73 -5.78
CA GLY I 163 13.63 8.58 -4.89
C GLY I 163 14.51 8.82 -3.69
N GLU I 164 14.51 10.04 -3.14
CA GLU I 164 15.33 10.36 -1.97
C GLU I 164 14.90 9.49 -0.79
N HIS I 165 15.84 8.78 -0.16
CA HIS I 165 15.58 7.88 0.98
C HIS I 165 14.68 6.70 0.62
N MET I 166 14.78 6.22 -0.62
CA MET I 166 13.99 5.08 -1.10
C MET I 166 14.39 3.81 -0.33
N CYS I 167 13.42 3.01 0.10
CA CYS I 167 13.67 1.75 0.84
C CYS I 167 13.08 0.52 0.15
N GLY I 168 12.42 0.70 -0.98
CA GLY I 168 11.80 -0.39 -1.72
C GLY I 168 10.96 0.14 -2.86
N GLY I 169 10.34 -0.76 -3.59
CA GLY I 169 9.52 -0.38 -4.72
C GLY I 169 10.35 -0.09 -5.95
N GLU I 170 9.73 0.54 -6.95
CA GLU I 170 10.43 0.82 -8.20
C GLU I 170 10.03 2.17 -8.80
N ILE I 171 10.99 2.88 -9.39
CA ILE I 171 10.74 4.16 -10.04
C ILE I 171 11.30 4.06 -11.45
N ILE I 172 10.50 4.40 -12.47
CA ILE I 172 10.94 4.36 -13.85
C ILE I 172 10.68 5.73 -14.45
N ILE I 173 11.73 6.38 -14.97
CA ILE I 173 11.62 7.69 -15.61
C ILE I 173 12.02 7.47 -17.05
N LYS I 174 11.10 7.71 -17.98
CA LYS I 174 11.39 7.51 -19.40
C LYS I 174 12.21 8.66 -19.98
N GLY I 175 12.11 9.84 -19.39
CA GLY I 175 12.87 11.00 -19.84
C GLY I 175 14.14 11.16 -19.03
N ASN I 176 14.52 12.40 -18.76
CA ASN I 176 15.72 12.73 -17.99
C ASN I 176 15.35 12.95 -16.52
N ALA I 177 16.34 12.89 -15.64
CA ALA I 177 16.12 13.13 -14.22
C ALA I 177 17.08 14.23 -13.79
N GLY I 178 16.63 15.05 -12.84
CA GLY I 178 17.42 16.15 -12.34
C GLY I 178 18.60 15.71 -11.50
N LEU I 179 19.08 16.60 -10.65
CA LEU I 179 20.24 16.34 -9.80
C LEU I 179 19.98 15.30 -8.72
N MET I 180 20.97 14.44 -8.52
CA MET I 180 21.01 13.46 -7.45
C MET I 180 19.82 12.49 -7.29
N PRO I 181 19.54 11.64 -8.30
CA PRO I 181 18.51 10.62 -8.10
C PRO I 181 19.09 9.49 -7.22
N GLY I 182 18.25 8.88 -6.40
CA GLY I 182 18.67 7.78 -5.53
C GLY I 182 19.49 8.15 -4.30
N ILE I 183 19.29 9.34 -3.73
CA ILE I 183 20.02 9.75 -2.53
C ILE I 183 19.71 8.79 -1.38
N SER I 184 20.74 8.30 -0.68
CA SER I 184 20.57 7.38 0.45
C SER I 184 19.66 6.20 0.14
N ASN I 185 19.70 5.69 -1.10
CA ASN I 185 18.85 4.56 -1.49
C ASN I 185 19.15 3.36 -0.59
N ASN I 186 18.10 2.72 -0.08
CA ASN I 186 18.27 1.59 0.82
C ASN I 186 17.29 0.46 0.48
N GLY I 187 17.33 0.00 -0.76
CA GLY I 187 16.47 -1.10 -1.20
C GLY I 187 15.64 -0.85 -2.44
N GLY I 188 15.62 0.39 -2.91
CA GLY I 188 14.82 0.74 -4.08
C GLY I 188 15.52 0.51 -5.39
N LYS I 189 14.72 0.45 -6.46
CA LYS I 189 15.23 0.25 -7.79
C LYS I 189 14.81 1.44 -8.62
N ILE I 190 15.78 2.19 -9.14
CA ILE I 190 15.50 3.36 -9.94
C ILE I 190 16.00 3.14 -11.36
N ILE I 191 15.17 3.45 -12.36
CA ILE I 191 15.54 3.33 -13.76
C ILE I 191 15.33 4.68 -14.44
N ILE I 192 16.38 5.22 -15.04
CA ILE I 192 16.29 6.48 -15.77
C ILE I 192 16.73 6.19 -17.18
N GLU I 193 15.81 6.31 -18.14
CA GLU I 193 16.13 6.00 -19.55
C GLU I 193 16.99 7.11 -20.14
N GLY I 194 16.79 8.35 -19.66
CA GLY I 194 17.52 9.50 -20.16
C GLY I 194 18.78 9.83 -19.39
N ASN I 195 19.10 11.13 -19.31
CA ASN I 195 20.31 11.62 -18.66
C ASN I 195 20.06 12.10 -17.24
N THR I 196 21.14 12.19 -16.43
CA THR I 196 21.08 12.66 -15.05
C THR I 196 22.51 12.99 -14.56
N THR I 197 22.69 13.38 -13.28
CA THR I 197 24.02 13.64 -12.75
C THR I 197 24.04 13.37 -11.24
N MET I 198 25.24 13.04 -10.73
CA MET I 198 25.48 12.76 -9.32
C MET I 198 24.50 11.77 -8.69
N PRO I 199 24.31 10.58 -9.31
CA PRO I 199 23.38 9.61 -8.75
C PRO I 199 23.92 8.79 -7.57
N GLY I 200 23.01 8.37 -6.70
CA GLY I 200 23.31 7.51 -5.57
C GLY I 200 24.22 8.00 -4.47
N GLY I 201 24.11 9.28 -4.10
CA GLY I 201 24.91 9.82 -3.02
C GLY I 201 24.51 9.18 -1.70
N GLU I 202 25.46 8.52 -1.03
CA GLU I 202 25.24 7.83 0.25
C GLU I 202 24.30 6.61 0.14
N MET I 203 24.19 5.97 -1.06
CA MET I 203 23.34 4.79 -1.24
C MET I 203 23.89 3.66 -0.35
N LYS I 204 23.00 2.92 0.33
CA LYS I 204 23.37 1.80 1.19
C LYS I 204 23.17 0.49 0.45
N LYS I 205 22.06 0.38 -0.27
CA LYS I 205 21.73 -0.81 -1.05
C LYS I 205 20.64 -0.46 -2.05
N GLY I 206 20.51 -1.27 -3.07
CA GLY I 206 19.53 -1.01 -4.12
C GLY I 206 20.18 -1.00 -5.48
N THR I 207 19.43 -0.55 -6.50
CA THR I 207 19.97 -0.53 -7.85
C THR I 207 19.53 0.72 -8.59
N ILE I 208 20.49 1.37 -9.28
CA ILE I 208 20.19 2.57 -10.08
C ILE I 208 20.67 2.26 -11.49
N ILE I 209 19.77 2.33 -12.48
CA ILE I 209 20.12 2.05 -13.87
C ILE I 209 19.88 3.30 -14.70
N ILE I 210 20.92 3.80 -15.38
CA ILE I 210 20.80 4.99 -16.22
C ILE I 210 21.19 4.60 -17.63
N ASN I 211 20.29 4.79 -18.59
CA ASN I 211 20.57 4.46 -19.99
C ASN I 211 21.17 5.65 -20.75
N GLY I 212 21.04 6.85 -20.22
CA GLY I 212 21.58 8.05 -20.84
C GLY I 212 22.94 8.40 -20.28
N ARG I 213 23.32 9.66 -20.43
CA ARG I 213 24.61 10.16 -19.96
C ARG I 213 24.55 10.65 -18.53
N VAL I 214 25.57 10.30 -17.74
CA VAL I 214 25.70 10.76 -16.36
C VAL I 214 26.79 11.82 -16.44
N ASP I 215 26.43 13.10 -16.36
CA ASP I 215 27.40 14.20 -16.47
C ASP I 215 28.54 14.08 -15.46
N GLU I 216 28.20 13.89 -14.18
CA GLU I 216 29.21 13.78 -13.13
C GLU I 216 28.87 12.64 -12.19
N LEU I 217 29.87 11.86 -11.82
CA LEU I 217 29.68 10.75 -10.89
C LEU I 217 30.13 11.23 -9.51
N VAL I 218 29.51 10.74 -8.43
CA VAL I 218 29.93 11.14 -7.08
C VAL I 218 31.21 10.33 -6.84
N PRO I 219 32.33 10.94 -6.40
CA PRO I 219 33.59 10.17 -6.23
C PRO I 219 33.63 9.25 -5.01
N VAL I 220 32.63 8.35 -4.92
CA VAL I 220 32.47 7.40 -3.82
C VAL I 220 32.12 5.98 -4.33
N TYR I 221 32.25 5.73 -5.64
CA TYR I 221 31.89 4.45 -6.22
C TYR I 221 33.08 3.67 -6.73
N GLN I 222 33.05 2.34 -6.52
CA GLN I 222 34.10 1.44 -6.98
C GLN I 222 33.67 0.84 -8.31
N GLN I 223 34.40 1.15 -9.39
CA GLN I 223 34.04 0.61 -10.69
C GLN I 223 34.32 -0.89 -10.70
N GLU I 224 33.39 -1.66 -11.27
CA GLU I 224 33.47 -3.11 -11.37
C GLU I 224 33.60 -3.48 -12.86
N GLU I 225 33.69 -4.77 -13.18
CA GLU I 225 33.77 -5.20 -14.57
C GLU I 225 32.41 -4.96 -15.22
N ASP I 226 32.40 -4.49 -16.49
CA ASP I 226 31.16 -4.22 -17.22
C ASP I 226 30.26 -5.46 -17.21
N GLU I 227 28.95 -5.26 -17.07
CA GLU I 227 28.01 -6.38 -17.03
C GLU I 227 26.93 -6.20 -18.08
N GLU I 228 26.43 -7.30 -18.62
CA GLU I 228 25.40 -7.26 -19.65
C GLU I 228 24.02 -7.52 -19.04
N LEU I 229 23.07 -6.59 -19.20
CA LEU I 229 21.72 -6.74 -18.69
C LEU I 229 20.81 -6.92 -19.90
N ASP I 230 20.32 -8.15 -20.13
CA ASP I 230 19.46 -8.49 -21.26
C ASP I 230 20.16 -8.22 -22.60
N GLY I 231 21.46 -8.52 -22.67
CA GLY I 231 22.24 -8.34 -23.88
C GLY I 231 22.84 -6.96 -24.07
N VAL I 232 22.46 -5.97 -23.23
CA VAL I 232 23.00 -4.61 -23.33
C VAL I 232 24.19 -4.46 -22.37
N SER I 233 25.35 -4.02 -22.89
CA SER I 233 26.52 -3.82 -22.05
C SER I 233 26.36 -2.57 -21.19
N TYR I 234 26.61 -2.69 -19.89
CA TYR I 234 26.50 -1.57 -18.95
C TYR I 234 27.80 -1.46 -18.14
N LYS I 235 28.17 -0.23 -17.82
CA LYS I 235 29.30 -0.04 -16.88
C LYS I 235 28.69 -0.28 -15.50
N LYS I 236 29.40 -0.98 -14.63
CA LYS I 236 28.88 -1.29 -13.31
C LYS I 236 29.74 -0.70 -12.20
N TYR I 237 29.10 -0.19 -11.15
CA TYR I 237 29.80 0.40 -10.00
C TYR I 237 29.13 -0.06 -8.70
N THR I 238 29.88 -0.09 -7.61
CA THR I 238 29.35 -0.48 -6.31
C THR I 238 29.60 0.66 -5.35
N GLY I 239 28.58 1.05 -4.59
CA GLY I 239 28.69 2.13 -3.63
C GLY I 239 27.37 2.41 -2.95
N ASP I 240 27.25 3.49 -2.15
CA ASP I 240 28.29 4.47 -1.83
C ASP I 240 29.28 3.79 -0.88
N VAL I 241 30.52 3.57 -1.33
CA VAL I 241 31.58 2.90 -0.58
C VAL I 241 31.93 3.61 0.75
N VAL I 242 31.96 4.94 0.74
CA VAL I 242 32.29 5.74 1.94
C VAL I 242 31.20 5.53 2.99
N ALA I 243 29.94 5.37 2.57
CA ALA I 243 28.83 5.17 3.49
C ALA I 243 28.67 3.67 3.88
N GLY I 244 29.61 2.82 3.50
CA GLY I 244 29.52 1.40 3.77
C GLY I 244 28.47 0.69 2.93
N GLY I 245 27.99 1.35 1.89
CA GLY I 245 26.98 0.81 1.00
C GLY I 245 27.47 -0.23 0.03
N LYS I 246 26.55 -1.11 -0.41
CA LYS I 246 26.82 -2.17 -1.37
C LYS I 246 25.80 -2.16 -2.52
N GLY I 247 25.20 -1.00 -2.80
CA GLY I 247 24.24 -0.89 -3.90
C GLY I 247 24.95 -0.89 -5.24
N THR I 248 24.21 -1.13 -6.32
CA THR I 248 24.80 -1.17 -7.65
C THR I 248 24.30 -0.05 -8.53
N LEU I 249 25.22 0.61 -9.24
CA LEU I 249 24.90 1.69 -10.16
C LEU I 249 25.32 1.25 -11.55
N TYR I 250 24.36 1.13 -12.48
CA TYR I 250 24.62 0.72 -13.84
C TYR I 250 24.45 1.91 -14.78
N ILE I 251 25.46 2.19 -15.61
CA ILE I 251 25.40 3.29 -16.57
C ILE I 251 25.71 2.68 -17.93
N LYS I 252 24.79 2.85 -18.88
CA LYS I 252 24.91 2.19 -20.21
C LYS I 252 26.23 2.51 -20.92
N ALA I 253 26.89 1.49 -21.45
CA ALA I 253 28.12 1.68 -22.25
C ALA I 253 27.72 1.74 -23.73
N LYS J 2 -14.67 -51.18 18.20
CA LYS J 2 -15.33 -49.99 17.68
C LYS J 2 -14.32 -49.08 17.00
N ARG J 3 -14.69 -48.51 15.85
CA ARG J 3 -13.84 -47.65 15.02
C ARG J 3 -14.56 -46.34 14.69
N ASP J 4 -13.84 -45.22 14.77
CA ASP J 4 -14.40 -43.90 14.47
C ASP J 4 -14.54 -43.73 12.97
N VAL J 5 -15.73 -43.30 12.52
CA VAL J 5 -16.01 -43.10 11.10
C VAL J 5 -16.84 -41.83 10.86
N ASN J 6 -16.94 -41.42 9.59
CA ASN J 6 -17.73 -40.28 9.16
C ASN J 6 -18.71 -40.87 8.16
N ILE J 7 -20.00 -40.88 8.49
CA ILE J 7 -21.03 -41.49 7.67
C ILE J 7 -21.52 -40.58 6.55
N VAL J 8 -21.62 -41.15 5.35
CA VAL J 8 -22.14 -40.46 4.18
C VAL J 8 -23.32 -41.32 3.73
N THR J 9 -24.44 -40.69 3.34
CA THR J 9 -25.61 -41.43 2.87
C THR J 9 -25.86 -40.93 1.45
N GLY J 10 -26.49 -41.75 0.62
CA GLY J 10 -26.74 -41.34 -0.76
C GLY J 10 -27.37 -42.41 -1.63
N ARG J 11 -27.31 -42.18 -2.95
CA ARG J 11 -27.90 -43.09 -3.93
C ARG J 11 -27.04 -44.28 -4.34
N THR J 12 -27.71 -45.37 -4.69
CA THR J 12 -27.13 -46.59 -5.26
C THR J 12 -28.15 -47.05 -6.32
N ILE J 13 -27.68 -47.60 -7.44
CA ILE J 13 -28.59 -48.07 -8.48
C ILE J 13 -29.60 -49.12 -7.96
N LYS J 14 -29.15 -50.02 -7.09
CA LYS J 14 -30.05 -51.05 -6.55
C LYS J 14 -31.07 -50.47 -5.58
N GLN J 15 -30.70 -49.38 -4.87
CA GLN J 15 -31.59 -48.72 -3.92
C GLN J 15 -32.72 -48.02 -4.67
N GLY J 16 -32.40 -47.40 -5.81
CA GLY J 16 -33.39 -46.70 -6.63
C GLY J 16 -34.26 -47.64 -7.45
N ALA J 17 -33.70 -48.78 -7.87
CA ALA J 17 -34.43 -49.75 -8.68
C ALA J 17 -35.64 -50.34 -7.96
N ASP J 18 -35.63 -50.39 -6.63
CA ASP J 18 -36.76 -50.94 -5.88
C ASP J 18 -37.30 -49.93 -4.84
N ILE J 19 -37.13 -48.62 -5.10
CA ILE J 19 -37.58 -47.56 -4.21
C ILE J 19 -39.11 -47.52 -4.08
N GLU J 20 -39.84 -48.02 -5.08
CA GLU J 20 -41.30 -48.07 -5.01
C GLU J 20 -41.79 -49.47 -4.59
N ASN J 21 -40.88 -50.32 -4.10
CA ASN J 21 -41.16 -51.68 -3.66
C ASN J 21 -40.42 -51.86 -2.32
N LYS J 22 -40.64 -50.91 -1.38
CA LYS J 22 -39.95 -50.87 -0.10
C LYS J 22 -40.25 -52.02 0.87
N LEU J 23 -41.31 -52.80 0.64
CA LEU J 23 -41.59 -53.92 1.54
C LEU J 23 -40.94 -55.23 1.05
N SER J 24 -40.22 -55.21 -0.08
CA SER J 24 -39.58 -56.37 -0.65
C SER J 24 -38.18 -56.62 -0.11
N ARG J 25 -37.70 -57.86 -0.28
CA ARG J 25 -36.36 -58.26 0.15
C ARG J 25 -35.30 -57.52 -0.69
N GLU J 26 -35.63 -57.17 -1.95
CA GLU J 26 -34.69 -56.46 -2.80
C GLU J 26 -34.38 -55.08 -2.23
N TYR J 27 -35.40 -54.38 -1.71
CA TYR J 27 -35.19 -53.06 -1.12
C TYR J 27 -34.37 -53.19 0.15
N PHE J 28 -34.70 -54.17 1.00
CA PHE J 28 -33.98 -54.40 2.24
C PHE J 28 -32.50 -54.70 1.97
N GLU J 29 -32.22 -55.53 0.96
CA GLU J 29 -30.85 -55.88 0.62
C GLU J 29 -30.07 -54.68 0.11
N ALA J 30 -30.75 -53.77 -0.60
CA ALA J 30 -30.10 -52.60 -1.16
C ALA J 30 -29.91 -51.45 -0.17
N CYS J 31 -30.78 -51.33 0.85
CA CYS J 31 -30.67 -50.21 1.78
C CYS J 31 -30.19 -50.56 3.18
N ALA J 32 -30.36 -51.80 3.63
CA ALA J 32 -29.87 -52.21 4.93
C ALA J 32 -28.46 -52.73 4.71
N ARG J 33 -27.50 -51.81 4.57
CA ARG J 33 -26.11 -52.17 4.33
C ARG J 33 -25.21 -50.95 4.53
N CYS J 34 -23.93 -51.22 4.80
CA CYS J 34 -22.93 -50.18 5.03
C CYS J 34 -21.68 -50.50 4.21
N GLU J 35 -21.32 -49.62 3.27
CA GLU J 35 -20.13 -49.83 2.44
C GLU J 35 -18.95 -49.20 3.16
N VAL J 36 -17.87 -49.97 3.32
CA VAL J 36 -16.67 -49.50 4.01
C VAL J 36 -15.44 -49.79 3.16
N GLY J 37 -14.37 -49.06 3.39
CA GLY J 37 -13.12 -49.22 2.66
C GLY J 37 -12.32 -50.43 3.12
N PRO J 38 -11.20 -50.75 2.44
CA PRO J 38 -10.42 -51.93 2.84
C PRO J 38 -9.73 -51.86 4.20
N GLU J 39 -9.22 -50.69 4.58
CA GLU J 39 -8.53 -50.54 5.87
C GLU J 39 -9.48 -50.73 7.06
N ASP J 40 -10.68 -50.15 7.00
CA ASP J 40 -11.65 -50.28 8.08
C ASP J 40 -12.17 -51.72 8.18
N LEU J 41 -12.44 -52.38 7.04
CA LEU J 41 -12.92 -53.77 7.09
C LEU J 41 -11.86 -54.70 7.71
N ARG J 42 -10.59 -54.50 7.35
CA ARG J 42 -9.51 -55.32 7.88
C ARG J 42 -9.36 -55.08 9.39
N ALA J 43 -9.39 -53.81 9.83
CA ALA J 43 -9.29 -53.48 11.24
C ALA J 43 -10.49 -54.02 12.03
N LEU J 44 -11.67 -54.11 11.40
CA LEU J 44 -12.84 -54.67 12.08
C LEU J 44 -12.69 -56.17 12.33
N GLY J 45 -11.90 -56.86 11.49
CA GLY J 45 -11.65 -58.29 11.61
C GLY J 45 -12.85 -59.14 11.23
N ILE J 46 -13.70 -58.63 10.32
CA ILE J 46 -14.89 -59.37 9.89
C ILE J 46 -14.95 -59.46 8.37
N SER J 47 -15.74 -60.42 7.87
CA SER J 47 -15.91 -60.63 6.44
C SER J 47 -17.11 -59.87 5.90
N GLU J 48 -17.21 -59.73 4.57
CA GLU J 48 -18.35 -59.06 3.94
C GLU J 48 -19.61 -59.85 4.26
N GLY J 49 -20.69 -59.16 4.59
CA GLY J 49 -21.94 -59.83 4.95
C GLY J 49 -22.17 -59.90 6.45
N SER J 50 -21.10 -59.78 7.25
CA SER J 50 -21.21 -59.80 8.71
C SER J 50 -21.89 -58.52 9.18
N ASN J 51 -22.71 -58.60 10.22
CA ASN J 51 -23.41 -57.44 10.73
C ASN J 51 -22.53 -56.54 11.57
N VAL J 52 -22.82 -55.24 11.48
CA VAL J 52 -22.10 -54.20 12.21
C VAL J 52 -23.13 -53.25 12.79
N ARG J 53 -22.78 -52.55 13.87
CA ARG J 53 -23.67 -51.58 14.49
C ARG J 53 -23.05 -50.20 14.24
N ILE J 54 -23.77 -49.33 13.51
CA ILE J 54 -23.30 -47.96 13.26
C ILE J 54 -24.02 -47.11 14.32
N SER J 55 -23.27 -46.34 15.11
CA SER J 55 -23.85 -45.52 16.16
C SER J 55 -23.40 -44.07 16.07
N THR J 56 -24.36 -43.14 16.22
CA THR J 56 -24.10 -41.69 16.23
C THR J 56 -24.78 -41.12 17.48
N ASP J 57 -24.59 -39.82 17.76
CA ASP J 57 -25.24 -39.20 18.91
C ASP J 57 -26.77 -39.12 18.69
N PHE J 58 -27.27 -39.48 17.49
CA PHE J 58 -28.69 -39.39 17.16
C PHE J 58 -29.41 -40.73 17.03
N GLY J 59 -28.68 -41.84 17.06
CA GLY J 59 -29.28 -43.16 16.95
C GLY J 59 -28.28 -44.26 16.61
N SER J 60 -28.78 -45.49 16.48
CA SER J 60 -27.95 -46.64 16.15
C SER J 60 -28.72 -47.60 15.24
N VAL J 61 -28.02 -48.25 14.30
CA VAL J 61 -28.65 -49.19 13.37
C VAL J 61 -27.72 -50.38 13.12
N VAL J 62 -28.29 -51.58 12.92
CA VAL J 62 -27.53 -52.79 12.64
C VAL J 62 -27.80 -53.16 11.18
N VAL J 63 -26.73 -53.30 10.39
CA VAL J 63 -26.84 -53.64 8.96
C VAL J 63 -25.63 -54.46 8.51
N PRO J 64 -25.77 -55.35 7.51
CA PRO J 64 -24.61 -56.10 7.02
C PRO J 64 -23.54 -55.17 6.45
N VAL J 65 -22.27 -55.57 6.57
CA VAL J 65 -21.16 -54.77 6.05
C VAL J 65 -20.84 -55.18 4.61
N ALA J 66 -20.29 -54.25 3.83
CA ALA J 66 -19.92 -54.51 2.44
C ALA J 66 -18.67 -53.72 2.11
N LEU J 67 -17.88 -54.20 1.14
CA LEU J 67 -16.65 -53.52 0.77
C LEU J 67 -16.84 -52.60 -0.42
N CYS J 68 -16.22 -51.42 -0.34
CA CYS J 68 -16.19 -50.47 -1.43
C CYS J 68 -14.76 -49.96 -1.47
N GLU J 69 -14.01 -50.37 -2.50
CA GLU J 69 -12.62 -49.98 -2.65
C GLU J 69 -12.42 -48.47 -2.87
N GLY J 70 -13.47 -47.76 -3.26
CA GLY J 70 -13.38 -46.32 -3.48
C GLY J 70 -13.55 -45.50 -2.20
N ASN J 71 -13.88 -46.13 -1.08
CA ASN J 71 -14.06 -45.42 0.19
C ASN J 71 -12.75 -45.24 0.94
N PRO J 72 -12.29 -44.00 1.20
CA PRO J 72 -11.06 -43.82 1.99
C PRO J 72 -11.27 -44.21 3.46
N THR J 73 -10.19 -44.42 4.22
CA THR J 73 -10.29 -44.78 5.64
C THR J 73 -11.07 -43.72 6.39
N GLY J 74 -11.99 -44.15 7.24
CA GLY J 74 -12.82 -43.23 8.01
C GLY J 74 -14.13 -42.87 7.34
N ILE J 75 -14.32 -43.29 6.08
CA ILE J 75 -15.55 -42.94 5.33
C ILE J 75 -16.42 -44.19 5.13
N VAL J 76 -17.64 -44.18 5.67
CA VAL J 76 -18.56 -45.29 5.50
C VAL J 76 -19.80 -44.74 4.80
N PHE J 77 -20.47 -45.57 4.01
CA PHE J 77 -21.63 -45.14 3.26
C PHE J 77 -22.82 -46.03 3.49
N ILE J 78 -23.95 -45.44 3.87
CA ILE J 78 -25.18 -46.19 4.07
C ILE J 78 -26.15 -45.69 3.00
N PRO J 79 -26.70 -46.54 2.11
CA PRO J 79 -27.64 -46.01 1.09
C PRO J 79 -28.81 -45.31 1.75
N MET J 80 -29.33 -44.25 1.11
CA MET J 80 -30.46 -43.52 1.67
C MET J 80 -31.65 -44.46 1.90
N GLY J 81 -32.34 -44.26 3.00
CA GLY J 81 -33.47 -45.10 3.38
C GLY J 81 -33.69 -45.06 4.87
N PRO J 82 -34.63 -45.87 5.38
CA PRO J 82 -34.90 -45.82 6.83
C PRO J 82 -33.73 -46.27 7.72
N TRP J 83 -32.88 -47.17 7.24
CA TRP J 83 -31.74 -47.63 8.03
C TRP J 83 -30.73 -46.50 8.20
N ALA J 84 -30.43 -45.79 7.10
CA ALA J 84 -29.51 -44.67 7.17
C ALA J 84 -30.12 -43.55 8.02
N ASN J 85 -31.42 -43.27 7.83
CA ASN J 85 -32.09 -42.20 8.57
C ASN J 85 -32.30 -42.49 10.04
N ALA J 86 -31.87 -43.65 10.54
CA ALA J 86 -31.96 -43.96 11.96
C ALA J 86 -30.75 -43.36 12.71
N VAL J 87 -29.66 -42.97 11.99
CA VAL J 87 -28.45 -42.42 12.61
C VAL J 87 -28.07 -41.00 12.13
N VAL J 88 -28.73 -40.47 11.09
CA VAL J 88 -28.41 -39.13 10.58
C VAL J 88 -28.74 -38.01 11.60
N ASN J 89 -28.13 -36.81 11.41
CA ASN J 89 -28.36 -35.67 12.29
C ASN J 89 -29.71 -35.02 11.97
N PRO J 90 -30.68 -35.03 12.91
CA PRO J 90 -31.99 -34.44 12.61
C PRO J 90 -32.04 -32.91 12.65
N ASP J 91 -30.95 -32.24 13.07
CA ASP J 91 -30.94 -30.78 13.11
C ASP J 91 -31.13 -30.24 11.69
N THR J 92 -31.98 -29.22 11.51
CA THR J 92 -32.27 -28.67 10.19
C THR J 92 -31.36 -27.52 9.75
N HIS J 93 -30.32 -27.23 10.55
CA HIS J 93 -29.32 -26.21 10.23
C HIS J 93 -29.87 -24.85 9.77
N GLY J 94 -30.98 -24.44 10.35
CA GLY J 94 -31.59 -23.15 10.04
C GLY J 94 -32.14 -23.00 8.64
N CYS J 95 -32.21 -24.09 7.86
CA CYS J 95 -32.72 -24.00 6.49
C CYS J 95 -33.59 -25.20 6.07
N GLY J 96 -34.04 -26.00 7.02
CA GLY J 96 -34.89 -27.14 6.73
C GLY J 96 -34.19 -28.38 6.21
N MET J 97 -32.87 -28.36 6.20
CA MET J 97 -32.09 -29.49 5.69
C MET J 97 -31.43 -30.30 6.80
N PRO J 98 -31.84 -31.56 7.05
CA PRO J 98 -31.12 -32.36 8.06
C PRO J 98 -29.69 -32.68 7.60
N GLY J 99 -28.87 -33.18 8.52
CA GLY J 99 -27.49 -33.55 8.19
C GLY J 99 -27.43 -34.98 7.66
N PHE J 100 -27.69 -35.13 6.35
CA PHE J 100 -27.69 -36.45 5.72
C PHE J 100 -26.29 -36.93 5.37
N LYS J 101 -25.35 -36.03 5.07
CA LYS J 101 -24.00 -36.41 4.68
C LYS J 101 -22.93 -35.80 5.59
N GLY J 102 -22.08 -36.66 6.14
CA GLY J 102 -20.99 -36.24 7.02
C GLY J 102 -21.36 -36.26 8.49
N VAL J 103 -21.84 -37.41 8.96
CA VAL J 103 -22.24 -37.53 10.36
C VAL J 103 -21.17 -38.29 11.13
N PRO J 104 -20.56 -37.72 12.18
CA PRO J 104 -19.57 -38.50 12.94
C PRO J 104 -20.24 -39.65 13.66
N GLY J 105 -19.59 -40.81 13.66
CA GLY J 105 -20.14 -41.98 14.32
C GLY J 105 -19.09 -43.06 14.55
N THR J 106 -19.55 -44.24 14.94
CA THR J 106 -18.68 -45.38 15.19
C THR J 106 -19.25 -46.62 14.52
N ILE J 107 -18.38 -47.53 14.11
CA ILE J 107 -18.77 -48.79 13.49
C ILE J 107 -18.13 -49.92 14.31
N GLU J 108 -18.85 -51.02 14.52
CA GLU J 108 -18.32 -52.14 15.30
C GLU J 108 -19.00 -53.42 14.95
N PRO J 109 -18.34 -54.59 15.03
CA PRO J 109 -19.06 -55.84 14.75
C PRO J 109 -20.15 -56.07 15.79
N THR J 110 -21.18 -56.84 15.44
CA THR J 110 -22.26 -57.13 16.39
C THR J 110 -22.88 -58.49 16.14
N ASP J 111 -23.41 -59.08 17.22
CA ASP J 111 -24.12 -60.36 17.14
C ASP J 111 -25.61 -60.10 16.86
N ASP J 112 -26.07 -58.83 16.92
CA ASP J 112 -27.45 -58.46 16.68
C ASP J 112 -27.78 -58.60 15.19
N THR J 113 -29.07 -58.57 14.84
CA THR J 113 -29.48 -58.74 13.46
C THR J 113 -30.24 -57.53 12.92
N PRO J 114 -30.14 -57.24 11.61
CA PRO J 114 -30.88 -56.10 11.07
C PRO J 114 -32.38 -56.22 11.28
N LEU J 115 -33.08 -55.09 11.33
CA LEU J 115 -34.52 -55.09 11.49
C LEU J 115 -35.12 -54.82 10.13
N ASP J 116 -36.23 -55.49 9.81
CA ASP J 116 -36.91 -55.25 8.53
C ASP J 116 -37.58 -53.87 8.62
N LEU J 117 -38.03 -53.33 7.49
CA LEU J 117 -38.64 -52.00 7.45
C LEU J 117 -39.83 -51.82 8.42
N LYS J 118 -40.78 -52.76 8.45
CA LYS J 118 -41.94 -52.62 9.34
C LYS J 118 -41.53 -52.58 10.82
N SER J 119 -40.57 -53.41 11.24
CA SER J 119 -40.10 -53.41 12.63
C SER J 119 -39.42 -52.09 12.99
N LEU J 120 -38.64 -51.55 12.06
CA LEU J 120 -37.95 -50.28 12.27
C LEU J 120 -38.97 -49.14 12.43
N MET J 121 -40.01 -49.10 11.56
CA MET J 121 -41.05 -48.08 11.64
C MET J 121 -41.87 -48.25 12.93
N LYS J 122 -42.02 -49.49 13.43
CA LYS J 122 -42.76 -49.76 14.67
C LYS J 122 -42.06 -49.14 15.88
N LEU J 123 -40.74 -48.95 15.82
CA LEU J 123 -40.00 -48.34 16.92
C LEU J 123 -40.33 -46.85 17.05
N TYR J 124 -40.74 -46.19 15.95
CA TYR J 124 -41.07 -44.76 15.98
C TYR J 124 -42.53 -44.49 16.39
N LYS J 125 -43.35 -45.54 16.46
CA LYS J 125 -44.75 -45.40 16.84
C LYS J 125 -44.93 -45.54 18.35
N GLU J 126 -46.03 -44.97 18.86
CA GLU J 126 -46.34 -44.99 20.29
C GLU J 126 -47.55 -45.88 20.56
N MET K 1 -7.55 -34.84 -25.71
CA MET K 1 -8.14 -35.59 -26.81
C MET K 1 -7.17 -36.64 -27.31
N MET K 2 -7.69 -37.84 -27.60
CA MET K 2 -6.89 -38.95 -28.11
C MET K 2 -7.41 -39.31 -29.50
N ASN K 3 -6.50 -39.69 -30.41
CA ASN K 3 -6.89 -40.04 -31.78
C ASN K 3 -6.27 -41.36 -32.24
N GLY K 4 -6.25 -42.34 -31.34
CA GLY K 4 -5.75 -43.70 -31.59
C GLY K 4 -4.45 -43.81 -32.38
N TYR K 5 -4.49 -44.60 -33.46
CA TYR K 5 -3.32 -44.82 -34.29
C TYR K 5 -2.84 -43.54 -34.96
N ASP K 6 -3.78 -42.65 -35.36
CA ASP K 6 -3.39 -41.39 -36.00
C ASP K 6 -2.58 -40.53 -35.02
N GLN K 7 -2.89 -40.60 -33.72
CA GLN K 7 -2.15 -39.87 -32.70
C GLN K 7 -0.77 -40.48 -32.54
N LEU K 8 -0.67 -41.83 -32.58
CA LEU K 8 0.61 -42.52 -32.46
C LEU K 8 1.52 -42.14 -33.62
N VAL K 9 0.96 -41.99 -34.82
CA VAL K 9 1.75 -41.62 -35.99
C VAL K 9 2.32 -40.21 -35.83
N GLU K 10 1.47 -39.25 -35.49
CA GLU K 10 1.89 -37.85 -35.36
C GLU K 10 2.78 -37.57 -34.15
N GLU K 11 2.47 -38.16 -33.00
CA GLU K 11 3.22 -37.88 -31.77
C GLU K 11 4.28 -38.89 -31.37
N VAL K 12 4.35 -40.08 -32.00
CA VAL K 12 5.35 -41.08 -31.59
C VAL K 12 6.16 -41.67 -32.77
N ILE K 13 5.48 -42.34 -33.73
CA ILE K 13 6.15 -43.02 -34.85
C ILE K 13 6.86 -42.02 -35.76
N ASP K 14 6.12 -41.12 -36.42
CA ASP K 14 6.75 -40.13 -37.28
C ASP K 14 7.55 -39.11 -36.46
N ALA K 15 7.26 -38.95 -35.15
CA ALA K 15 8.03 -38.07 -34.29
C ALA K 15 9.44 -38.64 -34.01
N GLY K 16 9.64 -39.93 -34.26
CA GLY K 16 10.93 -40.59 -34.09
C GLY K 16 11.22 -41.15 -32.71
N ILE K 17 10.22 -41.16 -31.81
CA ILE K 17 10.41 -41.69 -30.45
C ILE K 17 9.77 -43.03 -30.18
N CYS K 18 9.31 -43.75 -31.21
CA CYS K 18 8.71 -45.06 -31.02
C CYS K 18 9.79 -46.00 -30.49
N VAL K 19 9.48 -46.74 -29.42
CA VAL K 19 10.45 -47.68 -28.84
C VAL K 19 10.29 -49.09 -29.44
N SER K 20 9.45 -49.24 -30.50
CA SER K 20 9.20 -50.51 -31.18
C SER K 20 8.90 -51.64 -30.20
N CYS K 21 7.97 -51.40 -29.25
CA CYS K 21 7.60 -52.42 -28.27
C CYS K 21 6.58 -53.41 -28.87
N GLY K 22 5.68 -52.91 -29.72
CA GLY K 22 4.64 -53.73 -30.34
C GLY K 22 3.34 -53.76 -29.56
N ASN K 23 3.24 -53.00 -28.45
CA ASN K 23 2.04 -53.03 -27.62
C ASN K 23 0.79 -52.58 -28.38
N CYS K 24 0.92 -51.56 -29.26
CA CYS K 24 -0.22 -51.06 -30.05
C CYS K 24 -0.80 -52.19 -30.91
N ALA K 25 0.07 -53.02 -31.51
CA ALA K 25 -0.35 -54.16 -32.33
C ALA K 25 -1.02 -55.24 -31.49
N ALA K 26 -0.58 -55.41 -30.24
CA ALA K 26 -1.14 -56.42 -29.35
C ALA K 26 -2.47 -56.05 -28.69
N VAL K 27 -2.88 -54.76 -28.75
CA VAL K 27 -4.12 -54.32 -28.10
C VAL K 27 -5.28 -54.06 -29.06
N CYS K 28 -4.99 -53.73 -30.33
CA CYS K 28 -6.04 -53.41 -31.30
C CYS K 28 -7.11 -54.50 -31.44
N PRO K 29 -8.39 -54.23 -31.07
CA PRO K 29 -9.42 -55.27 -31.21
C PRO K 29 -9.80 -55.61 -32.64
N LEU K 30 -9.43 -54.75 -33.59
CA LEU K 30 -9.74 -55.00 -34.99
C LEU K 30 -8.51 -55.46 -35.79
N GLN K 31 -7.37 -55.75 -35.12
CA GLN K 31 -6.15 -56.23 -35.77
C GLN K 31 -5.72 -55.30 -36.92
N TYR K 32 -5.77 -54.00 -36.69
CA TYR K 32 -5.38 -53.01 -37.68
C TYR K 32 -3.88 -52.84 -37.73
N ILE K 33 -3.19 -52.94 -36.58
CA ILE K 33 -1.76 -52.70 -36.49
C ILE K 33 -0.93 -53.99 -36.44
N SER K 34 0.20 -53.98 -37.17
CA SER K 34 1.13 -55.10 -37.24
C SER K 34 2.56 -54.55 -37.28
N MET K 35 3.52 -55.28 -36.71
CA MET K 35 4.91 -54.83 -36.69
C MET K 35 5.62 -55.25 -37.98
N GLU K 36 6.27 -54.30 -38.66
CA GLU K 36 7.03 -54.56 -39.89
C GLU K 36 8.37 -53.84 -39.77
N GLU K 37 9.50 -54.57 -39.85
CA GLU K 37 10.82 -53.97 -39.71
C GLU K 37 10.93 -53.28 -38.33
N LYS K 38 10.26 -53.84 -37.31
CA LYS K 38 10.24 -53.28 -35.96
C LYS K 38 9.56 -51.90 -35.93
N LYS K 39 8.73 -51.59 -36.93
CA LYS K 39 8.02 -50.31 -37.01
C LYS K 39 6.51 -50.57 -37.06
N PRO K 40 5.65 -49.85 -36.29
CA PRO K 40 4.21 -50.15 -36.37
C PRO K 40 3.56 -49.71 -37.67
N VAL K 41 2.81 -50.60 -38.32
CA VAL K 41 2.12 -50.28 -39.57
C VAL K 41 0.64 -50.61 -39.42
N GLN K 42 -0.19 -49.86 -40.15
CA GLN K 42 -1.63 -50.05 -40.11
C GLN K 42 -2.16 -50.53 -41.44
N ASP K 43 -3.16 -51.44 -41.41
CA ASP K 43 -3.80 -51.94 -42.62
C ASP K 43 -4.88 -50.91 -42.96
N ARG K 44 -4.51 -49.86 -43.71
CA ARG K 44 -5.44 -48.79 -44.07
C ARG K 44 -6.57 -49.25 -44.97
N GLU K 45 -6.34 -50.23 -45.84
CA GLU K 45 -7.40 -50.76 -46.70
C GLU K 45 -8.48 -51.42 -45.85
N LYS K 46 -8.09 -52.15 -44.80
CA LYS K 46 -9.03 -52.82 -43.92
C LYS K 46 -9.80 -51.79 -43.09
N ARG K 47 -9.10 -50.75 -42.61
CA ARG K 47 -9.74 -49.72 -41.82
C ARG K 47 -10.79 -48.99 -42.65
N ASP K 48 -10.46 -48.65 -43.90
CA ASP K 48 -11.40 -47.96 -44.78
C ASP K 48 -12.65 -48.80 -45.06
N GLU K 49 -12.50 -50.12 -45.18
CA GLU K 49 -13.63 -51.00 -45.45
C GLU K 49 -14.54 -51.08 -44.22
N ILE K 50 -13.95 -51.18 -43.02
CA ILE K 50 -14.73 -51.26 -41.77
C ILE K 50 -15.45 -49.95 -41.55
N GLU K 51 -14.76 -48.81 -41.75
CA GLU K 51 -15.36 -47.50 -41.53
C GLU K 51 -16.46 -47.18 -42.53
N LYS K 52 -16.31 -47.60 -43.79
CA LYS K 52 -17.31 -47.33 -44.82
C LYS K 52 -18.60 -48.15 -44.60
N ARG K 53 -18.48 -49.34 -44.03
CA ARG K 53 -19.62 -50.24 -43.82
C ARG K 53 -20.15 -50.25 -42.40
N SER K 54 -19.32 -49.97 -41.41
CA SER K 54 -19.73 -50.05 -40.00
C SER K 54 -19.43 -48.84 -39.12
N GLY K 55 -18.77 -47.82 -39.64
CA GLY K 55 -18.50 -46.61 -38.86
C GLY K 55 -17.11 -46.44 -38.29
N LEU K 56 -16.93 -45.32 -37.57
CA LEU K 56 -15.66 -44.95 -36.98
C LEU K 56 -15.35 -45.74 -35.71
N ALA K 57 -14.79 -46.94 -35.88
CA ALA K 57 -14.46 -47.80 -34.76
C ALA K 57 -13.31 -47.33 -33.88
N CYS K 58 -12.48 -46.40 -34.37
CA CYS K 58 -11.36 -45.88 -33.58
C CYS K 58 -11.80 -44.71 -32.70
N ASN K 59 -12.86 -43.97 -33.09
CA ASN K 59 -13.36 -42.77 -32.41
C ASN K 59 -13.35 -42.83 -30.87
N ASP K 60 -14.11 -43.77 -30.28
CA ASP K 60 -14.16 -43.87 -28.82
C ASP K 60 -13.44 -45.11 -28.32
N CYS K 61 -12.39 -45.54 -29.03
CA CYS K 61 -11.60 -46.69 -28.66
C CYS K 61 -10.27 -46.16 -28.08
N ASN K 62 -9.33 -45.70 -28.94
CA ASN K 62 -8.04 -45.16 -28.54
C ASN K 62 -7.24 -46.12 -27.64
N LEU K 63 -7.50 -47.43 -27.75
CA LEU K 63 -6.79 -48.42 -26.92
C LEU K 63 -5.29 -48.47 -27.27
N CYS K 64 -4.95 -48.30 -28.55
CA CYS K 64 -3.54 -48.31 -28.96
C CYS K 64 -2.80 -47.12 -28.37
N ALA K 65 -3.40 -45.92 -28.40
CA ALA K 65 -2.76 -44.74 -27.84
C ALA K 65 -2.64 -44.84 -26.32
N MET K 66 -3.66 -45.37 -25.62
CA MET K 66 -3.58 -45.49 -24.17
C MET K 66 -2.61 -46.59 -23.71
N SER K 67 -2.19 -47.48 -24.64
CA SER K 67 -1.24 -48.55 -24.33
C SER K 67 0.22 -48.20 -24.69
N CYS K 68 0.45 -47.13 -25.47
CA CYS K 68 1.80 -46.77 -25.90
C CYS K 68 2.65 -46.18 -24.77
N PRO K 69 3.87 -46.70 -24.54
CA PRO K 69 4.71 -46.13 -23.47
C PRO K 69 5.16 -44.70 -23.75
N ARG K 70 5.03 -44.22 -25.00
CA ARG K 70 5.43 -42.87 -25.36
C ARG K 70 4.24 -41.89 -25.38
N ILE K 71 3.08 -42.27 -24.83
CA ILE K 71 1.90 -41.41 -24.72
C ILE K 71 1.68 -41.25 -23.22
N GLU K 72 1.62 -40.00 -22.77
CA GLU K 72 1.45 -39.68 -21.35
C GLU K 72 0.04 -40.07 -20.85
N PRO K 73 -0.13 -40.78 -19.70
CA PRO K 73 -1.50 -41.08 -19.25
C PRO K 73 -2.25 -39.77 -18.96
N THR K 74 -3.54 -39.69 -19.29
CA THR K 74 -4.32 -38.46 -19.06
C THR K 74 -5.53 -38.66 -18.14
N TYR K 75 -6.16 -39.86 -18.15
CA TYR K 75 -7.35 -40.10 -17.34
C TYR K 75 -7.03 -40.53 -15.92
N PHE K 76 -7.86 -40.11 -14.97
CA PHE K 76 -7.71 -40.43 -13.56
C PHE K 76 -7.49 -41.93 -13.28
N TRP K 77 -8.35 -42.80 -13.83
CA TRP K 77 -8.26 -44.23 -13.59
C TRP K 77 -6.92 -44.83 -13.97
N GLN K 78 -6.45 -44.58 -15.20
CA GLN K 78 -5.17 -45.12 -15.65
C GLN K 78 -4.03 -44.62 -14.74
N LYS K 79 -4.02 -43.34 -14.39
CA LYS K 79 -2.99 -42.77 -13.52
C LYS K 79 -3.04 -43.43 -12.12
N ARG K 80 -4.25 -43.62 -11.57
CA ARG K 80 -4.41 -44.23 -10.25
C ARG K 80 -3.91 -45.67 -10.25
N GLU K 81 -4.28 -46.46 -11.27
CA GLU K 81 -3.87 -47.85 -11.36
C GLU K 81 -2.37 -47.99 -11.58
N LEU K 82 -1.77 -47.12 -12.41
CA LEU K 82 -0.34 -47.17 -12.65
C LEU K 82 0.43 -46.88 -11.36
N LYS K 83 -0.03 -45.92 -10.55
CA LYS K 83 0.65 -45.61 -9.29
C LYS K 83 0.60 -46.81 -8.34
N ARG K 84 -0.52 -47.54 -8.33
CA ARG K 84 -0.68 -48.72 -7.49
C ARG K 84 0.26 -49.85 -7.96
N MET K 85 0.59 -49.89 -9.26
CA MET K 85 1.48 -50.90 -9.83
C MET K 85 2.97 -50.54 -9.65
N GLU K 86 3.28 -49.33 -9.17
CA GLU K 86 4.66 -48.90 -8.93
C GLU K 86 5.04 -49.47 -7.58
N HIS K 87 6.07 -50.31 -7.53
CA HIS K 87 6.45 -50.94 -6.27
C HIS K 87 7.95 -50.94 -6.02
N GLU K 88 8.35 -50.59 -4.79
CA GLU K 88 9.75 -50.62 -4.38
C GLU K 88 10.03 -52.09 -4.01
N GLY K 89 11.28 -52.50 -4.10
CA GLY K 89 11.64 -53.88 -3.78
C GLY K 89 12.93 -54.01 -3.00
N GLU K 90 13.21 -55.22 -2.52
CA GLU K 90 14.42 -55.48 -1.78
C GLU K 90 15.54 -55.79 -2.76
N VAL K 91 16.69 -55.13 -2.62
CA VAL K 91 17.81 -55.35 -3.52
C VAL K 91 18.68 -56.47 -2.97
N LYS K 92 18.97 -57.45 -3.82
CA LYS K 92 19.82 -58.59 -3.47
C LYS K 92 20.67 -58.91 -4.71
N ALA K 93 21.59 -59.86 -4.59
CA ALA K 93 22.44 -60.28 -5.69
C ALA K 93 22.29 -61.80 -5.77
N ALA K 94 22.06 -62.34 -6.97
CA ALA K 94 21.87 -63.78 -7.12
C ALA K 94 22.61 -64.35 -8.34
N ARG K 95 22.82 -65.66 -8.34
CA ARG K 95 23.52 -66.35 -9.42
C ARG K 95 22.95 -67.78 -9.56
N THR K 96 22.86 -68.29 -10.79
CA THR K 96 22.34 -69.64 -11.05
C THR K 96 23.29 -70.74 -10.56
N THR K 97 22.74 -71.93 -10.34
CA THR K 97 23.49 -73.13 -9.94
C THR K 97 23.53 -74.15 -11.10
N TYR K 98 22.78 -73.89 -12.18
CA TYR K 98 22.70 -74.74 -13.37
C TYR K 98 23.74 -74.26 -14.36
N LYS K 99 24.78 -75.08 -14.57
CA LYS K 99 25.89 -74.74 -15.46
C LYS K 99 25.48 -74.40 -16.91
N PRO K 100 24.59 -75.16 -17.56
CA PRO K 100 24.21 -74.81 -18.94
C PRO K 100 23.74 -73.36 -19.11
N ILE K 101 23.14 -72.77 -18.06
CA ILE K 101 22.68 -71.38 -18.13
C ILE K 101 23.88 -70.44 -17.93
N GLN K 102 24.70 -70.70 -16.91
CA GLN K 102 25.86 -69.85 -16.63
C GLN K 102 26.83 -69.76 -17.82
N ASP K 103 26.85 -70.76 -18.71
CA ASP K 103 27.71 -70.76 -19.88
C ASP K 103 27.24 -69.78 -20.97
N VAL K 104 25.96 -69.35 -20.94
CA VAL K 104 25.40 -68.45 -21.96
C VAL K 104 24.80 -67.16 -21.39
N CYS K 105 24.48 -67.14 -20.09
CA CYS K 105 23.88 -65.97 -19.46
C CYS K 105 24.78 -64.74 -19.50
N GLN K 106 24.20 -63.56 -19.26
CA GLN K 106 24.93 -62.31 -19.26
C GLN K 106 25.65 -62.11 -17.94
N ASP K 107 24.94 -62.30 -16.82
CA ASP K 107 25.53 -62.12 -15.50
C ASP K 107 25.34 -63.38 -14.65
N GLY K 108 24.28 -63.43 -13.83
CA GLY K 108 24.00 -64.57 -12.97
C GLY K 108 23.02 -65.57 -13.57
N GLY K 109 22.38 -65.21 -14.67
CA GLY K 109 21.40 -66.09 -15.31
C GLY K 109 20.14 -66.27 -14.50
N ILE K 110 19.70 -65.21 -13.81
CA ILE K 110 18.49 -65.28 -13.00
C ILE K 110 17.24 -65.26 -13.86
N VAL K 111 17.26 -64.51 -14.96
CA VAL K 111 16.10 -64.45 -15.85
C VAL K 111 15.85 -65.82 -16.46
N THR K 112 16.88 -66.42 -17.07
CA THR K 112 16.76 -67.73 -17.70
C THR K 112 16.37 -68.79 -16.67
N THR K 113 16.95 -68.73 -15.47
CA THR K 113 16.63 -69.70 -14.42
C THR K 113 15.19 -69.56 -13.94
N LEU K 114 14.72 -68.34 -13.72
CA LEU K 114 13.34 -68.12 -13.27
C LEU K 114 12.36 -68.66 -14.31
N PHE K 115 12.57 -68.32 -15.58
CA PHE K 115 11.70 -68.78 -16.66
C PHE K 115 11.77 -70.30 -16.83
N LYS K 116 12.94 -70.89 -16.56
CA LYS K 116 13.09 -72.34 -16.63
C LYS K 116 12.20 -72.97 -15.55
N TYR K 117 12.31 -72.48 -14.31
CA TYR K 117 11.52 -72.98 -13.20
C TYR K 117 10.01 -72.81 -13.48
N LEU K 118 9.59 -71.63 -13.95
CA LEU K 118 8.17 -71.40 -14.22
C LEU K 118 7.61 -72.39 -15.24
N LEU K 119 8.42 -72.79 -16.23
CA LEU K 119 7.97 -73.75 -17.24
C LEU K 119 8.00 -75.17 -16.66
N ASP K 120 9.11 -75.56 -16.01
CA ASP K 120 9.26 -76.89 -15.43
C ASP K 120 8.21 -77.16 -14.35
N SER K 121 7.83 -76.11 -13.60
CA SER K 121 6.83 -76.22 -12.54
C SER K 121 5.39 -76.17 -13.06
N GLY K 122 5.20 -75.82 -14.33
CA GLY K 122 3.87 -75.72 -14.91
C GLY K 122 3.13 -74.46 -14.51
N ARG K 123 3.85 -73.47 -13.96
CA ARG K 123 3.26 -72.20 -13.54
C ARG K 123 2.85 -71.37 -14.74
N VAL K 124 3.56 -71.53 -15.87
CA VAL K 124 3.27 -70.80 -17.11
C VAL K 124 3.36 -71.77 -18.28
N ASP K 125 2.65 -71.46 -19.35
CA ASP K 125 2.64 -72.27 -20.56
C ASP K 125 3.66 -71.78 -21.60
N GLY K 126 4.10 -70.55 -21.48
CA GLY K 126 5.08 -69.96 -22.39
C GLY K 126 5.70 -68.71 -21.82
N VAL K 127 6.83 -68.28 -22.40
CA VAL K 127 7.53 -67.08 -21.95
C VAL K 127 8.03 -66.30 -23.14
N VAL K 128 8.01 -64.96 -23.05
CA VAL K 128 8.52 -64.15 -24.14
C VAL K 128 9.96 -63.85 -23.83
N VAL K 129 10.86 -64.28 -24.72
CA VAL K 129 12.30 -64.07 -24.57
C VAL K 129 12.81 -63.48 -25.89
N SER K 130 14.07 -63.03 -25.89
CA SER K 130 14.69 -62.42 -27.06
C SER K 130 15.79 -63.30 -27.62
N GLN K 131 15.49 -63.97 -28.74
CA GLN K 131 16.48 -64.80 -29.42
C GLN K 131 17.22 -63.88 -30.42
N TYR K 132 18.08 -64.43 -31.29
CA TYR K 132 18.81 -63.61 -32.25
C TYR K 132 19.23 -64.45 -33.45
N ASN K 133 19.36 -63.81 -34.62
CA ASN K 133 19.77 -64.48 -35.85
C ASN K 133 21.31 -64.44 -35.98
N GLY K 134 21.85 -64.88 -37.12
CA GLY K 134 23.29 -64.91 -37.34
C GLY K 134 23.95 -63.54 -37.27
N ASP K 135 23.25 -62.49 -37.72
CA ASP K 135 23.79 -61.13 -37.66
C ASP K 135 23.49 -60.44 -36.32
N TYR K 136 23.07 -61.21 -35.30
CA TYR K 136 22.71 -60.73 -33.96
C TYR K 136 21.51 -59.77 -33.95
N ASN K 137 20.65 -59.85 -34.96
CA ASN K 137 19.43 -59.04 -35.00
C ASN K 137 18.45 -59.73 -34.05
N PRO K 138 17.95 -59.08 -32.98
CA PRO K 138 17.03 -59.77 -32.06
C PRO K 138 15.78 -60.33 -32.73
N VAL K 139 15.27 -61.44 -32.17
CA VAL K 139 14.08 -62.10 -32.68
C VAL K 139 13.21 -62.47 -31.46
N PRO K 140 12.16 -61.67 -31.13
CA PRO K 140 11.33 -62.04 -29.97
C PRO K 140 10.55 -63.32 -30.26
N VAL K 141 10.48 -64.23 -29.29
CA VAL K 141 9.78 -65.50 -29.44
C VAL K 141 9.01 -65.86 -28.17
N LEU K 142 7.97 -66.68 -28.32
CA LEU K 142 7.21 -67.17 -27.17
C LEU K 142 7.72 -68.61 -26.99
N ALA K 143 8.67 -68.78 -26.06
CA ALA K 143 9.34 -70.06 -25.81
C ALA K 143 8.65 -70.94 -24.75
N LYS K 144 8.75 -72.25 -24.93
CA LYS K 144 8.18 -73.24 -24.01
C LYS K 144 9.16 -74.39 -23.71
N ARG K 145 10.42 -74.31 -24.21
CA ARG K 145 11.44 -75.35 -24.01
C ARG K 145 12.75 -74.73 -23.53
N GLU K 146 13.58 -75.50 -22.83
CA GLU K 146 14.85 -75.02 -22.29
C GLU K 146 15.81 -74.62 -23.41
N ASP K 147 15.82 -75.36 -24.52
CA ASP K 147 16.68 -75.07 -25.67
C ASP K 147 16.44 -73.65 -26.17
N ASP K 148 15.16 -73.24 -26.26
CA ASP K 148 14.79 -71.92 -26.71
C ASP K 148 15.18 -70.83 -25.70
N LEU K 149 15.19 -71.18 -24.41
CA LEU K 149 15.58 -70.23 -23.35
C LEU K 149 17.07 -70.00 -23.38
N LEU K 150 17.86 -71.07 -23.55
CA LEU K 150 19.31 -70.96 -23.59
C LEU K 150 19.74 -70.14 -24.81
N ARG K 151 19.01 -70.28 -25.93
CA ARG K 151 19.30 -69.54 -27.15
C ARG K 151 18.93 -68.05 -27.04
N ALA K 152 18.35 -67.67 -25.89
CA ALA K 152 17.90 -66.27 -25.69
C ALA K 152 18.68 -65.63 -24.54
N ALA K 153 19.33 -66.46 -23.71
CA ALA K 153 20.16 -65.92 -22.61
C ALA K 153 21.19 -64.96 -23.21
N GLY K 154 21.73 -64.05 -22.42
CA GLY K 154 22.64 -63.04 -22.98
C GLY K 154 21.91 -61.73 -23.27
N THR K 155 22.66 -60.64 -23.51
CA THR K 155 22.02 -59.32 -23.69
C THR K 155 22.34 -58.73 -25.07
N ARG K 156 21.32 -58.30 -25.82
CA ARG K 156 21.51 -57.64 -27.12
C ARG K 156 21.09 -56.19 -26.89
N TYR K 157 21.87 -55.24 -27.39
CA TYR K 157 21.58 -53.82 -27.15
C TYR K 157 20.77 -53.14 -28.26
N THR K 158 20.11 -53.91 -29.14
CA THR K 158 19.21 -53.36 -30.16
C THR K 158 17.78 -53.79 -29.74
N VAL K 159 16.76 -53.30 -30.44
CA VAL K 159 15.34 -53.53 -30.01
C VAL K 159 14.85 -54.96 -30.29
N SER K 160 14.06 -55.50 -29.36
CA SER K 160 13.42 -56.81 -29.49
C SER K 160 11.95 -56.61 -29.09
N PRO K 161 11.04 -56.32 -30.05
CA PRO K 161 9.62 -56.09 -29.70
C PRO K 161 8.97 -57.23 -28.93
N ALA K 162 8.94 -57.11 -27.60
CA ALA K 162 8.38 -58.15 -26.74
C ALA K 162 6.93 -58.52 -27.05
N TYR K 163 6.14 -57.58 -27.57
CA TYR K 163 4.72 -57.85 -27.87
C TYR K 163 4.46 -58.43 -29.26
N SER K 164 5.48 -58.50 -30.15
CA SER K 164 5.25 -59.06 -31.48
C SER K 164 4.77 -60.53 -31.39
N PRO K 165 5.34 -61.39 -30.52
CA PRO K 165 4.83 -62.77 -30.43
C PRO K 165 3.45 -62.88 -29.79
N LEU K 166 2.83 -61.75 -29.37
CA LEU K 166 1.52 -61.79 -28.71
C LEU K 166 0.45 -60.99 -29.44
N THR K 167 0.61 -60.77 -30.74
CA THR K 167 -0.38 -60.00 -31.51
C THR K 167 -1.61 -60.80 -31.93
N ASP K 168 -1.57 -62.15 -31.79
CA ASP K 168 -2.69 -63.01 -32.18
C ASP K 168 -3.27 -63.69 -30.94
N ILE K 169 -4.10 -62.97 -30.17
CA ILE K 169 -4.70 -63.52 -28.96
C ILE K 169 -5.54 -64.78 -29.25
N LYS K 170 -6.21 -64.86 -30.41
CA LYS K 170 -7.01 -66.05 -30.78
C LYS K 170 -6.11 -67.25 -30.86
N GLN K 171 -5.02 -67.11 -31.61
CA GLN K 171 -4.10 -68.22 -31.81
C GLN K 171 -3.48 -68.66 -30.50
N LEU K 172 -3.18 -67.72 -29.59
CA LEU K 172 -2.59 -68.07 -28.30
C LEU K 172 -3.57 -68.92 -27.50
N LYS K 173 -4.87 -68.56 -27.52
CA LYS K 173 -5.90 -69.29 -26.79
C LYS K 173 -6.12 -70.66 -27.44
N ASP K 174 -6.08 -70.73 -28.78
CA ASP K 174 -6.22 -71.97 -29.52
C ASP K 174 -5.06 -72.92 -29.23
N ASP K 175 -3.85 -72.38 -29.05
CA ASP K 175 -2.67 -73.19 -28.76
C ASP K 175 -2.55 -73.59 -27.27
N GLY K 176 -3.50 -73.17 -26.44
CA GLY K 176 -3.49 -73.52 -25.01
C GLY K 176 -2.68 -72.62 -24.10
N TYR K 177 -2.32 -71.41 -24.55
CA TYR K 177 -1.55 -70.49 -23.72
C TYR K 177 -2.50 -69.74 -22.78
N GLU K 178 -2.55 -70.14 -21.50
CA GLU K 178 -3.39 -69.52 -20.49
C GLU K 178 -2.58 -68.62 -19.55
N ARG K 179 -1.30 -68.93 -19.36
CA ARG K 179 -0.43 -68.16 -18.47
C ARG K 179 0.90 -67.95 -19.17
N ILE K 180 1.34 -66.69 -19.24
CA ILE K 180 2.60 -66.34 -19.90
C ILE K 180 3.41 -65.41 -19.01
N ALA K 181 4.74 -65.56 -19.01
CA ALA K 181 5.62 -64.64 -18.29
C ALA K 181 6.43 -63.95 -19.36
N ILE K 182 6.87 -62.72 -19.11
CA ILE K 182 7.63 -61.98 -20.11
C ILE K 182 8.83 -61.27 -19.50
N VAL K 183 9.85 -61.06 -20.32
CA VAL K 183 11.03 -60.30 -19.93
C VAL K 183 11.12 -59.16 -20.95
N GLY K 184 11.52 -57.99 -20.49
CA GLY K 184 11.63 -56.84 -21.38
C GLY K 184 12.31 -55.66 -20.74
N THR K 185 12.50 -54.60 -21.53
CA THR K 185 13.10 -53.34 -21.00
C THR K 185 12.04 -52.57 -20.20
N PRO K 186 12.40 -51.64 -19.28
CA PRO K 186 11.42 -50.88 -18.51
C PRO K 186 10.32 -50.26 -19.38
N CYS K 187 10.66 -49.84 -20.60
CA CYS K 187 9.64 -49.27 -21.53
C CYS K 187 8.59 -50.34 -21.86
N GLN K 188 9.02 -51.60 -22.04
CA GLN K 188 8.12 -52.69 -22.37
C GLN K 188 7.28 -53.13 -21.16
N ILE K 189 7.86 -53.10 -19.95
CA ILE K 189 7.10 -53.48 -18.74
C ILE K 189 6.12 -52.36 -18.39
N TYR K 190 6.51 -51.10 -18.62
CA TYR K 190 5.62 -49.97 -18.37
C TYR K 190 4.43 -50.06 -19.33
N ALA K 191 4.68 -50.49 -20.59
CA ALA K 191 3.63 -50.65 -21.59
C ALA K 191 2.62 -51.71 -21.14
N LEU K 192 3.09 -52.79 -20.48
CA LEU K 192 2.20 -53.84 -19.97
C LEU K 192 1.24 -53.26 -18.95
N ARG K 193 1.77 -52.47 -17.99
CA ARG K 193 0.94 -51.85 -16.96
C ARG K 193 0.05 -50.76 -17.52
N LYS K 194 0.46 -50.09 -18.60
CA LYS K 194 -0.36 -49.04 -19.22
C LYS K 194 -1.65 -49.69 -19.73
N THR K 195 -1.55 -50.83 -20.43
CA THR K 195 -2.75 -51.51 -20.93
C THR K 195 -3.58 -52.08 -19.80
N GLN K 196 -2.94 -52.71 -18.80
CA GLN K 196 -3.66 -53.28 -17.67
C GLN K 196 -4.37 -52.17 -16.87
N ALA K 197 -3.80 -50.96 -16.84
CA ALA K 197 -4.37 -49.82 -16.13
C ALA K 197 -5.55 -49.17 -16.88
N ILE K 198 -5.81 -49.56 -18.15
CA ILE K 198 -6.92 -48.99 -18.91
C ILE K 198 -8.23 -49.41 -18.23
N TYR K 199 -9.23 -48.53 -18.21
CA TYR K 199 -10.52 -48.83 -17.60
C TYR K 199 -11.16 -50.01 -18.35
N ASN K 200 -11.62 -51.04 -17.61
CA ASN K 200 -12.25 -52.23 -18.19
C ASN K 200 -11.29 -53.05 -19.07
N SER K 201 -9.99 -52.96 -18.80
CA SER K 201 -8.99 -53.70 -19.58
C SER K 201 -9.19 -55.21 -19.42
N GLN K 202 -9.57 -55.66 -18.22
CA GLN K 202 -9.78 -57.10 -17.94
C GLN K 202 -10.94 -57.70 -18.74
N ARG K 203 -11.78 -56.87 -19.37
CA ARG K 203 -12.89 -57.34 -20.16
C ARG K 203 -12.60 -57.32 -21.67
N LEU K 204 -11.36 -56.99 -22.06
CA LEU K 204 -10.93 -57.00 -23.46
C LEU K 204 -10.22 -58.32 -23.73
N LEU K 205 -10.28 -58.82 -24.97
CA LEU K 205 -9.60 -60.06 -25.33
C LEU K 205 -8.18 -59.67 -25.74
N ILE K 206 -7.27 -59.62 -24.76
CA ILE K 206 -5.88 -59.20 -24.99
C ILE K 206 -4.89 -60.10 -24.24
N PRO K 207 -3.63 -60.21 -24.71
CA PRO K 207 -2.66 -61.04 -24.00
C PRO K 207 -2.24 -60.50 -22.63
N HIS K 208 -2.54 -59.23 -22.36
CA HIS K 208 -2.19 -58.61 -21.08
C HIS K 208 -2.96 -59.23 -19.91
N ASN K 209 -4.10 -59.88 -20.18
CA ASN K 209 -4.90 -60.54 -19.14
C ASN K 209 -4.38 -61.94 -18.81
N ILE K 210 -3.45 -62.50 -19.61
CA ILE K 210 -2.89 -63.82 -19.36
C ILE K 210 -1.40 -63.75 -18.96
N ILE K 211 -0.78 -62.55 -18.95
CA ILE K 211 0.60 -62.40 -18.53
C ILE K 211 0.61 -62.40 -17.00
N THR K 212 1.18 -63.45 -16.40
CA THR K 212 1.21 -63.62 -14.95
C THR K 212 2.48 -63.18 -14.26
N PHE K 213 3.60 -63.14 -14.97
CA PHE K 213 4.87 -62.72 -14.38
C PHE K 213 5.61 -61.80 -15.34
N ALA K 214 6.22 -60.74 -14.81
CA ALA K 214 6.92 -59.79 -15.65
C ALA K 214 8.26 -59.41 -15.07
N ILE K 215 9.34 -59.68 -15.82
CA ILE K 215 10.68 -59.31 -15.39
C ILE K 215 11.09 -58.10 -16.20
N GLY K 216 11.56 -57.07 -15.52
CA GLY K 216 12.05 -55.84 -16.14
C GLY K 216 13.56 -55.78 -16.01
N LEU K 217 14.26 -55.66 -17.13
CA LEU K 217 15.72 -55.59 -17.11
C LEU K 217 16.16 -54.16 -16.82
N PHE K 218 17.32 -54.00 -16.19
CA PHE K 218 17.88 -52.63 -16.04
C PHE K 218 18.28 -52.18 -17.44
N CYS K 219 18.09 -50.90 -17.78
CA CYS K 219 18.41 -50.44 -19.13
C CYS K 219 18.84 -48.99 -19.14
N ALA K 220 20.06 -48.72 -19.64
CA ALA K 220 20.56 -47.36 -19.74
C ALA K 220 20.10 -46.78 -21.08
N GLU K 221 20.15 -47.59 -22.15
CA GLU K 221 19.73 -47.14 -23.47
C GLU K 221 19.86 -48.27 -24.51
N GLU K 222 19.20 -48.09 -25.65
CA GLU K 222 19.27 -49.05 -26.75
C GLU K 222 19.75 -48.31 -27.98
N PHE K 223 20.38 -49.04 -28.90
CA PHE K 223 20.91 -48.45 -30.11
C PHE K 223 20.07 -48.86 -31.33
N ASP K 224 20.15 -48.07 -32.39
CA ASP K 224 19.42 -48.32 -33.63
C ASP K 224 19.93 -49.62 -34.26
N ASP K 225 19.12 -50.24 -35.12
CA ASP K 225 19.50 -51.49 -35.78
C ASP K 225 20.75 -51.35 -36.66
N ARG K 226 21.09 -50.13 -37.11
CA ARG K 226 22.26 -49.91 -37.95
C ARG K 226 23.60 -50.10 -37.20
N ILE K 227 23.57 -49.97 -35.87
CA ILE K 227 24.83 -50.02 -35.07
C ILE K 227 25.83 -51.07 -35.57
N LEU K 228 25.43 -52.35 -35.66
CA LEU K 228 26.42 -53.41 -36.02
C LEU K 228 27.02 -53.14 -37.40
N GLN K 229 26.20 -53.15 -38.45
CA GLN K 229 26.70 -53.01 -39.82
C GLN K 229 27.57 -51.76 -40.00
N ASP K 230 27.03 -50.58 -39.67
CA ASP K 230 27.74 -49.31 -39.83
C ASP K 230 29.05 -49.28 -39.06
N LEU K 231 29.06 -49.83 -37.84
CA LEU K 231 30.28 -49.82 -37.03
C LEU K 231 31.38 -50.77 -37.54
N GLU K 232 31.14 -51.48 -38.67
CA GLU K 232 32.11 -52.40 -39.28
C GLU K 232 32.65 -53.40 -38.26
N VAL K 233 31.84 -54.42 -37.95
CA VAL K 233 32.18 -55.44 -36.96
C VAL K 233 32.15 -56.82 -37.63
N ASP K 234 33.19 -57.66 -37.38
CA ASP K 234 33.21 -59.01 -37.94
C ASP K 234 32.24 -59.80 -37.06
N ILE K 235 30.96 -59.81 -37.44
CA ILE K 235 29.90 -60.46 -36.68
C ILE K 235 30.14 -61.96 -36.51
N ALA K 236 30.66 -62.63 -37.54
CA ALA K 236 30.94 -64.06 -37.46
C ALA K 236 31.85 -64.42 -36.26
N ASP K 237 32.76 -63.51 -35.89
CA ASP K 237 33.68 -63.74 -34.78
C ASP K 237 33.12 -63.24 -33.43
N VAL K 238 31.93 -62.63 -33.40
CA VAL K 238 31.32 -62.11 -32.16
C VAL K 238 30.69 -63.22 -31.33
N THR K 239 30.93 -63.20 -30.00
CA THR K 239 30.41 -64.19 -29.05
C THR K 239 29.39 -63.57 -28.08
N GLY K 240 29.53 -62.28 -27.81
CA GLY K 240 28.64 -61.58 -26.89
C GLY K 240 28.89 -60.08 -26.85
N PHE K 241 27.96 -59.35 -26.23
CA PHE K 241 28.04 -57.90 -26.10
C PHE K 241 27.87 -57.48 -24.64
N ASP K 242 28.34 -56.27 -24.30
CA ASP K 242 28.20 -55.73 -22.95
C ASP K 242 28.60 -54.27 -22.94
N VAL K 243 27.68 -53.39 -22.49
CA VAL K 243 27.98 -51.96 -22.45
C VAL K 243 28.39 -51.58 -21.02
N LYS K 244 29.51 -50.88 -20.88
CA LYS K 244 30.05 -50.45 -19.58
C LYS K 244 30.67 -49.05 -19.71
N LYS K 245 31.34 -48.54 -18.66
CA LYS K 245 31.98 -47.22 -18.69
C LYS K 245 32.86 -47.01 -19.93
N GLU K 246 33.65 -48.02 -20.28
CA GLU K 246 34.55 -47.97 -21.43
C GLU K 246 33.81 -47.95 -22.79
N GLY K 247 32.53 -48.32 -22.81
CA GLY K 247 31.71 -48.32 -24.01
C GLY K 247 31.16 -49.70 -24.33
N LEU K 248 30.76 -49.92 -25.59
CA LEU K 248 30.24 -51.22 -26.00
C LEU K 248 31.42 -52.19 -26.18
N ILE K 249 31.45 -53.23 -25.35
CA ILE K 249 32.52 -54.23 -25.39
C ILE K 249 32.02 -55.43 -26.18
N ILE K 250 32.64 -55.69 -27.32
CA ILE K 250 32.26 -56.82 -28.16
C ILE K 250 33.25 -57.95 -27.95
N SER K 251 32.84 -59.01 -27.24
CA SER K 251 33.69 -60.15 -26.99
C SER K 251 33.81 -60.95 -28.28
N LEU K 252 35.03 -61.35 -28.65
CA LEU K 252 35.26 -62.11 -29.87
C LEU K 252 35.80 -63.52 -29.56
N LYS K 253 35.65 -64.46 -30.51
CA LYS K 253 36.03 -65.88 -30.38
C LYS K 253 37.48 -66.07 -29.98
N SER K 254 38.36 -65.18 -30.42
CA SER K 254 39.78 -65.25 -30.10
C SER K 254 40.08 -64.91 -28.62
N GLY K 255 39.09 -64.45 -27.88
CA GLY K 255 39.29 -64.01 -26.50
C GLY K 255 39.57 -62.51 -26.45
N GLU K 256 39.75 -61.89 -27.63
CA GLU K 256 39.99 -60.45 -27.76
C GLU K 256 38.68 -59.69 -27.54
N LYS K 257 38.77 -58.36 -27.33
CA LYS K 257 37.60 -57.55 -27.05
C LYS K 257 37.66 -56.19 -27.77
N LYS K 258 36.78 -55.96 -28.76
CA LYS K 258 36.74 -54.68 -29.46
C LYS K 258 35.90 -53.72 -28.63
N ILE K 259 36.50 -52.62 -28.16
CA ILE K 259 35.80 -51.64 -27.34
C ILE K 259 35.43 -50.39 -28.11
N ILE K 260 34.13 -50.11 -28.25
CA ILE K 260 33.67 -48.91 -28.94
C ILE K 260 33.38 -47.87 -27.85
N PRO K 261 33.95 -46.66 -27.95
CA PRO K 261 33.71 -45.66 -26.90
C PRO K 261 32.29 -45.09 -26.89
N HIS K 262 31.79 -44.73 -25.69
CA HIS K 262 30.45 -44.14 -25.56
C HIS K 262 30.30 -42.90 -26.43
N GLU K 263 31.41 -42.21 -26.69
CA GLU K 263 31.44 -41.01 -27.53
C GLU K 263 31.02 -41.35 -28.98
N ASP K 264 31.36 -42.56 -29.43
CA ASP K 264 31.01 -43.02 -30.80
C ASP K 264 29.59 -43.63 -30.82
N LEU K 265 29.08 -44.03 -29.66
CA LEU K 265 27.76 -44.66 -29.57
C LEU K 265 26.62 -43.63 -29.52
N GLU K 266 26.95 -42.34 -29.31
CA GLU K 266 25.95 -41.26 -29.22
C GLU K 266 25.06 -41.17 -30.46
N GLU K 267 25.65 -41.29 -31.66
CA GLU K 267 24.89 -41.23 -32.90
C GLU K 267 23.95 -42.43 -33.11
N TYR K 268 24.21 -43.56 -32.44
CA TYR K 268 23.38 -44.75 -32.58
C TYR K 268 22.27 -44.87 -31.52
N VAL K 269 22.30 -44.05 -30.46
CA VAL K 269 21.28 -44.13 -29.42
C VAL K 269 19.90 -43.87 -30.00
N ARG K 270 18.91 -44.71 -29.65
CA ARG K 270 17.55 -44.53 -30.14
C ARG K 270 16.97 -43.23 -29.58
N GLU K 271 16.26 -42.47 -30.42
CA GLU K 271 15.67 -41.20 -29.98
C GLU K 271 14.67 -41.40 -28.83
N GLY K 272 13.94 -42.51 -28.86
CA GLY K 272 12.97 -42.83 -27.82
C GLY K 272 13.60 -43.11 -26.47
N CYS K 273 14.87 -43.57 -26.45
CA CYS K 273 15.60 -43.85 -25.22
C CYS K 273 16.06 -42.53 -24.56
N LYS K 274 16.33 -41.50 -25.37
CA LYS K 274 16.82 -40.22 -24.86
C LYS K 274 15.84 -39.51 -23.93
N ILE K 275 14.54 -39.83 -24.04
CA ILE K 275 13.53 -39.23 -23.18
C ILE K 275 13.00 -40.24 -22.15
N CYS K 276 13.69 -41.38 -22.04
CA CYS K 276 13.30 -42.42 -21.06
C CYS K 276 13.98 -42.15 -19.72
N SER K 277 13.23 -42.21 -18.63
CA SER K 277 13.75 -41.97 -17.28
C SER K 277 13.65 -43.22 -16.40
N ASP K 278 13.18 -44.37 -16.94
CA ASP K 278 13.02 -45.60 -16.19
C ASP K 278 14.26 -46.51 -16.34
N PHE K 279 15.05 -46.66 -15.27
CA PHE K 279 16.26 -47.49 -15.29
C PHE K 279 16.03 -48.86 -14.65
N ASN K 280 15.38 -48.92 -13.48
CA ASN K 280 15.16 -50.18 -12.75
C ASN K 280 13.79 -50.85 -12.96
N SER K 281 12.86 -50.21 -13.67
CA SER K 281 11.49 -50.72 -13.85
C SER K 281 10.73 -50.93 -12.53
N PRO K 282 10.13 -49.89 -11.92
CA PRO K 282 9.35 -50.12 -10.69
C PRO K 282 8.05 -50.89 -10.96
N TYR K 283 7.73 -51.14 -12.24
CA TYR K 283 6.53 -51.84 -12.67
C TYR K 283 6.69 -53.36 -12.83
N ALA K 284 7.90 -53.89 -12.64
CA ALA K 284 8.12 -55.32 -12.80
C ALA K 284 7.94 -56.09 -11.50
N ASP K 285 7.63 -57.39 -11.60
CA ASP K 285 7.50 -58.25 -10.43
C ASP K 285 8.90 -58.41 -9.80
N ILE K 286 9.92 -58.57 -10.67
CA ILE K 286 11.32 -58.67 -10.28
C ILE K 286 12.12 -57.92 -11.35
N SER K 287 13.03 -57.02 -10.93
CA SER K 287 13.87 -56.31 -11.89
C SER K 287 15.29 -56.88 -11.80
N VAL K 288 15.93 -57.14 -12.94
CA VAL K 288 17.27 -57.75 -12.95
C VAL K 288 18.27 -56.93 -13.78
N GLY K 289 19.47 -56.71 -13.22
CA GLY K 289 20.53 -55.97 -13.88
C GLY K 289 21.91 -56.45 -13.50
N SER K 290 22.94 -55.75 -13.97
CA SER K 290 24.35 -56.09 -13.70
C SER K 290 24.94 -55.20 -12.61
N VAL K 291 24.74 -53.89 -12.74
CA VAL K 291 25.26 -52.90 -11.78
C VAL K 291 24.90 -53.25 -10.33
N GLY K 292 25.78 -52.86 -9.41
CA GLY K 292 25.55 -53.09 -7.98
C GLY K 292 26.00 -54.45 -7.48
N SER K 293 26.14 -55.44 -8.37
CA SER K 293 26.55 -56.81 -7.99
C SER K 293 27.92 -57.18 -8.61
N PRO K 294 28.68 -58.13 -8.02
CA PRO K 294 29.96 -58.49 -8.63
C PRO K 294 29.84 -59.08 -10.04
N PRO K 295 30.87 -59.02 -10.90
CA PRO K 295 30.74 -59.63 -12.24
C PRO K 295 30.37 -61.11 -12.12
N GLY K 296 29.50 -61.59 -12.98
CA GLY K 296 29.06 -62.97 -12.94
C GLY K 296 27.83 -63.16 -12.05
N TRP K 297 27.40 -62.09 -11.35
CA TRP K 297 26.22 -62.10 -10.49
C TRP K 297 25.21 -61.09 -11.01
N SER K 298 23.92 -61.36 -10.80
CA SER K 298 22.87 -60.46 -11.24
C SER K 298 22.26 -59.73 -10.06
N THR K 299 21.99 -58.42 -10.22
CA THR K 299 21.36 -57.62 -9.18
C THR K 299 19.87 -57.85 -9.33
N VAL K 300 19.19 -58.25 -8.27
CA VAL K 300 17.76 -58.54 -8.34
C VAL K 300 16.98 -57.66 -7.37
N ILE K 301 15.92 -57.03 -7.86
CA ILE K 301 15.08 -56.19 -7.03
C ILE K 301 13.72 -56.87 -6.99
N VAL K 302 13.43 -57.55 -5.88
CA VAL K 302 12.17 -58.25 -5.73
C VAL K 302 11.14 -57.26 -5.22
N ARG K 303 10.17 -56.91 -6.07
CA ARG K 303 9.18 -55.89 -5.76
C ARG K 303 7.79 -56.37 -5.33
N THR K 304 7.14 -57.25 -6.11
CA THR K 304 5.78 -57.69 -5.83
C THR K 304 5.73 -58.97 -4.99
N GLU K 305 4.53 -59.30 -4.47
CA GLU K 305 4.32 -60.50 -3.68
C GLU K 305 4.60 -61.74 -4.52
N THR K 306 4.12 -61.78 -5.78
CA THR K 306 4.40 -62.93 -6.64
C THR K 306 5.90 -63.07 -6.92
N GLY K 307 6.61 -61.94 -6.98
CA GLY K 307 8.06 -61.95 -7.19
C GLY K 307 8.75 -62.57 -6.00
N ARG K 308 8.27 -62.26 -4.78
CA ARG K 308 8.83 -62.80 -3.54
C ARG K 308 8.57 -64.30 -3.46
N GLU K 309 7.39 -64.75 -3.89
CA GLU K 309 7.03 -66.16 -3.86
C GLU K 309 7.97 -66.92 -4.80
N ILE K 310 8.02 -66.54 -6.08
CA ILE K 310 8.88 -67.22 -7.05
C ILE K 310 10.35 -67.16 -6.68
N TYR K 311 10.82 -66.03 -6.14
CA TYR K 311 12.22 -65.90 -5.75
C TYR K 311 12.57 -66.90 -4.64
N GLN K 312 11.70 -67.05 -3.63
CA GLN K 312 11.93 -67.96 -2.53
C GLN K 312 11.92 -69.41 -3.04
N LYS K 313 11.05 -69.73 -4.01
CA LYS K 313 10.99 -71.08 -4.58
C LYS K 313 12.31 -71.44 -5.25
N LEU K 314 12.94 -70.49 -5.95
CA LEU K 314 14.21 -70.75 -6.60
C LEU K 314 15.30 -71.02 -5.55
N LEU K 315 15.22 -70.35 -4.40
CA LEU K 315 16.18 -70.51 -3.32
C LEU K 315 15.96 -71.83 -2.58
N GLU K 316 14.72 -72.10 -2.16
CA GLU K 316 14.36 -73.32 -1.46
C GLU K 316 14.75 -74.58 -2.25
N LYS K 317 14.72 -74.48 -3.58
CA LYS K 317 15.06 -75.61 -4.45
C LYS K 317 16.52 -75.58 -4.97
N GLY K 318 17.37 -74.77 -4.35
CA GLY K 318 18.78 -74.65 -4.71
C GLY K 318 19.06 -74.30 -6.16
N LEU K 319 18.13 -73.60 -6.81
CA LEU K 319 18.30 -73.22 -8.21
C LEU K 319 19.12 -71.94 -8.39
N ILE K 320 19.32 -71.16 -7.30
CA ILE K 320 20.11 -69.93 -7.31
C ILE K 320 20.88 -69.78 -5.97
N GLU K 321 21.95 -68.97 -5.98
CA GLU K 321 22.74 -68.66 -4.80
C GLU K 321 22.57 -67.16 -4.57
N GLU K 322 22.40 -66.71 -3.31
CA GLU K 322 22.19 -65.29 -3.05
C GLU K 322 23.22 -64.69 -2.08
N THR K 323 23.47 -63.38 -2.23
CA THR K 323 24.39 -62.62 -1.39
C THR K 323 23.87 -61.19 -1.23
N THR K 324 24.35 -60.48 -0.21
CA THR K 324 23.92 -59.11 0.04
C THR K 324 24.63 -58.11 -0.87
N VAL K 325 23.94 -57.00 -1.19
CA VAL K 325 24.53 -55.95 -2.00
C VAL K 325 25.07 -54.89 -1.04
N ASP K 326 26.37 -54.59 -1.12
CA ASP K 326 27.00 -53.61 -0.25
C ASP K 326 26.46 -52.19 -0.49
N GLU K 327 26.69 -51.30 0.49
CA GLU K 327 26.27 -49.89 0.42
C GLU K 327 26.81 -49.23 -0.84
N LYS K 328 28.03 -49.60 -1.26
CA LYS K 328 28.63 -49.04 -2.45
C LYS K 328 27.81 -49.38 -3.69
N GLY K 329 27.36 -50.63 -3.78
CA GLY K 329 26.55 -51.08 -4.90
C GLY K 329 25.16 -50.48 -4.86
N LEU K 330 24.58 -50.34 -3.66
CA LEU K 330 23.26 -49.75 -3.51
C LEU K 330 23.26 -48.30 -3.99
N LYS K 331 24.29 -47.53 -3.61
CA LYS K 331 24.39 -46.14 -4.04
C LYS K 331 24.64 -46.05 -5.53
N LEU K 332 25.43 -46.98 -6.09
CA LEU K 332 25.71 -46.99 -7.53
C LEU K 332 24.44 -47.23 -8.34
N ILE K 333 23.51 -48.06 -7.82
CA ILE K 333 22.25 -48.32 -8.50
C ILE K 333 21.42 -47.04 -8.49
N ASP K 334 21.29 -46.41 -7.32
CA ASP K 334 20.52 -45.17 -7.18
C ASP K 334 21.11 -44.03 -7.99
N LYS K 335 22.44 -44.00 -8.15
CA LYS K 335 23.12 -42.96 -8.92
C LYS K 335 22.77 -43.11 -10.40
N MET K 336 22.84 -44.34 -10.93
CA MET K 336 22.51 -44.62 -12.34
C MET K 336 21.04 -44.28 -12.60
N ALA K 337 20.17 -44.57 -11.63
CA ALA K 337 18.73 -44.28 -11.73
C ALA K 337 18.51 -42.77 -11.80
N GLN K 338 19.16 -42.00 -10.91
CA GLN K 338 19.02 -40.54 -10.92
C GLN K 338 19.69 -39.95 -12.17
N LYS K 339 20.78 -40.59 -12.65
CA LYS K 339 21.49 -40.16 -13.83
C LYS K 339 20.54 -40.18 -15.04
N LYS K 340 19.82 -41.29 -15.23
CA LYS K 340 18.86 -41.43 -16.33
C LYS K 340 17.72 -40.41 -16.18
N ILE K 341 17.25 -40.20 -14.93
CA ILE K 341 16.17 -39.25 -14.67
C ILE K 341 16.60 -37.84 -15.08
N ASN K 342 17.81 -37.43 -14.67
CA ASN K 342 18.33 -36.11 -14.99
C ASN K 342 18.52 -35.94 -16.50
N ASN K 343 19.11 -36.93 -17.18
CA ASN K 343 19.31 -36.82 -18.61
C ASN K 343 17.97 -36.80 -19.37
N ALA K 344 16.96 -37.52 -18.86
CA ALA K 344 15.65 -37.55 -19.50
C ALA K 344 14.99 -36.16 -19.36
N GLN K 345 15.01 -35.58 -18.15
CA GLN K 345 14.43 -34.25 -17.90
C GLN K 345 15.09 -33.20 -18.79
N THR K 346 16.42 -33.26 -18.92
CA THR K 346 17.18 -32.33 -19.75
C THR K 346 16.77 -32.47 -21.22
N LYS K 347 16.70 -33.71 -21.74
CA LYS K 347 16.34 -33.95 -23.13
C LYS K 347 14.86 -33.63 -23.41
N ILE K 348 13.98 -33.80 -22.42
CA ILE K 348 12.56 -33.48 -22.60
C ILE K 348 12.39 -31.96 -22.73
N LYS K 349 12.92 -31.19 -21.77
CA LYS K 349 12.83 -29.73 -21.79
C LYS K 349 13.47 -29.17 -23.06
N GLU K 350 14.60 -29.78 -23.48
CA GLU K 350 15.33 -29.44 -24.70
C GLU K 350 14.37 -29.33 -25.90
N ARG K 351 13.34 -30.19 -25.93
CA ARG K 351 12.34 -30.20 -27.00
C ARG K 351 11.16 -29.31 -26.61
N MET L 5 -18.77 -62.54 -38.67
CA MET L 5 -18.34 -61.13 -38.46
C MET L 5 -16.98 -61.13 -37.73
N SER L 6 -16.77 -62.10 -36.83
CA SER L 6 -15.51 -62.19 -36.08
C SER L 6 -15.42 -63.53 -35.33
N PHE L 7 -14.20 -63.90 -34.90
CA PHE L 7 -13.97 -65.13 -34.14
C PHE L 7 -14.52 -64.98 -32.69
N LYS L 8 -14.50 -63.75 -32.16
CA LYS L 8 -14.95 -63.44 -30.80
C LYS L 8 -16.39 -62.87 -30.78
N LYS L 9 -16.91 -62.61 -29.58
CA LYS L 9 -18.26 -62.07 -29.40
C LYS L 9 -18.25 -61.06 -28.24
N VAL L 10 -19.03 -59.97 -28.34
CA VAL L 10 -19.13 -58.97 -27.28
C VAL L 10 -20.46 -59.22 -26.58
N LYS L 11 -20.44 -59.38 -25.27
CA LYS L 11 -21.64 -59.65 -24.49
C LYS L 11 -21.80 -58.65 -23.35
N VAL L 12 -23.02 -58.62 -22.76
CA VAL L 12 -23.37 -57.72 -21.67
C VAL L 12 -23.77 -58.53 -20.44
N SER L 13 -23.12 -58.29 -19.29
CA SER L 13 -23.42 -59.00 -18.05
C SER L 13 -24.64 -58.40 -17.35
N GLU L 14 -25.11 -59.05 -16.26
CA GLU L 14 -26.26 -58.53 -15.52
C GLU L 14 -25.93 -57.26 -14.72
N GLU L 15 -24.66 -56.84 -14.69
CA GLU L 15 -24.25 -55.62 -13.99
C GLU L 15 -24.68 -54.37 -14.77
N CYS L 16 -25.14 -54.53 -16.02
CA CYS L 16 -25.60 -53.42 -16.86
C CYS L 16 -26.75 -52.70 -16.18
N VAL L 17 -26.75 -51.36 -16.26
CA VAL L 17 -27.80 -50.55 -15.65
C VAL L 17 -28.60 -49.74 -16.70
N GLY L 18 -28.43 -50.06 -17.99
CA GLY L 18 -29.13 -49.40 -19.07
C GLY L 18 -28.83 -47.91 -19.21
N CYS L 19 -27.60 -47.51 -18.93
CA CYS L 19 -27.20 -46.11 -19.02
C CYS L 19 -27.19 -45.56 -20.46
N GLY L 20 -27.15 -46.44 -21.46
CA GLY L 20 -27.17 -46.03 -22.85
C GLY L 20 -25.86 -45.46 -23.39
N VAL L 21 -24.77 -45.53 -22.61
CA VAL L 21 -23.48 -45.00 -23.08
C VAL L 21 -23.04 -45.81 -24.31
N CYS L 22 -23.14 -47.14 -24.22
CA CYS L 22 -22.79 -48.05 -25.31
C CYS L 22 -23.61 -47.73 -26.57
N GLU L 23 -24.94 -47.58 -26.41
CA GLU L 23 -25.81 -47.28 -27.55
C GLU L 23 -25.47 -45.93 -28.20
N THR L 24 -24.94 -44.99 -27.41
CA THR L 24 -24.56 -43.65 -27.90
C THR L 24 -23.20 -43.64 -28.61
N VAL L 25 -22.20 -44.38 -28.08
CA VAL L 25 -20.85 -44.37 -28.65
C VAL L 25 -20.61 -45.41 -29.74
N CYS L 26 -21.46 -46.44 -29.88
CA CYS L 26 -21.24 -47.48 -30.90
C CYS L 26 -21.03 -46.91 -32.31
N PRO L 27 -19.97 -47.33 -33.02
CA PRO L 27 -19.76 -46.80 -34.38
C PRO L 27 -20.88 -47.18 -35.35
N VAL L 28 -21.44 -48.38 -35.19
CA VAL L 28 -22.52 -48.87 -36.05
C VAL L 28 -23.76 -47.99 -35.86
N ASN L 29 -24.13 -47.74 -34.60
CA ASN L 29 -25.29 -46.93 -34.27
C ASN L 29 -25.11 -45.51 -34.79
N ASN L 30 -23.91 -44.94 -34.62
CA ASN L 30 -23.63 -43.59 -35.08
C ASN L 30 -23.73 -43.50 -36.61
N LEU L 31 -23.27 -44.53 -37.33
CA LEU L 31 -23.36 -44.51 -38.79
C LEU L 31 -24.83 -44.56 -39.22
N LEU L 32 -25.64 -45.40 -38.56
CA LEU L 32 -27.06 -45.49 -38.91
C LEU L 32 -27.76 -44.14 -38.63
N GLU L 33 -27.33 -43.45 -37.57
CA GLU L 33 -27.93 -42.14 -37.20
C GLU L 33 -27.67 -41.10 -38.29
N ASP L 34 -26.64 -41.29 -39.11
CA ASP L 34 -26.30 -40.36 -40.18
C ASP L 34 -27.06 -40.64 -41.49
N GLY L 35 -27.93 -41.66 -41.52
CA GLY L 35 -28.67 -42.00 -42.72
C GLY L 35 -29.77 -41.02 -43.07
N ALA L 36 -30.44 -41.24 -44.21
CA ALA L 36 -31.54 -40.37 -44.62
C ALA L 36 -32.67 -40.43 -43.60
N GLU L 37 -32.97 -41.64 -43.10
CA GLU L 37 -34.00 -41.84 -42.07
C GLU L 37 -33.39 -42.61 -40.90
N PHE L 38 -33.89 -42.37 -39.69
CA PHE L 38 -33.38 -43.07 -38.51
C PHE L 38 -34.48 -43.21 -37.46
N ASP L 39 -34.77 -44.45 -37.07
CA ASP L 39 -35.78 -44.76 -36.07
C ASP L 39 -35.08 -45.63 -35.03
N PRO L 40 -34.78 -45.15 -33.81
CA PRO L 40 -34.09 -46.01 -32.84
C PRO L 40 -34.86 -47.27 -32.44
N ASP L 41 -36.15 -47.34 -32.75
CA ASP L 41 -36.96 -48.52 -32.42
C ASP L 41 -36.84 -49.61 -33.49
N ARG L 42 -36.45 -49.26 -34.72
CA ARG L 42 -36.36 -50.22 -35.82
C ARG L 42 -34.97 -50.37 -36.42
N ALA L 43 -34.06 -49.38 -36.25
CA ALA L 43 -32.70 -49.45 -36.82
C ALA L 43 -31.98 -50.70 -36.33
N LYS L 44 -31.15 -51.31 -37.17
CA LYS L 44 -30.41 -52.51 -36.79
C LYS L 44 -29.17 -52.11 -35.98
N LEU L 45 -29.40 -51.65 -34.75
CA LEU L 45 -28.32 -51.19 -33.88
C LEU L 45 -27.49 -52.37 -33.38
N ALA L 46 -26.16 -52.22 -33.35
CA ALA L 46 -25.28 -53.28 -32.86
C ALA L 46 -25.50 -53.48 -31.36
N ILE L 47 -25.84 -52.43 -30.62
CA ILE L 47 -26.11 -52.54 -29.19
C ILE L 47 -27.21 -51.53 -28.80
N LYS L 48 -28.24 -51.99 -28.08
CA LYS L 48 -29.34 -51.12 -27.67
C LYS L 48 -29.91 -51.56 -26.33
N VAL L 49 -30.54 -50.61 -25.61
CA VAL L 49 -31.11 -50.85 -24.28
C VAL L 49 -32.63 -51.08 -24.31
N THR L 50 -33.05 -52.18 -23.65
CA THR L 50 -34.47 -52.53 -23.51
C THR L 50 -34.64 -53.06 -22.09
N ASN L 51 -35.65 -52.56 -21.38
CA ASN L 51 -35.94 -52.96 -20.01
C ASN L 51 -34.72 -52.77 -19.09
N GLY L 52 -34.02 -51.66 -19.30
CA GLY L 52 -32.86 -51.32 -18.50
C GLY L 52 -31.63 -52.16 -18.70
N GLU L 53 -31.56 -52.95 -19.80
CA GLU L 53 -30.40 -53.79 -20.07
C GLU L 53 -30.00 -53.70 -21.53
N ALA L 54 -28.69 -53.69 -21.81
CA ALA L 54 -28.19 -53.62 -23.17
C ALA L 54 -28.09 -55.02 -23.78
N ALA L 55 -28.22 -55.11 -25.09
CA ALA L 55 -28.13 -56.37 -25.82
C ALA L 55 -27.39 -56.15 -27.13
N VAL L 56 -26.53 -57.08 -27.51
CA VAL L 56 -25.74 -56.97 -28.74
C VAL L 56 -26.35 -57.77 -29.89
N ASP L 57 -26.31 -57.20 -31.10
CA ASP L 57 -26.77 -57.87 -32.32
C ASP L 57 -25.49 -58.41 -32.97
N GLU L 58 -25.24 -59.71 -32.83
CA GLU L 58 -24.04 -60.33 -33.39
C GLU L 58 -23.92 -60.22 -34.91
N GLU L 59 -25.04 -60.04 -35.63
CA GLU L 59 -25.00 -59.96 -37.08
C GLU L 59 -24.32 -58.69 -37.60
N VAL L 60 -24.30 -57.62 -36.79
CA VAL L 60 -23.70 -56.35 -37.21
C VAL L 60 -22.60 -55.85 -36.27
N CYS L 61 -22.40 -56.47 -35.09
CA CYS L 61 -21.38 -56.01 -34.16
C CYS L 61 -19.97 -56.30 -34.67
N LEU L 62 -19.13 -55.26 -34.73
CA LEU L 62 -17.74 -55.42 -35.17
C LEU L 62 -16.84 -56.09 -34.14
N THR L 63 -17.31 -56.23 -32.89
CA THR L 63 -16.50 -56.77 -31.80
C THR L 63 -15.28 -55.85 -31.59
N CYS L 64 -15.49 -54.53 -31.72
CA CYS L 64 -14.43 -53.54 -31.53
C CYS L 64 -14.27 -53.31 -30.01
N GLY L 65 -13.50 -52.30 -29.61
CA GLY L 65 -13.31 -52.01 -28.19
C GLY L 65 -14.05 -50.78 -27.68
N THR L 66 -14.91 -50.18 -28.52
CA THR L 66 -15.62 -48.97 -28.15
C THR L 66 -16.56 -49.14 -26.94
N CYS L 67 -17.58 -50.02 -27.03
CA CYS L 67 -18.52 -50.18 -25.93
C CYS L 67 -17.89 -50.82 -24.69
N THR L 68 -16.79 -51.58 -24.85
CA THR L 68 -16.13 -52.21 -23.70
C THR L 68 -15.47 -51.17 -22.79
N PHE L 69 -14.65 -50.31 -23.38
CA PHE L 69 -13.92 -49.30 -22.62
C PHE L 69 -14.82 -48.24 -22.00
N ASN L 70 -15.85 -47.79 -22.71
CA ASN L 70 -16.74 -46.74 -22.21
C ASN L 70 -17.87 -47.18 -21.27
N CYS L 71 -18.06 -48.48 -21.05
CA CYS L 71 -19.21 -48.88 -20.20
C CYS L 71 -18.88 -48.55 -18.74
N PRO L 72 -19.56 -47.58 -18.07
CA PRO L 72 -19.21 -47.21 -16.69
C PRO L 72 -19.38 -48.34 -15.68
N SER L 73 -20.28 -49.29 -15.93
CA SER L 73 -20.51 -50.39 -14.99
C SER L 73 -19.62 -51.62 -15.23
N GLY L 74 -18.77 -51.60 -16.26
CA GLY L 74 -17.91 -52.74 -16.56
C GLY L 74 -18.72 -53.97 -16.89
N ALA L 75 -19.89 -53.78 -17.53
CA ALA L 75 -20.79 -54.87 -17.90
C ALA L 75 -20.52 -55.44 -19.28
N VAL L 76 -19.83 -54.71 -20.16
CA VAL L 76 -19.52 -55.21 -21.50
C VAL L 76 -18.24 -56.04 -21.45
N TYR L 77 -18.24 -57.22 -22.09
CA TYR L 77 -17.06 -58.07 -22.08
C TYR L 77 -16.95 -58.89 -23.36
N ALA L 78 -15.71 -59.25 -23.74
CA ALA L 78 -15.47 -60.04 -24.93
C ALA L 78 -15.35 -61.51 -24.53
N GLU L 79 -15.84 -62.41 -25.37
CA GLU L 79 -15.77 -63.84 -25.10
C GLU L 79 -15.26 -64.61 -26.31
N TYR L 80 -14.33 -65.54 -26.07
CA TYR L 80 -13.80 -66.39 -27.12
C TYR L 80 -13.46 -67.75 -26.51
N GLU L 81 -14.22 -68.78 -26.89
CA GLU L 81 -13.99 -70.13 -26.38
C GLU L 81 -13.41 -71.00 -27.52
N PRO L 82 -12.11 -71.33 -27.49
CA PRO L 82 -11.55 -72.16 -28.57
C PRO L 82 -12.30 -73.48 -28.75
#